data_6DVB
#
_entry.id   6DVB
#
_cell.length_a   143.658
_cell.length_b   160.580
_cell.length_c   240.370
_cell.angle_alpha   90.00
_cell.angle_beta   90.00
_cell.angle_gamma   90.00
#
_symmetry.space_group_name_H-M   'P 21 21 21'
#
loop_
_entity.id
_entity.type
_entity.pdbx_description
1 polymer 'DNA-directed RNA polymerase subunit alpha'
2 polymer 'DNA-directed RNA polymerase subunit beta'
3 polymer "DNA-directed RNA polymerase subunit beta'"
4 polymer 'DNA-directed RNA polymerase subunit omega'
5 polymer 'ECF RNA polymerase sigma factor SigL'
6 polymer "RNA (5'-R(*CP*UP*CP*GP*A)-3')"
7 polymer "DNA (5'-D(*GP*CP*AP*TP*CP*CP*GP*TP*GP*AP*GP*TP*CP*GP*AP*GP*G)-3')"
8 polymer "DNA (5'-D(P*CP*GP*TP*GP*TP*CP*AP*GP*TP*AP*GP*TP*GP*TP*CP*AP*CP*GP*GP*AP*TP*GP*C)-3')"
9 non-polymer 'ZINC ION'
#
loop_
_entity_poly.entity_id
_entity_poly.type
_entity_poly.pdbx_seq_one_letter_code
_entity_poly.pdbx_strand_id
1 'polypeptide(L)'
;MGHHHHHHHHHHMLISQRPTLSEDVLTDNRSQFVIEPLEPGFGYTLGNSLRRTLLSSIPGAAVTSIRIDGVLHEFTTVPG
VKEDVTEIILNLKSLVVSSEEDEPVTMYLRKQGPGEVTAGDIVPPAGVTVHNPGMHIATLNDKGKLEVELVVERGRGYVP
AVQNRASGAEIGRIPVDSIYSPVLKVTYKVDATRVEQRTDFDKLILDVETKNSISPRDALASAGKTLVELFGLARELNVE
AEGIEIGPSPAEADHIASFALPIDDLDLTVRSYNCLKREGVHTVGELVARTESDLLDIRNFGQKSIDEVKIKLHQLGLSL
KDSPPSFDPSEVAGYDVATGTWSTEGAYDEQDYAETEQL
;
A,B
2 'polypeptide(L)'
;MLEGCILADSRQSKTAASPSPSRPQSSSNNSVPGAPNRVSFAKLREPLEVPGLLDVQTDSFEWLIGSPRWRESAAERGDV
NPVGGLEEVLYELSPIEDFSGSMSLSFSDPRFDDVKAPVDECKDKDMTYAAPLFVTAEFINNNTGEIKSQTVFMGDFPMM
TEKGTFIINGTERVVVSQLVRSPGVYFDETIDKSTDKTLHSVKVIPSRGAWLEFDVDKRDTVGVRIDRKRRQPVTVLLKA
LGWTSEQIVERFGFSEIMRSTLEKDNTVGTDEALLDIYRKLRPGEPPTKESAQTLLENLFFKEKRYDLARVGRYKVNKKL
GLHVGEPITSSTLTEEDVVATIEYLVRLHEGQTTMTVPGGVEVPVETDDIDHFGNRRLRTVGELIQNQIRVGMSRMERVV
RERMTTQDVEAITPQTLINIRPVVAAIKEFFGTSQLSQFMDQNNPLSGLTHKRRLSALGPGGLSRERAGLEVRDVHPSHY
GRMCPIETPEGPNIGLIGSLSVYARVNPFGFIETPYRKVVDGVVSDEIVYLTADEEDRHVVAQANSPIDADGRFVEPRVL
VRRKAGEVEYVPSSEVDYMDVSPRQMVSVATAMIPFLEHDDANRALMGANMQRQAVPLVRSEAPLVGTGMELRAAIDAGD
VVVAEESGVIEEVSADYITVMHDNGTRRTYRMRKFARSNHGTCANQCPIVDAGDRVEAGQVIADGPCTDDGEMALGKNLL
VAIMPWEGHNYEDAIILSNRLVEEDVLTSIHIEEHEIDARDTKLGAEEITRDIPNISDEVLADLDERGIVRIGAEVRDGD
ILVGKVTPKGETELTPEERLLRAIFGEKAREVRDTSLKVPHGESGKVIGIRVFSREDEDELPAGVNELVRVYVAQKRKIS
DGDKLAGRHGNKGVIGKILPVEDMPFLADGTPVDIILNTHGVPRRMNIGQILETHLGWCAHSGWKVDAAKGVPDWAARLP
DELLEAQPNAIVSTPVFDGAQEAELQGLLSCTLPNRDGDVLVDADGKAMLFDGRSGEPFPYPVTVGYMYIMKLHHLVDDK
IHARSTGPYSMITQQPLGGKAQFGGQRFGEMECWAMQAYGAAYTLQELLTIKSDDTVGRVKVYEAIVKGENIPEPGIPES
FKVLLKELQSLCLNVEVLSSDGAAIELREGEDEDLERAAANLGINLSRNESASVEDLA
;
C
3 'polypeptide(L)'
;MLDVNFFDELRIGLATAEDIRQWSYGEVKKPETINYRTLKPEKDGLFCEKIFGPTRDWECYCGKYKRVRFKGIICERCGV
EVTRAKVRRERMGHIELAAPVTHIWYFKGVPSRLGYLLDLAPKDLEKIIYFAAYVITSVDEEMRHNELSTLEAEMAVERK
AVEDQRDGELEARAQKLEADLAELEAEGAKADARRKVRDGGEREMRQIRDRAQRELDRLEDIWSTFTKLAPKQLIVDENL
YRELVDRYGEYFTGAMGAESIQKLIENFDIDAEAESLRDVIRNGKGQKKLRALKRLKVVAAFQQSGNSPMGMVLDAVPVI
PPELRPMVQLDGGRFATSDLNDLYRRVINRNNRLKRLIDLGAPEIIVNNEKRMLQESVDALFDNGRRGRPVTGPGNRPLK
SLSDLLKGKQGRFRQNLLGKRVDYSGRSVIVVGPQLKLHQCGLPKLMALELFKPFVMKRLVDLNHAQNIKSAKRMVERQR
PQVWDVLEEVIAEHPVLLNRAPTLHRLGIQAFEPMLVEGKAIQLHPLVCEAFNADFDGDQMAVHLPLSAEAQAEARILML
SSNNILSPASGRPLAMPRLDMVTGLYYLTTEVPGDTGEYQPASGDHPETGVYSSPAEAIMAADRGVLSVRAKIKVRLTQL
RPPVEIEAELFGHSGWQPGDAWMAETTLGRVMFNELLPLGYPFVNKQMHKKVQAAIINDLAERYPMIVVAQTVDKLKDAG
FYWATRSGVTVSMADVLVPPRKKEILDHYEERADKVEKQFQRGALNHDERNEALVEIWKEATDEVGQALREHYPDDNPII
TIVDSGATGNFTQTRTLAGMKGLVTNPKGEFIPRPVKSSFREGLTVLEYFINTHGARKGLADTALRTADSGYLTRRLVDV
SQDVIVREHDCQTERGIVVELAERAPDGTLIRDPYIETSAYARTLGTDAVDEAGNVIVERGQDLGDPEIDALLAAGITQV
KVRSVLTCATSTGVCATCYGRSMATGKLVDIGEAVGIVAAQSIGEPGTQLTMRTFHQGGVGEDITGGLPRVQELFEARVP
RGKAPIADVTGRVRLEDGERFYKITIVPDDGGEEVVYDKISKRQRLRVFKHEDGSERVLSDGDHVEVGQQLMEGSADPHE
VLRVQGPREVQIHLVREVQEVYRAQGVSIHDKHIEVIVRQMLRRVTIIDSGSTEFLPGSLIDRAEFEAENRRVVAEGGEP
AAGRPVLMGITKASLATDSWLSAASFQETTRVLTDAAINCRSDKLNGLKENVIIGKLIPAGTGINRYRNIAVQPTEEARA
AAYTIPSYEDQYYSPDFGAATGAAVPLDDYGYSDYR
;
D
4 'polypeptide(L)'
;MSISQSDASLAAVPAVDQFDPSSGASGGYDTPLGITNPPIDELLDRVSSKYALVIYAAKRARQINDYYNQLGEGILEYVG
PLVEPGLQEKPLSIALREIHADLLEHTEGE
;
E
5 'polypeptide(L)'
;MARVSGAAAAEAALMRALYDEHAAVLWRYALRLTGDAAQAEDVVQETLLRAWQHPEVIGDTARPARAWLFTVARNMIIDE
RRSARFRNVVGSTDQSGTPEQSTPDEVNAALDRLLIADALAQLSAEHRAVIQRSYYRGWSTAQIATDLGIAEGTVKSRLH
YAVRALRLTLQELGVTR
;
F
6 'polyribonucleotide' CUCGA I
7 'polydeoxyribonucleotide' (DG)(DC)(DA)(DT)(DC)(DC)(DG)(DT)(DG)(DA)(DG)(DT)(DC)(DG)(DA)(DG)(DG) G
8 'polydeoxyribonucleotide'
;(DC)(DG)(DT)(DG)(DT)(DC)(DA)(DG)(DT)(DA)(DG)(DT)(DG)(DT)(DC)(DA)(DC)(DG)(DG)(DA)
(DT)(DG)(DC)
;
H
#
loop_
_chem_comp.id
_chem_comp.type
_chem_comp.name
_chem_comp.formula
A RNA linking ADENOSINE-5'-MONOPHOSPHATE 'C10 H14 N5 O7 P'
C RNA linking CYTIDINE-5'-MONOPHOSPHATE 'C9 H14 N3 O8 P'
DA DNA linking 2'-DEOXYADENOSINE-5'-MONOPHOSPHATE 'C10 H14 N5 O6 P'
DC DNA linking 2'-DEOXYCYTIDINE-5'-MONOPHOSPHATE 'C9 H14 N3 O7 P'
DG DNA linking 2'-DEOXYGUANOSINE-5'-MONOPHOSPHATE 'C10 H14 N5 O7 P'
DT DNA linking THYMIDINE-5'-MONOPHOSPHATE 'C10 H15 N2 O8 P'
G RNA linking GUANOSINE-5'-MONOPHOSPHATE 'C10 H14 N5 O8 P'
U RNA linking URIDINE-5'-MONOPHOSPHATE 'C9 H13 N2 O9 P'
ZN non-polymer 'ZINC ION' 'Zn 2'
#
# COMPACT_ATOMS: atom_id res chain seq x y z
N LEU A 14 8.51 35.69 59.07
CA LEU A 14 8.99 34.98 57.88
C LEU A 14 9.88 35.88 57.03
N ILE A 15 11.19 35.83 57.30
CA ILE A 15 12.17 36.68 56.63
C ILE A 15 13.37 35.83 56.22
N SER A 16 14.26 36.45 55.44
CA SER A 16 15.29 35.70 54.73
C SER A 16 16.40 35.21 55.66
N GLN A 17 16.89 34.01 55.36
CA GLN A 17 18.15 33.50 55.86
C GLN A 17 18.91 32.93 54.67
N ARG A 18 20.15 33.40 54.47
CA ARG A 18 20.88 33.04 53.27
C ARG A 18 21.11 31.53 53.21
N PRO A 19 20.92 30.91 52.05
CA PRO A 19 21.02 29.45 51.97
C PRO A 19 22.46 28.97 52.06
N THR A 20 22.62 27.73 52.51
CA THR A 20 23.92 27.13 52.73
C THR A 20 24.02 25.82 51.97
N LEU A 21 25.21 25.55 51.42
CA LEU A 21 25.49 24.33 50.68
C LEU A 21 26.62 23.59 51.37
N SER A 22 26.35 22.34 51.79
CA SER A 22 27.35 21.51 52.47
C SER A 22 27.40 20.15 51.80
N GLU A 23 28.60 19.60 51.68
CA GLU A 23 28.85 18.38 50.92
C GLU A 23 28.89 17.17 51.83
N ASP A 24 28.37 16.05 51.33
CA ASP A 24 28.47 14.74 51.97
C ASP A 24 28.98 13.75 50.95
N VAL A 25 29.98 12.96 51.34
CA VAL A 25 30.62 12.00 50.45
C VAL A 25 30.08 10.60 50.73
N LEU A 26 29.87 9.82 49.66
CA LEU A 26 29.46 8.44 49.76
C LEU A 26 30.55 7.47 49.32
N THR A 27 31.11 7.68 48.13
CA THR A 27 32.25 6.92 47.64
C THR A 27 33.24 7.92 47.03
N ASP A 28 34.27 7.40 46.37
CA ASP A 28 35.26 8.25 45.73
C ASP A 28 34.73 8.91 44.46
N ASN A 29 33.56 8.52 43.97
CA ASN A 29 32.97 9.12 42.78
C ASN A 29 31.48 9.38 42.95
N ARG A 30 31.04 9.64 44.18
CA ARG A 30 29.65 9.98 44.44
C ARG A 30 29.56 10.83 45.69
N SER A 31 28.82 11.93 45.62
CA SER A 31 28.66 12.83 46.74
C SER A 31 27.25 13.40 46.74
N GLN A 32 26.69 13.60 47.92
CA GLN A 32 25.41 14.27 48.09
C GLN A 32 25.64 15.70 48.54
N PHE A 33 24.81 16.62 48.03
CA PHE A 33 24.91 18.03 48.36
C PHE A 33 23.55 18.51 48.85
N VAL A 34 23.52 19.04 50.07
CA VAL A 34 22.30 19.57 50.67
C VAL A 34 22.34 21.10 50.62
N ILE A 35 21.27 21.71 50.13
CA ILE A 35 21.16 23.16 50.04
C ILE A 35 19.89 23.58 50.77
N GLU A 36 20.06 24.41 51.80
CA GLU A 36 18.94 24.87 52.62
C GLU A 36 19.35 26.16 53.30
N PRO A 37 18.39 27.05 53.60
CA PRO A 37 16.97 26.92 53.29
C PRO A 37 16.59 27.54 51.95
N LEU A 38 15.60 26.95 51.28
CA LEU A 38 15.09 27.46 50.01
C LEU A 38 13.59 27.71 50.15
N GLU A 39 13.09 28.60 49.29
CA GLU A 39 11.67 28.92 49.30
C GLU A 39 10.85 27.67 48.96
N PRO A 40 9.61 27.59 49.44
CA PRO A 40 8.78 26.42 49.11
C PRO A 40 8.51 26.31 47.62
N GLY A 41 8.64 25.09 47.10
CA GLY A 41 8.48 24.84 45.69
C GLY A 41 9.69 25.18 44.84
N PHE A 42 10.76 25.67 45.45
CA PHE A 42 11.95 26.09 44.71
C PHE A 42 13.00 24.98 44.59
N GLY A 43 12.97 23.99 45.48
CA GLY A 43 14.03 22.99 45.51
C GLY A 43 14.03 22.11 44.27
N TYR A 44 12.85 21.78 43.75
CA TYR A 44 12.78 20.90 42.58
C TYR A 44 13.40 21.54 41.35
N THR A 45 13.17 22.85 41.16
CA THR A 45 13.69 23.52 39.97
C THR A 45 15.19 23.76 40.06
N LEU A 46 15.72 24.02 41.25
CA LEU A 46 17.17 24.14 41.40
C LEU A 46 17.86 22.81 41.15
N GLY A 47 17.32 21.73 41.71
CA GLY A 47 17.91 20.43 41.50
C GLY A 47 17.89 20.01 40.04
N ASN A 48 16.85 20.42 39.31
CA ASN A 48 16.79 20.11 37.88
C ASN A 48 17.84 20.90 37.11
N SER A 49 17.88 22.23 37.30
CA SER A 49 18.81 23.06 36.56
C SER A 49 20.25 22.64 36.76
N LEU A 50 20.57 22.08 37.93
CA LEU A 50 21.91 21.53 38.14
C LEU A 50 22.08 20.17 37.47
N ARG A 51 21.06 19.31 37.54
CA ARG A 51 21.11 18.03 36.86
C ARG A 51 21.21 18.22 35.34
N ARG A 52 20.45 19.17 34.80
CA ARG A 52 20.49 19.44 33.37
C ARG A 52 21.89 19.88 32.93
N THR A 53 22.52 20.77 33.69
CA THR A 53 23.83 21.28 33.34
C THR A 53 24.92 20.24 33.58
N LEU A 54 24.77 19.39 34.59
CA LEU A 54 25.78 18.37 34.86
C LEU A 54 25.81 17.32 33.76
N LEU A 55 24.65 16.80 33.38
CA LEU A 55 24.60 15.71 32.41
C LEU A 55 25.01 16.12 31.00
N SER A 56 25.29 17.40 30.76
CA SER A 56 25.50 17.82 29.38
C SER A 56 26.75 18.67 29.18
N SER A 57 27.01 19.64 30.05
CA SER A 57 27.99 20.68 29.77
C SER A 57 29.13 20.70 30.78
N ILE A 58 29.60 19.53 31.19
CA ILE A 58 30.76 19.41 32.06
C ILE A 58 31.97 19.04 31.20
N PRO A 59 33.04 19.82 31.23
CA PRO A 59 34.18 19.53 30.33
C PRO A 59 34.85 18.22 30.67
N GLY A 60 35.32 17.54 29.62
CA GLY A 60 36.02 16.27 29.78
C GLY A 60 36.76 15.93 28.51
N ALA A 61 37.57 14.89 28.59
CA ALA A 61 38.38 14.42 27.48
C ALA A 61 37.93 13.03 27.06
N ALA A 62 38.01 12.76 25.75
CA ALA A 62 37.68 11.46 25.21
C ALA A 62 38.53 11.22 23.97
N VAL A 63 38.49 9.98 23.48
CA VAL A 63 39.27 9.61 22.30
C VAL A 63 38.47 9.98 21.06
N THR A 64 39.09 10.79 20.19
CA THR A 64 38.42 11.18 18.95
C THR A 64 38.49 10.07 17.92
N SER A 65 39.71 9.70 17.50
CA SER A 65 39.91 8.68 16.50
C SER A 65 41.01 7.73 16.95
N ILE A 66 41.08 6.57 16.30
CA ILE A 66 42.11 5.57 16.55
C ILE A 66 42.76 5.21 15.22
N ARG A 67 43.80 4.39 15.30
CA ARG A 67 44.51 3.95 14.10
C ARG A 67 45.24 2.65 14.41
N ILE A 68 44.71 1.54 13.89
CA ILE A 68 45.35 0.23 13.99
C ILE A 68 46.13 -0.01 12.71
N ASP A 69 47.33 -0.59 12.86
CA ASP A 69 48.25 -0.69 11.72
C ASP A 69 47.71 -1.64 10.66
N GLY A 70 47.30 -2.85 11.05
CA GLY A 70 46.89 -3.85 10.10
C GLY A 70 45.53 -3.65 9.46
N VAL A 71 44.77 -2.66 9.91
CA VAL A 71 43.41 -2.45 9.42
C VAL A 71 43.33 -1.11 8.70
N LEU A 72 42.28 -0.98 7.90
CA LEU A 72 41.99 0.26 7.20
C LEU A 72 40.58 0.77 7.43
N HIS A 73 39.73 0.01 8.13
CA HIS A 73 38.38 0.45 8.47
C HIS A 73 37.88 -0.42 9.62
N GLU A 74 36.67 -0.09 10.10
CA GLU A 74 36.12 -0.77 11.27
C GLU A 74 35.79 -2.23 10.99
N PHE A 75 35.43 -2.56 9.76
CA PHE A 75 34.78 -3.83 9.45
C PHE A 75 35.81 -4.86 8.96
N THR A 76 36.67 -5.26 9.89
CA THR A 76 37.69 -6.27 9.60
C THR A 76 38.17 -6.86 10.92
N THR A 77 39.12 -7.79 10.81
CA THR A 77 39.69 -8.47 11.97
C THR A 77 41.21 -8.31 11.98
N VAL A 78 41.79 -8.49 13.16
CA VAL A 78 43.23 -8.53 13.32
C VAL A 78 43.63 -9.97 13.61
N PRO A 79 44.67 -10.50 12.97
CA PRO A 79 45.05 -11.90 13.22
C PRO A 79 45.47 -12.12 14.66
N GLY A 80 44.92 -13.18 15.26
CA GLY A 80 45.29 -13.57 16.60
C GLY A 80 44.43 -13.00 17.72
N VAL A 81 43.71 -11.91 17.46
CA VAL A 81 42.86 -11.31 18.48
C VAL A 81 41.47 -11.90 18.37
N LYS A 82 40.79 -12.01 19.52
CA LYS A 82 39.48 -12.64 19.55
C LYS A 82 38.38 -11.70 19.07
N GLU A 83 38.56 -10.39 19.26
CA GLU A 83 37.55 -9.41 18.92
C GLU A 83 37.85 -8.79 17.56
N ASP A 84 36.79 -8.50 16.80
CA ASP A 84 36.95 -7.73 15.58
C ASP A 84 37.20 -6.27 15.92
N VAL A 85 37.56 -5.49 14.89
CA VAL A 85 37.88 -4.08 15.10
C VAL A 85 36.67 -3.32 15.61
N THR A 86 35.47 -3.68 15.12
CA THR A 86 34.25 -3.04 15.61
C THR A 86 34.06 -3.31 17.10
N GLU A 87 34.22 -4.56 17.52
CA GLU A 87 34.07 -4.89 18.94
C GLU A 87 35.17 -4.25 19.78
N ILE A 88 36.38 -4.12 19.22
CA ILE A 88 37.45 -3.44 19.94
C ILE A 88 37.10 -1.96 20.14
N ILE A 89 36.54 -1.34 19.10
CA ILE A 89 36.14 0.07 19.21
C ILE A 89 35.03 0.22 20.23
N LEU A 90 34.08 -0.72 20.26
CA LEU A 90 33.00 -0.66 21.24
C LEU A 90 33.55 -0.79 22.66
N ASN A 91 34.56 -1.65 22.86
CA ASN A 91 35.21 -1.73 24.15
C ASN A 91 35.97 -0.46 24.48
N LEU A 92 36.52 0.21 23.45
CA LEU A 92 37.23 1.47 23.67
C LEU A 92 36.27 2.62 23.96
N LYS A 93 34.98 2.47 23.65
CA LYS A 93 34.02 3.51 23.99
C LYS A 93 33.80 3.61 25.49
N SER A 94 34.18 2.59 26.25
CA SER A 94 34.07 2.63 27.70
C SER A 94 35.23 3.35 28.36
N LEU A 95 36.27 3.71 27.61
CA LEU A 95 37.45 4.32 28.19
C LEU A 95 37.13 5.68 28.79
N VAL A 96 37.63 5.92 30.00
CA VAL A 96 37.54 7.22 30.65
C VAL A 96 38.95 7.81 30.72
N VAL A 97 39.08 9.07 30.32
CA VAL A 97 40.39 9.71 30.21
C VAL A 97 40.20 11.22 30.42
N SER A 98 41.24 11.84 30.97
CA SER A 98 41.28 13.29 31.14
C SER A 98 42.57 13.81 30.54
N SER A 99 42.52 14.99 29.93
CA SER A 99 43.67 15.58 29.26
C SER A 99 43.87 17.01 29.74
N GLU A 100 45.14 17.37 29.96
CA GLU A 100 45.50 18.73 30.36
C GLU A 100 45.79 19.64 29.17
N GLU A 101 45.97 19.08 27.98
CA GLU A 101 46.45 19.87 26.85
C GLU A 101 45.36 20.68 26.17
N ASP A 102 44.11 20.19 26.20
CA ASP A 102 43.00 20.79 25.46
C ASP A 102 43.26 20.87 23.97
N GLU A 103 44.20 20.07 23.47
CA GLU A 103 44.55 20.00 22.06
C GLU A 103 44.75 18.53 21.70
N PRO A 104 44.63 18.19 20.41
CA PRO A 104 44.81 16.79 20.02
C PRO A 104 46.16 16.25 20.44
N VAL A 105 46.14 15.07 21.08
CA VAL A 105 47.35 14.42 21.56
C VAL A 105 47.16 12.92 21.41
N THR A 106 48.28 12.21 21.24
CA THR A 106 48.26 10.82 20.79
C THR A 106 48.69 9.87 21.90
N MET A 107 47.85 8.86 22.15
CA MET A 107 48.18 7.71 22.98
C MET A 107 48.64 6.55 22.11
N TYR A 108 49.42 5.65 22.71
CA TYR A 108 49.96 4.51 21.98
C TYR A 108 49.72 3.22 22.77
N LEU A 109 49.75 2.12 22.04
CA LEU A 109 49.51 0.80 22.65
C LEU A 109 50.14 -0.26 21.76
N ARG A 110 51.16 -0.94 22.27
CA ARG A 110 51.77 -2.08 21.61
C ARG A 110 51.77 -3.26 22.57
N LYS A 111 51.24 -4.40 22.12
CA LYS A 111 51.21 -5.59 22.96
C LYS A 111 51.27 -6.82 22.06
N GLN A 112 52.11 -7.77 22.45
CA GLN A 112 52.28 -9.03 21.75
C GLN A 112 51.65 -10.15 22.56
N GLY A 113 50.85 -10.98 21.90
CA GLY A 113 50.22 -12.10 22.55
C GLY A 113 51.22 -13.18 22.92
N PRO A 114 50.79 -14.17 23.72
CA PRO A 114 49.45 -14.30 24.29
C PRO A 114 49.19 -13.32 25.44
N GLY A 115 47.98 -13.36 25.98
CA GLY A 115 47.58 -12.48 27.07
C GLY A 115 46.46 -11.54 26.65
N GLU A 116 45.97 -10.81 27.64
CA GLU A 116 44.86 -9.89 27.48
C GLU A 116 45.39 -8.46 27.48
N VAL A 117 44.92 -7.65 26.53
CA VAL A 117 45.24 -6.23 26.48
C VAL A 117 44.18 -5.48 27.28
N THR A 118 44.63 -4.68 28.24
CA THR A 118 43.75 -3.88 29.08
C THR A 118 44.05 -2.40 28.84
N ALA A 119 43.26 -1.54 29.51
CA ALA A 119 43.49 -0.11 29.41
C ALA A 119 44.79 0.32 30.06
N GLY A 120 45.30 -0.48 31.00
CA GLY A 120 46.60 -0.19 31.59
C GLY A 120 47.77 -0.40 30.65
N ASP A 121 47.58 -1.23 29.62
CA ASP A 121 48.62 -1.45 28.61
C ASP A 121 48.85 -0.22 27.74
N ILE A 122 48.01 0.81 27.86
CA ILE A 122 48.18 2.02 27.07
C ILE A 122 49.22 2.92 27.74
N VAL A 123 50.09 3.51 26.93
CA VAL A 123 51.08 4.46 27.42
C VAL A 123 50.61 5.87 27.09
N PRO A 124 50.09 6.62 28.07
CA PRO A 124 49.58 7.97 27.79
C PRO A 124 50.70 8.98 27.78
N PRO A 125 50.64 9.98 26.90
CA PRO A 125 51.65 11.03 26.92
C PRO A 125 51.47 11.95 28.11
N ALA A 126 52.39 12.92 28.26
CA ALA A 126 52.31 13.85 29.38
C ALA A 126 51.05 14.70 29.28
N GLY A 127 50.29 14.74 30.35
CA GLY A 127 49.08 15.53 30.39
C GLY A 127 47.81 14.72 30.52
N VAL A 128 47.76 13.58 29.84
CA VAL A 128 46.58 12.73 29.85
C VAL A 128 46.88 11.47 30.67
N THR A 129 45.81 10.86 31.19
CA THR A 129 45.96 9.69 32.04
C THR A 129 44.71 8.83 31.96
N VAL A 130 44.90 7.52 32.08
CA VAL A 130 43.82 6.55 32.01
C VAL A 130 43.34 6.24 33.42
N HIS A 131 42.03 6.25 33.63
CA HIS A 131 41.45 6.17 34.97
C HIS A 131 40.87 4.81 35.31
N ASN A 132 40.99 3.83 34.42
CA ASN A 132 40.58 2.45 34.73
C ASN A 132 41.49 1.48 34.00
N PRO A 133 42.71 1.28 34.50
CA PRO A 133 43.68 0.42 33.81
C PRO A 133 43.27 -1.05 33.72
N GLY A 134 42.14 -1.46 34.27
CA GLY A 134 41.73 -2.85 34.22
C GLY A 134 40.65 -3.20 33.24
N MET A 135 40.24 -2.26 32.39
CA MET A 135 39.19 -2.54 31.42
C MET A 135 39.69 -3.49 30.34
N HIS A 136 38.90 -4.52 30.05
CA HIS A 136 39.24 -5.43 28.96
C HIS A 136 39.14 -4.73 27.61
N ILE A 137 40.14 -4.95 26.77
CA ILE A 137 40.19 -4.38 25.42
C ILE A 137 40.20 -5.47 24.36
N ALA A 138 41.07 -6.46 24.50
CA ALA A 138 41.17 -7.53 23.52
C ALA A 138 41.86 -8.73 24.15
N THR A 139 41.64 -9.88 23.53
CA THR A 139 42.29 -11.13 23.91
C THR A 139 43.19 -11.59 22.77
N LEU A 140 44.47 -11.78 23.07
CA LEU A 140 45.47 -12.14 22.06
C LEU A 140 46.02 -13.53 22.36
N ASN A 141 46.25 -14.30 21.29
CA ASN A 141 46.86 -15.61 21.41
C ASN A 141 48.34 -15.52 20.98
N ASP A 142 48.92 -16.67 20.62
CA ASP A 142 50.34 -16.69 20.27
C ASP A 142 50.62 -15.84 19.03
N LYS A 143 49.73 -15.90 18.04
CA LYS A 143 49.92 -15.19 16.78
C LYS A 143 49.39 -13.76 16.81
N GLY A 144 48.87 -13.32 17.95
CA GLY A 144 48.19 -12.03 18.03
C GLY A 144 49.14 -10.88 18.34
N LYS A 145 49.03 -9.80 17.57
CA LYS A 145 49.80 -8.59 17.79
C LYS A 145 48.88 -7.39 17.57
N LEU A 146 48.86 -6.48 18.54
CA LEU A 146 47.97 -5.32 18.50
C LEU A 146 48.79 -4.05 18.68
N GLU A 147 48.74 -3.16 17.69
CA GLU A 147 49.45 -1.89 17.71
C GLU A 147 48.46 -0.79 17.35
N VAL A 148 48.14 0.08 18.31
CA VAL A 148 47.05 1.04 18.16
C VAL A 148 47.54 2.43 18.55
N GLU A 149 47.18 3.43 17.76
CA GLU A 149 47.29 4.83 18.12
C GLU A 149 45.91 5.36 18.49
N LEU A 150 45.87 6.28 19.46
CA LEU A 150 44.61 6.81 19.97
C LEU A 150 44.73 8.33 20.11
N VAL A 151 44.00 9.06 19.28
CA VAL A 151 43.95 10.52 19.37
C VAL A 151 42.95 10.92 20.43
N VAL A 152 43.38 11.73 21.38
CA VAL A 152 42.53 12.20 22.47
C VAL A 152 42.46 13.71 22.42
N GLU A 153 41.26 14.24 22.22
CA GLU A 153 40.98 15.66 22.29
C GLU A 153 40.18 15.95 23.56
N ARG A 154 39.73 17.20 23.69
CA ARG A 154 38.97 17.60 24.86
C ARG A 154 37.80 18.47 24.43
N GLY A 155 36.58 18.04 24.75
CA GLY A 155 35.39 18.80 24.46
C GLY A 155 34.37 18.66 25.58
N ARG A 156 33.08 18.65 25.23
CA ARG A 156 32.03 18.44 26.21
C ARG A 156 30.84 17.79 25.54
N GLY A 157 30.03 17.10 26.34
CA GLY A 157 28.85 16.46 25.80
C GLY A 157 29.20 15.25 24.95
N TYR A 158 28.47 15.10 23.85
CA TYR A 158 28.65 13.97 22.93
C TYR A 158 28.73 14.51 21.51
N VAL A 159 29.81 14.17 20.81
CA VAL A 159 30.00 14.51 19.41
C VAL A 159 30.11 13.21 18.62
N PRO A 160 29.41 13.06 17.50
CA PRO A 160 29.56 11.85 16.69
C PRO A 160 30.94 11.81 16.02
N ALA A 161 31.22 10.66 15.42
CA ALA A 161 32.49 10.48 14.73
C ALA A 161 32.61 11.48 13.58
N VAL A 162 33.70 12.24 13.60
CA VAL A 162 33.92 13.25 12.56
C VAL A 162 34.24 12.54 11.25
N GLN A 163 33.58 12.96 10.17
CA GLN A 163 33.73 12.32 8.87
C GLN A 163 35.16 12.49 8.35
N ASN A 164 35.58 11.54 7.50
CA ASN A 164 36.85 11.67 6.83
C ASN A 164 36.81 12.71 5.72
N ARG A 165 35.63 13.02 5.18
CA ARG A 165 35.50 14.09 4.21
C ARG A 165 35.57 15.46 4.87
N ALA A 166 35.08 15.58 6.10
CA ALA A 166 35.13 16.85 6.81
C ALA A 166 36.52 17.08 7.41
N SER A 167 37.13 16.05 7.98
CA SER A 167 38.47 16.18 8.52
C SER A 167 39.50 15.96 7.43
N GLY A 168 40.75 16.33 7.74
CA GLY A 168 41.86 16.02 6.88
C GLY A 168 42.44 14.63 7.07
N ALA A 169 41.78 13.81 7.89
CA ALA A 169 42.28 12.47 8.17
C ALA A 169 42.27 11.62 6.91
N GLU A 170 43.33 10.85 6.72
CA GLU A 170 43.46 10.01 5.55
C GLU A 170 42.82 8.65 5.82
N ILE A 171 43.08 7.67 4.94
CA ILE A 171 42.28 6.46 4.91
C ILE A 171 42.50 5.62 6.17
N GLY A 172 43.73 5.59 6.69
CA GLY A 172 44.05 4.68 7.78
C GLY A 172 43.35 5.04 9.08
N ARG A 173 42.95 6.30 9.24
CA ARG A 173 42.36 6.76 10.49
C ARG A 173 40.91 6.32 10.60
N ILE A 174 40.55 5.86 11.80
CA ILE A 174 39.22 5.35 12.09
C ILE A 174 38.58 6.24 13.14
N PRO A 175 37.71 7.16 12.74
CA PRO A 175 37.04 8.02 13.73
C PRO A 175 36.08 7.24 14.60
N VAL A 176 35.92 7.71 15.84
CA VAL A 176 35.06 7.09 16.83
C VAL A 176 34.19 8.18 17.46
N ASP A 177 33.02 7.79 17.92
CA ASP A 177 32.18 8.69 18.69
C ASP A 177 32.85 9.03 20.02
N SER A 178 32.75 10.30 20.41
CA SER A 178 33.40 10.79 21.63
C SER A 178 32.34 11.21 22.62
N ILE A 179 32.36 10.59 23.80
CA ILE A 179 31.45 10.91 24.90
C ILE A 179 32.26 11.66 25.95
N TYR A 180 32.23 12.99 25.89
CA TYR A 180 33.11 13.83 26.71
C TYR A 180 32.59 14.05 28.13
N SER A 181 31.39 13.62 28.45
CA SER A 181 30.83 13.96 29.75
C SER A 181 31.43 13.07 30.84
N PRO A 182 31.99 13.65 31.91
CA PRO A 182 32.59 12.83 32.98
C PRO A 182 31.63 12.45 34.09
N VAL A 183 30.41 12.97 34.08
CA VAL A 183 29.41 12.63 35.09
C VAL A 183 28.66 11.40 34.62
N LEU A 184 28.25 10.57 35.59
CA LEU A 184 27.62 9.28 35.29
C LEU A 184 26.13 9.28 35.57
N LYS A 185 25.71 9.75 36.75
CA LYS A 185 24.30 9.68 37.14
C LYS A 185 24.01 10.78 38.14
N VAL A 186 22.97 11.58 37.87
CA VAL A 186 22.59 12.70 38.71
C VAL A 186 21.10 12.60 39.01
N THR A 187 20.74 12.81 40.27
CA THR A 187 19.34 12.82 40.70
C THR A 187 19.22 13.80 41.87
N TYR A 188 18.00 13.93 42.39
CA TYR A 188 17.75 14.81 43.51
C TYR A 188 16.46 14.44 44.20
N LYS A 189 16.33 14.89 45.44
CA LYS A 189 15.10 14.80 46.23
C LYS A 189 15.02 16.04 47.09
N VAL A 190 13.79 16.46 47.41
CA VAL A 190 13.58 17.60 48.29
C VAL A 190 12.69 17.18 49.45
N ASP A 191 12.85 17.87 50.57
CA ASP A 191 12.02 17.65 51.76
C ASP A 191 11.29 18.95 52.05
N ALA A 192 9.98 18.95 51.82
CA ALA A 192 9.16 20.14 52.03
C ALA A 192 8.65 20.19 53.46
N THR A 193 8.80 21.35 54.09
CA THR A 193 8.29 21.58 55.44
C THR A 193 6.92 22.22 55.31
N ARG A 194 5.88 21.38 55.29
CA ARG A 194 4.52 21.83 55.06
C ARG A 194 3.72 21.97 56.35
N VAL A 195 4.39 22.03 57.49
CA VAL A 195 3.68 22.29 58.75
C VAL A 195 3.12 23.70 58.71
N GLU A 196 1.79 23.81 58.80
CA GLU A 196 1.11 25.10 58.72
C GLU A 196 1.56 26.03 59.84
N GLN A 197 2.48 26.93 59.53
CA GLN A 197 3.00 27.87 60.50
C GLN A 197 3.66 29.02 59.73
N ARG A 198 4.31 29.93 60.46
CA ARG A 198 4.96 31.07 59.83
C ARG A 198 6.18 30.67 59.01
N THR A 199 6.73 29.49 59.24
CA THR A 199 8.00 29.07 58.63
C THR A 199 7.76 27.83 57.79
N ASP A 200 7.93 27.98 56.47
CA ASP A 200 7.96 26.86 55.53
C ASP A 200 9.21 27.00 54.66
N PHE A 201 9.86 25.87 54.39
CA PHE A 201 11.07 25.91 53.58
C PHE A 201 11.30 24.54 52.95
N ASP A 202 12.05 24.54 51.86
CA ASP A 202 12.43 23.33 51.14
C ASP A 202 13.93 23.10 51.28
N LYS A 203 14.30 21.83 51.44
CA LYS A 203 15.70 21.42 51.50
C LYS A 203 15.99 20.50 50.33
N LEU A 204 16.91 20.92 49.46
CA LEU A 204 17.27 20.14 48.27
C LEU A 204 18.47 19.25 48.57
N ILE A 205 18.39 18.01 48.12
CA ILE A 205 19.47 17.03 48.29
C ILE A 205 19.87 16.58 46.89
N LEU A 206 20.99 17.10 46.39
CA LEU A 206 21.48 16.76 45.07
C LEU A 206 22.44 15.58 45.16
N ASP A 207 22.26 14.60 44.28
CA ASP A 207 23.10 13.40 44.25
C ASP A 207 23.84 13.38 42.92
N VAL A 208 25.17 13.29 42.99
CA VAL A 208 26.03 13.36 41.82
C VAL A 208 26.99 12.17 41.84
N GLU A 209 27.04 11.43 40.74
CA GLU A 209 27.98 10.32 40.56
C GLU A 209 28.79 10.55 39.30
N THR A 210 30.10 10.46 39.41
CA THR A 210 31.00 10.71 38.30
C THR A 210 31.70 9.41 37.89
N LYS A 211 32.59 9.52 36.91
CA LYS A 211 33.26 8.36 36.33
C LYS A 211 34.77 8.39 36.58
N ASN A 212 35.17 8.75 37.79
CA ASN A 212 36.56 8.84 38.27
C ASN A 212 37.43 9.79 37.46
N SER A 213 36.91 10.45 36.43
CA SER A 213 37.68 11.46 35.72
C SER A 213 37.83 12.72 36.57
N ILE A 214 36.73 13.16 37.20
CA ILE A 214 36.75 14.26 38.15
C ILE A 214 35.93 13.86 39.36
N SER A 215 36.16 14.55 40.47
CA SER A 215 35.41 14.31 41.67
C SER A 215 34.04 15.00 41.58
N PRO A 216 33.05 14.51 42.33
CA PRO A 216 31.69 15.07 42.19
C PRO A 216 31.61 16.57 42.46
N ARG A 217 32.36 17.08 43.44
CA ARG A 217 32.29 18.50 43.74
C ARG A 217 32.93 19.34 42.64
N ASP A 218 33.89 18.78 41.90
CA ASP A 218 34.46 19.49 40.77
C ASP A 218 33.43 19.64 39.65
N ALA A 219 32.62 18.59 39.43
CA ALA A 219 31.58 18.66 38.41
C ALA A 219 30.52 19.69 38.79
N LEU A 220 30.06 19.66 40.04
CA LEU A 220 29.07 20.64 40.50
C LEU A 220 29.64 22.06 40.43
N ALA A 221 30.93 22.21 40.66
CA ALA A 221 31.55 23.53 40.54
C ALA A 221 31.55 24.02 39.10
N SER A 222 31.79 23.11 38.15
CA SER A 222 31.73 23.50 36.74
C SER A 222 30.32 23.89 36.34
N ALA A 223 29.32 23.12 36.81
CA ALA A 223 27.93 23.51 36.57
C ALA A 223 27.59 24.79 37.31
N GLY A 224 28.25 25.05 38.44
CA GLY A 224 28.02 26.29 39.16
C GLY A 224 28.50 27.50 38.38
N LYS A 225 29.72 27.43 37.85
CA LYS A 225 30.24 28.53 37.04
C LYS A 225 29.47 28.64 35.72
N THR A 226 28.91 27.54 35.23
CA THR A 226 28.10 27.59 34.02
C THR A 226 26.85 28.43 34.25
N LEU A 227 26.15 28.18 35.36
CA LEU A 227 24.88 28.84 35.60
C LEU A 227 25.05 30.24 36.18
N VAL A 228 26.13 30.48 36.94
CA VAL A 228 26.45 31.84 37.38
C VAL A 228 26.69 32.73 36.17
N GLU A 229 27.47 32.24 35.21
CA GLU A 229 27.71 32.98 33.98
C GLU A 229 26.43 33.17 33.19
N LEU A 230 25.59 32.13 33.14
CA LEU A 230 24.39 32.17 32.31
C LEU A 230 23.32 33.07 32.90
N PHE A 231 23.01 32.89 34.18
CA PHE A 231 21.99 33.72 34.82
C PHE A 231 22.44 35.16 34.97
N GLY A 232 23.73 35.44 34.77
CA GLY A 232 24.21 36.81 34.81
C GLY A 232 23.74 37.64 33.63
N LEU A 233 23.03 37.03 32.69
CA LEU A 233 22.48 37.76 31.55
C LEU A 233 21.20 38.51 31.93
N ALA A 234 20.48 38.04 32.94
CA ALA A 234 19.29 38.73 33.39
C ALA A 234 19.60 39.93 34.28
N ARG A 235 20.81 39.97 34.86
CA ARG A 235 21.18 41.05 35.76
C ARG A 235 21.55 42.33 35.01
N GLU A 236 22.06 42.21 33.79
CA GLU A 236 22.40 43.38 33.00
C GLU A 236 21.12 44.06 32.51
N LEU A 237 21.08 45.39 32.64
CA LEU A 237 19.89 46.13 32.27
C LEU A 237 19.87 46.39 30.77
N ASN A 238 18.74 46.93 30.29
CA ASN A 238 18.56 47.17 28.88
C ASN A 238 19.02 48.58 28.49
N MET B 13 35.87 23.92 28.66
CA MET B 13 35.17 23.25 27.57
C MET B 13 35.37 23.99 26.26
N LEU B 14 34.28 24.48 25.68
CA LEU B 14 34.30 25.23 24.44
C LEU B 14 33.45 26.48 24.59
N ILE B 15 33.79 27.51 23.81
CA ILE B 15 33.14 28.82 23.93
C ILE B 15 31.74 28.75 23.33
N SER B 16 30.77 29.34 24.03
CA SER B 16 29.40 29.48 23.58
C SER B 16 29.01 30.94 23.77
N GLN B 17 29.12 31.73 22.72
CA GLN B 17 28.97 33.17 22.81
C GLN B 17 27.68 33.64 22.13
N ARG B 18 27.42 34.94 22.24
CA ARG B 18 26.30 35.70 21.70
C ARG B 18 24.93 35.35 22.30
N PRO B 19 24.79 35.17 23.64
CA PRO B 19 23.43 35.12 24.19
C PRO B 19 23.00 36.48 24.72
N THR B 20 21.91 37.02 24.17
CA THR B 20 21.48 38.38 24.47
C THR B 20 20.08 38.39 25.07
N LEU B 21 19.77 39.50 25.74
CA LEU B 21 18.48 39.71 26.39
C LEU B 21 17.84 40.96 25.81
N SER B 22 16.64 40.80 25.25
CA SER B 22 15.86 41.91 24.71
C SER B 22 14.53 41.99 25.43
N GLU B 23 13.95 43.19 25.47
CA GLU B 23 12.71 43.43 26.20
C GLU B 23 11.69 44.09 25.29
N ASP B 24 10.49 43.55 25.27
CA ASP B 24 9.33 44.17 24.63
C ASP B 24 8.33 44.56 25.71
N VAL B 25 7.95 45.82 25.74
CA VAL B 25 7.12 46.39 26.80
C VAL B 25 5.67 46.34 26.32
N LEU B 26 4.91 45.38 26.84
CA LEU B 26 3.48 45.32 26.55
C LEU B 26 2.74 46.45 27.25
N THR B 27 2.74 46.44 28.58
CA THR B 27 2.21 47.52 29.40
C THR B 27 3.32 48.04 30.30
N ASP B 28 3.00 49.09 31.07
CA ASP B 28 4.00 49.70 31.94
C ASP B 28 4.47 48.74 33.03
N ASN B 29 3.63 47.77 33.39
CA ASN B 29 3.96 46.78 34.41
C ASN B 29 3.76 45.37 33.88
N ARG B 30 4.12 45.14 32.62
CA ARG B 30 4.09 43.81 32.03
C ARG B 30 4.94 43.84 30.77
N SER B 31 6.01 43.05 30.74
CA SER B 31 6.94 43.02 29.62
C SER B 31 7.24 41.58 29.22
N GLN B 32 7.71 41.41 27.99
CA GLN B 32 8.17 40.13 27.48
C GLN B 32 9.67 40.20 27.25
N PHE B 33 10.40 39.22 27.77
CA PHE B 33 11.84 39.15 27.62
C PHE B 33 12.21 37.91 26.80
N VAL B 34 13.20 38.07 25.93
CA VAL B 34 13.68 36.99 25.08
C VAL B 34 15.17 36.80 25.32
N ILE B 35 15.56 35.58 25.66
CA ILE B 35 16.96 35.20 25.83
C ILE B 35 17.33 34.35 24.62
N GLU B 36 18.18 34.90 23.75
CA GLU B 36 18.40 34.30 22.45
C GLU B 36 19.80 34.58 21.91
N PRO B 37 20.50 33.58 21.38
CA PRO B 37 20.09 32.17 21.44
C PRO B 37 20.85 31.38 22.50
N LEU B 38 20.19 30.41 23.11
CA LEU B 38 20.79 29.57 24.14
C LEU B 38 21.13 28.20 23.57
N GLU B 39 22.12 27.56 24.18
CA GLU B 39 22.56 26.25 23.73
C GLU B 39 21.48 25.19 24.01
N PRO B 40 21.42 24.14 23.20
CA PRO B 40 20.46 23.06 23.46
C PRO B 40 20.96 22.17 24.61
N GLY B 41 20.12 22.01 25.63
CA GLY B 41 18.83 22.66 25.68
C GLY B 41 18.68 23.53 26.91
N PHE B 42 19.52 24.55 27.03
CA PHE B 42 19.53 25.40 28.21
C PHE B 42 18.29 26.26 28.34
N GLY B 43 17.47 26.37 27.29
CA GLY B 43 16.24 27.14 27.41
C GLY B 43 15.30 26.61 28.46
N TYR B 44 15.24 25.28 28.59
CA TYR B 44 14.39 24.67 29.61
C TYR B 44 15.04 24.65 30.98
N THR B 45 16.37 24.60 31.03
CA THR B 45 17.05 24.55 32.33
C THR B 45 16.81 25.82 33.13
N LEU B 46 17.11 26.98 32.53
CA LEU B 46 16.92 28.26 33.19
C LEU B 46 15.54 28.86 32.91
N GLY B 47 14.63 28.08 32.33
CA GLY B 47 13.29 28.55 32.06
C GLY B 47 12.40 28.50 33.28
N ASN B 48 12.16 27.31 33.80
CA ASN B 48 11.36 27.16 35.01
C ASN B 48 12.05 27.75 36.23
N SER B 49 13.38 27.86 36.21
CA SER B 49 14.09 28.45 37.33
C SER B 49 13.88 29.96 37.39
N LEU B 50 13.90 30.63 36.24
CA LEU B 50 13.66 32.07 36.22
C LEU B 50 12.23 32.39 36.62
N ARG B 51 11.27 31.56 36.22
CA ARG B 51 9.88 31.81 36.59
C ARG B 51 9.68 31.66 38.09
N ARG B 52 10.15 30.55 38.67
CA ARG B 52 9.97 30.33 40.10
C ARG B 52 10.76 31.33 40.93
N THR B 53 11.86 31.86 40.38
CA THR B 53 12.61 32.89 41.10
C THR B 53 11.85 34.20 41.13
N LEU B 54 11.18 34.55 40.03
CA LEU B 54 10.36 35.75 40.00
C LEU B 54 9.18 35.62 40.94
N LEU B 55 8.46 34.49 40.87
CA LEU B 55 7.21 34.32 41.59
C LEU B 55 7.38 34.06 43.08
N SER B 56 8.58 33.69 43.53
CA SER B 56 8.73 33.23 44.90
C SER B 56 9.93 33.79 45.65
N SER B 57 10.74 34.66 45.05
CA SER B 57 11.97 35.13 45.70
C SER B 57 12.23 36.59 45.36
N ILE B 58 11.22 37.45 45.56
CA ILE B 58 11.38 38.89 45.44
C ILE B 58 10.72 39.52 46.66
N PRO B 59 11.43 40.31 47.46
CA PRO B 59 10.84 40.86 48.69
C PRO B 59 9.78 41.91 48.37
N GLY B 60 8.61 41.73 48.99
CA GLY B 60 7.50 42.66 48.84
C GLY B 60 6.69 42.72 50.12
N ALA B 61 5.68 43.57 50.11
CA ALA B 61 4.82 43.77 51.28
C ALA B 61 3.36 43.62 50.86
N ALA B 62 2.57 43.01 51.74
CA ALA B 62 1.16 42.81 51.48
C ALA B 62 0.42 42.68 52.80
N VAL B 63 -0.91 42.71 52.73
CA VAL B 63 -1.73 42.65 53.94
C VAL B 63 -1.71 41.24 54.49
N THR B 64 -1.48 41.13 55.80
CA THR B 64 -1.45 39.84 56.51
C THR B 64 -2.80 39.50 57.14
N SER B 65 -3.41 40.45 57.84
CA SER B 65 -4.71 40.23 58.47
C SER B 65 -5.44 41.56 58.58
N ILE B 66 -6.76 41.50 58.61
CA ILE B 66 -7.60 42.69 58.77
C ILE B 66 -8.57 42.46 59.92
N ARG B 67 -9.17 43.56 60.38
CA ARG B 67 -10.15 43.50 61.46
C ARG B 67 -11.18 44.59 61.21
N ILE B 68 -12.45 44.20 61.10
CA ILE B 68 -13.54 45.11 60.76
C ILE B 68 -14.36 45.37 62.02
N ASP B 69 -14.55 46.64 62.34
CA ASP B 69 -15.38 47.01 63.49
C ASP B 69 -16.84 46.67 63.18
N GLY B 70 -17.50 46.04 64.14
CA GLY B 70 -18.86 45.57 63.94
C GLY B 70 -18.96 44.15 63.42
N VAL B 71 -17.83 43.47 63.21
CA VAL B 71 -17.81 42.09 62.75
C VAL B 71 -17.04 41.28 63.78
N LEU B 72 -17.75 40.42 64.51
CA LEU B 72 -17.14 39.64 65.59
C LEU B 72 -17.29 38.14 65.35
N HIS B 73 -18.52 37.60 65.37
CA HIS B 73 -18.75 36.17 65.23
C HIS B 73 -19.54 35.83 63.98
N GLU B 74 -19.80 36.79 63.10
CA GLU B 74 -20.65 36.56 61.94
C GLU B 74 -19.83 36.29 60.69
N PHE B 75 -19.07 37.29 60.23
CA PHE B 75 -18.27 37.24 59.01
C PHE B 75 -19.13 37.02 57.77
N THR B 76 -20.44 37.23 57.87
CA THR B 76 -21.35 37.05 56.75
C THR B 76 -21.67 38.37 56.05
N THR B 77 -21.96 39.43 56.80
CA THR B 77 -22.33 40.71 56.22
C THR B 77 -21.83 41.82 57.14
N VAL B 78 -21.43 42.93 56.51
CA VAL B 78 -21.06 44.15 57.23
C VAL B 78 -22.21 45.14 57.08
N PRO B 79 -22.82 45.61 58.17
CA PRO B 79 -23.91 46.58 58.04
C PRO B 79 -23.39 47.97 57.66
N GLY B 80 -24.14 48.65 56.82
CA GLY B 80 -23.77 49.98 56.37
C GLY B 80 -22.99 50.04 55.08
N VAL B 81 -22.66 48.90 54.48
CA VAL B 81 -21.97 48.84 53.19
C VAL B 81 -22.63 47.78 52.34
N LYS B 82 -22.57 47.98 51.02
CA LYS B 82 -23.18 47.02 50.10
C LYS B 82 -22.38 45.74 50.03
N GLU B 83 -21.05 45.83 49.98
CA GLU B 83 -20.21 44.65 49.92
C GLU B 83 -20.29 43.87 51.22
N ASP B 84 -20.27 42.54 51.11
CA ASP B 84 -20.21 41.68 52.28
C ASP B 84 -18.76 41.57 52.75
N VAL B 85 -18.49 40.61 53.64
CA VAL B 85 -17.16 40.52 54.25
C VAL B 85 -16.13 40.05 53.23
N THR B 86 -16.40 38.94 52.55
CA THR B 86 -15.40 38.36 51.65
C THR B 86 -15.09 39.26 50.47
N GLU B 87 -16.07 40.03 50.00
CA GLU B 87 -15.80 40.97 48.91
C GLU B 87 -14.86 42.08 49.37
N ILE B 88 -15.01 42.53 50.62
CA ILE B 88 -14.05 43.48 51.17
C ILE B 88 -12.66 42.88 51.22
N ILE B 89 -12.57 41.61 51.62
CA ILE B 89 -11.27 40.95 51.72
C ILE B 89 -10.60 40.84 50.36
N LEU B 90 -11.38 40.65 49.30
CA LEU B 90 -10.82 40.47 47.97
C LEU B 90 -10.13 41.74 47.48
N ASN B 91 -10.87 42.84 47.38
CA ASN B 91 -10.27 44.08 46.91
C ASN B 91 -9.27 44.67 47.90
N LEU B 92 -9.27 44.20 49.16
CA LEU B 92 -8.19 44.57 50.07
C LEU B 92 -6.94 43.76 49.80
N LYS B 93 -7.10 42.51 49.33
CA LYS B 93 -5.94 41.67 49.02
C LYS B 93 -5.16 42.23 47.83
N SER B 94 -5.86 42.83 46.87
CA SER B 94 -5.23 43.39 45.69
C SER B 94 -4.64 44.77 45.93
N LEU B 95 -4.73 45.30 47.15
CA LEU B 95 -4.12 46.58 47.48
C LEU B 95 -2.61 46.45 47.39
N VAL B 96 -1.99 47.26 46.54
CA VAL B 96 -0.54 47.24 46.37
C VAL B 96 0.08 48.19 47.38
N VAL B 97 1.12 47.72 48.07
CA VAL B 97 1.74 48.48 49.14
C VAL B 97 3.22 48.11 49.23
N SER B 98 4.02 49.06 49.70
CA SER B 98 5.45 48.86 49.91
C SER B 98 5.82 49.43 51.27
N SER B 99 6.81 48.79 51.91
CA SER B 99 7.24 49.20 53.24
C SER B 99 8.76 49.16 53.32
N GLU B 100 9.32 50.10 54.09
CA GLU B 100 10.74 50.11 54.38
C GLU B 100 11.08 49.48 55.73
N GLU B 101 10.07 49.10 56.51
CA GLU B 101 10.27 48.44 57.80
C GLU B 101 9.91 46.97 57.67
N ASP B 102 10.82 46.10 58.12
CA ASP B 102 10.60 44.66 57.98
C ASP B 102 9.52 44.18 58.93
N GLU B 103 9.47 44.74 60.14
CA GLU B 103 8.49 44.33 61.14
C GLU B 103 7.08 44.68 60.67
N PRO B 104 6.06 43.97 61.17
CA PRO B 104 4.69 44.28 60.79
C PRO B 104 4.29 45.70 61.18
N VAL B 105 3.44 46.30 60.35
CA VAL B 105 2.98 47.68 60.53
C VAL B 105 1.47 47.69 60.42
N THR B 106 0.81 48.29 61.41
CA THR B 106 -0.64 48.36 61.44
C THR B 106 -1.11 49.70 60.87
N MET B 107 -2.08 49.63 59.96
CA MET B 107 -2.70 50.81 59.39
C MET B 107 -4.19 50.80 59.69
N TYR B 108 -4.79 51.99 59.73
CA TYR B 108 -6.21 52.13 59.99
C TYR B 108 -6.88 52.83 58.82
N LEU B 109 -8.09 52.39 58.50
CA LEU B 109 -8.90 52.98 57.43
C LEU B 109 -10.29 53.27 57.99
N ARG B 110 -10.67 54.55 57.99
CA ARG B 110 -11.95 54.97 58.55
C ARG B 110 -12.57 56.05 57.68
N LYS B 111 -13.87 55.91 57.42
CA LYS B 111 -14.62 56.92 56.69
C LYS B 111 -16.10 56.72 56.98
N GLN B 112 -16.80 57.83 57.21
CA GLN B 112 -18.22 57.82 57.56
C GLN B 112 -19.02 58.53 56.48
N GLY B 113 -20.34 58.38 56.55
CA GLY B 113 -21.24 59.05 55.65
C GLY B 113 -21.38 58.33 54.33
N PRO B 114 -22.49 58.57 53.63
CA PRO B 114 -22.68 57.95 52.32
C PRO B 114 -21.62 58.43 51.33
N GLY B 115 -21.13 57.49 50.52
CA GLY B 115 -20.08 57.77 49.57
C GLY B 115 -19.36 56.51 49.16
N GLU B 116 -18.07 56.65 48.85
CA GLU B 116 -17.25 55.54 48.40
C GLU B 116 -15.90 55.59 49.10
N VAL B 117 -15.40 54.41 49.48
CA VAL B 117 -14.08 54.28 50.09
C VAL B 117 -13.08 53.96 48.99
N THR B 118 -11.87 54.48 49.15
CA THR B 118 -10.76 54.20 48.24
C THR B 118 -9.52 53.87 49.05
N ALA B 119 -8.51 53.36 48.35
CA ALA B 119 -7.20 53.13 48.97
C ALA B 119 -6.42 54.43 49.16
N GLY B 120 -6.97 55.56 48.75
CA GLY B 120 -6.39 56.86 49.05
C GLY B 120 -6.97 57.42 50.33
N ASP B 121 -8.21 57.02 50.65
CA ASP B 121 -8.85 57.39 51.91
C ASP B 121 -8.20 56.71 53.11
N ILE B 122 -7.20 55.87 52.89
CA ILE B 122 -6.46 55.25 53.98
C ILE B 122 -5.37 56.22 54.44
N VAL B 123 -5.00 56.13 55.71
CA VAL B 123 -3.92 56.92 56.27
C VAL B 123 -2.72 56.00 56.46
N PRO B 124 -1.63 56.22 55.73
CA PRO B 124 -0.48 55.31 55.84
C PRO B 124 0.55 55.84 56.83
N PRO B 125 0.91 55.03 57.82
CA PRO B 125 2.01 55.42 58.72
C PRO B 125 3.32 55.56 57.96
N ALA B 126 4.25 56.27 58.57
CA ALA B 126 5.52 56.57 57.92
C ALA B 126 6.29 55.31 57.60
N GLY B 127 6.83 55.24 56.38
CA GLY B 127 7.59 54.11 55.90
C GLY B 127 6.86 53.27 54.86
N VAL B 128 5.53 53.26 54.90
CA VAL B 128 4.74 52.47 53.97
C VAL B 128 4.16 53.40 52.90
N THR B 129 3.84 52.82 51.75
CA THR B 129 3.34 53.60 50.62
C THR B 129 2.26 52.80 49.89
N VAL B 130 1.09 53.43 49.70
CA VAL B 130 0.00 52.83 48.95
C VAL B 130 0.10 53.31 47.51
N HIS B 131 0.30 52.38 46.57
CA HIS B 131 0.58 52.73 45.20
C HIS B 131 -0.66 52.82 44.31
N ASN B 132 -1.83 52.43 44.80
CA ASN B 132 -3.08 52.52 44.03
C ASN B 132 -4.15 53.23 44.85
N PRO B 133 -4.01 54.54 45.05
CA PRO B 133 -5.00 55.27 45.85
C PRO B 133 -6.40 55.27 45.23
N GLY B 134 -6.51 55.07 43.93
CA GLY B 134 -7.81 55.06 43.28
C GLY B 134 -8.53 53.73 43.28
N MET B 135 -8.00 52.73 43.98
CA MET B 135 -8.63 51.41 44.01
C MET B 135 -9.89 51.45 44.85
N HIS B 136 -11.00 51.02 44.27
CA HIS B 136 -12.25 50.94 45.00
C HIS B 136 -12.16 49.88 46.09
N ILE B 137 -12.71 50.19 47.27
CA ILE B 137 -12.70 49.30 48.41
C ILE B 137 -14.11 48.95 48.86
N ALA B 138 -14.96 49.95 49.04
CA ALA B 138 -16.32 49.72 49.51
C ALA B 138 -17.19 50.92 49.17
N THR B 139 -18.49 50.65 49.02
CA THR B 139 -19.50 51.68 48.86
C THR B 139 -20.20 51.89 50.20
N LEU B 140 -20.22 53.14 50.68
CA LEU B 140 -20.80 53.45 51.97
C LEU B 140 -22.29 53.79 51.80
N ASN B 141 -23.13 53.09 52.55
CA ASN B 141 -24.57 53.35 52.51
C ASN B 141 -24.88 54.69 53.17
N ASP B 142 -26.13 55.11 53.04
CA ASP B 142 -26.57 56.35 53.65
C ASP B 142 -26.39 56.29 55.17
N LYS B 143 -25.75 57.33 55.72
CA LYS B 143 -25.38 57.36 57.14
C LYS B 143 -24.51 56.15 57.51
N GLY B 144 -23.66 55.74 56.58
CA GLY B 144 -22.81 54.58 56.76
C GLY B 144 -21.43 54.94 57.25
N LYS B 145 -20.87 54.05 58.07
CA LYS B 145 -19.54 54.24 58.65
C LYS B 145 -18.79 52.92 58.56
N LEU B 146 -17.50 53.01 58.25
CA LEU B 146 -16.66 51.83 58.10
C LEU B 146 -15.32 52.07 58.78
N GLU B 147 -15.00 51.24 59.77
CA GLU B 147 -13.69 51.23 60.41
C GLU B 147 -13.06 49.86 60.19
N VAL B 148 -11.79 49.86 59.78
CA VAL B 148 -11.09 48.60 59.51
C VAL B 148 -9.60 48.82 59.73
N GLU B 149 -8.94 47.82 60.29
CA GLU B 149 -7.52 47.85 60.59
C GLU B 149 -6.80 46.86 59.69
N LEU B 150 -5.68 47.29 59.11
CA LEU B 150 -4.91 46.46 58.19
C LEU B 150 -3.52 46.19 58.77
N VAL B 151 -3.03 44.97 58.55
CA VAL B 151 -1.71 44.54 59.00
C VAL B 151 -0.85 44.28 57.77
N VAL B 152 0.25 45.01 57.65
CA VAL B 152 1.16 44.91 56.51
C VAL B 152 2.48 44.34 56.98
N GLU B 153 2.98 43.34 56.26
CA GLU B 153 4.24 42.70 56.58
C GLU B 153 5.06 42.50 55.31
N ARG B 154 6.36 42.32 55.49
CA ARG B 154 7.24 42.01 54.37
C ARG B 154 7.39 40.50 54.23
N GLY B 155 7.59 40.05 52.99
CA GLY B 155 7.77 38.64 52.74
C GLY B 155 8.03 38.41 51.26
N ARG B 156 8.08 37.13 50.90
CA ARG B 156 8.35 36.74 49.52
C ARG B 156 7.40 35.64 49.08
N GLY B 157 6.88 35.77 47.86
CA GLY B 157 6.02 34.76 47.28
C GLY B 157 4.58 34.86 47.70
N TYR B 158 3.94 33.71 47.90
CA TYR B 158 2.53 33.63 48.28
C TYR B 158 2.40 32.69 49.46
N VAL B 159 1.76 33.17 50.53
CA VAL B 159 1.54 32.39 51.75
C VAL B 159 0.05 32.34 52.01
N PRO B 160 -0.53 31.17 52.29
CA PRO B 160 -1.97 31.09 52.49
C PRO B 160 -2.41 31.80 53.77
N ALA B 161 -3.72 31.99 53.87
CA ALA B 161 -4.29 32.69 55.02
C ALA B 161 -4.23 31.84 56.28
N VAL B 162 -4.24 30.52 56.15
CA VAL B 162 -4.30 29.64 57.31
C VAL B 162 -3.06 29.80 58.18
N GLN B 163 -1.91 30.05 57.56
CA GLN B 163 -0.67 30.22 58.33
C GLN B 163 -0.62 31.56 59.05
N ASN B 164 -1.45 32.52 58.66
CA ASN B 164 -1.56 33.80 59.34
C ASN B 164 -2.58 33.76 60.47
N ARG B 165 -2.99 32.57 60.92
CA ARG B 165 -3.96 32.48 62.00
C ARG B 165 -3.42 33.03 63.31
N ALA B 166 -2.11 32.90 63.54
CA ALA B 166 -1.51 33.38 64.77
C ALA B 166 -1.35 34.90 64.80
N SER B 167 -1.29 35.54 63.64
CA SER B 167 -1.13 36.98 63.58
C SER B 167 -2.35 37.73 64.08
N GLY B 168 -3.52 37.09 64.06
CA GLY B 168 -4.75 37.76 64.46
C GLY B 168 -5.05 37.55 65.94
N ALA B 169 -5.42 38.64 66.61
CA ALA B 169 -5.81 38.57 68.01
C ALA B 169 -7.21 38.02 68.15
N GLU B 170 -7.48 37.38 69.28
CA GLU B 170 -8.78 36.78 69.53
C GLU B 170 -9.82 37.86 69.79
N ILE B 171 -10.13 38.65 68.76
CA ILE B 171 -11.13 39.72 68.87
C ILE B 171 -11.53 40.15 67.46
N GLY B 172 -12.24 39.27 66.75
CA GLY B 172 -12.77 39.63 65.44
C GLY B 172 -11.74 39.91 64.38
N ARG B 173 -10.52 39.40 64.53
CA ARG B 173 -9.49 39.56 63.52
C ARG B 173 -9.47 38.35 62.61
N ILE B 174 -9.36 38.60 61.30
CA ILE B 174 -9.41 37.55 60.28
C ILE B 174 -8.11 37.59 59.51
N PRO B 175 -7.47 36.45 59.27
CA PRO B 175 -6.27 36.42 58.42
C PRO B 175 -6.64 36.32 56.96
N VAL B 176 -5.75 36.82 56.10
CA VAL B 176 -5.97 36.86 54.67
C VAL B 176 -4.76 36.27 53.95
N ASP B 177 -4.99 35.87 52.70
CA ASP B 177 -3.89 35.46 51.83
C ASP B 177 -2.97 36.66 51.58
N SER B 178 -1.66 36.43 51.68
CA SER B 178 -0.67 37.49 51.56
C SER B 178 0.04 37.35 50.22
N ILE B 179 -0.23 38.28 49.31
CA ILE B 179 0.45 38.29 48.00
C ILE B 179 1.68 39.16 48.17
N TYR B 180 2.71 38.59 48.83
CA TYR B 180 3.94 39.32 49.06
C TYR B 180 4.66 39.65 47.75
N SER B 181 4.64 38.72 46.81
CA SER B 181 5.47 38.85 45.62
C SER B 181 5.01 40.04 44.78
N PRO B 182 5.95 40.86 44.27
CA PRO B 182 5.55 42.01 43.44
C PRO B 182 5.07 41.60 42.06
N VAL B 183 5.43 40.42 41.56
CA VAL B 183 4.99 39.96 40.26
C VAL B 183 3.71 39.13 40.43
N LEU B 184 2.85 39.19 39.42
CA LEU B 184 1.54 38.56 39.48
C LEU B 184 1.43 37.28 38.67
N LYS B 185 1.94 37.27 37.44
CA LYS B 185 1.80 36.12 36.55
C LYS B 185 2.99 36.05 35.63
N VAL B 186 3.69 34.92 35.64
CA VAL B 186 4.85 34.69 34.79
C VAL B 186 4.67 33.37 34.06
N THR B 187 4.82 33.40 32.73
CA THR B 187 4.80 32.20 31.90
C THR B 187 6.01 32.23 30.99
N TYR B 188 6.42 31.04 30.53
CA TYR B 188 7.59 30.94 29.68
C TYR B 188 7.39 29.82 28.66
N LYS B 189 7.99 30.00 27.49
CA LYS B 189 8.00 29.00 26.44
C LYS B 189 9.35 29.04 25.73
N VAL B 190 9.69 27.93 25.10
CA VAL B 190 10.98 27.77 24.42
C VAL B 190 10.73 27.44 22.96
N ASP B 191 11.31 28.24 22.08
CA ASP B 191 11.24 28.04 20.64
C ASP B 191 12.63 27.63 20.12
N ALA B 192 12.81 27.70 18.80
CA ALA B 192 14.06 27.30 18.16
C ALA B 192 14.57 28.45 17.30
N THR B 193 15.89 28.60 17.26
CA THR B 193 16.55 29.63 16.48
C THR B 193 17.88 29.09 15.98
N ARG B 194 18.15 29.30 14.69
CA ARG B 194 19.39 28.84 14.08
C ARG B 194 20.39 29.99 14.01
N VAL B 195 21.56 29.80 14.62
CA VAL B 195 22.60 30.82 14.59
C VAL B 195 23.38 30.75 13.29
N GLU B 196 23.73 29.54 12.85
CA GLU B 196 24.53 29.35 11.65
C GLU B 196 23.85 28.37 10.71
N GLN B 197 24.03 27.08 10.97
CA GLN B 197 23.42 26.02 10.18
C GLN B 197 22.53 25.10 10.99
N ARG B 198 22.89 24.82 12.23
CA ARG B 198 22.06 23.96 13.07
C ARG B 198 20.91 24.77 13.66
N THR B 199 19.76 24.11 13.78
CA THR B 199 18.54 24.73 14.29
C THR B 199 18.21 24.29 15.71
N ASP B 200 19.13 23.57 16.37
CA ASP B 200 18.86 23.05 17.71
C ASP B 200 18.90 24.12 18.80
N PHE B 201 19.52 25.27 18.54
CA PHE B 201 19.64 26.29 19.57
C PHE B 201 18.28 26.82 19.99
N ASP B 202 18.12 27.04 21.30
CA ASP B 202 16.85 27.42 21.87
C ASP B 202 16.72 28.93 21.97
N LYS B 203 15.47 29.38 21.98
CA LYS B 203 15.13 30.79 22.25
C LYS B 203 14.10 30.81 23.36
N LEU B 204 14.45 31.41 24.49
CA LEU B 204 13.56 31.47 25.63
C LEU B 204 12.76 32.76 25.63
N ILE B 205 11.46 32.64 25.90
CA ILE B 205 10.55 33.79 25.94
C ILE B 205 9.91 33.82 27.32
N LEU B 206 10.07 34.94 28.02
CA LEU B 206 9.50 35.15 29.34
C LEU B 206 8.45 36.25 29.28
N ASP B 207 7.25 35.95 29.79
CA ASP B 207 6.16 36.91 29.88
C ASP B 207 5.84 37.13 31.35
N VAL B 208 6.18 38.30 31.86
CA VAL B 208 6.00 38.63 33.27
C VAL B 208 5.03 39.79 33.38
N GLU B 209 3.96 39.60 34.16
CA GLU B 209 3.03 40.65 34.51
C GLU B 209 3.18 40.95 36.00
N THR B 210 3.50 42.20 36.33
CA THR B 210 3.83 42.58 37.69
C THR B 210 2.93 43.72 38.16
N LYS B 211 2.97 43.98 39.45
CA LYS B 211 2.27 45.12 40.03
C LYS B 211 3.06 46.40 39.75
N ASN B 212 2.46 47.54 40.09
CA ASN B 212 3.10 48.82 39.90
C ASN B 212 4.11 49.15 41.00
N SER B 213 4.44 48.18 41.86
CA SER B 213 5.49 48.40 42.85
C SER B 213 6.86 48.51 42.18
N ILE B 214 7.12 47.66 41.19
CA ILE B 214 8.36 47.69 40.41
C ILE B 214 8.03 47.30 38.97
N SER B 215 8.87 47.75 38.05
CA SER B 215 8.71 47.40 36.65
C SER B 215 9.21 45.99 36.39
N PRO B 216 8.80 45.37 35.29
CA PRO B 216 9.32 44.02 34.97
C PRO B 216 10.83 43.99 34.81
N ARG B 217 11.45 45.11 34.43
CA ARG B 217 12.90 45.15 34.29
C ARG B 217 13.58 44.84 35.62
N ASP B 218 13.19 45.57 36.68
CA ASP B 218 13.83 45.38 37.98
C ASP B 218 13.46 44.03 38.60
N ALA B 219 12.26 43.53 38.30
CA ALA B 219 11.88 42.20 38.80
C ALA B 219 12.77 41.13 38.23
N LEU B 220 13.08 41.21 36.93
CA LEU B 220 13.99 40.25 36.31
C LEU B 220 15.41 40.43 36.81
N ALA B 221 15.84 41.69 36.98
CA ALA B 221 17.18 41.94 37.50
C ALA B 221 17.33 41.44 38.93
N SER B 222 16.26 41.54 39.73
CA SER B 222 16.29 41.01 41.09
C SER B 222 16.42 39.49 41.07
N ALA B 223 15.66 38.82 40.21
CA ALA B 223 15.74 37.37 40.10
C ALA B 223 17.12 36.93 39.61
N GLY B 224 17.74 37.71 38.73
CA GLY B 224 19.06 37.35 38.25
C GLY B 224 20.12 37.48 39.33
N LYS B 225 20.04 38.52 40.15
CA LYS B 225 21.01 38.70 41.23
C LYS B 225 20.92 37.56 42.24
N THR B 226 19.70 37.21 42.64
CA THR B 226 19.53 36.14 43.63
C THR B 226 19.94 34.79 43.07
N LEU B 227 19.80 34.59 41.75
CA LEU B 227 20.17 33.32 41.15
C LEU B 227 21.67 33.19 40.96
N VAL B 228 22.34 34.28 40.58
CA VAL B 228 23.81 34.25 40.49
C VAL B 228 24.41 33.97 41.86
N GLU B 229 23.81 34.54 42.92
CA GLU B 229 24.24 34.22 44.27
C GLU B 229 23.95 32.76 44.62
N LEU B 230 22.80 32.25 44.17
CA LEU B 230 22.41 30.88 44.49
C LEU B 230 23.40 29.89 43.89
N PHE B 231 23.60 29.96 42.58
CA PHE B 231 24.59 29.11 41.95
C PHE B 231 26.02 29.55 42.25
N GLY B 232 26.19 30.75 42.81
CA GLY B 232 27.49 31.13 43.33
C GLY B 232 27.93 30.27 44.50
N LEU B 233 26.96 29.73 45.26
CA LEU B 233 27.30 28.79 46.31
C LEU B 233 27.98 27.55 45.77
N ALA B 234 27.59 27.10 44.58
CA ALA B 234 28.26 25.96 43.95
C ALA B 234 29.52 26.38 43.22
N ARG B 235 29.56 27.61 42.68
CA ARG B 235 30.74 28.06 41.94
C ARG B 235 31.95 28.19 42.87
N GLU B 236 31.72 28.60 44.11
CA GLU B 236 32.80 28.78 45.08
C GLU B 236 33.49 27.48 45.48
N LEU B 237 33.03 26.34 44.99
CA LEU B 237 33.58 25.07 45.45
C LEU B 237 34.98 24.83 44.92
N ASN B 238 35.25 25.20 43.67
CA ASN B 238 36.53 24.86 43.06
C ASN B 238 37.01 25.92 42.09
N VAL B 239 36.08 26.65 41.48
CA VAL B 239 36.39 27.64 40.43
C VAL B 239 37.15 26.93 39.31
N GLU B 240 36.50 25.95 38.67
CA GLU B 240 37.09 25.23 37.56
C GLU B 240 36.71 25.93 36.25
N ALA B 241 37.19 25.39 35.13
CA ALA B 241 36.96 26.01 33.83
C ALA B 241 35.63 25.57 33.24
N GLU B 242 35.08 26.42 32.38
CA GLU B 242 33.86 26.14 31.63
C GLU B 242 33.69 27.23 30.59
N GLY B 243 33.34 26.83 29.37
CA GLY B 243 33.28 27.79 28.27
C GLY B 243 32.20 28.83 28.49
N ILE B 244 32.50 30.06 28.11
CA ILE B 244 31.57 31.18 28.27
C ILE B 244 30.86 31.48 26.96
N SER C 28 14.54 -25.44 34.93
CA SER C 28 15.36 -24.92 33.84
C SER C 28 14.71 -25.22 32.49
N ASN C 29 15.11 -24.47 31.46
CA ASN C 29 14.56 -24.63 30.12
C ASN C 29 15.68 -25.03 29.16
N ASN C 30 15.45 -26.12 28.42
CA ASN C 30 16.34 -26.57 27.36
C ASN C 30 17.74 -26.88 27.88
N SER C 31 17.80 -27.84 28.80
CA SER C 31 19.07 -28.30 29.35
C SER C 31 19.58 -29.52 28.58
N VAL C 32 19.81 -29.30 27.30
CA VAL C 32 20.28 -30.37 26.41
C VAL C 32 21.53 -29.96 25.63
N PRO C 33 21.70 -28.69 25.16
CA PRO C 33 22.91 -28.40 24.37
C PRO C 33 24.04 -27.74 25.17
N GLY C 34 23.74 -27.32 26.40
CA GLY C 34 24.62 -26.47 27.15
C GLY C 34 24.34 -24.98 27.02
N ALA C 35 23.08 -24.61 26.85
CA ALA C 35 22.70 -23.22 26.61
C ALA C 35 22.62 -22.45 27.93
N PRO C 36 22.47 -21.13 27.88
CA PRO C 36 22.22 -20.37 29.11
C PRO C 36 20.95 -20.84 29.81
N ASN C 37 20.94 -20.72 31.12
CA ASN C 37 19.85 -21.21 31.96
C ASN C 37 18.74 -20.18 32.01
N ARG C 38 17.77 -20.32 31.11
CA ARG C 38 16.56 -19.53 31.16
C ARG C 38 15.51 -20.29 31.95
N VAL C 39 14.85 -19.61 32.89
CA VAL C 39 13.95 -20.24 33.83
C VAL C 39 12.52 -20.06 33.33
N SER C 40 11.81 -21.18 33.17
CA SER C 40 10.51 -21.18 32.52
C SER C 40 9.38 -21.21 33.55
N PHE C 41 8.29 -20.50 33.24
CA PHE C 41 7.07 -20.53 34.04
C PHE C 41 6.17 -21.68 33.57
N ALA C 42 6.73 -22.87 33.56
CA ALA C 42 6.12 -24.03 32.93
C ALA C 42 5.41 -24.89 33.97
N LYS C 43 4.10 -25.04 33.81
CA LYS C 43 3.32 -25.99 34.60
C LYS C 43 3.09 -27.30 33.86
N LEU C 44 3.30 -27.33 32.55
CA LEU C 44 3.09 -28.52 31.73
C LEU C 44 4.44 -29.03 31.23
N ARG C 45 4.69 -30.31 31.42
CA ARG C 45 5.92 -30.93 30.93
C ARG C 45 5.88 -31.07 29.42
N GLU C 46 7.06 -31.07 28.79
CA GLU C 46 7.17 -31.25 27.36
C GLU C 46 7.43 -32.72 27.06
N PRO C 47 6.44 -33.46 26.53
CA PRO C 47 6.68 -34.88 26.27
C PRO C 47 7.62 -35.14 25.10
N LEU C 48 7.50 -34.34 24.04
CA LEU C 48 8.31 -34.51 22.84
C LEU C 48 9.06 -33.21 22.55
N GLU C 49 10.36 -33.30 22.37
CA GLU C 49 11.16 -32.13 22.06
C GLU C 49 10.97 -31.72 20.61
N VAL C 50 11.13 -30.42 20.35
CA VAL C 50 10.94 -29.83 19.03
C VAL C 50 11.77 -30.58 17.99
N PRO C 51 11.19 -30.96 16.86
CA PRO C 51 11.96 -31.66 15.83
C PRO C 51 12.94 -30.73 15.14
N GLY C 52 13.64 -31.23 14.13
CA GLY C 52 14.50 -30.38 13.32
C GLY C 52 13.69 -29.40 12.51
N LEU C 53 13.81 -28.11 12.83
CA LEU C 53 13.04 -27.10 12.11
C LEU C 53 13.42 -26.99 10.64
N LEU C 54 14.54 -27.59 10.24
CA LEU C 54 14.98 -27.61 8.86
C LEU C 54 14.71 -28.96 8.18
N ASP C 55 13.92 -29.83 8.81
CA ASP C 55 13.71 -31.16 8.26
C ASP C 55 12.91 -31.14 6.96
N VAL C 56 12.00 -30.16 6.80
CA VAL C 56 11.16 -30.12 5.63
C VAL C 56 11.99 -29.96 4.36
N GLN C 57 12.99 -29.07 4.40
CA GLN C 57 13.87 -28.90 3.26
C GLN C 57 14.92 -30.01 3.19
N THR C 58 15.35 -30.53 4.34
CA THR C 58 16.42 -31.52 4.35
C THR C 58 15.93 -32.88 3.89
N ASP C 59 14.93 -33.44 4.58
CA ASP C 59 14.51 -34.81 4.32
C ASP C 59 14.02 -34.98 2.88
N SER C 60 13.36 -33.96 2.33
CA SER C 60 12.85 -34.06 0.97
C SER C 60 13.98 -34.20 -0.04
N PHE C 61 15.10 -33.50 0.20
CA PHE C 61 16.23 -33.57 -0.73
C PHE C 61 17.06 -34.83 -0.52
N GLU C 62 17.12 -35.34 0.71
CA GLU C 62 17.86 -36.56 0.97
C GLU C 62 17.21 -37.76 0.29
N TRP C 63 15.87 -37.79 0.26
CA TRP C 63 15.17 -38.83 -0.48
C TRP C 63 15.38 -38.69 -1.97
N LEU C 64 15.46 -37.46 -2.47
CA LEU C 64 15.59 -37.23 -3.91
C LEU C 64 16.90 -37.82 -4.44
N ILE C 65 18.00 -37.57 -3.75
CA ILE C 65 19.30 -38.06 -4.18
C ILE C 65 19.68 -39.37 -3.49
N GLY C 66 18.81 -39.92 -2.66
CA GLY C 66 19.04 -41.20 -2.03
C GLY C 66 20.27 -41.24 -1.13
N SER C 67 20.38 -40.27 -0.22
CA SER C 67 21.53 -40.22 0.67
C SER C 67 21.49 -41.39 1.65
N PRO C 68 22.64 -41.76 2.22
CA PRO C 68 22.66 -42.83 3.22
C PRO C 68 21.80 -42.54 4.44
N ARG C 69 21.67 -41.28 4.83
CA ARG C 69 20.81 -40.96 5.98
C ARG C 69 19.35 -41.27 5.69
N TRP C 70 18.88 -40.91 4.50
CA TRP C 70 17.49 -41.22 4.13
C TRP C 70 17.27 -42.73 4.04
N ARG C 71 18.24 -43.46 3.45
CA ARG C 71 18.09 -44.90 3.29
C ARG C 71 18.05 -45.60 4.65
N GLU C 72 18.92 -45.19 5.58
CA GLU C 72 18.88 -45.76 6.91
C GLU C 72 17.61 -45.37 7.65
N SER C 73 17.14 -44.13 7.44
CA SER C 73 15.87 -43.72 8.04
C SER C 73 14.72 -44.57 7.51
N ALA C 74 14.69 -44.81 6.20
CA ALA C 74 13.65 -45.67 5.64
C ALA C 74 13.85 -47.13 6.04
N ALA C 75 15.10 -47.53 6.32
CA ALA C 75 15.36 -48.90 6.72
C ALA C 75 14.71 -49.22 8.06
N GLU C 76 14.93 -48.36 9.06
CA GLU C 76 14.26 -48.53 10.34
C GLU C 76 12.78 -48.19 10.28
N ARG C 77 12.35 -47.48 9.23
CA ARG C 77 10.94 -47.17 9.03
C ARG C 77 10.13 -48.39 8.62
N GLY C 78 10.79 -49.52 8.34
CA GLY C 78 10.12 -50.72 7.89
C GLY C 78 10.12 -50.94 6.40
N ASP C 79 10.66 -50.00 5.63
CA ASP C 79 10.67 -50.12 4.18
C ASP C 79 11.50 -51.31 3.73
N VAL C 80 11.07 -51.92 2.64
CA VAL C 80 11.79 -53.02 2.01
C VAL C 80 12.14 -52.60 0.59
N ASN C 81 13.44 -52.57 0.28
CA ASN C 81 13.97 -52.07 -0.98
C ASN C 81 13.45 -50.66 -1.27
N PRO C 82 13.84 -49.66 -0.49
CA PRO C 82 13.39 -48.29 -0.77
C PRO C 82 14.11 -47.73 -1.99
N VAL C 83 13.46 -46.75 -2.62
CA VAL C 83 13.92 -46.19 -3.88
C VAL C 83 13.91 -44.67 -3.78
N GLY C 84 15.07 -44.06 -4.05
CA GLY C 84 15.16 -42.62 -4.06
C GLY C 84 14.44 -42.00 -5.25
N GLY C 85 14.29 -40.67 -5.17
CA GLY C 85 13.59 -39.96 -6.23
C GLY C 85 14.25 -40.11 -7.59
N LEU C 86 15.58 -40.07 -7.62
CA LEU C 86 16.29 -40.27 -8.89
C LEU C 86 16.17 -41.71 -9.36
N GLU C 87 16.36 -42.67 -8.46
CA GLU C 87 16.18 -44.07 -8.82
C GLU C 87 14.75 -44.34 -9.26
N GLU C 88 13.78 -43.62 -8.70
CA GLU C 88 12.39 -43.81 -9.10
C GLU C 88 12.15 -43.27 -10.51
N VAL C 89 12.82 -42.17 -10.87
CA VAL C 89 12.69 -41.63 -12.22
C VAL C 89 13.34 -42.57 -13.24
N LEU C 90 14.50 -43.12 -12.90
CA LEU C 90 15.19 -44.02 -13.83
C LEU C 90 14.43 -45.32 -14.03
N TYR C 91 13.76 -45.82 -12.99
CA TYR C 91 13.01 -47.07 -13.13
C TYR C 91 11.72 -46.85 -13.90
N GLU C 92 11.05 -45.72 -13.68
CA GLU C 92 9.86 -45.40 -14.46
C GLU C 92 10.18 -45.19 -15.93
N LEU C 93 11.36 -44.64 -16.23
CA LEU C 93 11.75 -44.42 -17.61
C LEU C 93 12.18 -45.71 -18.29
N SER C 94 12.99 -46.51 -17.61
CA SER C 94 13.52 -47.72 -18.21
C SER C 94 12.40 -48.75 -18.42
N PRO C 95 12.38 -49.44 -19.57
CA PRO C 95 13.33 -49.22 -20.67
C PRO C 95 12.75 -48.38 -21.80
N ILE C 96 13.60 -48.03 -22.77
CA ILE C 96 13.19 -47.28 -23.95
C ILE C 96 13.27 -48.23 -25.15
N GLU C 97 12.16 -48.40 -25.86
CA GLU C 97 12.08 -49.34 -26.96
C GLU C 97 11.35 -48.70 -28.14
N ASP C 98 11.71 -49.14 -29.34
CA ASP C 98 11.04 -48.68 -30.56
C ASP C 98 9.78 -49.50 -30.80
N PHE C 99 9.13 -49.28 -31.94
CA PHE C 99 7.91 -50.02 -32.26
C PHE C 99 8.15 -51.52 -32.37
N SER C 100 9.35 -51.90 -32.81
CA SER C 100 9.64 -53.32 -33.03
C SER C 100 10.07 -54.01 -31.73
N GLY C 101 10.91 -53.36 -30.95
CA GLY C 101 11.54 -53.98 -29.81
C GLY C 101 12.93 -54.52 -30.07
N SER C 102 13.52 -54.19 -31.22
CA SER C 102 14.86 -54.65 -31.54
C SER C 102 15.93 -53.84 -30.82
N MET C 103 15.61 -52.65 -30.34
CA MET C 103 16.55 -51.78 -29.66
C MET C 103 16.00 -51.42 -28.28
N SER C 104 16.88 -51.41 -27.28
CA SER C 104 16.48 -51.14 -25.91
C SER C 104 17.58 -50.37 -25.20
N LEU C 105 17.16 -49.41 -24.37
CA LEU C 105 18.06 -48.62 -23.55
C LEU C 105 17.54 -48.59 -22.12
N SER C 106 18.45 -48.68 -21.16
CA SER C 106 18.08 -48.75 -19.76
C SER C 106 19.08 -47.97 -18.93
N PHE C 107 18.62 -47.51 -17.76
CA PHE C 107 19.44 -46.74 -16.84
C PHE C 107 19.37 -47.35 -15.45
N SER C 108 20.45 -47.21 -14.69
CA SER C 108 20.52 -47.74 -13.34
C SER C 108 21.72 -47.14 -12.63
N ASP C 109 21.73 -47.28 -11.30
CA ASP C 109 22.81 -46.86 -10.42
C ASP C 109 23.15 -45.38 -10.60
N PRO C 110 22.31 -44.47 -10.10
CA PRO C 110 22.69 -43.04 -10.12
C PRO C 110 23.62 -42.72 -8.96
N ARG C 111 24.71 -42.01 -9.25
CA ARG C 111 25.68 -41.67 -8.24
C ARG C 111 26.26 -40.29 -8.53
N PHE C 112 26.81 -39.67 -7.48
CA PHE C 112 27.35 -38.33 -7.56
C PHE C 112 28.84 -38.34 -7.22
N ASP C 113 29.61 -37.57 -7.96
CA ASP C 113 30.98 -37.25 -7.56
C ASP C 113 30.94 -36.08 -6.58
N ASP C 114 32.11 -35.69 -6.08
CA ASP C 114 32.18 -34.60 -5.12
C ASP C 114 31.72 -33.29 -5.75
N VAL C 115 31.37 -32.34 -4.89
CA VAL C 115 30.83 -31.06 -5.35
C VAL C 115 31.89 -30.31 -6.15
N LYS C 116 31.43 -29.52 -7.12
CA LYS C 116 32.35 -28.84 -8.02
C LYS C 116 33.15 -27.76 -7.29
N ALA C 117 32.47 -26.90 -6.54
CA ALA C 117 33.11 -25.80 -5.84
C ALA C 117 32.44 -25.60 -4.50
N PRO C 118 33.18 -25.12 -3.49
CA PRO C 118 32.58 -24.89 -2.18
C PRO C 118 31.48 -23.84 -2.22
N VAL C 119 30.79 -23.70 -1.09
CA VAL C 119 29.62 -22.84 -1.01
C VAL C 119 30.00 -21.38 -1.21
N ASP C 120 31.01 -20.91 -0.47
CA ASP C 120 31.38 -19.50 -0.55
C ASP C 120 32.04 -19.15 -1.88
N GLU C 121 32.72 -20.10 -2.51
CA GLU C 121 33.30 -19.84 -3.82
C GLU C 121 32.21 -19.62 -4.86
N CYS C 122 31.08 -20.34 -4.74
CA CYS C 122 29.96 -20.11 -5.66
C CYS C 122 29.33 -18.75 -5.41
N LYS C 123 29.19 -18.35 -4.14
CA LYS C 123 28.66 -17.03 -3.83
C LYS C 123 29.57 -15.93 -4.38
N ASP C 124 30.89 -16.16 -4.36
CA ASP C 124 31.83 -15.14 -4.79
C ASP C 124 31.89 -15.04 -6.31
N LYS C 125 32.06 -16.17 -6.99
CA LYS C 125 32.21 -16.19 -8.44
C LYS C 125 30.88 -16.28 -9.18
N ASP C 126 29.76 -16.24 -8.47
CA ASP C 126 28.43 -16.20 -9.07
C ASP C 126 28.16 -17.42 -9.97
N MET C 127 28.54 -18.60 -9.48
CA MET C 127 28.23 -19.85 -10.14
C MET C 127 27.21 -20.64 -9.31
N THR C 128 26.93 -21.86 -9.73
CA THR C 128 25.89 -22.68 -9.12
C THR C 128 26.50 -23.83 -8.34
N TYR C 129 26.03 -24.03 -7.12
CA TYR C 129 26.46 -25.14 -6.28
C TYR C 129 25.88 -26.44 -6.84
N ALA C 130 26.74 -27.33 -7.34
CA ALA C 130 26.26 -28.52 -8.00
C ALA C 130 27.33 -29.61 -7.92
N ALA C 131 26.88 -30.85 -8.10
CA ALA C 131 27.74 -32.02 -8.14
C ALA C 131 27.41 -32.85 -9.39
N PRO C 132 28.43 -33.38 -10.07
CA PRO C 132 28.17 -34.14 -11.29
C PRO C 132 27.45 -35.45 -11.01
N LEU C 133 26.46 -35.75 -11.84
CA LEU C 133 25.62 -36.92 -11.68
C LEU C 133 26.01 -37.99 -12.71
N PHE C 134 26.40 -39.16 -12.22
CA PHE C 134 26.75 -40.30 -13.06
C PHE C 134 25.67 -41.36 -12.98
N VAL C 135 25.37 -41.98 -14.12
CA VAL C 135 24.46 -43.11 -14.20
C VAL C 135 25.11 -44.19 -15.05
N THR C 136 24.54 -45.39 -14.99
CA THR C 136 25.01 -46.52 -15.77
C THR C 136 23.93 -46.86 -16.81
N ALA C 137 24.27 -46.65 -18.09
CA ALA C 137 23.35 -46.91 -19.18
C ALA C 137 23.91 -48.01 -20.08
N GLU C 138 23.02 -48.77 -20.70
CA GLU C 138 23.41 -49.88 -21.55
C GLU C 138 22.39 -50.06 -22.66
N PHE C 139 22.87 -50.51 -23.81
CA PHE C 139 22.02 -50.75 -24.98
C PHE C 139 21.80 -52.25 -25.13
N ILE C 140 20.53 -52.66 -25.10
CA ILE C 140 20.15 -54.07 -25.26
C ILE C 140 19.62 -54.25 -26.67
N ASN C 141 20.26 -55.13 -27.44
CA ASN C 141 19.89 -55.39 -28.83
C ASN C 141 19.35 -56.82 -28.93
N ASN C 142 18.05 -56.94 -29.21
CA ASN C 142 17.43 -58.25 -29.30
C ASN C 142 17.80 -58.97 -30.59
N ASN C 143 18.09 -58.22 -31.66
CA ASN C 143 18.37 -58.81 -32.95
C ASN C 143 19.84 -59.17 -33.16
N THR C 144 20.73 -58.79 -32.24
CA THR C 144 22.13 -59.17 -32.33
C THR C 144 22.65 -59.90 -31.10
N GLY C 145 21.93 -59.89 -29.99
CA GLY C 145 22.33 -60.64 -28.81
C GLY C 145 23.62 -60.20 -28.15
N GLU C 146 23.84 -58.90 -28.01
CA GLU C 146 25.03 -58.38 -27.34
C GLU C 146 24.71 -57.01 -26.78
N ILE C 147 25.35 -56.68 -25.66
CA ILE C 147 25.04 -55.48 -24.89
C ILE C 147 26.34 -54.75 -24.55
N LYS C 148 26.31 -53.42 -24.67
CA LYS C 148 27.43 -52.57 -24.29
C LYS C 148 26.97 -51.67 -23.15
N SER C 149 27.56 -51.85 -21.98
CA SER C 149 27.21 -51.09 -20.79
C SER C 149 28.38 -50.19 -20.39
N GLN C 150 28.05 -48.99 -19.92
CA GLN C 150 29.07 -48.03 -19.52
C GLN C 150 28.44 -46.99 -18.60
N THR C 151 29.28 -46.06 -18.13
CA THR C 151 28.84 -44.97 -17.26
C THR C 151 28.65 -43.71 -18.10
N VAL C 152 27.50 -43.06 -17.96
CA VAL C 152 27.16 -41.87 -18.72
C VAL C 152 26.93 -40.72 -17.76
N PHE C 153 27.68 -39.63 -17.95
CA PHE C 153 27.48 -38.42 -17.17
C PHE C 153 26.20 -37.73 -17.61
N MET C 154 25.32 -37.44 -16.66
CA MET C 154 24.02 -36.85 -16.97
C MET C 154 24.04 -35.33 -16.92
N GLY C 155 24.60 -34.75 -15.85
CA GLY C 155 24.65 -33.31 -15.74
C GLY C 155 25.05 -32.82 -14.36
N ASP C 156 25.49 -31.57 -14.28
CA ASP C 156 25.80 -30.95 -13.00
C ASP C 156 24.50 -30.71 -12.24
N PHE C 157 24.31 -31.44 -11.13
CA PHE C 157 23.04 -31.46 -10.43
C PHE C 157 23.08 -30.47 -9.26
N PRO C 158 22.18 -29.49 -9.22
CA PRO C 158 22.20 -28.52 -8.11
C PRO C 158 22.04 -29.20 -6.76
N MET C 159 22.94 -28.86 -5.83
CA MET C 159 22.98 -29.47 -4.52
C MET C 159 22.46 -28.49 -3.46
N MET C 160 21.79 -29.05 -2.44
CA MET C 160 21.27 -28.27 -1.35
C MET C 160 22.31 -28.15 -0.25
N THR C 161 22.52 -26.93 0.23
CA THR C 161 23.47 -26.70 1.31
C THR C 161 22.95 -27.31 2.62
N GLU C 162 23.84 -27.36 3.61
CA GLU C 162 23.43 -27.85 4.93
C GLU C 162 22.38 -26.97 5.57
N LYS C 163 22.35 -25.68 5.22
CA LYS C 163 21.35 -24.75 5.74
C LYS C 163 20.00 -24.90 5.03
N GLY C 164 19.85 -25.88 4.16
CA GLY C 164 18.58 -26.10 3.48
C GLY C 164 18.34 -25.21 2.27
N THR C 165 19.39 -24.59 1.74
CA THR C 165 19.25 -23.68 0.61
C THR C 165 20.06 -24.18 -0.58
N PHE C 166 19.70 -23.65 -1.76
CA PHE C 166 20.49 -23.84 -2.97
C PHE C 166 21.18 -22.53 -3.32
N ILE C 167 22.18 -22.61 -4.19
CA ILE C 167 22.92 -21.45 -4.66
C ILE C 167 22.88 -21.46 -6.18
N ILE C 168 22.09 -20.56 -6.76
CA ILE C 168 21.96 -20.42 -8.20
C ILE C 168 22.62 -19.12 -8.59
N ASN C 169 23.73 -19.22 -9.34
CA ASN C 169 24.46 -18.06 -9.84
C ASN C 169 24.91 -17.14 -8.70
N GLY C 170 25.31 -17.75 -7.58
CA GLY C 170 25.86 -16.99 -6.48
C GLY C 170 24.86 -16.33 -5.56
N THR C 171 23.60 -16.75 -5.59
CA THR C 171 22.56 -16.21 -4.74
C THR C 171 21.82 -17.35 -4.03
N GLU C 172 21.76 -17.28 -2.71
CA GLU C 172 21.06 -18.31 -1.95
C GLU C 172 19.56 -18.23 -2.19
N ARG C 173 18.99 -19.36 -2.63
CA ARG C 173 17.57 -19.45 -2.91
C ARG C 173 16.94 -20.54 -2.05
N VAL C 174 15.63 -20.49 -1.90
CA VAL C 174 14.88 -21.44 -1.07
C VAL C 174 13.73 -22.00 -1.90
N VAL C 175 13.68 -23.32 -2.01
CA VAL C 175 12.56 -23.99 -2.66
C VAL C 175 11.42 -24.12 -1.64
N VAL C 176 10.31 -23.45 -1.91
CA VAL C 176 9.20 -23.38 -0.96
C VAL C 176 8.27 -24.55 -1.19
N SER C 177 7.86 -25.20 -0.10
CA SER C 177 6.89 -26.29 -0.20
C SER C 177 5.54 -25.76 -0.66
N GLN C 178 4.90 -26.50 -1.57
CA GLN C 178 3.69 -26.06 -2.23
C GLN C 178 2.49 -26.87 -1.78
N LEU C 179 1.39 -26.17 -1.50
CA LEU C 179 0.12 -26.80 -1.18
C LEU C 179 -0.69 -26.97 -2.46
N VAL C 180 -0.95 -28.21 -2.84
CA VAL C 180 -1.69 -28.52 -4.06
C VAL C 180 -2.85 -29.45 -3.72
N ARG C 181 -3.79 -29.53 -4.66
CA ARG C 181 -4.93 -30.42 -4.51
C ARG C 181 -4.46 -31.87 -4.71
N SER C 182 -4.67 -32.70 -3.70
CA SER C 182 -4.18 -34.08 -3.75
C SER C 182 -4.89 -34.86 -4.85
N PRO C 183 -4.20 -35.79 -5.49
CA PRO C 183 -4.86 -36.64 -6.49
C PRO C 183 -5.92 -37.52 -5.84
N GLY C 184 -6.99 -37.76 -6.57
CA GLY C 184 -8.07 -38.60 -6.10
C GLY C 184 -9.38 -38.19 -6.75
N VAL C 185 -10.46 -38.75 -6.22
CA VAL C 185 -11.81 -38.49 -6.70
C VAL C 185 -12.55 -37.66 -5.65
N TYR C 186 -13.09 -36.53 -6.07
CA TYR C 186 -13.68 -35.57 -5.15
C TYR C 186 -15.09 -35.22 -5.60
N PHE C 187 -15.98 -35.02 -4.62
CA PHE C 187 -17.40 -34.77 -4.87
C PHE C 187 -17.80 -33.42 -4.30
N ASP C 188 -18.73 -32.76 -4.98
CA ASP C 188 -19.15 -31.41 -4.63
C ASP C 188 -20.67 -31.31 -4.66
N GLU C 189 -21.23 -30.58 -3.70
CA GLU C 189 -22.66 -30.32 -3.61
C GLU C 189 -22.89 -28.85 -3.92
N THR C 190 -23.16 -28.56 -5.19
CA THR C 190 -23.41 -27.19 -5.64
C THR C 190 -24.91 -26.94 -5.71
N ILE C 191 -25.28 -25.66 -5.62
CA ILE C 191 -26.67 -25.22 -5.69
C ILE C 191 -26.85 -24.46 -7.01
N ASP C 192 -27.84 -24.86 -7.79
CA ASP C 192 -28.07 -24.27 -9.09
C ASP C 192 -28.59 -22.83 -8.94
N LYS C 193 -28.33 -22.02 -9.97
CA LYS C 193 -28.69 -20.61 -9.96
C LYS C 193 -30.15 -20.36 -10.36
N SER C 194 -30.63 -21.01 -11.43
CA SER C 194 -31.94 -20.70 -11.99
C SER C 194 -33.06 -21.56 -11.41
N THR C 195 -32.81 -22.85 -11.18
CA THR C 195 -33.85 -23.76 -10.71
C THR C 195 -33.82 -24.00 -9.21
N ASP C 196 -32.77 -23.57 -8.52
CA ASP C 196 -32.68 -23.64 -7.06
C ASP C 196 -32.78 -25.07 -6.54
N LYS C 197 -32.21 -26.01 -7.29
CA LYS C 197 -32.14 -27.40 -6.87
C LYS C 197 -30.70 -27.78 -6.58
N THR C 198 -30.53 -28.73 -5.66
CA THR C 198 -29.20 -29.14 -5.22
C THR C 198 -28.58 -30.06 -6.27
N LEU C 199 -27.51 -29.60 -6.90
CA LEU C 199 -26.79 -30.39 -7.90
C LEU C 199 -25.54 -31.02 -7.26
N HIS C 200 -24.94 -31.96 -7.99
CA HIS C 200 -23.75 -32.65 -7.52
C HIS C 200 -22.81 -32.86 -8.70
N SER C 201 -21.52 -32.84 -8.40
CA SER C 201 -20.48 -32.97 -9.43
C SER C 201 -19.31 -33.77 -8.87
N VAL C 202 -18.57 -34.42 -9.77
CA VAL C 202 -17.43 -35.25 -9.42
C VAL C 202 -16.23 -34.80 -10.24
N LYS C 203 -15.05 -34.89 -9.63
CA LYS C 203 -13.80 -34.60 -10.30
C LYS C 203 -12.80 -35.71 -10.01
N VAL C 204 -12.19 -36.25 -11.06
CA VAL C 204 -11.15 -37.27 -10.94
C VAL C 204 -9.84 -36.61 -11.36
N ILE C 205 -9.05 -36.20 -10.37
CA ILE C 205 -7.83 -35.44 -10.60
C ILE C 205 -6.65 -36.40 -10.54
N PRO C 206 -6.00 -36.72 -11.66
CA PRO C 206 -4.85 -37.63 -11.62
C PRO C 206 -3.58 -36.89 -11.24
N SER C 207 -2.59 -37.67 -10.83
CA SER C 207 -1.26 -37.13 -10.60
C SER C 207 -0.60 -36.66 -11.90
N ARG C 208 -1.07 -37.16 -13.05
CA ARG C 208 -0.59 -36.72 -14.35
C ARG C 208 -1.57 -37.24 -15.40
N GLY C 209 -1.74 -36.48 -16.48
CA GLY C 209 -2.56 -36.95 -17.58
C GLY C 209 -3.82 -36.14 -17.84
N ALA C 210 -4.80 -36.75 -18.51
CA ALA C 210 -6.04 -36.05 -18.83
C ALA C 210 -7.01 -36.11 -17.66
N TRP C 211 -7.91 -35.14 -17.61
CA TRP C 211 -8.89 -35.04 -16.54
C TRP C 211 -10.24 -35.59 -16.98
N LEU C 212 -11.09 -35.88 -16.00
CA LEU C 212 -12.37 -36.53 -16.23
C LEU C 212 -13.32 -36.12 -15.12
N GLU C 213 -14.39 -35.41 -15.48
CA GLU C 213 -15.34 -34.89 -14.50
C GLU C 213 -16.76 -35.25 -14.92
N PHE C 214 -17.45 -35.99 -14.05
CA PHE C 214 -18.86 -36.29 -14.21
C PHE C 214 -19.69 -35.27 -13.43
N ASP C 215 -20.95 -35.11 -13.84
CA ASP C 215 -21.81 -34.13 -13.19
C ASP C 215 -23.27 -34.47 -13.48
N VAL C 216 -24.14 -34.02 -12.59
CA VAL C 216 -25.59 -34.09 -12.77
C VAL C 216 -26.09 -32.66 -12.89
N ASP C 217 -26.58 -32.30 -14.07
CA ASP C 217 -27.06 -30.95 -14.33
C ASP C 217 -28.43 -30.76 -13.68
N LYS C 218 -29.10 -29.66 -14.02
CA LYS C 218 -30.40 -29.34 -13.42
C LYS C 218 -31.56 -30.03 -14.13
N ARG C 219 -31.30 -30.81 -15.17
CA ARG C 219 -32.34 -31.54 -15.90
C ARG C 219 -32.41 -33.01 -15.51
N ASP C 220 -31.82 -33.37 -14.36
CA ASP C 220 -31.84 -34.75 -13.86
C ASP C 220 -31.25 -35.72 -14.88
N THR C 221 -30.17 -35.30 -15.54
CA THR C 221 -29.41 -36.13 -16.46
C THR C 221 -27.95 -36.12 -16.05
N VAL C 222 -27.24 -37.20 -16.40
CA VAL C 222 -25.85 -37.39 -16.02
C VAL C 222 -24.99 -37.28 -17.26
N GLY C 223 -23.89 -36.52 -17.16
CA GLY C 223 -22.97 -36.33 -18.24
C GLY C 223 -21.54 -36.41 -17.76
N VAL C 224 -20.61 -36.18 -18.68
CA VAL C 224 -19.18 -36.28 -18.38
C VAL C 224 -18.40 -35.39 -19.36
N ARG C 225 -17.56 -34.52 -18.81
CA ARG C 225 -16.61 -33.75 -19.60
C ARG C 225 -15.26 -34.45 -19.57
N ILE C 226 -14.72 -34.75 -20.75
CA ILE C 226 -13.46 -35.46 -20.88
C ILE C 226 -12.40 -34.48 -21.35
N ASP C 227 -11.48 -34.11 -20.45
CA ASP C 227 -10.36 -33.24 -20.79
C ASP C 227 -10.85 -31.87 -21.28
N ARG C 228 -11.75 -31.27 -20.49
CA ARG C 228 -12.29 -29.93 -20.75
C ARG C 228 -13.21 -29.91 -21.98
N LYS C 229 -13.22 -30.99 -22.76
CA LYS C 229 -13.97 -31.03 -24.00
C LYS C 229 -15.47 -31.03 -23.73
N ARG C 230 -16.26 -31.21 -24.79
CA ARG C 230 -17.70 -31.13 -24.70
C ARG C 230 -18.26 -32.19 -23.75
N ARG C 231 -19.37 -31.86 -23.11
CA ARG C 231 -20.00 -32.74 -22.12
C ARG C 231 -20.90 -33.73 -22.84
N GLN C 232 -20.45 -34.98 -22.91
CA GLN C 232 -21.18 -36.09 -23.50
C GLN C 232 -22.10 -36.73 -22.46
N PRO C 233 -23.20 -37.35 -22.88
CA PRO C 233 -24.01 -38.13 -21.95
C PRO C 233 -23.18 -39.25 -21.32
N VAL C 234 -23.47 -39.55 -20.06
CA VAL C 234 -22.65 -40.49 -19.31
C VAL C 234 -22.71 -41.90 -19.89
N THR C 235 -23.77 -42.21 -20.65
CA THR C 235 -23.87 -43.53 -21.26
C THR C 235 -23.08 -43.62 -22.56
N VAL C 236 -22.75 -42.50 -23.19
CA VAL C 236 -21.86 -42.51 -24.35
C VAL C 236 -20.50 -43.08 -23.96
N LEU C 237 -20.02 -42.74 -22.77
CA LEU C 237 -18.75 -43.29 -22.30
C LEU C 237 -18.89 -44.77 -21.96
N LEU C 238 -20.02 -45.16 -21.36
CA LEU C 238 -20.24 -46.55 -20.99
C LEU C 238 -20.33 -47.44 -22.24
N LYS C 239 -20.96 -46.94 -23.30
CA LYS C 239 -21.07 -47.73 -24.52
C LYS C 239 -19.74 -47.84 -25.25
N ALA C 240 -18.88 -46.83 -25.12
CA ALA C 240 -17.58 -46.88 -25.81
C ALA C 240 -16.62 -47.86 -25.16
N LEU C 241 -16.81 -48.19 -23.88
CA LEU C 241 -15.93 -49.11 -23.17
C LEU C 241 -16.30 -50.57 -23.39
N GLY C 242 -17.38 -50.85 -24.10
CA GLY C 242 -17.82 -52.22 -24.32
C GLY C 242 -18.92 -52.71 -23.42
N TRP C 243 -19.65 -51.82 -22.75
CA TRP C 243 -20.76 -52.20 -21.90
C TRP C 243 -22.06 -52.16 -22.71
N THR C 244 -22.81 -53.26 -22.66
CA THR C 244 -24.06 -53.35 -23.39
C THR C 244 -25.13 -52.44 -22.76
N SER C 245 -26.13 -52.10 -23.56
CA SER C 245 -27.22 -51.26 -23.07
C SER C 245 -28.08 -51.96 -22.04
N GLU C 246 -28.01 -53.28 -21.95
CA GLU C 246 -28.77 -54.02 -20.95
C GLU C 246 -28.06 -53.99 -19.59
N GLN C 247 -26.75 -54.22 -19.59
CA GLN C 247 -25.99 -54.20 -18.35
C GLN C 247 -25.97 -52.82 -17.71
N ILE C 248 -26.20 -51.76 -18.49
CA ILE C 248 -26.29 -50.42 -17.92
C ILE C 248 -27.58 -50.27 -17.11
N VAL C 249 -28.70 -50.75 -17.65
CA VAL C 249 -29.95 -50.73 -16.91
C VAL C 249 -29.86 -51.61 -15.68
N GLU C 250 -29.06 -52.68 -15.75
CA GLU C 250 -28.92 -53.58 -14.62
C GLU C 250 -28.18 -52.91 -13.45
N ARG C 251 -27.21 -52.05 -13.75
CA ARG C 251 -26.38 -51.44 -12.73
C ARG C 251 -26.99 -50.16 -12.15
N PHE C 252 -27.61 -49.33 -13.00
CA PHE C 252 -28.11 -48.03 -12.58
C PHE C 252 -29.63 -47.97 -12.58
N GLY C 253 -30.29 -49.11 -12.32
CA GLY C 253 -31.74 -49.17 -12.39
C GLY C 253 -32.46 -48.60 -11.18
N PHE C 254 -31.80 -48.52 -10.03
CA PHE C 254 -32.46 -48.06 -8.81
C PHE C 254 -32.73 -46.56 -8.81
N SER C 255 -32.21 -45.82 -9.78
CA SER C 255 -32.44 -44.39 -9.87
C SER C 255 -33.15 -44.06 -11.17
N GLU C 256 -34.11 -43.13 -11.11
CA GLU C 256 -34.82 -42.71 -12.30
C GLU C 256 -34.04 -41.70 -13.12
N ILE C 257 -33.02 -41.07 -12.53
CA ILE C 257 -32.23 -40.09 -13.27
C ILE C 257 -31.26 -40.75 -14.24
N MET C 258 -30.92 -42.02 -14.03
CA MET C 258 -30.09 -42.77 -14.98
C MET C 258 -30.93 -43.42 -16.07
N ARG C 259 -32.16 -43.83 -15.74
CA ARG C 259 -33.07 -44.30 -16.78
C ARG C 259 -33.37 -43.20 -17.79
N SER C 260 -33.51 -41.96 -17.30
CA SER C 260 -33.70 -40.82 -18.20
C SER C 260 -32.45 -40.48 -18.99
N THR C 261 -31.28 -40.95 -18.55
CA THR C 261 -30.04 -40.67 -19.26
C THR C 261 -29.86 -41.60 -20.44
N LEU C 262 -30.04 -42.91 -20.24
CA LEU C 262 -29.95 -43.85 -21.34
C LEU C 262 -31.08 -43.68 -22.34
N GLU C 263 -32.22 -43.11 -21.91
CA GLU C 263 -33.33 -42.88 -22.83
C GLU C 263 -33.08 -41.63 -23.67
N LYS C 264 -32.75 -40.51 -23.02
CA LYS C 264 -32.45 -39.28 -23.74
C LYS C 264 -31.16 -39.37 -24.55
N ASP C 265 -30.42 -40.46 -24.43
CA ASP C 265 -29.18 -40.63 -25.19
C ASP C 265 -29.46 -40.57 -26.69
N ASN C 266 -28.48 -40.05 -27.42
CA ASN C 266 -28.63 -39.84 -28.86
C ASN C 266 -28.24 -41.09 -29.66
N THR C 267 -27.01 -41.56 -29.49
CA THR C 267 -26.47 -42.66 -30.27
C THR C 267 -26.29 -43.90 -29.39
N VAL C 268 -26.40 -45.07 -30.03
CA VAL C 268 -26.24 -46.35 -29.35
C VAL C 268 -25.32 -47.23 -30.19
N GLY C 269 -24.52 -48.04 -29.51
CA GLY C 269 -23.58 -48.92 -30.20
C GLY C 269 -22.18 -48.81 -29.63
N THR C 270 -21.51 -49.97 -29.47
CA THR C 270 -20.15 -49.97 -28.93
C THR C 270 -19.18 -49.28 -29.87
N ASP C 271 -19.32 -49.51 -31.17
CA ASP C 271 -18.46 -48.89 -32.18
C ASP C 271 -19.00 -47.54 -32.64
N GLU C 272 -20.09 -47.05 -32.04
CA GLU C 272 -20.68 -45.77 -32.39
C GLU C 272 -20.32 -44.66 -31.42
N ALA C 273 -20.54 -44.88 -30.13
CA ALA C 273 -20.15 -43.89 -29.13
C ALA C 273 -18.63 -43.79 -29.00
N LEU C 274 -17.90 -44.82 -29.42
CA LEU C 274 -16.43 -44.74 -29.43
C LEU C 274 -15.95 -43.75 -30.47
N LEU C 275 -16.62 -43.68 -31.62
CA LEU C 275 -16.30 -42.66 -32.61
C LEU C 275 -16.89 -41.30 -32.24
N ASP C 276 -18.01 -41.29 -31.52
CA ASP C 276 -18.55 -40.03 -31.01
C ASP C 276 -17.56 -39.36 -30.07
N ILE C 277 -16.86 -40.14 -29.25
CA ILE C 277 -15.83 -39.58 -28.37
C ILE C 277 -14.62 -39.14 -29.19
N TYR C 278 -14.28 -39.88 -30.24
CA TYR C 278 -13.11 -39.55 -31.04
C TYR C 278 -13.28 -38.20 -31.74
N ARG C 279 -14.48 -37.92 -32.26
CA ARG C 279 -14.68 -36.70 -33.03
C ARG C 279 -14.85 -35.47 -32.15
N LYS C 280 -15.11 -35.64 -30.86
CA LYS C 280 -15.15 -34.51 -29.94
C LYS C 280 -13.84 -34.28 -29.22
N LEU C 281 -12.99 -35.31 -29.13
CA LEU C 281 -11.72 -35.22 -28.43
C LEU C 281 -10.60 -34.80 -29.38
N ARG C 282 -10.51 -35.43 -30.54
CA ARG C 282 -9.48 -35.14 -31.54
C ARG C 282 -10.17 -34.80 -32.86
N PRO C 283 -10.71 -33.59 -32.97
CA PRO C 283 -11.43 -33.21 -34.20
C PRO C 283 -10.48 -33.04 -35.38
N GLY C 284 -11.03 -33.15 -36.58
CA GLY C 284 -10.27 -32.98 -37.80
C GLY C 284 -9.54 -34.22 -38.28
N GLU C 285 -9.76 -35.37 -37.65
CA GLU C 285 -9.06 -36.60 -38.02
C GLU C 285 -10.07 -37.67 -38.42
N PRO C 286 -9.68 -38.58 -39.32
CA PRO C 286 -10.58 -39.66 -39.70
C PRO C 286 -10.82 -40.60 -38.53
N PRO C 287 -12.07 -40.90 -38.21
CA PRO C 287 -12.36 -41.74 -37.05
C PRO C 287 -12.42 -43.22 -37.39
N THR C 288 -11.41 -43.96 -36.94
CA THR C 288 -11.36 -45.41 -37.09
C THR C 288 -11.72 -46.06 -35.76
N LYS C 289 -12.41 -47.21 -35.83
CA LYS C 289 -12.80 -47.93 -34.63
C LYS C 289 -11.60 -48.27 -33.75
N GLU C 290 -10.42 -48.40 -34.35
CA GLU C 290 -9.22 -48.76 -33.59
C GLU C 290 -8.31 -47.58 -33.30
N SER C 291 -8.49 -46.44 -33.97
CA SER C 291 -7.78 -45.23 -33.59
C SER C 291 -8.39 -44.59 -32.35
N ALA C 292 -9.68 -44.82 -32.09
CA ALA C 292 -10.30 -44.45 -30.83
C ALA C 292 -10.16 -45.53 -29.77
N GLN C 293 -10.16 -46.80 -30.19
CA GLN C 293 -9.85 -47.89 -29.27
C GLN C 293 -8.42 -47.79 -28.74
N THR C 294 -7.54 -47.11 -29.46
CA THR C 294 -6.15 -46.97 -29.02
C THR C 294 -6.00 -45.84 -28.02
N LEU C 295 -6.62 -44.68 -28.28
CA LEU C 295 -6.42 -43.53 -27.39
C LEU C 295 -7.26 -43.64 -26.13
N LEU C 296 -8.47 -44.18 -26.23
CA LEU C 296 -9.29 -44.37 -25.03
C LEU C 296 -8.69 -45.40 -24.08
N GLU C 297 -7.69 -46.16 -24.53
CA GLU C 297 -6.91 -47.01 -23.63
C GLU C 297 -5.64 -46.31 -23.16
N ASN C 298 -5.02 -45.50 -24.03
CA ASN C 298 -3.77 -44.84 -23.67
C ASN C 298 -3.99 -43.62 -22.78
N LEU C 299 -5.12 -42.93 -22.94
CA LEU C 299 -5.37 -41.71 -22.18
C LEU C 299 -5.81 -41.97 -20.74
N PHE C 300 -6.26 -43.18 -20.42
CA PHE C 300 -6.79 -43.45 -19.09
C PHE C 300 -6.35 -44.76 -18.48
N PHE C 301 -5.77 -45.69 -19.23
CA PHE C 301 -5.46 -47.02 -18.70
C PHE C 301 -4.05 -47.51 -19.02
N LYS C 302 -3.29 -46.81 -19.86
CA LYS C 302 -1.88 -47.11 -20.08
C LYS C 302 -1.03 -46.15 -19.27
N GLU C 303 0.04 -46.67 -18.67
CA GLU C 303 0.86 -45.89 -17.73
C GLU C 303 1.68 -44.83 -18.47
N LYS C 304 1.53 -44.76 -19.79
CA LYS C 304 2.27 -43.79 -20.57
C LYS C 304 1.71 -42.39 -20.41
N ARG C 305 0.41 -42.22 -20.67
CA ARG C 305 -0.22 -40.91 -20.68
C ARG C 305 -1.19 -40.72 -19.50
N TYR C 306 -1.13 -41.59 -18.50
CA TYR C 306 -1.99 -41.45 -17.34
C TYR C 306 -1.35 -42.18 -16.16
N ASP C 307 -1.47 -41.59 -14.98
CA ASP C 307 -0.87 -42.17 -13.78
C ASP C 307 -1.45 -41.55 -12.51
N LEU C 308 -2.04 -42.38 -11.66
CA LEU C 308 -2.35 -41.99 -10.30
C LEU C 308 -1.19 -42.42 -9.41
N ALA C 309 -0.64 -41.47 -8.65
CA ALA C 309 0.47 -41.79 -7.77
C ALA C 309 0.02 -42.79 -6.71
N ARG C 310 1.00 -43.31 -5.97
CA ARG C 310 0.69 -44.22 -4.87
C ARG C 310 -0.26 -43.58 -3.87
N VAL C 311 -0.20 -42.26 -3.71
CA VAL C 311 -1.15 -41.55 -2.86
C VAL C 311 -2.46 -41.33 -3.60
N GLY C 312 -2.40 -41.09 -4.92
CA GLY C 312 -3.62 -40.92 -5.68
C GLY C 312 -4.41 -42.22 -5.80
N ARG C 313 -3.71 -43.34 -5.99
CA ARG C 313 -4.39 -44.63 -6.00
C ARG C 313 -4.97 -44.95 -4.63
N TYR C 314 -4.22 -44.65 -3.56
CA TYR C 314 -4.69 -44.93 -2.22
C TYR C 314 -5.87 -44.05 -1.84
N LYS C 315 -5.87 -42.80 -2.30
CA LYS C 315 -6.99 -41.90 -1.99
C LYS C 315 -8.25 -42.33 -2.72
N VAL C 316 -8.12 -42.99 -3.87
CA VAL C 316 -9.28 -43.50 -4.58
C VAL C 316 -9.78 -44.80 -3.94
N ASN C 317 -8.85 -45.67 -3.54
CA ASN C 317 -9.23 -46.93 -2.92
C ASN C 317 -9.87 -46.74 -1.55
N LYS C 318 -9.73 -45.57 -0.94
CA LYS C 318 -10.44 -45.25 0.29
C LYS C 318 -11.73 -44.51 0.03
N LYS C 319 -11.74 -43.58 -0.93
CA LYS C 319 -12.94 -42.80 -1.19
C LYS C 319 -14.06 -43.65 -1.77
N LEU C 320 -13.71 -44.63 -2.61
CA LEU C 320 -14.71 -45.52 -3.18
C LEU C 320 -14.93 -46.78 -2.36
N GLY C 321 -13.96 -47.15 -1.51
CA GLY C 321 -14.10 -48.35 -0.71
C GLY C 321 -13.87 -49.64 -1.46
N LEU C 322 -12.85 -49.68 -2.32
CA LEU C 322 -12.52 -50.86 -3.09
C LEU C 322 -11.01 -51.07 -3.07
N HIS C 323 -10.60 -52.34 -3.07
CA HIS C 323 -9.19 -52.72 -3.02
C HIS C 323 -8.49 -52.16 -1.78
N VAL C 324 -9.22 -52.01 -0.68
CA VAL C 324 -8.75 -51.27 0.47
C VAL C 324 -7.81 -52.16 1.28
N GLY C 325 -7.63 -53.38 0.80
CA GLY C 325 -6.78 -54.35 1.46
C GLY C 325 -5.63 -54.81 0.59
N GLU C 326 -5.78 -54.64 -0.72
CA GLU C 326 -4.76 -55.07 -1.65
C GLU C 326 -3.52 -54.18 -1.55
N PRO C 327 -2.32 -54.75 -1.65
CA PRO C 327 -1.12 -53.91 -1.71
C PRO C 327 -1.16 -52.98 -2.91
N ILE C 328 -0.70 -51.75 -2.69
CA ILE C 328 -0.75 -50.71 -3.73
C ILE C 328 0.21 -51.07 -4.86
N THR C 329 -0.31 -51.74 -5.88
CA THR C 329 0.46 -52.08 -7.07
C THR C 329 -0.06 -51.44 -8.34
N SER C 330 -1.36 -51.17 -8.43
CA SER C 330 -1.94 -50.56 -9.61
C SER C 330 -1.62 -49.07 -9.62
N SER C 331 -0.73 -48.65 -10.54
CA SER C 331 -0.42 -47.24 -10.73
C SER C 331 -1.30 -46.61 -11.81
N THR C 332 -2.50 -47.11 -12.01
CA THR C 332 -3.32 -46.71 -13.15
C THR C 332 -4.79 -46.71 -12.76
N LEU C 333 -5.57 -45.89 -13.46
CA LEU C 333 -7.01 -45.95 -13.35
C LEU C 333 -7.55 -47.20 -14.04
N THR C 334 -8.64 -47.74 -13.51
CA THR C 334 -9.28 -48.92 -14.07
C THR C 334 -10.73 -48.61 -14.42
N GLU C 335 -11.33 -49.48 -15.24
CA GLU C 335 -12.72 -49.30 -15.62
C GLU C 335 -13.66 -49.48 -14.43
N GLU C 336 -13.28 -50.35 -13.49
CA GLU C 336 -14.10 -50.55 -12.29
C GLU C 336 -14.24 -49.27 -11.49
N ASP C 337 -13.18 -48.47 -11.41
CA ASP C 337 -13.23 -47.21 -10.68
C ASP C 337 -14.20 -46.24 -11.32
N VAL C 338 -14.23 -46.21 -12.65
CA VAL C 338 -15.14 -45.30 -13.35
C VAL C 338 -16.59 -45.65 -13.05
N VAL C 339 -16.91 -46.94 -13.03
CA VAL C 339 -18.28 -47.36 -12.75
C VAL C 339 -18.65 -47.05 -11.30
N ALA C 340 -17.74 -47.35 -10.37
CA ALA C 340 -18.00 -47.07 -8.96
C ALA C 340 -18.11 -45.57 -8.70
N THR C 341 -17.44 -44.75 -9.50
CA THR C 341 -17.56 -43.31 -9.36
C THR C 341 -18.94 -42.83 -9.79
N ILE C 342 -19.41 -43.28 -10.95
CA ILE C 342 -20.75 -42.93 -11.40
C ILE C 342 -21.79 -43.47 -10.44
N GLU C 343 -21.53 -44.62 -9.83
CA GLU C 343 -22.43 -45.15 -8.81
C GLU C 343 -22.43 -44.28 -7.57
N TYR C 344 -21.25 -43.80 -7.16
CA TYR C 344 -21.16 -42.91 -6.01
C TYR C 344 -21.92 -41.61 -6.24
N LEU C 345 -21.86 -41.09 -7.47
CA LEU C 345 -22.50 -39.81 -7.78
C LEU C 345 -24.02 -39.95 -7.79
N VAL C 346 -24.54 -40.95 -8.50
CA VAL C 346 -25.98 -41.08 -8.67
C VAL C 346 -26.67 -41.34 -7.34
N ARG C 347 -26.00 -42.03 -6.42
CA ARG C 347 -26.59 -42.24 -5.10
C ARG C 347 -26.59 -40.95 -4.28
N LEU C 348 -25.52 -40.16 -4.38
CA LEU C 348 -25.45 -38.92 -3.62
C LEU C 348 -26.51 -37.92 -4.07
N HIS C 349 -26.89 -37.96 -5.35
CA HIS C 349 -27.81 -36.97 -5.88
C HIS C 349 -29.18 -37.08 -5.24
N GLU C 350 -29.66 -38.29 -4.99
CA GLU C 350 -30.99 -38.52 -4.45
C GLU C 350 -30.97 -38.85 -2.96
N GLY C 351 -30.06 -38.24 -2.21
CA GLY C 351 -30.12 -38.29 -0.76
C GLY C 351 -29.56 -39.52 -0.10
N GLN C 352 -29.00 -40.47 -0.85
CA GLN C 352 -28.40 -41.64 -0.23
C GLN C 352 -27.16 -41.26 0.55
N THR C 353 -26.88 -42.02 1.62
CA THR C 353 -25.76 -41.72 2.50
C THR C 353 -24.79 -42.87 2.67
N THR C 354 -25.02 -44.02 2.03
CA THR C 354 -24.16 -45.18 2.22
C THR C 354 -24.15 -46.01 0.94
N MET C 355 -22.98 -46.54 0.60
CA MET C 355 -22.80 -47.32 -0.62
C MET C 355 -21.67 -48.32 -0.44
N THR C 356 -21.86 -49.51 -0.99
CA THR C 356 -20.81 -50.52 -1.10
C THR C 356 -20.65 -50.88 -2.56
N VAL C 357 -19.44 -50.74 -3.08
CA VAL C 357 -19.17 -51.15 -4.47
C VAL C 357 -19.30 -52.66 -4.57
N PRO C 358 -19.89 -53.20 -5.65
CA PRO C 358 -19.93 -54.66 -5.82
C PRO C 358 -18.57 -55.31 -5.63
N GLY C 359 -18.41 -56.03 -4.52
CA GLY C 359 -17.12 -56.57 -4.15
C GLY C 359 -16.22 -55.60 -3.43
N GLY C 360 -16.81 -54.61 -2.75
CA GLY C 360 -16.02 -53.61 -2.06
C GLY C 360 -16.58 -53.32 -0.69
N VAL C 361 -15.73 -52.70 0.14
CA VAL C 361 -16.11 -52.40 1.52
C VAL C 361 -17.09 -51.23 1.55
N GLU C 362 -17.85 -51.15 2.64
CA GLU C 362 -18.82 -50.08 2.81
C GLU C 362 -18.11 -48.74 2.97
N VAL C 363 -18.72 -47.69 2.42
CA VAL C 363 -18.13 -46.36 2.45
C VAL C 363 -19.24 -45.32 2.44
N PRO C 364 -19.12 -44.23 3.20
CA PRO C 364 -20.19 -43.22 3.21
C PRO C 364 -20.20 -42.41 1.93
N VAL C 365 -21.39 -41.88 1.61
CA VAL C 365 -21.61 -41.09 0.39
C VAL C 365 -21.74 -39.64 0.81
N GLU C 366 -20.72 -38.84 0.48
CA GLU C 366 -20.68 -37.45 0.92
C GLU C 366 -19.80 -36.65 -0.02
N THR C 367 -19.79 -35.34 0.18
CA THR C 367 -18.94 -34.43 -0.58
C THR C 367 -17.67 -34.13 0.21
N ASP C 368 -16.61 -33.78 -0.50
CA ASP C 368 -15.30 -33.58 0.09
C ASP C 368 -14.96 -32.09 0.16
N ASP C 369 -14.10 -31.75 1.13
CA ASP C 369 -13.80 -30.35 1.41
C ASP C 369 -12.86 -29.74 0.37
N ILE C 370 -11.87 -30.51 -0.08
CA ILE C 370 -10.76 -30.10 -0.96
C ILE C 370 -9.89 -29.04 -0.29
N ASP C 371 -10.38 -28.45 0.81
CA ASP C 371 -9.54 -27.63 1.68
C ASP C 371 -9.06 -28.39 2.90
N HIS C 372 -9.68 -29.52 3.21
CA HIS C 372 -9.21 -30.38 4.30
C HIS C 372 -7.79 -30.86 4.02
N PHE C 373 -6.93 -30.81 5.04
CA PHE C 373 -5.53 -31.19 4.87
C PHE C 373 -5.32 -32.67 4.60
N GLY C 374 -6.39 -33.46 4.51
CA GLY C 374 -6.30 -34.84 4.10
C GLY C 374 -6.54 -34.97 2.62
N ASN C 375 -7.24 -34.00 2.04
CA ASN C 375 -7.43 -33.88 0.61
C ASN C 375 -6.58 -32.77 -0.02
N ARG C 376 -5.90 -31.98 0.81
CA ARG C 376 -4.97 -30.95 0.35
C ARG C 376 -3.56 -31.44 0.66
N ARG C 377 -2.73 -31.56 -0.38
CA ARG C 377 -1.43 -32.21 -0.28
C ARG C 377 -0.31 -31.19 -0.36
N LEU C 378 0.80 -31.49 0.33
CA LEU C 378 1.98 -30.65 0.35
C LEU C 378 3.13 -31.40 -0.32
N ARG C 379 3.68 -30.83 -1.39
CA ARG C 379 4.84 -31.38 -2.06
C ARG C 379 6.05 -30.47 -1.82
N THR C 380 7.14 -31.06 -1.35
CA THR C 380 8.30 -30.34 -0.88
C THR C 380 9.38 -30.26 -1.96
N VAL C 381 10.64 -30.09 -1.55
CA VAL C 381 11.71 -29.80 -2.49
C VAL C 381 11.96 -30.98 -3.41
N GLY C 382 12.05 -32.19 -2.85
CA GLY C 382 12.41 -33.36 -3.64
C GLY C 382 11.42 -33.64 -4.76
N GLU C 383 10.13 -33.57 -4.46
CA GLU C 383 9.13 -33.84 -5.48
C GLU C 383 9.11 -32.76 -6.56
N LEU C 384 9.18 -31.50 -6.15
CA LEU C 384 9.19 -30.41 -7.13
C LEU C 384 10.38 -30.51 -8.07
N ILE C 385 11.53 -30.98 -7.57
CA ILE C 385 12.67 -31.20 -8.45
C ILE C 385 12.49 -32.47 -9.26
N GLN C 386 11.96 -33.52 -8.64
CA GLN C 386 11.76 -34.80 -9.35
C GLN C 386 10.87 -34.63 -10.56
N ASN C 387 9.81 -33.83 -10.44
CA ASN C 387 8.90 -33.63 -11.56
C ASN C 387 9.61 -32.93 -12.72
N GLN C 388 10.46 -31.95 -12.41
CA GLN C 388 11.22 -31.29 -13.47
C GLN C 388 12.27 -32.22 -14.06
N ILE C 389 12.85 -33.10 -13.26
CA ILE C 389 13.75 -34.12 -13.80
C ILE C 389 12.97 -35.06 -14.70
N ARG C 390 11.76 -35.44 -14.28
CA ARG C 390 10.93 -36.35 -15.08
C ARG C 390 10.61 -35.74 -16.45
N VAL C 391 10.27 -34.45 -16.47
CA VAL C 391 9.97 -33.80 -17.75
C VAL C 391 11.22 -33.71 -18.61
N GLY C 392 12.36 -33.39 -18.00
CA GLY C 392 13.61 -33.33 -18.75
C GLY C 392 14.01 -34.69 -19.29
N MET C 393 13.77 -35.76 -18.52
CA MET C 393 14.06 -37.11 -18.99
C MET C 393 13.17 -37.48 -20.17
N SER C 394 11.89 -37.10 -20.12
CA SER C 394 10.98 -37.41 -21.21
C SER C 394 11.38 -36.69 -22.49
N ARG C 395 11.91 -35.47 -22.38
CA ARG C 395 12.40 -34.77 -23.56
C ARG C 395 13.63 -35.45 -24.15
N MET C 396 14.48 -36.03 -23.29
CA MET C 396 15.61 -36.79 -23.80
C MET C 396 15.17 -38.14 -24.36
N GLU C 397 14.14 -38.75 -23.76
CA GLU C 397 13.66 -40.03 -24.24
C GLU C 397 13.20 -39.95 -25.69
N ARG C 398 12.53 -38.84 -26.06
CA ARG C 398 12.16 -38.64 -27.46
C ARG C 398 13.39 -38.49 -28.34
N VAL C 399 14.45 -37.88 -27.82
CA VAL C 399 15.71 -37.82 -28.56
C VAL C 399 16.32 -39.21 -28.70
N VAL C 400 16.17 -40.04 -27.67
CA VAL C 400 16.71 -41.40 -27.72
C VAL C 400 16.02 -42.21 -28.80
N ARG C 401 14.68 -42.25 -28.78
CA ARG C 401 13.95 -43.01 -29.78
C ARG C 401 14.22 -42.51 -31.19
N GLU C 402 14.47 -41.22 -31.35
CA GLU C 402 14.79 -40.68 -32.66
C GLU C 402 16.21 -41.04 -33.09
N ARG C 403 17.16 -41.00 -32.17
CA ARG C 403 18.54 -41.34 -32.50
C ARG C 403 18.72 -42.84 -32.72
N MET C 404 17.80 -43.67 -32.23
CA MET C 404 17.91 -45.12 -32.45
C MET C 404 17.62 -45.48 -33.90
N THR C 405 16.49 -45.01 -34.43
CA THR C 405 16.04 -45.37 -35.76
C THR C 405 16.81 -44.67 -36.87
N THR C 406 17.71 -43.75 -36.55
CA THR C 406 18.53 -43.06 -37.54
C THR C 406 19.92 -43.66 -37.66
N GLN C 407 20.60 -43.86 -36.54
CA GLN C 407 21.95 -44.42 -36.54
C GLN C 407 21.90 -45.93 -36.80
N ASP C 408 23.06 -46.50 -37.08
CA ASP C 408 23.15 -47.93 -37.33
C ASP C 408 22.99 -48.71 -36.04
N VAL C 409 22.72 -50.01 -36.17
CA VAL C 409 22.37 -50.85 -35.03
C VAL C 409 23.57 -51.67 -34.58
N GLU C 410 24.78 -51.15 -34.79
CA GLU C 410 25.99 -51.80 -34.31
C GLU C 410 27.07 -50.86 -33.82
N ALA C 411 27.03 -49.57 -34.16
CA ALA C 411 27.95 -48.58 -33.61
C ALA C 411 27.30 -47.72 -32.54
N ILE C 412 26.14 -48.14 -32.03
CA ILE C 412 25.41 -47.37 -31.04
C ILE C 412 25.97 -47.66 -29.65
N THR C 413 26.27 -46.60 -28.92
CA THR C 413 26.66 -46.65 -27.51
C THR C 413 25.70 -45.80 -26.70
N PRO C 414 25.63 -46.01 -25.38
CA PRO C 414 24.82 -45.09 -24.56
C PRO C 414 25.22 -43.63 -24.69
N GLN C 415 26.47 -43.35 -25.06
CA GLN C 415 26.90 -41.97 -25.23
C GLN C 415 26.28 -41.33 -26.46
N THR C 416 25.98 -42.13 -27.50
CA THR C 416 25.47 -41.57 -28.75
C THR C 416 23.96 -41.34 -28.70
N LEU C 417 23.23 -42.13 -27.92
CA LEU C 417 21.78 -41.98 -27.85
C LEU C 417 21.35 -40.87 -26.90
N ILE C 418 22.25 -40.40 -26.06
CA ILE C 418 21.90 -39.51 -24.95
C ILE C 418 22.33 -38.08 -25.31
N ASN C 419 21.38 -37.16 -25.28
CA ASN C 419 21.64 -35.73 -25.42
C ASN C 419 21.09 -35.05 -24.18
N ILE C 420 21.98 -34.67 -23.26
CA ILE C 420 21.59 -34.19 -21.94
C ILE C 420 21.16 -32.73 -21.96
N ARG C 421 21.08 -32.12 -23.16
CA ARG C 421 20.73 -30.70 -23.24
C ARG C 421 19.35 -30.39 -22.66
N PRO C 422 18.27 -31.09 -23.02
CA PRO C 422 16.97 -30.75 -22.42
C PRO C 422 16.86 -31.12 -20.95
N VAL C 423 17.71 -32.01 -20.46
CA VAL C 423 17.63 -32.42 -19.06
C VAL C 423 18.16 -31.32 -18.15
N VAL C 424 19.41 -30.91 -18.38
CA VAL C 424 20.00 -29.86 -17.55
C VAL C 424 19.29 -28.53 -17.78
N ALA C 425 18.75 -28.31 -18.97
CA ALA C 425 17.99 -27.09 -19.23
C ALA C 425 16.62 -27.12 -18.56
N ALA C 426 16.13 -28.31 -18.19
CA ALA C 426 14.86 -28.39 -17.47
C ALA C 426 15.03 -28.05 -16.00
N ILE C 427 16.10 -28.55 -15.37
CA ILE C 427 16.37 -28.18 -13.98
C ILE C 427 16.87 -26.74 -13.91
N LYS C 428 17.54 -26.25 -14.96
CA LYS C 428 17.94 -24.86 -15.01
C LYS C 428 16.73 -23.95 -15.16
N GLU C 429 15.76 -24.35 -15.98
CA GLU C 429 14.52 -23.59 -16.12
C GLU C 429 13.76 -23.54 -14.80
N PHE C 430 13.84 -24.60 -13.99
CA PHE C 430 13.11 -24.63 -12.73
C PHE C 430 13.73 -23.69 -11.70
N PHE C 431 14.99 -23.95 -11.32
CA PHE C 431 15.64 -23.10 -10.33
C PHE C 431 15.77 -21.66 -10.80
N GLY C 432 15.90 -21.45 -12.12
CA GLY C 432 16.04 -20.09 -12.62
C GLY C 432 14.75 -19.30 -12.61
N THR C 433 13.64 -19.96 -12.92
CA THR C 433 12.34 -19.29 -12.98
C THR C 433 11.29 -20.22 -12.39
N SER C 434 10.80 -19.88 -11.20
CA SER C 434 9.73 -20.62 -10.55
C SER C 434 9.20 -19.82 -9.38
N GLN C 435 7.89 -19.89 -9.17
CA GLN C 435 7.28 -19.27 -8.01
C GLN C 435 7.68 -19.96 -6.71
N LEU C 436 8.21 -21.18 -6.79
CA LEU C 436 8.67 -21.92 -5.62
C LEU C 436 10.15 -21.73 -5.36
N SER C 437 10.95 -21.52 -6.41
CA SER C 437 12.35 -21.14 -6.25
C SER C 437 12.40 -19.65 -5.98
N GLN C 438 12.52 -19.29 -4.71
CA GLN C 438 12.37 -17.90 -4.28
C GLN C 438 13.68 -17.34 -3.73
N PHE C 439 13.95 -16.08 -4.05
CA PHE C 439 15.05 -15.34 -3.46
C PHE C 439 14.92 -15.36 -1.94
N MET C 440 15.92 -15.92 -1.28
CA MET C 440 15.82 -16.21 0.15
C MET C 440 15.65 -14.93 0.98
N ASP C 441 14.72 -14.97 1.92
CA ASP C 441 14.57 -13.91 2.90
C ASP C 441 15.76 -13.94 3.86
N GLN C 442 16.52 -12.86 3.91
CA GLN C 442 17.73 -12.79 4.74
C GLN C 442 17.81 -11.46 5.48
N ASN C 443 16.69 -11.02 6.07
CA ASN C 443 16.74 -9.89 6.97
C ASN C 443 17.43 -10.26 8.29
N ASN C 444 16.97 -11.34 8.91
CA ASN C 444 17.54 -11.88 10.13
C ASN C 444 17.47 -13.41 10.05
N PRO C 445 18.14 -14.14 10.94
CA PRO C 445 18.04 -15.62 10.89
C PRO C 445 16.62 -16.14 10.97
N LEU C 446 15.74 -15.47 11.72
CA LEU C 446 14.35 -15.95 11.82
C LEU C 446 13.63 -15.87 10.49
N SER C 447 13.85 -14.79 9.74
CA SER C 447 13.22 -14.65 8.44
C SER C 447 13.67 -15.74 7.47
N GLY C 448 14.92 -16.18 7.59
CA GLY C 448 15.39 -17.27 6.75
C GLY C 448 14.79 -18.61 7.14
N LEU C 449 14.74 -18.89 8.44
CA LEU C 449 14.14 -20.14 8.90
C LEU C 449 12.65 -20.20 8.56
N THR C 450 11.94 -19.09 8.72
CA THR C 450 10.52 -19.06 8.38
C THR C 450 10.31 -19.26 6.89
N HIS C 451 11.17 -18.65 6.06
CA HIS C 451 11.01 -18.77 4.62
C HIS C 451 11.21 -20.21 4.16
N LYS C 452 12.12 -20.94 4.80
CA LYS C 452 12.33 -22.34 4.44
C LYS C 452 11.15 -23.21 4.86
N ARG C 453 10.42 -22.82 5.90
CA ARG C 453 9.27 -23.56 6.38
C ARG C 453 7.96 -23.03 5.82
N ARG C 454 8.01 -22.16 4.81
CA ARG C 454 6.79 -21.59 4.25
C ARG C 454 6.05 -22.63 3.42
N LEU C 455 4.72 -22.54 3.45
CA LEU C 455 3.83 -23.37 2.64
C LEU C 455 3.01 -22.43 1.76
N SER C 456 3.24 -22.50 0.45
CA SER C 456 2.63 -21.59 -0.51
C SER C 456 1.59 -22.31 -1.34
N ALA C 457 0.39 -21.73 -1.43
CA ALA C 457 -0.64 -22.27 -2.32
C ALA C 457 -0.46 -21.81 -3.76
N LEU C 458 0.22 -20.68 -3.97
CA LEU C 458 0.43 -20.15 -5.31
C LEU C 458 1.48 -20.97 -6.05
N GLY C 459 1.48 -20.83 -7.38
CA GLY C 459 2.44 -21.50 -8.21
C GLY C 459 1.80 -22.46 -9.20
N PRO C 460 2.62 -23.09 -10.05
CA PRO C 460 2.08 -24.07 -11.00
C PRO C 460 1.52 -25.28 -10.28
N GLY C 461 0.39 -25.79 -10.79
CA GLY C 461 -0.31 -26.89 -10.17
C GLY C 461 -1.18 -26.51 -8.99
N GLY C 462 -0.98 -25.33 -8.41
CA GLY C 462 -1.79 -24.88 -7.30
C GLY C 462 -2.99 -24.06 -7.75
N LEU C 463 -2.88 -22.74 -7.63
CA LEU C 463 -3.99 -21.86 -8.01
C LEU C 463 -3.44 -20.50 -8.41
N SER C 464 -4.24 -19.78 -9.21
CA SER C 464 -3.94 -18.40 -9.55
C SER C 464 -4.50 -17.48 -8.48
N ARG C 465 -3.82 -16.35 -8.27
CA ARG C 465 -4.29 -15.38 -7.29
C ARG C 465 -5.67 -14.84 -7.64
N GLU C 466 -5.97 -14.69 -8.93
CA GLU C 466 -7.30 -14.27 -9.36
C GLU C 466 -8.33 -15.38 -9.18
N ARG C 467 -7.89 -16.63 -9.05
CA ARG C 467 -8.81 -17.75 -8.91
C ARG C 467 -8.75 -18.33 -7.51
N ALA C 468 -8.87 -17.47 -6.50
CA ALA C 468 -8.83 -17.89 -5.10
C ALA C 468 -9.80 -17.03 -4.32
N GLY C 469 -10.87 -17.64 -3.81
CA GLY C 469 -11.88 -16.94 -3.06
C GLY C 469 -11.53 -16.84 -1.58
N LEU C 470 -12.49 -16.31 -0.82
CA LEU C 470 -12.32 -16.14 0.62
C LEU C 470 -12.36 -17.46 1.40
N GLU C 471 -12.56 -18.59 0.71
CA GLU C 471 -12.63 -19.88 1.38
C GLU C 471 -11.30 -20.63 1.38
N VAL C 472 -10.45 -20.41 0.36
CA VAL C 472 -9.15 -21.05 0.34
C VAL C 472 -8.20 -20.43 1.34
N ARG C 473 -8.45 -19.18 1.75
CA ARG C 473 -7.48 -18.42 2.53
C ARG C 473 -7.70 -18.51 4.03
N ASP C 474 -8.94 -18.73 4.48
CA ASP C 474 -9.22 -18.68 5.90
C ASP C 474 -8.77 -19.97 6.59
N VAL C 475 -8.84 -19.95 7.93
CA VAL C 475 -8.32 -21.06 8.73
C VAL C 475 -9.28 -22.24 8.65
N HIS C 476 -8.70 -23.45 8.51
CA HIS C 476 -9.42 -24.71 8.49
C HIS C 476 -9.16 -25.48 9.77
N PRO C 477 -10.16 -26.19 10.31
CA PRO C 477 -9.95 -26.92 11.57
C PRO C 477 -8.90 -28.02 11.48
N SER C 478 -8.59 -28.50 10.28
CA SER C 478 -7.53 -29.49 10.11
C SER C 478 -6.14 -28.89 10.16
N HIS C 479 -6.02 -27.56 10.13
CA HIS C 479 -4.74 -26.89 10.23
C HIS C 479 -4.16 -26.93 11.64
N TYR C 480 -4.89 -27.47 12.62
CA TYR C 480 -4.42 -27.52 13.99
C TYR C 480 -3.15 -28.37 14.07
N GLY C 481 -2.08 -27.77 14.57
CA GLY C 481 -0.81 -28.48 14.70
C GLY C 481 -0.07 -28.74 13.41
N ARG C 482 -0.58 -28.27 12.27
CA ARG C 482 0.05 -28.51 10.98
C ARG C 482 0.50 -27.22 10.32
N MET C 483 -0.42 -26.29 10.07
CA MET C 483 -0.09 -24.98 9.55
C MET C 483 -0.53 -23.92 10.56
N CYS C 484 0.29 -22.87 10.70
CA CYS C 484 0.01 -21.87 11.71
C CYS C 484 -1.19 -21.01 11.29
N PRO C 485 -2.12 -20.74 12.22
CA PRO C 485 -3.24 -19.84 11.92
C PRO C 485 -2.95 -18.37 12.14
N ILE C 486 -1.72 -18.03 12.56
CA ILE C 486 -1.35 -16.65 12.87
C ILE C 486 -0.39 -16.09 11.83
N GLU C 487 0.74 -16.77 11.60
CA GLU C 487 1.79 -16.24 10.74
C GLU C 487 1.36 -16.35 9.28
N THR C 488 1.02 -15.22 8.68
CA THR C 488 0.66 -15.09 7.28
C THR C 488 0.67 -13.62 6.90
N PRO C 489 1.09 -13.26 5.68
CA PRO C 489 1.09 -11.85 5.29
C PRO C 489 -0.31 -11.28 5.28
N GLU C 490 -0.40 -9.97 5.51
CA GLU C 490 -1.69 -9.28 5.51
C GLU C 490 -1.98 -8.54 4.21
N GLY C 491 -1.12 -8.69 3.20
CA GLY C 491 -1.35 -8.06 1.92
C GLY C 491 -2.24 -8.91 1.03
N PRO C 492 -2.00 -8.85 -0.29
CA PRO C 492 -2.81 -9.66 -1.21
C PRO C 492 -2.55 -11.15 -1.13
N ASN C 493 -1.52 -11.58 -0.39
CA ASN C 493 -1.18 -13.00 -0.26
C ASN C 493 -1.63 -13.56 1.10
N ILE C 494 -2.71 -13.03 1.66
CA ILE C 494 -3.17 -13.52 2.96
C ILE C 494 -3.87 -14.86 2.77
N GLY C 495 -3.51 -15.82 3.61
CA GLY C 495 -4.10 -17.15 3.54
C GLY C 495 -3.42 -18.04 2.51
N LEU C 496 -2.93 -17.44 1.44
CA LEU C 496 -2.25 -18.20 0.39
C LEU C 496 -0.86 -18.64 0.82
N ILE C 497 -0.28 -17.98 1.82
CA ILE C 497 1.07 -18.29 2.29
C ILE C 497 0.99 -18.52 3.80
N GLY C 498 1.31 -19.75 4.23
CA GLY C 498 1.31 -20.10 5.62
C GLY C 498 2.67 -20.64 6.07
N SER C 499 2.83 -20.74 7.38
CA SER C 499 4.04 -21.26 7.98
C SER C 499 3.72 -22.60 8.64
N LEU C 500 4.62 -23.57 8.47
CA LEU C 500 4.42 -24.88 9.06
C LEU C 500 4.48 -24.79 10.58
N SER C 501 3.61 -25.53 11.24
CA SER C 501 3.62 -25.58 12.70
C SER C 501 4.92 -26.20 13.20
N VAL C 502 5.18 -26.00 14.49
CA VAL C 502 6.47 -26.37 15.07
C VAL C 502 6.70 -27.88 14.96
N TYR C 503 5.85 -28.66 15.62
CA TYR C 503 6.04 -30.10 15.69
C TYR C 503 5.56 -30.83 14.43
N ALA C 504 5.07 -30.11 13.43
CA ALA C 504 4.53 -30.75 12.24
C ALA C 504 5.65 -31.37 11.40
N ARG C 505 5.27 -32.37 10.60
CA ARG C 505 6.19 -33.02 9.69
C ARG C 505 5.39 -33.52 8.49
N VAL C 506 6.11 -33.97 7.46
CA VAL C 506 5.51 -34.43 6.22
C VAL C 506 5.81 -35.90 6.04
N ASN C 507 4.78 -36.69 5.72
CA ASN C 507 4.98 -38.10 5.42
C ASN C 507 5.32 -38.28 3.95
N PRO C 508 5.87 -39.44 3.56
CA PRO C 508 6.22 -39.65 2.15
C PRO C 508 5.05 -39.59 1.18
N PHE C 509 3.81 -39.49 1.67
CA PHE C 509 2.67 -39.34 0.78
C PHE C 509 2.48 -37.89 0.35
N GLY C 510 2.68 -36.95 1.27
CA GLY C 510 2.52 -35.55 0.95
C GLY C 510 1.66 -34.81 1.95
N PHE C 511 1.01 -35.55 2.85
CA PHE C 511 0.19 -34.95 3.89
C PHE C 511 1.05 -34.59 5.10
N ILE C 512 0.52 -33.69 5.92
CA ILE C 512 1.24 -33.17 7.08
C ILE C 512 0.79 -33.93 8.31
N GLU C 513 1.73 -34.55 9.02
CA GLU C 513 1.47 -35.26 10.24
C GLU C 513 1.86 -34.41 11.45
N THR C 514 1.14 -34.61 12.56
CA THR C 514 1.41 -33.90 13.80
C THR C 514 1.31 -34.88 14.96
N PRO C 515 2.17 -34.76 15.96
CA PRO C 515 2.23 -35.77 17.02
C PRO C 515 1.12 -35.59 18.06
N TYR C 516 0.70 -36.72 18.62
CA TYR C 516 -0.32 -36.74 19.66
C TYR C 516 0.06 -37.78 20.71
N ARG C 517 -0.47 -37.59 21.92
CA ARG C 517 -0.23 -38.50 23.03
C ARG C 517 -1.39 -39.48 23.12
N LYS C 518 -1.09 -40.76 22.91
CA LYS C 518 -2.13 -41.78 22.84
C LYS C 518 -2.73 -42.04 24.22
N VAL C 519 -4.02 -41.78 24.35
CA VAL C 519 -4.74 -42.02 25.61
C VAL C 519 -5.38 -43.40 25.54
N VAL C 520 -4.93 -44.30 26.42
CA VAL C 520 -5.37 -45.69 26.41
C VAL C 520 -6.82 -45.78 26.90
N ASP C 521 -7.02 -45.61 28.21
CA ASP C 521 -8.34 -45.68 28.84
C ASP C 521 -8.50 -44.48 29.77
N GLY C 522 -8.69 -43.30 29.17
CA GLY C 522 -8.72 -42.08 29.94
C GLY C 522 -7.43 -41.79 30.67
N VAL C 523 -6.32 -42.38 30.24
CA VAL C 523 -5.03 -42.27 30.90
C VAL C 523 -4.03 -41.73 29.88
N VAL C 524 -3.36 -40.63 30.24
CA VAL C 524 -2.35 -40.05 29.37
C VAL C 524 -1.11 -40.93 29.36
N SER C 525 -0.64 -41.25 28.16
CA SER C 525 0.56 -42.07 27.99
C SER C 525 1.64 -41.27 27.30
N ASP C 526 2.89 -41.61 27.61
CA ASP C 526 4.03 -40.99 26.95
C ASP C 526 4.27 -41.51 25.54
N GLU C 527 3.50 -42.51 25.11
CA GLU C 527 3.59 -42.99 23.74
C GLU C 527 3.03 -41.93 22.80
N ILE C 528 3.82 -41.57 21.79
CA ILE C 528 3.49 -40.49 20.87
C ILE C 528 3.45 -41.05 19.45
N VAL C 529 2.39 -40.73 18.73
CA VAL C 529 2.18 -41.20 17.35
C VAL C 529 1.76 -40.01 16.50
N TYR C 530 2.28 -39.96 15.27
CA TYR C 530 1.93 -38.91 14.33
C TYR C 530 0.69 -39.31 13.53
N LEU C 531 -0.27 -38.40 13.44
CA LEU C 531 -1.51 -38.64 12.72
C LEU C 531 -1.66 -37.65 11.58
N THR C 532 -2.21 -38.12 10.46
CA THR C 532 -2.50 -37.25 9.33
C THR C 532 -3.79 -36.49 9.62
N ALA C 533 -4.31 -35.77 8.62
CA ALA C 533 -5.50 -34.95 8.85
C ALA C 533 -6.74 -35.82 9.01
N ASP C 534 -7.00 -36.71 8.03
CA ASP C 534 -8.16 -37.58 8.14
C ASP C 534 -7.99 -38.61 9.26
N GLU C 535 -6.75 -39.00 9.56
CA GLU C 535 -6.51 -39.86 10.72
C GLU C 535 -6.87 -39.15 12.01
N GLU C 536 -6.64 -37.85 12.09
CA GLU C 536 -7.02 -37.07 13.26
C GLU C 536 -8.54 -36.97 13.39
N ASP C 537 -9.26 -36.93 12.26
CA ASP C 537 -10.71 -36.80 12.31
C ASP C 537 -11.37 -38.09 12.79
N ARG C 538 -10.73 -39.24 12.57
CA ARG C 538 -11.29 -40.51 13.03
C ARG C 538 -11.15 -40.71 14.54
N HIS C 539 -10.70 -39.70 15.28
CA HIS C 539 -10.60 -39.75 16.72
C HIS C 539 -10.99 -38.39 17.29
N VAL C 540 -10.97 -38.29 18.61
CA VAL C 540 -11.17 -37.02 19.30
C VAL C 540 -9.99 -36.79 20.23
N VAL C 541 -9.50 -35.56 20.29
CA VAL C 541 -8.28 -35.22 20.99
C VAL C 541 -8.56 -34.16 22.04
N ALA C 542 -7.87 -34.26 23.17
CA ALA C 542 -8.03 -33.30 24.26
C ALA C 542 -7.05 -32.15 24.12
N GLN C 543 -7.46 -30.99 24.60
CA GLN C 543 -6.60 -29.81 24.57
C GLN C 543 -5.36 -30.03 25.42
N ALA C 544 -4.27 -29.37 25.04
CA ALA C 544 -2.98 -29.61 25.70
C ALA C 544 -3.03 -29.25 27.18
N ASN C 545 -3.70 -28.15 27.52
CA ASN C 545 -3.75 -27.68 28.92
C ASN C 545 -4.86 -28.37 29.69
N SER C 546 -4.95 -29.69 29.59
CA SER C 546 -5.95 -30.40 30.36
C SER C 546 -5.42 -30.76 31.75
N PRO C 547 -6.22 -30.58 32.80
CA PRO C 547 -5.80 -31.02 34.13
C PRO C 547 -5.66 -32.53 34.18
N ILE C 548 -4.46 -33.00 34.52
CA ILE C 548 -4.11 -34.42 34.45
C ILE C 548 -3.54 -34.86 35.79
N ASP C 549 -3.96 -36.04 36.25
CA ASP C 549 -3.39 -36.65 37.44
C ASP C 549 -1.92 -36.99 37.18
N ALA C 550 -1.16 -37.11 38.28
CA ALA C 550 0.23 -37.53 38.17
C ALA C 550 0.35 -38.90 37.53
N ASP C 551 -0.67 -39.75 37.69
CA ASP C 551 -0.69 -41.04 37.00
C ASP C 551 -1.13 -40.91 35.56
N GLY C 552 -2.04 -39.99 35.25
CA GLY C 552 -2.44 -39.74 33.88
C GLY C 552 -3.93 -39.55 33.66
N ARG C 553 -4.72 -39.77 34.70
CA ARG C 553 -6.18 -39.68 34.57
C ARG C 553 -6.64 -38.24 34.59
N PHE C 554 -7.61 -37.93 33.73
CA PHE C 554 -8.15 -36.57 33.66
C PHE C 554 -8.86 -36.21 34.95
N VAL C 555 -8.68 -34.96 35.38
CA VAL C 555 -9.30 -34.50 36.61
C VAL C 555 -10.80 -34.31 36.42
N GLU C 556 -11.20 -33.69 35.31
CA GLU C 556 -12.63 -33.54 35.10
C GLU C 556 -13.15 -34.64 34.19
N PRO C 557 -14.37 -35.14 34.45
CA PRO C 557 -14.97 -36.08 33.50
C PRO C 557 -15.17 -35.45 32.13
N ARG C 558 -15.68 -34.22 32.08
CA ARG C 558 -15.88 -33.48 30.84
C ARG C 558 -14.70 -32.54 30.61
N VAL C 559 -14.08 -32.66 29.44
CA VAL C 559 -12.92 -31.85 29.08
C VAL C 559 -13.13 -31.26 27.70
N LEU C 560 -12.57 -30.07 27.49
CA LEU C 560 -12.62 -29.42 26.18
C LEU C 560 -11.91 -30.28 25.15
N VAL C 561 -12.65 -30.73 24.14
CA VAL C 561 -12.16 -31.69 23.16
C VAL C 561 -12.55 -31.22 21.76
N ARG C 562 -11.62 -31.34 20.83
CA ARG C 562 -11.88 -31.01 19.43
C ARG C 562 -12.40 -32.24 18.70
N ARG C 563 -13.39 -32.04 17.84
CA ARG C 563 -13.99 -33.11 17.06
C ARG C 563 -13.97 -32.74 15.58
N LYS C 564 -14.25 -33.72 14.73
CA LYS C 564 -14.32 -33.50 13.29
C LYS C 564 -15.27 -32.36 12.97
N ALA C 565 -15.01 -31.71 11.83
CA ALA C 565 -15.76 -30.54 11.34
C ALA C 565 -15.65 -29.33 12.26
N GLY C 566 -14.56 -29.23 13.02
CA GLY C 566 -14.32 -28.07 13.86
C GLY C 566 -15.31 -27.87 14.98
N GLU C 567 -15.59 -28.92 15.74
CA GLU C 567 -16.50 -28.86 16.87
C GLU C 567 -15.72 -28.97 18.16
N VAL C 568 -15.93 -28.01 19.06
CA VAL C 568 -15.31 -28.00 20.39
C VAL C 568 -16.40 -28.16 21.43
N GLU C 569 -16.24 -29.14 22.32
CA GLU C 569 -17.26 -29.42 23.32
C GLU C 569 -16.65 -30.29 24.41
N TYR C 570 -17.33 -30.32 25.55
CA TYR C 570 -16.94 -31.22 26.62
C TYR C 570 -17.36 -32.65 26.28
N VAL C 571 -16.63 -33.61 26.84
CA VAL C 571 -16.84 -35.02 26.50
C VAL C 571 -16.27 -35.88 27.63
N PRO C 572 -16.81 -37.08 27.85
CA PRO C 572 -16.33 -37.89 28.99
C PRO C 572 -14.85 -38.23 28.87
N SER C 573 -14.22 -38.45 30.04
CA SER C 573 -12.80 -38.76 30.08
C SER C 573 -12.50 -40.10 29.44
N SER C 574 -13.47 -41.01 29.42
CA SER C 574 -13.30 -42.30 28.78
C SER C 574 -13.48 -42.24 27.27
N GLU C 575 -13.67 -41.04 26.71
CA GLU C 575 -13.81 -40.86 25.26
C GLU C 575 -12.56 -40.27 24.62
N VAL C 576 -11.69 -39.64 25.40
CA VAL C 576 -10.49 -39.01 24.85
C VAL C 576 -9.56 -40.10 24.31
N ASP C 577 -9.29 -40.03 23.01
CA ASP C 577 -8.39 -40.99 22.38
C ASP C 577 -6.94 -40.51 22.38
N TYR C 578 -6.71 -39.23 22.09
CA TYR C 578 -5.38 -38.65 22.07
C TYR C 578 -5.44 -37.26 22.70
N MET C 579 -4.28 -36.62 22.83
CA MET C 579 -4.23 -35.25 23.29
C MET C 579 -2.98 -34.58 22.74
N ASP C 580 -2.96 -33.26 22.81
CA ASP C 580 -1.89 -32.49 22.19
C ASP C 580 -0.58 -32.66 22.93
N VAL C 581 0.52 -32.49 22.20
CA VAL C 581 1.85 -32.63 22.78
C VAL C 581 2.18 -31.43 23.65
N SER C 582 2.25 -30.24 23.05
CA SER C 582 2.60 -29.00 23.70
C SER C 582 1.52 -27.97 23.42
N PRO C 583 1.36 -26.96 24.30
CA PRO C 583 0.40 -25.89 24.01
C PRO C 583 0.67 -25.17 22.70
N ARG C 584 1.93 -24.87 22.40
CA ARG C 584 2.35 -24.19 21.18
C ARG C 584 2.34 -25.10 19.95
N GLN C 585 1.66 -26.25 20.00
CA GLN C 585 1.68 -27.20 18.89
C GLN C 585 1.05 -26.62 17.63
N MET C 586 0.14 -25.66 17.77
CA MET C 586 -0.60 -25.12 16.64
C MET C 586 0.08 -23.93 15.97
N VAL C 587 1.05 -23.30 16.63
CA VAL C 587 1.63 -22.06 16.14
C VAL C 587 2.95 -22.36 15.43
N SER C 588 3.43 -21.37 14.67
CA SER C 588 4.71 -21.47 13.98
C SER C 588 5.85 -21.12 14.94
N VAL C 589 7.08 -21.22 14.45
CA VAL C 589 8.24 -20.93 15.27
C VAL C 589 8.26 -19.45 15.65
N ALA C 590 8.01 -18.58 14.67
CA ALA C 590 7.99 -17.14 14.96
C ALA C 590 6.80 -16.78 15.85
N THR C 591 5.65 -17.43 15.65
CA THR C 591 4.50 -17.17 16.50
C THR C 591 4.75 -17.68 17.91
N ALA C 592 5.43 -18.82 18.04
CA ALA C 592 5.78 -19.35 19.36
C ALA C 592 6.82 -18.52 20.08
N MET C 593 7.32 -17.45 19.48
CA MET C 593 8.33 -16.60 20.09
C MET C 593 7.75 -15.34 20.73
N ILE C 594 6.43 -15.19 20.73
CA ILE C 594 5.77 -14.02 21.30
C ILE C 594 5.35 -14.37 22.72
N PRO C 595 5.97 -13.79 23.75
CA PRO C 595 5.54 -14.08 25.12
C PRO C 595 4.18 -13.48 25.41
N PHE C 596 3.44 -14.15 26.31
CA PHE C 596 2.07 -13.76 26.64
C PHE C 596 1.21 -13.65 25.39
N LEU C 597 1.38 -14.61 24.47
CA LEU C 597 0.62 -14.60 23.23
C LEU C 597 -0.87 -14.77 23.48
N GLU C 598 -1.23 -15.49 24.56
CA GLU C 598 -2.62 -15.72 24.90
C GLU C 598 -3.36 -14.44 25.32
N HIS C 599 -2.64 -13.33 25.51
CA HIS C 599 -3.26 -12.07 25.89
C HIS C 599 -3.31 -11.08 24.73
N ASP C 600 -2.94 -11.49 23.53
CA ASP C 600 -2.95 -10.63 22.36
C ASP C 600 -3.95 -11.16 21.35
N ASP C 601 -4.70 -10.26 20.72
CA ASP C 601 -5.62 -10.64 19.67
C ASP C 601 -4.85 -11.15 18.45
N ALA C 602 -5.54 -11.95 17.63
CA ALA C 602 -4.88 -12.57 16.49
C ALA C 602 -4.38 -11.53 15.47
N ASN C 603 -5.04 -10.37 15.42
CA ASN C 603 -4.60 -9.33 14.48
C ASN C 603 -3.20 -8.83 14.81
N ARG C 604 -3.01 -8.35 16.04
CA ARG C 604 -1.71 -7.82 16.42
C ARG C 604 -0.68 -8.94 16.57
N ALA C 605 -1.14 -10.16 16.87
CA ALA C 605 -0.23 -11.30 16.95
C ALA C 605 0.33 -11.64 15.57
N LEU C 606 -0.49 -11.52 14.53
CA LEU C 606 -0.02 -11.71 13.17
C LEU C 606 1.06 -10.69 12.83
N MET C 607 0.81 -9.42 13.14
CA MET C 607 1.80 -8.37 12.87
C MET C 607 3.05 -8.57 13.70
N GLY C 608 2.92 -9.09 14.92
CA GLY C 608 4.09 -9.32 15.74
C GLY C 608 5.02 -10.38 15.17
N ALA C 609 4.45 -11.49 14.67
CA ALA C 609 5.27 -12.53 14.09
C ALA C 609 5.81 -12.10 12.73
N ASN C 610 5.03 -11.34 11.96
CA ASN C 610 5.49 -10.89 10.65
C ASN C 610 6.58 -9.82 10.78
N MET C 611 6.54 -9.02 11.84
CA MET C 611 7.56 -8.00 12.03
C MET C 611 8.81 -8.52 12.74
N GLN C 612 8.70 -9.64 13.46
CA GLN C 612 9.90 -10.27 14.01
C GLN C 612 10.85 -10.71 12.90
N ARG C 613 10.30 -11.15 11.77
CA ARG C 613 11.12 -11.46 10.60
C ARG C 613 11.71 -10.22 9.95
N GLN C 614 11.26 -9.03 10.32
CA GLN C 614 11.75 -7.78 9.76
C GLN C 614 12.79 -7.10 10.63
N ALA C 615 13.20 -7.73 11.74
CA ALA C 615 14.20 -7.15 12.61
C ALA C 615 15.54 -7.04 11.89
N VAL C 616 16.33 -6.06 12.29
CA VAL C 616 17.63 -5.76 11.67
C VAL C 616 18.72 -6.22 12.62
N PRO C 617 19.73 -6.96 12.15
CA PRO C 617 20.85 -7.35 13.02
C PRO C 617 21.64 -6.14 13.46
N LEU C 618 21.67 -5.89 14.76
CA LEU C 618 22.36 -4.75 15.32
C LEU C 618 23.86 -5.03 15.43
N VAL C 619 24.61 -3.98 15.78
CA VAL C 619 26.06 -4.14 15.96
C VAL C 619 26.34 -5.17 17.05
N ARG C 620 25.84 -4.92 18.26
CA ARG C 620 25.83 -5.90 19.32
C ARG C 620 24.39 -6.32 19.58
N SER C 621 24.20 -7.53 20.08
CA SER C 621 22.87 -8.10 20.28
C SER C 621 22.68 -8.46 21.75
N GLU C 622 21.46 -8.22 22.24
CA GLU C 622 21.08 -8.54 23.61
C GLU C 622 19.91 -9.52 23.57
N ALA C 623 20.03 -10.61 24.32
CA ALA C 623 18.92 -11.53 24.46
C ALA C 623 17.83 -10.89 25.32
N PRO C 624 16.55 -11.17 25.02
CA PRO C 624 15.47 -10.52 25.78
C PRO C 624 15.39 -11.07 27.20
N LEU C 625 15.06 -10.17 28.14
CA LEU C 625 14.80 -10.60 29.50
C LEU C 625 13.56 -11.49 29.56
N VAL C 626 12.48 -11.06 28.90
CA VAL C 626 11.25 -11.85 28.82
C VAL C 626 11.32 -12.68 27.55
N GLY C 627 11.45 -13.99 27.72
CA GLY C 627 11.50 -14.89 26.57
C GLY C 627 10.44 -15.95 26.59
N THR C 628 10.54 -16.90 25.67
CA THR C 628 9.60 -18.01 25.59
C THR C 628 10.26 -19.37 25.54
N GLY C 629 11.59 -19.43 25.46
CA GLY C 629 12.32 -20.67 25.29
C GLY C 629 12.56 -21.05 23.85
N MET C 630 11.70 -20.61 22.93
CA MET C 630 11.85 -20.95 21.52
C MET C 630 13.05 -20.27 20.88
N GLU C 631 13.55 -19.18 21.47
CA GLU C 631 14.64 -18.42 20.85
C GLU C 631 15.89 -19.25 20.68
N LEU C 632 16.14 -20.22 21.58
CA LEU C 632 17.34 -21.03 21.48
C LEU C 632 17.29 -21.95 20.27
N ARG C 633 16.27 -22.82 20.20
CA ARG C 633 16.17 -23.75 19.09
C ARG C 633 15.96 -23.04 17.76
N ALA C 634 15.29 -21.88 17.78
CA ALA C 634 15.10 -21.13 16.54
C ALA C 634 16.42 -20.61 16.00
N ALA C 635 17.32 -20.19 16.89
CA ALA C 635 18.62 -19.68 16.44
C ALA C 635 19.52 -20.81 15.96
N ILE C 636 19.53 -21.93 16.67
CA ILE C 636 20.39 -23.05 16.29
C ILE C 636 19.92 -23.67 14.97
N ASP C 637 18.61 -23.93 14.87
CA ASP C 637 18.09 -24.55 13.66
C ASP C 637 18.11 -23.61 12.47
N ALA C 638 18.23 -22.30 12.69
CA ALA C 638 18.28 -21.36 11.58
C ALA C 638 19.53 -21.55 10.73
N GLY C 639 20.64 -21.92 11.36
CA GLY C 639 21.87 -22.18 10.64
C GLY C 639 22.80 -20.99 10.48
N ASP C 640 22.59 -19.91 11.23
CA ASP C 640 23.47 -18.75 11.17
C ASP C 640 24.44 -18.68 12.35
N VAL C 641 24.38 -19.65 13.27
CA VAL C 641 25.35 -19.75 14.35
C VAL C 641 26.39 -20.78 13.95
N VAL C 642 27.31 -21.09 14.87
CA VAL C 642 28.35 -22.08 14.64
C VAL C 642 28.29 -23.08 15.79
N VAL C 643 27.79 -24.28 15.51
CA VAL C 643 27.67 -25.33 16.52
C VAL C 643 28.80 -26.33 16.35
N ALA C 644 29.26 -26.88 17.46
CA ALA C 644 30.34 -27.86 17.43
C ALA C 644 29.80 -29.22 16.99
N GLU C 645 30.42 -29.79 15.97
CA GLU C 645 29.97 -31.09 15.46
C GLU C 645 30.35 -32.20 16.44
N GLU C 646 31.59 -32.19 16.92
CA GLU C 646 32.09 -33.20 17.84
C GLU C 646 32.60 -32.55 19.11
N SER C 647 32.50 -33.27 20.22
CA SER C 647 32.98 -32.76 21.50
C SER C 647 34.51 -32.65 21.48
N GLY C 648 35.02 -31.69 22.24
CA GLY C 648 36.46 -31.50 22.31
C GLY C 648 36.81 -30.24 23.07
N VAL C 649 38.05 -29.80 22.90
CA VAL C 649 38.57 -28.60 23.55
C VAL C 649 39.00 -27.62 22.47
N ILE C 650 39.03 -26.34 22.84
CA ILE C 650 39.39 -25.28 21.91
C ILE C 650 40.91 -25.17 21.86
N GLU C 651 41.48 -25.47 20.69
CA GLU C 651 42.93 -25.39 20.55
C GLU C 651 43.39 -23.96 20.31
N GLU C 652 42.78 -23.28 19.33
CA GLU C 652 43.11 -21.89 19.02
C GLU C 652 41.84 -21.16 18.65
N VAL C 653 41.68 -19.95 19.20
CA VAL C 653 40.50 -19.13 18.94
C VAL C 653 40.98 -17.75 18.47
N SER C 654 40.41 -17.30 17.35
CA SER C 654 40.69 -15.98 16.82
C SER C 654 39.40 -15.42 16.23
N ALA C 655 39.43 -14.12 15.94
CA ALA C 655 38.28 -13.50 15.27
C ALA C 655 38.09 -14.05 13.86
N ASP C 656 39.07 -14.79 13.33
CA ASP C 656 38.99 -15.35 11.98
C ASP C 656 38.46 -16.77 11.98
N TYR C 657 38.90 -17.62 12.91
CA TYR C 657 38.49 -19.01 12.92
C TYR C 657 38.60 -19.58 14.33
N ILE C 658 37.94 -20.71 14.53
CA ILE C 658 37.98 -21.46 15.79
C ILE C 658 38.41 -22.89 15.47
N THR C 659 39.40 -23.39 16.21
CA THR C 659 39.91 -24.74 16.03
C THR C 659 39.57 -25.57 17.24
N VAL C 660 39.02 -26.77 17.01
CA VAL C 660 38.58 -27.67 18.06
C VAL C 660 39.40 -28.96 17.98
N MET C 661 40.05 -29.31 19.09
CA MET C 661 40.82 -30.55 19.19
C MET C 661 39.93 -31.62 19.76
N HIS C 662 39.57 -32.62 18.94
CA HIS C 662 38.63 -33.65 19.35
C HIS C 662 39.30 -34.62 20.32
N ASP C 663 38.47 -35.48 20.92
CA ASP C 663 38.97 -36.47 21.87
C ASP C 663 39.79 -37.54 21.17
N ASN C 664 39.37 -37.96 19.98
CA ASN C 664 40.12 -38.97 19.24
C ASN C 664 41.48 -38.46 18.82
N GLY C 665 41.58 -37.18 18.47
CA GLY C 665 42.84 -36.60 18.08
C GLY C 665 42.76 -35.70 16.86
N THR C 666 41.62 -35.75 16.16
CA THR C 666 41.45 -34.95 14.96
C THR C 666 41.12 -33.50 15.33
N ARG C 667 41.31 -32.62 14.36
CA ARG C 667 41.04 -31.19 14.52
C ARG C 667 40.07 -30.73 13.45
N ARG C 668 39.02 -30.02 13.87
CA ARG C 668 38.07 -29.42 12.96
C ARG C 668 38.05 -27.91 13.21
N THR C 669 38.18 -27.13 12.14
CA THR C 669 38.29 -25.68 12.24
C THR C 669 37.09 -25.05 11.55
N TYR C 670 36.37 -24.20 12.28
CA TYR C 670 35.21 -23.49 11.78
C TYR C 670 35.60 -22.05 11.50
N ARG C 671 35.38 -21.60 10.26
CA ARG C 671 35.73 -20.25 9.86
C ARG C 671 34.55 -19.31 10.06
N MET C 672 34.84 -18.13 10.61
CA MET C 672 33.79 -17.16 10.92
C MET C 672 33.46 -16.31 9.69
N ARG C 673 32.17 -16.08 9.48
CA ARG C 673 31.70 -15.21 8.41
C ARG C 673 31.62 -13.79 8.95
N LYS C 674 32.55 -12.93 8.52
CA LYS C 674 32.74 -11.61 9.10
C LYS C 674 32.30 -10.54 8.13
N PHE C 675 31.31 -9.73 8.55
CA PHE C 675 30.87 -8.55 7.82
C PHE C 675 30.48 -8.88 6.37
N ALA C 676 29.66 -9.91 6.23
CA ALA C 676 29.20 -10.35 4.91
C ALA C 676 27.81 -9.77 4.63
N ARG C 677 27.62 -9.31 3.41
CA ARG C 677 26.34 -8.74 3.01
C ARG C 677 25.31 -9.85 2.83
N SER C 678 24.13 -9.68 3.42
CA SER C 678 23.05 -10.63 3.24
C SER C 678 22.28 -10.30 1.95
N ASN C 679 21.23 -11.08 1.69
CA ASN C 679 20.43 -10.85 0.50
C ASN C 679 19.74 -9.49 0.53
N HIS C 680 19.43 -8.98 1.72
CA HIS C 680 18.67 -7.75 1.89
C HIS C 680 19.52 -6.63 2.49
N GLY C 681 20.84 -6.68 2.30
CA GLY C 681 21.72 -5.63 2.74
C GLY C 681 22.01 -5.60 4.23
N THR C 682 21.51 -6.55 5.00
CA THR C 682 21.82 -6.59 6.42
C THR C 682 23.23 -7.17 6.63
N CYS C 683 23.75 -6.97 7.84
CA CYS C 683 25.12 -7.39 8.16
C CYS C 683 25.08 -8.77 8.81
N ALA C 684 25.62 -9.76 8.12
CA ALA C 684 25.77 -11.12 8.65
C ALA C 684 27.19 -11.24 9.20
N ASN C 685 27.32 -11.19 10.52
CA ASN C 685 28.61 -11.19 11.18
C ASN C 685 28.59 -12.20 12.32
N GLN C 686 29.48 -13.19 12.26
CA GLN C 686 29.60 -14.19 13.31
C GLN C 686 30.75 -13.82 14.24
N CYS C 687 30.56 -14.12 15.53
CA CYS C 687 31.56 -13.81 16.54
C CYS C 687 31.77 -15.02 17.44
N PRO C 688 33.02 -15.39 17.75
CA PRO C 688 33.25 -16.50 18.67
C PRO C 688 32.76 -16.20 20.07
N ILE C 689 32.31 -17.25 20.76
CA ILE C 689 31.84 -17.15 22.14
C ILE C 689 32.84 -17.78 23.10
N VAL C 690 33.33 -18.97 22.79
CA VAL C 690 34.24 -19.70 23.67
C VAL C 690 35.61 -19.05 23.64
N ASP C 691 36.46 -19.41 24.61
CA ASP C 691 37.82 -18.93 24.70
C ASP C 691 38.79 -20.11 24.52
N ALA C 692 40.08 -19.83 24.72
CA ALA C 692 41.10 -20.86 24.54
C ALA C 692 41.05 -21.86 25.70
N GLY C 693 40.94 -23.14 25.36
CA GLY C 693 40.96 -24.19 26.36
C GLY C 693 39.65 -24.40 27.09
N ASP C 694 38.52 -24.31 26.38
CA ASP C 694 37.21 -24.50 26.97
C ASP C 694 36.64 -25.83 26.48
N ARG C 695 36.34 -26.74 27.42
CA ARG C 695 35.70 -27.99 27.08
C ARG C 695 34.29 -27.73 26.57
N VAL C 696 34.00 -28.16 25.35
CA VAL C 696 32.71 -27.91 24.71
C VAL C 696 32.14 -29.24 24.22
N GLU C 697 30.88 -29.50 24.56
CA GLU C 697 30.22 -30.71 24.15
C GLU C 697 29.79 -30.62 22.69
N ALA C 698 29.33 -31.75 22.15
CA ALA C 698 28.86 -31.81 20.78
C ALA C 698 27.49 -31.16 20.66
N GLY C 699 27.27 -30.48 19.54
CA GLY C 699 26.01 -29.79 19.33
C GLY C 699 25.84 -28.53 20.13
N GLN C 700 26.92 -27.95 20.63
CA GLN C 700 26.88 -26.73 21.43
C GLN C 700 27.33 -25.54 20.58
N VAL C 701 26.74 -24.38 20.86
CA VAL C 701 27.05 -23.16 20.13
C VAL C 701 28.41 -22.64 20.60
N ILE C 702 29.42 -22.70 19.72
CA ILE C 702 30.72 -22.13 20.01
C ILE C 702 30.88 -20.73 19.46
N ALA C 703 29.95 -20.28 18.60
CA ALA C 703 29.98 -18.95 18.03
C ALA C 703 28.59 -18.66 17.47
N ASP C 704 28.16 -17.41 17.60
CA ASP C 704 26.83 -17.00 17.17
C ASP C 704 26.92 -15.84 16.20
N GLY C 705 25.95 -15.78 15.29
CA GLY C 705 25.95 -14.78 14.23
C GLY C 705 25.00 -13.64 14.51
N PRO C 706 24.38 -13.12 13.44
CA PRO C 706 23.50 -11.95 13.60
C PRO C 706 22.25 -12.28 14.40
N CYS C 707 21.80 -11.30 15.19
CA CYS C 707 20.59 -11.44 16.01
C CYS C 707 20.68 -12.65 16.94
N THR C 708 21.86 -12.86 17.52
CA THR C 708 22.07 -13.99 18.42
C THR C 708 22.91 -13.55 19.61
N ASP C 709 22.52 -14.02 20.79
CA ASP C 709 23.24 -13.73 22.03
C ASP C 709 23.30 -15.02 22.85
N ASP C 710 24.49 -15.61 22.92
CA ASP C 710 24.71 -16.86 23.66
C ASP C 710 23.84 -18.00 23.12
N GLY C 711 23.48 -17.91 21.84
CA GLY C 711 22.72 -18.96 21.18
C GLY C 711 21.23 -18.75 21.11
N GLU C 712 20.73 -17.56 21.42
CA GLU C 712 19.30 -17.27 21.42
C GLU C 712 19.01 -16.11 20.49
N MET C 713 17.83 -16.15 19.87
CA MET C 713 17.43 -15.11 18.92
C MET C 713 17.31 -13.76 19.60
N ALA C 714 18.19 -12.83 19.23
CA ALA C 714 18.24 -11.49 19.81
C ALA C 714 17.83 -10.49 18.74
N LEU C 715 16.52 -10.44 18.48
CA LEU C 715 15.99 -9.56 17.43
C LEU C 715 15.94 -8.09 17.84
N GLY C 716 16.23 -7.77 19.09
CA GLY C 716 16.18 -6.40 19.55
C GLY C 716 16.95 -6.17 20.83
N LYS C 717 16.52 -5.15 21.58
CA LYS C 717 17.18 -4.77 22.82
C LYS C 717 16.14 -4.60 23.93
N ASN C 718 16.61 -4.67 25.17
CA ASN C 718 15.78 -4.42 26.34
C ASN C 718 15.85 -2.94 26.69
N LEU C 719 14.72 -2.25 26.57
CA LEU C 719 14.65 -0.80 26.75
C LEU C 719 13.75 -0.46 27.92
N LEU C 720 14.16 0.54 28.70
CA LEU C 720 13.36 1.04 29.81
C LEU C 720 12.22 1.90 29.26
N VAL C 721 10.99 1.46 29.48
CA VAL C 721 9.81 2.06 28.86
C VAL C 721 8.92 2.68 29.93
N ALA C 722 8.34 3.84 29.60
CA ALA C 722 7.33 4.49 30.42
C ALA C 722 6.08 4.70 29.57
N ILE C 723 4.92 4.38 30.14
CA ILE C 723 3.66 4.40 29.40
C ILE C 723 2.96 5.70 29.79
N MET C 724 3.17 6.76 28.98
CA MET C 724 2.59 8.06 29.29
C MET C 724 2.65 8.95 28.07
N PRO C 725 1.64 9.79 27.84
CA PRO C 725 1.78 10.83 26.81
C PRO C 725 2.81 11.86 27.23
N TRP C 726 3.57 12.36 26.24
CA TRP C 726 4.67 13.28 26.53
C TRP C 726 4.65 14.41 25.48
N GLU C 727 3.95 15.49 25.81
CA GLU C 727 3.94 16.73 25.03
C GLU C 727 3.57 16.50 23.57
N GLY C 728 2.83 15.44 23.27
CA GLY C 728 2.36 15.17 21.92
C GLY C 728 3.37 14.57 20.97
N HIS C 729 4.63 14.42 21.38
CA HIS C 729 5.62 13.84 20.48
C HIS C 729 5.39 12.35 20.25
N ASN C 730 4.60 11.70 21.09
CA ASN C 730 4.19 10.32 20.85
C ASN C 730 2.69 10.27 20.58
N TYR C 731 2.25 10.93 19.52
CA TYR C 731 0.83 11.08 19.21
C TYR C 731 0.41 9.99 18.23
N GLU C 732 -0.57 9.18 18.63
CA GLU C 732 -0.99 7.94 17.97
C GLU C 732 0.15 7.20 17.27
N ASP C 733 0.77 6.27 18.01
CA ASP C 733 1.79 5.33 17.55
C ASP C 733 3.15 5.96 17.30
N ALA C 734 3.33 7.25 17.59
CA ALA C 734 4.66 7.82 17.52
C ALA C 734 5.48 7.43 18.75
N ILE C 735 6.80 7.45 18.59
CA ILE C 735 7.71 6.96 19.62
C ILE C 735 8.73 8.04 19.95
N ILE C 736 9.00 8.22 21.24
CA ILE C 736 10.05 9.12 21.72
C ILE C 736 11.19 8.25 22.25
N LEU C 737 12.42 8.60 21.88
CA LEU C 737 13.58 7.83 22.26
C LEU C 737 14.58 8.67 23.04
N SER C 738 15.30 8.01 23.95
CA SER C 738 16.41 8.64 24.65
C SER C 738 17.62 8.71 23.75
N ASN C 739 18.31 9.85 23.78
CA ASN C 739 19.54 10.00 22.99
C ASN C 739 20.64 9.05 23.44
N ARG C 740 20.47 8.37 24.58
CA ARG C 740 21.42 7.36 25.00
C ARG C 740 21.53 6.23 23.99
N LEU C 741 20.40 5.88 23.35
CA LEU C 741 20.42 4.84 22.32
C LEU C 741 21.29 5.22 21.13
N VAL C 742 21.51 6.51 20.91
CA VAL C 742 22.40 6.97 19.85
C VAL C 742 23.84 7.03 20.34
N GLU C 743 24.06 7.54 21.54
CA GLU C 743 25.42 7.69 22.07
C GLU C 743 26.07 6.34 22.32
N GLU C 744 25.29 5.32 22.66
CA GLU C 744 25.83 4.02 23.05
C GLU C 744 25.55 2.93 22.02
N ASP C 745 25.13 3.31 20.80
CA ASP C 745 24.96 2.36 19.69
C ASP C 745 24.03 1.21 20.07
N VAL C 746 22.99 1.51 20.82
CA VAL C 746 22.05 0.46 21.23
C VAL C 746 21.23 0.00 20.04
N LEU C 747 20.71 0.94 19.24
CA LEU C 747 19.94 0.62 18.05
C LEU C 747 20.71 0.95 16.78
N THR C 748 22.04 0.88 16.84
CA THR C 748 22.88 1.09 15.67
C THR C 748 23.09 -0.24 14.96
N SER C 749 22.94 -0.24 13.64
CA SER C 749 23.07 -1.44 12.83
C SER C 749 23.99 -1.19 11.66
N ILE C 750 24.60 -2.26 11.17
CA ILE C 750 25.51 -2.21 10.02
C ILE C 750 24.74 -2.63 8.78
N HIS C 751 24.90 -1.86 7.70
CA HIS C 751 24.26 -2.15 6.43
C HIS C 751 25.29 -2.09 5.32
N ILE C 752 25.20 -3.03 4.38
CA ILE C 752 26.16 -3.16 3.29
C ILE C 752 25.42 -3.14 1.97
N GLU C 753 25.90 -2.33 1.03
CA GLU C 753 25.33 -2.24 -0.30
C GLU C 753 26.35 -2.71 -1.33
N GLU C 754 25.85 -3.34 -2.39
CA GLU C 754 26.68 -3.86 -3.46
C GLU C 754 26.53 -2.98 -4.69
N HIS C 755 27.64 -2.48 -5.20
CA HIS C 755 27.67 -1.67 -6.40
C HIS C 755 28.53 -2.35 -7.45
N GLU C 756 28.11 -2.28 -8.70
CA GLU C 756 28.70 -3.09 -9.76
C GLU C 756 28.69 -2.33 -11.08
N ILE C 757 29.75 -2.48 -11.86
CA ILE C 757 29.83 -1.90 -13.18
C ILE C 757 30.79 -2.75 -14.01
N ASP C 758 30.62 -2.71 -15.33
CA ASP C 758 31.41 -3.51 -16.24
C ASP C 758 31.92 -2.68 -17.39
N ALA C 759 33.06 -3.08 -17.94
CA ALA C 759 33.67 -2.44 -19.10
C ALA C 759 33.48 -3.36 -20.30
N ARG C 760 32.72 -2.90 -21.29
CA ARG C 760 32.34 -3.72 -22.43
C ARG C 760 33.08 -3.29 -23.69
N ASP C 761 32.82 -4.01 -24.77
CA ASP C 761 33.27 -3.65 -26.10
C ASP C 761 32.13 -2.93 -26.81
N THR C 762 32.38 -1.69 -27.23
CA THR C 762 31.36 -0.88 -27.88
C THR C 762 31.62 -0.83 -29.39
N LYS C 763 30.74 -0.11 -30.10
CA LYS C 763 30.84 -0.03 -31.54
C LYS C 763 32.07 0.76 -31.99
N LEU C 764 32.50 1.73 -31.18
CA LEU C 764 33.60 2.61 -31.53
C LEU C 764 34.88 2.30 -30.75
N GLY C 765 34.92 1.17 -30.06
CA GLY C 765 36.10 0.80 -29.30
C GLY C 765 35.76 -0.11 -28.15
N ALA C 766 36.30 0.20 -26.96
CA ALA C 766 36.04 -0.59 -25.77
C ALA C 766 36.06 0.32 -24.56
N GLU C 767 35.05 0.16 -23.69
CA GLU C 767 35.05 0.85 -22.41
C GLU C 767 36.23 0.40 -21.58
N GLU C 768 36.97 1.35 -21.01
CA GLU C 768 38.12 1.06 -20.19
C GLU C 768 37.97 1.72 -18.83
N ILE C 769 38.37 1.00 -17.79
CA ILE C 769 38.35 1.51 -16.42
C ILE C 769 39.70 2.16 -16.16
N THR C 770 39.71 3.48 -16.03
CA THR C 770 40.96 4.22 -15.89
C THR C 770 40.77 5.38 -14.92
N ARG C 771 41.87 5.79 -14.29
CA ARG C 771 41.85 6.96 -13.43
C ARG C 771 41.73 8.24 -14.23
N ASP C 772 42.21 8.22 -15.48
CA ASP C 772 42.16 9.39 -16.36
C ASP C 772 40.73 9.58 -16.85
N ILE C 773 40.04 10.57 -16.29
CA ILE C 773 38.66 10.89 -16.65
C ILE C 773 38.64 12.31 -17.17
N PRO C 774 37.99 12.58 -18.31
CA PRO C 774 38.04 13.93 -18.90
C PRO C 774 37.37 14.97 -18.03
N ASN C 775 38.05 16.11 -17.88
CA ASN C 775 37.50 17.31 -17.22
C ASN C 775 37.10 17.02 -15.78
N ILE C 776 37.95 16.29 -15.06
CA ILE C 776 37.76 16.01 -13.64
C ILE C 776 39.05 16.38 -12.91
N SER C 777 38.92 17.06 -11.78
CA SER C 777 40.07 17.53 -11.03
C SER C 777 40.82 16.35 -10.39
N ASP C 778 42.03 16.63 -9.94
CA ASP C 778 42.80 15.65 -9.19
C ASP C 778 42.29 15.47 -7.77
N GLU C 779 41.26 16.21 -7.37
CA GLU C 779 40.72 16.17 -6.03
C GLU C 779 39.60 15.14 -5.88
N VAL C 780 38.73 15.04 -6.89
CA VAL C 780 37.70 14.01 -6.86
C VAL C 780 38.32 12.64 -7.06
N LEU C 781 39.32 12.54 -7.94
CA LEU C 781 40.03 11.31 -8.21
C LEU C 781 41.07 10.97 -7.14
N ALA C 782 41.08 11.71 -6.03
CA ALA C 782 42.11 11.50 -5.01
C ALA C 782 41.91 10.19 -4.26
N ASP C 783 40.66 9.74 -4.12
CA ASP C 783 40.37 8.50 -3.41
C ASP C 783 40.50 7.27 -4.30
N LEU C 784 40.95 7.43 -5.54
CA LEU C 784 41.12 6.31 -6.46
C LEU C 784 42.57 5.88 -6.51
N ASP C 785 42.78 4.59 -6.77
CA ASP C 785 44.13 4.07 -6.98
C ASP C 785 44.54 4.35 -8.42
N GLU C 786 45.63 3.71 -8.88
CA GLU C 786 46.12 3.94 -10.22
C GLU C 786 45.25 3.31 -11.29
N ARG C 787 44.32 2.42 -10.92
CA ARG C 787 43.46 1.75 -11.87
C ARG C 787 42.15 2.50 -12.11
N GLY C 788 41.84 3.49 -11.28
CA GLY C 788 40.55 4.14 -11.32
C GLY C 788 39.52 3.60 -10.36
N ILE C 789 39.94 2.77 -9.41
CA ILE C 789 39.04 2.14 -8.43
C ILE C 789 39.24 2.83 -7.09
N VAL C 790 38.13 3.05 -6.38
CA VAL C 790 38.22 3.60 -5.03
C VAL C 790 39.00 2.64 -4.15
N ARG C 791 39.80 3.19 -3.23
CA ARG C 791 40.64 2.37 -2.38
C ARG C 791 39.88 1.93 -1.13
N ILE C 792 40.35 0.82 -0.55
CA ILE C 792 39.69 0.26 0.63
C ILE C 792 39.87 1.20 1.81
N GLY C 793 38.77 1.43 2.54
CA GLY C 793 38.78 2.27 3.71
C GLY C 793 38.34 3.70 3.46
N ALA C 794 38.31 4.14 2.21
CA ALA C 794 37.93 5.51 1.90
C ALA C 794 36.45 5.72 2.14
N GLU C 795 36.11 6.79 2.87
CA GLU C 795 34.72 7.14 3.10
C GLU C 795 34.19 7.90 1.89
N VAL C 796 33.02 7.50 1.40
CA VAL C 796 32.44 8.05 0.18
C VAL C 796 31.02 8.51 0.45
N ARG C 797 30.73 9.75 0.08
CA ARG C 797 29.38 10.30 0.15
C ARG C 797 28.66 9.99 -1.17
N ASP C 798 27.45 10.52 -1.32
CA ASP C 798 26.73 10.35 -2.57
C ASP C 798 27.32 11.27 -3.65
N GLY C 799 27.45 10.74 -4.85
CA GLY C 799 28.07 11.45 -5.94
C GLY C 799 29.54 11.18 -6.13
N ASP C 800 30.20 10.60 -5.13
CA ASP C 800 31.61 10.26 -5.24
C ASP C 800 31.81 9.15 -6.28
N ILE C 801 32.97 9.17 -6.92
CA ILE C 801 33.29 8.19 -7.96
C ILE C 801 33.81 6.92 -7.31
N LEU C 802 33.24 5.78 -7.69
CA LEU C 802 33.68 4.47 -7.22
C LEU C 802 34.55 3.76 -8.24
N VAL C 803 34.14 3.74 -9.51
CA VAL C 803 34.90 3.12 -10.59
C VAL C 803 34.90 4.07 -11.77
N GLY C 804 36.08 4.50 -12.20
CA GLY C 804 36.19 5.43 -13.31
C GLY C 804 36.20 4.76 -14.66
N LYS C 805 35.07 4.77 -15.36
CA LYS C 805 34.93 4.14 -16.67
C LYS C 805 34.59 5.21 -17.70
N VAL C 806 35.27 5.15 -18.85
CA VAL C 806 35.03 6.07 -19.95
C VAL C 806 34.62 5.25 -21.18
N THR C 807 33.67 5.77 -21.94
CA THR C 807 33.18 5.11 -23.14
C THR C 807 33.39 6.00 -24.35
N PRO C 808 33.96 5.49 -25.43
CA PRO C 808 34.19 6.34 -26.61
C PRO C 808 32.89 6.66 -27.32
N LYS C 809 32.65 7.96 -27.55
CA LYS C 809 31.46 8.43 -28.24
C LYS C 809 31.86 8.98 -29.61
N GLY C 810 31.05 8.69 -30.62
CA GLY C 810 31.36 9.12 -31.96
C GLY C 810 31.29 10.62 -32.14
N GLU C 811 31.96 11.10 -33.18
CA GLU C 811 31.93 12.53 -33.49
C GLU C 811 30.58 12.95 -34.02
N THR C 812 29.93 12.09 -34.80
CA THR C 812 28.60 12.36 -35.36
C THR C 812 27.49 12.34 -34.32
N GLU C 813 27.81 12.16 -33.03
CA GLU C 813 26.82 12.11 -31.96
C GLU C 813 26.87 13.35 -31.08
N LEU C 814 27.50 14.42 -31.54
CA LEU C 814 27.77 15.58 -30.71
C LEU C 814 26.72 16.68 -30.94
N THR C 815 26.35 17.34 -29.84
CA THR C 815 25.48 18.50 -29.92
C THR C 815 26.20 19.64 -30.63
N PRO C 816 25.48 20.47 -31.39
CA PRO C 816 26.12 21.68 -31.95
C PRO C 816 26.76 22.55 -30.88
N GLU C 817 26.09 22.75 -29.74
CA GLU C 817 26.71 23.49 -28.64
C GLU C 817 27.89 22.74 -28.04
N GLU C 818 27.81 21.40 -27.99
CA GLU C 818 28.90 20.62 -27.43
C GLU C 818 30.13 20.65 -28.33
N ARG C 819 29.93 20.65 -29.65
CA ARG C 819 31.06 20.73 -30.57
C ARG C 819 31.67 22.13 -30.55
N LEU C 820 30.84 23.16 -30.40
CA LEU C 820 31.37 24.50 -30.19
C LEU C 820 32.07 24.61 -28.85
N LEU C 821 31.48 24.02 -27.79
CA LEU C 821 32.11 24.03 -26.48
C LEU C 821 33.42 23.24 -26.50
N ARG C 822 33.53 22.24 -27.37
CA ARG C 822 34.79 21.52 -27.52
C ARG C 822 35.81 22.36 -28.29
N ALA C 823 35.35 23.21 -29.20
CA ALA C 823 36.27 24.06 -29.95
C ALA C 823 36.77 25.23 -29.12
N ILE C 824 35.90 25.79 -28.26
CA ILE C 824 36.28 26.95 -27.45
C ILE C 824 37.08 26.58 -26.22
N PHE C 825 37.42 25.30 -26.04
CA PHE C 825 38.30 24.88 -24.96
C PHE C 825 39.54 24.16 -25.47
N GLY C 826 39.67 23.95 -26.78
CA GLY C 826 40.87 23.42 -27.38
C GLY C 826 41.24 22.01 -26.96
N GLU C 827 40.33 21.31 -26.28
CA GLU C 827 40.60 19.96 -25.79
C GLU C 827 40.27 18.96 -26.88
N LYS C 828 41.28 18.61 -27.68
CA LYS C 828 41.12 17.57 -28.67
C LYS C 828 41.29 16.20 -28.02
N ALA C 829 41.03 15.15 -28.81
CA ALA C 829 41.25 13.77 -28.40
C ALA C 829 40.44 13.38 -27.17
N ARG C 830 39.32 14.06 -26.93
CA ARG C 830 38.43 13.70 -25.84
C ARG C 830 37.18 12.98 -26.34
N GLU C 831 37.36 12.06 -27.28
CA GLU C 831 36.25 11.36 -27.93
C GLU C 831 35.52 10.43 -26.97
N VAL C 832 35.95 10.39 -25.71
CA VAL C 832 35.33 9.55 -24.71
C VAL C 832 34.52 10.43 -23.76
N ARG C 833 33.45 9.86 -23.23
CA ARG C 833 32.59 10.53 -22.25
C ARG C 833 32.65 9.79 -20.93
N ASP C 834 32.09 10.43 -19.91
CA ASP C 834 32.13 9.90 -18.54
C ASP C 834 30.95 8.95 -18.33
N THR C 835 31.26 7.71 -17.96
CA THR C 835 30.27 6.72 -17.58
C THR C 835 30.74 5.98 -16.33
N SER C 836 31.29 6.72 -15.38
CA SER C 836 31.85 6.15 -14.17
C SER C 836 30.74 5.72 -13.21
N LEU C 837 31.10 4.79 -12.33
CA LEU C 837 30.18 4.32 -11.30
C LEU C 837 30.24 5.27 -10.12
N LYS C 838 29.16 6.01 -9.87
CA LYS C 838 29.07 6.95 -8.77
C LYS C 838 28.14 6.42 -7.69
N VAL C 839 28.25 7.01 -6.51
CA VAL C 839 27.45 6.57 -5.36
C VAL C 839 26.02 7.08 -5.53
N PRO C 840 25.02 6.23 -5.37
CA PRO C 840 23.63 6.69 -5.54
C PRO C 840 23.22 7.68 -4.47
N HIS C 841 22.12 8.37 -4.74
CA HIS C 841 21.58 9.33 -3.78
C HIS C 841 21.08 8.61 -2.53
N GLY C 842 21.56 9.04 -1.37
CA GLY C 842 21.19 8.46 -0.10
C GLY C 842 22.14 7.41 0.44
N GLU C 843 23.27 7.19 -0.23
CA GLU C 843 24.25 6.20 0.19
C GLU C 843 25.50 6.92 0.70
N SER C 844 26.12 6.36 1.74
CA SER C 844 27.35 6.90 2.30
C SER C 844 27.91 5.90 3.29
N GLY C 845 29.21 5.68 3.23
CA GLY C 845 29.86 4.74 4.13
C GLY C 845 31.29 4.48 3.72
N LYS C 846 31.89 3.50 4.40
CA LYS C 846 33.28 3.11 4.14
C LYS C 846 33.33 1.98 3.12
N VAL C 847 34.27 2.09 2.18
CA VAL C 847 34.51 1.02 1.24
C VAL C 847 35.27 -0.10 1.95
N ILE C 848 34.65 -1.28 2.03
CA ILE C 848 35.20 -2.37 2.82
C ILE C 848 35.80 -3.47 1.96
N GLY C 849 35.43 -3.58 0.69
CA GLY C 849 35.95 -4.65 -0.15
C GLY C 849 35.79 -4.33 -1.62
N ILE C 850 36.72 -4.84 -2.42
CA ILE C 850 36.69 -4.71 -3.87
C ILE C 850 36.91 -6.08 -4.48
N ARG C 851 36.19 -6.38 -5.56
CA ARG C 851 36.35 -7.62 -6.31
C ARG C 851 36.42 -7.27 -7.78
N VAL C 852 37.51 -7.67 -8.44
CA VAL C 852 37.76 -7.34 -9.84
C VAL C 852 37.82 -8.62 -10.65
N PHE C 853 37.08 -8.65 -11.76
CA PHE C 853 37.09 -9.76 -12.70
C PHE C 853 37.45 -9.23 -14.07
N SER C 854 38.45 -9.85 -14.71
CA SER C 854 38.97 -9.37 -15.99
C SER C 854 39.05 -10.52 -16.97
N ARG C 855 38.51 -10.30 -18.18
CA ARG C 855 38.68 -11.28 -19.26
C ARG C 855 40.15 -11.51 -19.57
N GLU C 856 40.97 -10.45 -19.44
CA GLU C 856 42.41 -10.59 -19.64
C GLU C 856 43.02 -11.60 -18.67
N ASP C 857 42.42 -11.77 -17.49
CA ASP C 857 42.98 -12.65 -16.48
C ASP C 857 42.13 -13.90 -16.29
N GLU C 858 41.82 -14.59 -17.39
CA GLU C 858 41.18 -15.91 -17.42
C GLU C 858 39.81 -15.95 -16.73
N ASP C 859 39.33 -14.82 -16.22
CA ASP C 859 38.01 -14.77 -15.61
C ASP C 859 36.95 -14.76 -16.71
N GLU C 860 36.05 -15.75 -16.67
CA GLU C 860 35.04 -15.90 -17.72
C GLU C 860 33.90 -14.93 -17.47
N LEU C 861 33.87 -13.87 -18.27
CA LEU C 861 32.80 -12.89 -18.28
C LEU C 861 31.84 -13.16 -19.43
N PRO C 862 30.62 -12.63 -19.37
CA PRO C 862 29.72 -12.76 -20.52
C PRO C 862 30.32 -12.12 -21.75
N ALA C 863 30.00 -12.71 -22.91
CA ALA C 863 30.59 -12.28 -24.17
C ALA C 863 30.30 -10.81 -24.43
N GLY C 864 31.36 -10.03 -24.67
CA GLY C 864 31.26 -8.61 -24.87
C GLY C 864 31.69 -7.77 -23.69
N VAL C 865 32.20 -8.39 -22.63
CA VAL C 865 32.64 -7.68 -21.44
C VAL C 865 34.15 -7.89 -21.28
N ASN C 866 34.85 -6.83 -20.87
CA ASN C 866 36.29 -6.89 -20.68
C ASN C 866 36.73 -6.77 -19.23
N GLU C 867 35.90 -6.21 -18.36
CA GLU C 867 36.28 -6.05 -16.96
C GLU C 867 35.01 -5.88 -16.13
N LEU C 868 35.05 -6.39 -14.91
CA LEU C 868 33.93 -6.31 -13.98
C LEU C 868 34.46 -5.99 -12.59
N VAL C 869 33.85 -5.00 -11.93
CA VAL C 869 34.27 -4.56 -10.61
C VAL C 869 33.05 -4.51 -9.70
N ARG C 870 33.17 -5.09 -8.51
CA ARG C 870 32.15 -5.00 -7.48
C ARG C 870 32.74 -4.32 -6.25
N VAL C 871 32.06 -3.27 -5.77
CA VAL C 871 32.51 -2.49 -4.62
C VAL C 871 31.48 -2.64 -3.52
N TYR C 872 31.94 -3.05 -2.34
CA TYR C 872 31.09 -3.23 -1.17
C TYR C 872 31.27 -2.02 -0.25
N VAL C 873 30.17 -1.30 0.00
CA VAL C 873 30.17 -0.14 0.87
C VAL C 873 29.34 -0.46 2.11
N ALA C 874 29.91 -0.21 3.29
CA ALA C 874 29.26 -0.48 4.56
C ALA C 874 28.98 0.84 5.27
N GLN C 875 27.74 1.03 5.72
CA GLN C 875 27.35 2.20 6.50
C GLN C 875 27.01 1.77 7.91
N LYS C 876 27.36 2.62 8.87
CA LYS C 876 27.04 2.40 10.28
C LYS C 876 25.85 3.29 10.61
N ARG C 877 24.66 2.69 10.66
CA ARG C 877 23.40 3.44 10.78
C ARG C 877 22.96 3.48 12.24
N LYS C 878 23.09 4.64 12.86
CA LYS C 878 22.48 4.86 14.16
C LYS C 878 20.98 5.06 14.00
N ILE C 879 20.25 4.92 15.11
CA ILE C 879 18.81 5.10 15.08
C ILE C 879 18.49 6.57 14.83
N SER C 880 17.56 6.81 13.91
CA SER C 880 17.28 8.17 13.44
C SER C 880 15.80 8.47 13.59
N ASP C 881 15.47 9.76 13.47
CA ASP C 881 14.08 10.19 13.50
C ASP C 881 13.32 9.62 12.33
N GLY C 882 12.27 8.85 12.61
CA GLY C 882 11.46 8.23 11.59
C GLY C 882 11.74 6.77 11.35
N ASP C 883 12.84 6.23 11.90
CA ASP C 883 13.10 4.81 11.80
C ASP C 883 12.01 4.03 12.51
N LYS C 884 11.55 2.95 11.87
CA LYS C 884 10.39 2.19 12.34
C LYS C 884 10.83 1.16 13.37
N LEU C 885 10.40 1.35 14.61
CA LEU C 885 10.58 0.37 15.68
C LEU C 885 9.27 -0.36 15.92
N ALA C 886 9.38 -1.53 16.56
CA ALA C 886 8.21 -2.32 16.88
C ALA C 886 8.57 -3.36 17.94
N GLY C 887 7.54 -3.87 18.60
CA GLY C 887 7.69 -4.92 19.58
C GLY C 887 7.26 -6.27 19.03
N ARG C 888 6.98 -7.19 19.95
CA ARG C 888 6.58 -8.55 19.59
C ARG C 888 5.06 -8.73 19.56
N HIS C 889 4.30 -7.70 19.92
CA HIS C 889 2.84 -7.80 19.99
C HIS C 889 2.16 -6.93 18.95
N GLY C 890 2.81 -6.71 17.80
CA GLY C 890 2.22 -5.89 16.76
C GLY C 890 2.10 -4.43 17.11
N ASN C 891 2.87 -3.95 18.09
CA ASN C 891 2.87 -2.55 18.49
C ASN C 891 4.01 -1.86 17.75
N LYS C 892 3.68 -1.20 16.65
CA LYS C 892 4.66 -0.59 15.77
C LYS C 892 4.53 0.93 15.79
N GLY C 893 5.61 1.59 15.39
CA GLY C 893 5.64 3.04 15.32
C GLY C 893 6.97 3.61 14.89
N VAL C 894 6.95 4.80 14.31
CA VAL C 894 8.17 5.45 13.86
C VAL C 894 8.68 6.38 14.95
N ILE C 895 9.96 6.70 14.89
CA ILE C 895 10.60 7.54 15.90
C ILE C 895 10.20 8.99 15.62
N GLY C 896 9.42 9.58 16.53
CA GLY C 896 8.93 10.93 16.34
C GLY C 896 9.86 12.01 16.88
N LYS C 897 10.63 11.67 17.92
CA LYS C 897 11.51 12.66 18.54
C LYS C 897 12.54 11.94 19.39
N ILE C 898 13.80 12.35 19.26
CA ILE C 898 14.87 11.83 20.10
C ILE C 898 15.36 12.94 21.01
N LEU C 899 14.79 13.02 22.21
CA LEU C 899 15.15 14.08 23.14
C LEU C 899 16.53 13.82 23.74
N PRO C 900 17.17 14.88 24.27
CA PRO C 900 18.40 14.67 25.04
C PRO C 900 18.12 13.85 26.30
N VAL C 901 19.19 13.23 26.80
CA VAL C 901 19.06 12.33 27.94
C VAL C 901 18.51 13.06 29.17
N GLU C 902 18.78 14.36 29.28
CA GLU C 902 18.28 15.12 30.42
C GLU C 902 16.79 15.45 30.29
N ASP C 903 16.29 15.55 29.05
CA ASP C 903 14.87 15.84 28.86
C ASP C 903 13.98 14.66 29.22
N MET C 904 14.51 13.44 29.19
CA MET C 904 13.68 12.27 29.39
C MET C 904 13.16 12.21 30.83
N PRO C 905 11.92 11.78 31.03
CA PRO C 905 11.44 11.51 32.40
C PRO C 905 12.29 10.44 33.06
N PHE C 906 12.87 10.78 34.20
CA PHE C 906 13.80 9.90 34.89
C PHE C 906 13.19 9.44 36.22
N LEU C 907 13.64 8.27 36.66
CA LEU C 907 13.12 7.65 37.87
C LEU C 907 13.62 8.39 39.12
N ALA C 908 13.41 7.78 40.28
CA ALA C 908 13.78 8.43 41.54
C ALA C 908 15.30 8.52 41.70
N ASP C 909 16.04 7.54 41.17
CA ASP C 909 17.49 7.51 41.31
C ASP C 909 18.20 8.13 40.11
N GLY C 910 17.49 8.88 39.28
CA GLY C 910 18.10 9.61 38.19
C GLY C 910 18.26 8.85 36.89
N THR C 911 18.03 7.54 36.89
CA THR C 911 18.15 6.76 35.67
C THR C 911 17.02 7.14 34.72
N PRO C 912 17.31 7.73 33.56
CA PRO C 912 16.24 8.12 32.64
C PRO C 912 15.71 6.93 31.86
N VAL C 913 14.43 7.02 31.49
CA VAL C 913 13.84 5.98 30.65
C VAL C 913 14.42 6.08 29.24
N ASP C 914 14.33 4.97 28.52
CA ASP C 914 14.86 4.90 27.16
C ASP C 914 13.83 5.18 26.08
N ILE C 915 12.55 4.89 26.35
CA ILE C 915 11.51 5.00 25.34
C ILE C 915 10.20 5.35 26.03
N ILE C 916 9.44 6.26 25.43
CA ILE C 916 8.18 6.74 25.98
C ILE C 916 7.07 6.31 25.02
N LEU C 917 6.29 5.32 25.43
CA LEU C 917 5.21 4.78 24.61
C LEU C 917 3.89 5.43 25.00
N ASN C 918 3.11 5.80 23.99
CA ASN C 918 1.83 6.45 24.23
C ASN C 918 0.82 5.46 24.80
N THR C 919 0.00 5.95 25.73
CA THR C 919 -0.98 5.10 26.40
C THR C 919 -2.22 4.87 25.54
N HIS C 920 -2.58 5.85 24.70
CA HIS C 920 -3.82 5.74 23.94
C HIS C 920 -3.80 4.55 22.98
N GLY C 921 -2.64 4.22 22.44
CA GLY C 921 -2.54 3.12 21.48
C GLY C 921 -2.31 1.77 22.13
N VAL C 922 -2.86 1.57 23.32
CA VAL C 922 -2.70 0.32 24.05
C VAL C 922 -4.04 -0.41 24.21
N PRO C 923 -5.11 0.21 24.74
CA PRO C 923 -6.34 -0.55 24.95
C PRO C 923 -7.20 -0.71 23.70
N ARG C 924 -6.85 -0.04 22.60
CA ARG C 924 -7.58 -0.25 21.35
C ARG C 924 -7.19 -1.56 20.68
N ARG C 925 -5.88 -1.78 20.54
CA ARG C 925 -5.36 -2.92 19.77
C ARG C 925 -5.57 -4.26 20.45
N MET C 926 -5.96 -4.27 21.72
CA MET C 926 -6.17 -5.50 22.48
C MET C 926 -4.89 -6.33 22.57
N ASN C 927 -3.77 -5.65 22.79
CA ASN C 927 -2.47 -6.29 22.94
C ASN C 927 -1.96 -6.01 24.36
N ILE C 928 -2.66 -6.55 25.35
CA ILE C 928 -2.23 -6.42 26.75
C ILE C 928 -0.91 -7.13 27.02
N GLY C 929 -0.48 -8.02 26.13
CA GLY C 929 0.80 -8.70 26.32
C GLY C 929 1.97 -7.76 26.50
N GLN C 930 1.94 -6.60 25.82
CA GLN C 930 3.01 -5.62 26.00
C GLN C 930 3.01 -5.04 27.41
N ILE C 931 1.82 -4.89 28.00
CA ILE C 931 1.75 -4.42 29.38
C ILE C 931 2.27 -5.49 30.34
N LEU C 932 1.87 -6.74 30.10
CA LEU C 932 2.35 -7.83 30.96
C LEU C 932 3.84 -8.08 30.76
N GLU C 933 4.34 -7.89 29.54
CA GLU C 933 5.78 -8.00 29.32
C GLU C 933 6.53 -6.89 30.05
N THR C 934 5.96 -5.68 30.09
CA THR C 934 6.59 -4.57 30.79
C THR C 934 6.71 -4.86 32.27
N HIS C 935 5.68 -5.46 32.87
CA HIS C 935 5.72 -5.81 34.28
C HIS C 935 6.77 -6.89 34.55
N LEU C 936 6.66 -8.02 33.85
CA LEU C 936 7.65 -9.08 33.99
C LEU C 936 9.04 -8.61 33.58
N GLY C 937 9.11 -7.68 32.62
CA GLY C 937 10.40 -7.15 32.20
C GLY C 937 11.13 -6.43 33.31
N TRP C 938 10.39 -5.67 34.13
CA TRP C 938 11.02 -5.00 35.26
C TRP C 938 11.42 -5.99 36.34
N CYS C 939 10.55 -6.96 36.63
CA CYS C 939 10.87 -7.97 37.64
C CYS C 939 12.13 -8.73 37.27
N ALA C 940 12.35 -8.97 35.98
CA ALA C 940 13.60 -9.59 35.55
C ALA C 940 14.77 -8.63 35.71
N HIS C 941 14.55 -7.34 35.46
CA HIS C 941 15.61 -6.36 35.57
C HIS C 941 16.06 -6.17 37.02
N SER C 942 15.12 -6.19 37.95
CA SER C 942 15.41 -5.95 39.36
C SER C 942 15.61 -7.22 40.17
N GLY C 943 14.82 -8.26 39.90
CA GLY C 943 14.82 -9.45 40.72
C GLY C 943 13.75 -9.42 41.80
N TRP C 944 13.55 -10.57 42.44
CA TRP C 944 12.51 -10.67 43.45
C TRP C 944 12.90 -11.73 44.48
N LYS C 945 12.24 -11.65 45.64
CA LYS C 945 12.45 -12.59 46.74
C LYS C 945 11.10 -12.80 47.42
N VAL C 946 10.57 -14.01 47.32
CA VAL C 946 9.28 -14.34 47.91
C VAL C 946 9.48 -14.64 49.39
N ASP C 947 8.50 -14.22 50.21
CA ASP C 947 8.56 -14.43 51.65
C ASP C 947 8.49 -15.93 51.94
N ALA C 948 9.62 -16.50 52.38
CA ALA C 948 9.65 -17.92 52.69
C ALA C 948 9.10 -18.23 54.08
N ALA C 949 9.15 -17.27 54.99
CA ALA C 949 8.65 -17.47 56.34
C ALA C 949 7.14 -17.72 56.31
N LYS C 950 6.67 -18.53 57.26
CA LYS C 950 5.26 -18.90 57.36
C LYS C 950 4.76 -19.56 56.08
N GLY C 951 5.61 -20.39 55.48
CA GLY C 951 5.22 -21.17 54.32
C GLY C 951 5.31 -20.39 53.02
N VAL C 952 5.00 -21.10 51.94
CA VAL C 952 4.96 -20.49 50.60
C VAL C 952 3.61 -19.78 50.44
N PRO C 953 3.61 -18.52 50.02
CA PRO C 953 2.35 -17.79 49.85
C PRO C 953 1.43 -18.46 48.83
N ASP C 954 0.17 -18.05 48.87
CA ASP C 954 -0.87 -18.72 48.10
C ASP C 954 -0.86 -18.36 46.62
N TRP C 955 -0.10 -17.35 46.21
CA TRP C 955 0.00 -17.03 44.79
C TRP C 955 1.15 -17.75 44.10
N ALA C 956 2.20 -18.11 44.86
CA ALA C 956 3.38 -18.74 44.31
C ALA C 956 3.39 -20.25 44.53
N ALA C 957 2.24 -20.84 44.84
CA ALA C 957 2.18 -22.29 45.05
C ALA C 957 2.38 -23.05 43.74
N ARG C 958 1.88 -22.51 42.62
CA ARG C 958 2.03 -23.16 41.34
C ARG C 958 3.39 -22.91 40.70
N LEU C 959 4.10 -21.87 41.13
CA LEU C 959 5.37 -21.54 40.52
C LEU C 959 6.44 -22.57 40.90
N PRO C 960 7.36 -22.89 40.00
CA PRO C 960 8.47 -23.77 40.36
C PRO C 960 9.34 -23.12 41.43
N ASP C 961 10.04 -23.96 42.19
CA ASP C 961 10.91 -23.46 43.25
C ASP C 961 12.06 -22.63 42.71
N GLU C 962 12.43 -22.83 41.44
CA GLU C 962 13.50 -22.03 40.82
C GLU C 962 13.09 -20.57 40.66
N LEU C 963 11.80 -20.27 40.71
CA LEU C 963 11.30 -18.92 40.48
C LEU C 963 11.15 -18.11 41.76
N LEU C 964 11.24 -18.75 42.93
CA LEU C 964 10.99 -18.04 44.19
C LEU C 964 12.05 -16.99 44.49
N GLU C 965 13.26 -17.13 43.94
CA GLU C 965 14.31 -16.14 44.11
C GLU C 965 14.93 -15.83 42.75
N ALA C 966 15.15 -14.55 42.49
CA ALA C 966 15.71 -14.10 41.23
C ALA C 966 16.73 -13.00 41.48
N GLN C 967 17.80 -13.03 40.70
CA GLN C 967 18.83 -12.00 40.71
C GLN C 967 18.55 -10.96 39.63
N PRO C 968 19.12 -9.76 39.76
CA PRO C 968 18.89 -8.73 38.73
C PRO C 968 19.37 -9.19 37.36
N ASN C 969 18.64 -8.76 36.33
CA ASN C 969 18.93 -9.13 34.94
C ASN C 969 18.87 -10.65 34.74
N ALA C 970 17.84 -11.27 35.30
CA ALA C 970 17.60 -12.70 35.10
C ALA C 970 16.77 -12.92 33.84
N ILE C 971 16.94 -14.08 33.24
CA ILE C 971 16.23 -14.45 32.01
C ILE C 971 15.14 -15.45 32.37
N VAL C 972 13.98 -15.29 31.73
CA VAL C 972 12.81 -16.11 32.02
C VAL C 972 12.13 -16.51 30.71
N SER C 973 11.30 -17.55 30.79
CA SER C 973 10.55 -18.07 29.66
C SER C 973 9.06 -18.03 29.98
N THR C 974 8.27 -17.50 29.05
CA THR C 974 6.81 -17.54 29.12
C THR C 974 6.33 -18.30 27.89
N PRO C 975 6.22 -19.62 27.97
CA PRO C 975 5.80 -20.39 26.80
C PRO C 975 4.40 -20.00 26.35
N VAL C 976 4.15 -20.13 25.05
CA VAL C 976 2.87 -19.75 24.47
C VAL C 976 1.76 -20.65 25.03
N PHE C 977 0.65 -20.02 25.41
CA PHE C 977 -0.52 -20.64 26.04
C PHE C 977 -0.19 -21.31 27.37
N ASP C 978 1.06 -21.21 27.84
CA ASP C 978 1.47 -21.56 29.18
C ASP C 978 2.11 -20.33 29.80
N GLY C 979 3.05 -20.50 30.72
CA GLY C 979 3.81 -19.36 31.21
C GLY C 979 3.14 -18.66 32.39
N ALA C 980 3.54 -17.40 32.57
CA ALA C 980 3.16 -16.65 33.75
C ALA C 980 1.69 -16.28 33.73
N GLN C 981 1.03 -16.44 34.88
CA GLN C 981 -0.34 -16.00 35.07
C GLN C 981 -0.35 -14.67 35.81
N GLU C 982 -1.47 -13.95 35.68
CA GLU C 982 -1.55 -12.61 36.26
C GLU C 982 -1.52 -12.64 37.79
N ALA C 983 -1.97 -13.74 38.39
CA ALA C 983 -1.90 -13.86 39.85
C ALA C 983 -0.46 -13.92 40.32
N GLU C 984 0.41 -14.63 39.59
CA GLU C 984 1.81 -14.70 39.97
C GLU C 984 2.54 -13.42 39.59
N LEU C 985 2.16 -12.79 38.49
CA LEU C 985 2.80 -11.54 38.09
C LEU C 985 2.46 -10.42 39.07
N GLN C 986 1.22 -10.37 39.54
CA GLN C 986 0.84 -9.40 40.56
C GLN C 986 1.64 -9.62 41.85
N GLY C 987 1.87 -10.89 42.20
CA GLY C 987 2.63 -11.18 43.40
C GLY C 987 4.11 -10.85 43.27
N LEU C 988 4.66 -10.94 42.05
CA LEU C 988 6.07 -10.62 41.86
C LEU C 988 6.31 -9.12 41.97
N LEU C 989 5.37 -8.30 41.50
CA LEU C 989 5.54 -6.85 41.60
C LEU C 989 5.59 -6.39 43.05
N SER C 990 4.97 -7.14 43.96
CA SER C 990 4.95 -6.78 45.36
C SER C 990 6.29 -7.04 46.05
N CYS C 991 7.11 -7.94 45.51
CA CYS C 991 8.37 -8.33 46.13
C CYS C 991 9.55 -8.06 45.21
N THR C 992 9.49 -6.96 44.46
CA THR C 992 10.60 -6.59 43.58
C THR C 992 11.81 -6.22 44.41
N LEU C 993 12.99 -6.55 43.89
CA LEU C 993 14.22 -6.33 44.64
C LEU C 993 14.56 -4.84 44.68
N PRO C 994 15.11 -4.35 45.78
CA PRO C 994 15.50 -2.93 45.84
C PRO C 994 16.75 -2.67 45.04
N ASN C 995 17.00 -1.38 44.78
CA ASN C 995 18.17 -0.96 44.02
C ASN C 995 19.41 -1.01 44.92
N ARG C 996 20.51 -0.40 44.45
CA ARG C 996 21.74 -0.39 45.25
C ARG C 996 21.58 0.45 46.50
N ASP C 997 20.75 1.49 46.45
CA ASP C 997 20.47 2.30 47.63
C ASP C 997 19.49 1.64 48.59
N GLY C 998 18.81 0.59 48.16
CA GLY C 998 17.86 -0.10 49.01
C GLY C 998 16.42 0.34 48.87
N ASP C 999 16.11 1.17 47.88
CA ASP C 999 14.78 1.71 47.70
C ASP C 999 14.07 1.02 46.54
N VAL C 1000 12.78 0.74 46.72
CA VAL C 1000 11.98 0.09 45.69
C VAL C 1000 11.36 1.18 44.82
N LEU C 1001 11.72 1.20 43.54
CA LEU C 1001 11.30 2.29 42.66
C LEU C 1001 9.86 2.11 42.19
N VAL C 1002 9.47 0.90 41.81
CA VAL C 1002 8.14 0.64 41.29
C VAL C 1002 7.27 0.08 42.41
N ASP C 1003 5.98 0.38 42.34
CA ASP C 1003 5.02 -0.07 43.33
C ASP C 1003 4.49 -1.45 42.97
N ALA C 1004 3.68 -2.01 43.88
CA ALA C 1004 3.03 -3.29 43.60
C ALA C 1004 2.10 -3.20 42.40
N ASP C 1005 1.51 -2.01 42.16
CA ASP C 1005 0.71 -1.80 40.97
C ASP C 1005 1.55 -1.88 39.70
N GLY C 1006 2.87 -1.75 39.80
CA GLY C 1006 3.75 -1.71 38.66
C GLY C 1006 4.13 -0.32 38.21
N LYS C 1007 3.51 0.71 38.78
CA LYS C 1007 3.82 2.09 38.43
C LYS C 1007 4.93 2.63 39.31
N ALA C 1008 5.55 3.71 38.83
CA ALA C 1008 6.62 4.37 39.56
C ALA C 1008 6.52 5.87 39.37
N MET C 1009 7.14 6.61 40.27
CA MET C 1009 7.08 8.07 40.27
C MET C 1009 8.21 8.61 39.40
N LEU C 1010 7.84 9.41 38.40
CA LEU C 1010 8.81 9.96 37.46
C LEU C 1010 8.91 11.47 37.63
N PHE C 1011 10.03 12.01 37.16
CA PHE C 1011 10.32 13.45 37.22
C PHE C 1011 10.39 14.01 35.82
N ASP C 1012 9.75 15.15 35.60
CA ASP C 1012 9.82 15.82 34.31
C ASP C 1012 11.20 16.45 34.13
N GLY C 1013 11.99 15.89 33.21
CA GLY C 1013 13.33 16.38 32.99
C GLY C 1013 13.42 17.77 32.40
N ARG C 1014 12.31 18.31 31.87
CA ARG C 1014 12.32 19.62 31.26
C ARG C 1014 12.03 20.74 32.25
N SER C 1015 11.26 20.47 33.30
CA SER C 1015 10.94 21.46 34.32
C SER C 1015 11.51 21.13 35.69
N GLY C 1016 11.50 19.86 36.08
CA GLY C 1016 12.00 19.41 37.37
C GLY C 1016 10.91 18.92 38.30
N GLU C 1017 9.68 19.40 38.12
CA GLU C 1017 8.58 18.96 38.97
C GLU C 1017 8.26 17.49 38.70
N PRO C 1018 8.03 16.70 39.75
CA PRO C 1018 7.64 15.31 39.52
C PRO C 1018 6.28 15.21 38.88
N PHE C 1019 6.08 14.15 38.08
CA PHE C 1019 4.82 13.98 37.40
C PHE C 1019 3.71 13.69 38.41
N PRO C 1020 2.50 14.21 38.19
CA PRO C 1020 1.48 14.20 39.26
C PRO C 1020 1.01 12.81 39.66
N TYR C 1021 1.17 11.80 38.81
CA TYR C 1021 0.66 10.47 39.09
C TYR C 1021 1.71 9.43 38.75
N PRO C 1022 1.68 8.26 39.41
CA PRO C 1022 2.61 7.20 39.06
C PRO C 1022 2.33 6.65 37.67
N VAL C 1023 3.40 6.18 37.02
CA VAL C 1023 3.36 5.74 35.63
C VAL C 1023 3.95 4.35 35.53
N THR C 1024 3.29 3.48 34.77
CA THR C 1024 3.80 2.13 34.52
C THR C 1024 5.16 2.20 33.85
N VAL C 1025 6.17 1.62 34.51
CA VAL C 1025 7.54 1.66 34.04
C VAL C 1025 8.13 0.26 34.12
N GLY C 1026 8.77 -0.17 33.05
CA GLY C 1026 9.43 -1.47 33.05
C GLY C 1026 10.36 -1.59 31.87
N TYR C 1027 10.64 -2.83 31.49
CA TYR C 1027 11.54 -3.12 30.37
C TYR C 1027 10.80 -3.93 29.32
N MET C 1028 10.91 -3.49 28.07
CA MET C 1028 10.24 -4.12 26.94
C MET C 1028 11.26 -4.39 25.84
N TYR C 1029 11.05 -5.48 25.11
CA TYR C 1029 11.95 -5.87 24.03
C TYR C 1029 11.50 -5.21 22.74
N ILE C 1030 12.30 -4.25 22.26
CA ILE C 1030 11.99 -3.49 21.05
C ILE C 1030 12.94 -3.92 19.95
N MET C 1031 12.41 -4.09 18.74
CA MET C 1031 13.17 -4.53 17.59
C MET C 1031 13.26 -3.40 16.57
N LYS C 1032 14.42 -3.29 15.93
CA LYS C 1032 14.63 -2.33 14.84
C LYS C 1032 14.25 -2.99 13.52
N LEU C 1033 13.15 -2.56 12.94
CA LEU C 1033 12.68 -3.16 11.69
C LEU C 1033 13.40 -2.56 10.50
N HIS C 1034 13.41 -3.31 9.40
CA HIS C 1034 14.09 -2.88 8.18
C HIS C 1034 13.19 -1.93 7.38
N HIS C 1035 12.84 -0.82 8.04
CA HIS C 1035 12.07 0.26 7.44
C HIS C 1035 12.63 1.57 7.98
N LEU C 1036 13.80 1.95 7.49
CA LEU C 1036 14.54 3.10 7.97
C LEU C 1036 14.39 4.27 7.02
N VAL C 1037 14.36 5.48 7.58
CA VAL C 1037 14.21 6.67 6.75
C VAL C 1037 15.41 6.84 5.83
N ASP C 1038 16.58 6.32 6.23
CA ASP C 1038 17.76 6.40 5.39
C ASP C 1038 17.52 5.76 4.03
N ASP C 1039 16.66 4.75 3.97
CA ASP C 1039 16.30 4.14 2.70
C ASP C 1039 15.03 4.75 2.11
N LYS C 1040 14.06 5.10 2.94
CA LYS C 1040 12.72 5.46 2.49
C LYS C 1040 12.58 6.94 2.15
N ILE C 1041 13.61 7.75 2.33
CA ILE C 1041 13.56 9.16 1.95
C ILE C 1041 13.95 9.28 0.48
N HIS C 1042 13.27 10.17 -0.23
CA HIS C 1042 13.54 10.37 -1.65
C HIS C 1042 12.95 11.69 -2.10
N ALA C 1043 13.63 12.34 -3.04
CA ALA C 1043 13.17 13.59 -3.63
C ALA C 1043 13.83 13.74 -4.99
N ARG C 1044 13.16 14.48 -5.87
CA ARG C 1044 13.64 14.63 -7.25
C ARG C 1044 13.18 15.97 -7.81
N SER C 1045 14.12 16.75 -8.32
CA SER C 1045 13.77 17.92 -9.12
C SER C 1045 13.47 17.49 -10.56
N THR C 1046 14.50 17.07 -11.28
CA THR C 1046 14.36 16.44 -12.59
C THR C 1046 15.19 15.17 -12.58
N GLY C 1047 15.25 14.50 -13.74
CA GLY C 1047 16.02 13.29 -13.87
C GLY C 1047 15.66 12.49 -15.10
N PRO C 1048 15.82 11.17 -15.03
CA PRO C 1048 15.51 10.34 -16.19
C PRO C 1048 14.02 10.28 -16.48
N TYR C 1049 13.69 10.06 -17.74
CA TYR C 1049 12.32 9.91 -18.19
C TYR C 1049 12.20 8.63 -19.01
N SER C 1050 11.06 7.95 -18.86
CA SER C 1050 10.81 6.75 -19.66
C SER C 1050 10.77 7.12 -21.13
N MET C 1051 11.54 6.38 -21.94
CA MET C 1051 11.75 6.76 -23.33
C MET C 1051 10.45 6.81 -24.12
N ILE C 1052 9.53 5.89 -23.84
CA ILE C 1052 8.32 5.78 -24.64
C ILE C 1052 7.30 6.84 -24.26
N THR C 1053 6.91 6.88 -22.99
CA THR C 1053 5.87 7.80 -22.54
C THR C 1053 6.39 9.20 -22.22
N GLN C 1054 7.71 9.38 -22.13
CA GLN C 1054 8.32 10.67 -21.80
C GLN C 1054 7.87 11.19 -20.44
N GLN C 1055 7.46 10.29 -19.56
CA GLN C 1055 7.13 10.62 -18.19
C GLN C 1055 8.26 10.22 -17.25
N PRO C 1056 8.36 10.86 -16.08
CA PRO C 1056 9.46 10.54 -15.16
C PRO C 1056 9.46 9.07 -14.76
N LEU C 1057 10.66 8.56 -14.49
CA LEU C 1057 10.84 7.18 -14.09
C LEU C 1057 10.14 6.89 -12.76
N GLY C 1058 10.10 5.62 -12.40
CA GLY C 1058 9.51 5.21 -11.15
C GLY C 1058 10.52 4.58 -10.21
N GLY C 1059 10.24 4.61 -8.91
CA GLY C 1059 11.13 4.02 -7.93
C GLY C 1059 12.26 4.94 -7.50
N LYS C 1060 12.72 4.77 -6.26
CA LYS C 1060 13.82 5.59 -5.78
C LYS C 1060 15.14 5.21 -6.44
N ALA C 1061 15.34 3.91 -6.69
CA ALA C 1061 16.59 3.45 -7.29
C ALA C 1061 16.81 4.04 -8.67
N GLN C 1062 15.74 4.28 -9.42
CA GLN C 1062 15.83 4.90 -10.73
C GLN C 1062 15.80 6.42 -10.68
N PHE C 1063 15.84 7.01 -9.48
CA PHE C 1063 15.79 8.46 -9.30
C PHE C 1063 14.56 9.05 -9.97
N GLY C 1064 13.42 8.41 -9.74
CA GLY C 1064 12.16 8.83 -10.35
C GLY C 1064 11.33 9.69 -9.44
N GLY C 1065 10.25 10.23 -10.02
CA GLY C 1065 9.33 11.09 -9.30
C GLY C 1065 8.10 10.33 -8.82
N GLN C 1066 7.37 10.98 -7.91
CA GLN C 1066 6.14 10.39 -7.39
C GLN C 1066 5.03 10.44 -8.42
N ARG C 1067 4.09 9.51 -8.29
CA ARG C 1067 3.00 9.37 -9.24
C ARG C 1067 1.76 10.08 -8.69
N PHE C 1068 1.36 11.17 -9.35
CA PHE C 1068 0.12 11.87 -9.02
C PHE C 1068 -1.02 11.11 -9.67
N GLY C 1069 -1.59 10.18 -8.92
CA GLY C 1069 -2.51 9.20 -9.47
C GLY C 1069 -3.86 9.78 -9.84
N GLU C 1070 -4.77 8.85 -10.17
CA GLU C 1070 -6.11 9.23 -10.61
C GLU C 1070 -6.91 9.85 -9.47
N MET C 1071 -6.84 9.24 -8.27
CA MET C 1071 -7.54 9.80 -7.12
C MET C 1071 -7.01 11.16 -6.73
N GLU C 1072 -5.71 11.39 -6.91
CA GLU C 1072 -5.12 12.68 -6.57
C GLU C 1072 -5.60 13.77 -7.52
N CYS C 1073 -5.88 13.43 -8.78
CA CYS C 1073 -6.43 14.40 -9.71
C CYS C 1073 -7.86 14.78 -9.34
N TRP C 1074 -8.63 13.83 -8.80
CA TRP C 1074 -9.96 14.15 -8.30
C TRP C 1074 -9.88 15.17 -7.15
N ALA C 1075 -8.84 15.05 -6.31
CA ALA C 1075 -8.69 15.98 -5.21
C ALA C 1075 -8.36 17.38 -5.71
N MET C 1076 -7.55 17.50 -6.77
CA MET C 1076 -7.26 18.80 -7.35
C MET C 1076 -8.53 19.44 -7.91
N GLN C 1077 -9.34 18.66 -8.64
CA GLN C 1077 -10.56 19.19 -9.21
C GLN C 1077 -11.59 19.56 -8.14
N ALA C 1078 -11.64 18.79 -7.04
CA ALA C 1078 -12.56 19.11 -5.96
C ALA C 1078 -12.20 20.44 -5.31
N TYR C 1079 -10.90 20.74 -5.19
CA TYR C 1079 -10.47 22.06 -4.73
C TYR C 1079 -10.74 23.15 -5.76
N GLY C 1080 -10.81 22.80 -7.04
CA GLY C 1080 -10.85 23.81 -8.07
C GLY C 1080 -9.50 24.34 -8.48
N ALA C 1081 -8.41 23.68 -8.06
CA ALA C 1081 -7.05 24.11 -8.37
C ALA C 1081 -6.72 23.68 -9.80
N ALA C 1082 -7.22 24.46 -10.75
CA ALA C 1082 -7.04 24.12 -12.16
C ALA C 1082 -5.59 24.29 -12.59
N TYR C 1083 -4.95 25.38 -12.19
CA TYR C 1083 -3.59 25.64 -12.65
C TYR C 1083 -2.59 24.66 -12.04
N THR C 1084 -2.78 24.30 -10.77
CA THR C 1084 -1.94 23.27 -10.17
C THR C 1084 -2.11 21.94 -10.89
N LEU C 1085 -3.33 21.64 -11.33
CA LEU C 1085 -3.58 20.40 -12.05
C LEU C 1085 -2.95 20.43 -13.43
N GLN C 1086 -3.12 21.54 -14.16
CA GLN C 1086 -2.46 21.68 -15.46
C GLN C 1086 -0.95 21.64 -15.31
N GLU C 1087 -0.43 22.23 -14.24
CA GLU C 1087 1.01 22.23 -14.01
C GLU C 1087 1.54 20.83 -13.76
N LEU C 1088 0.78 20.01 -13.01
CA LEU C 1088 1.23 18.66 -12.70
C LEU C 1088 1.24 17.77 -13.93
N LEU C 1089 0.23 17.89 -14.79
CA LEU C 1089 0.04 16.99 -15.92
C LEU C 1089 0.76 17.44 -17.18
N THR C 1090 1.46 18.56 -17.15
CA THR C 1090 2.10 19.08 -18.35
C THR C 1090 3.58 19.35 -18.15
N ILE C 1091 3.92 20.56 -17.71
CA ILE C 1091 5.31 20.98 -17.64
C ILE C 1091 6.10 20.18 -16.62
N LYS C 1092 5.44 19.67 -15.58
CA LYS C 1092 6.11 18.89 -14.56
C LYS C 1092 6.16 17.40 -14.87
N SER C 1093 5.64 16.97 -16.01
CA SER C 1093 5.60 15.54 -16.31
C SER C 1093 6.17 15.23 -17.70
N ASP C 1094 5.31 15.24 -18.72
CA ASP C 1094 5.69 14.73 -20.04
C ASP C 1094 5.61 15.78 -21.14
N ASP C 1095 5.65 17.06 -20.79
CA ASP C 1095 5.82 18.13 -21.78
C ASP C 1095 7.29 18.19 -22.14
N THR C 1096 7.62 17.76 -23.36
CA THR C 1096 9.02 17.66 -23.77
C THR C 1096 9.68 19.04 -23.78
N VAL C 1097 9.02 20.03 -24.37
CA VAL C 1097 9.59 21.37 -24.44
C VAL C 1097 9.23 22.22 -23.23
N GLY C 1098 8.11 21.91 -22.56
CA GLY C 1098 7.70 22.73 -21.43
C GLY C 1098 8.60 22.58 -20.23
N ARG C 1099 9.05 21.35 -19.96
CA ARG C 1099 9.88 21.11 -18.77
C ARG C 1099 11.24 21.80 -18.89
N VAL C 1100 11.81 21.82 -20.10
CA VAL C 1100 13.11 22.46 -20.29
C VAL C 1100 12.98 23.96 -20.18
N LYS C 1101 11.94 24.54 -20.77
CA LYS C 1101 11.75 25.99 -20.69
C LYS C 1101 11.36 26.43 -19.28
N VAL C 1102 10.75 25.54 -18.49
CA VAL C 1102 10.48 25.85 -17.09
C VAL C 1102 11.79 25.90 -16.30
N TYR C 1103 12.66 24.92 -16.52
CA TYR C 1103 13.95 24.91 -15.83
C TYR C 1103 14.78 26.14 -16.21
N GLU C 1104 14.72 26.57 -17.47
CA GLU C 1104 15.40 27.80 -17.86
C GLU C 1104 14.75 29.01 -17.23
N ALA C 1105 13.41 29.02 -17.14
CA ALA C 1105 12.73 30.16 -16.55
C ALA C 1105 13.02 30.28 -15.06
N ILE C 1106 13.36 29.18 -14.40
CA ILE C 1106 13.68 29.22 -12.98
C ILE C 1106 15.09 29.74 -12.76
N VAL C 1107 16.05 29.20 -13.51
CA VAL C 1107 17.44 29.65 -13.38
C VAL C 1107 17.64 31.06 -13.92
N LYS C 1108 16.76 31.52 -14.82
CA LYS C 1108 16.82 32.90 -15.28
C LYS C 1108 16.09 33.85 -14.36
N GLY C 1109 15.25 33.34 -13.45
CA GLY C 1109 14.39 34.16 -12.65
C GLY C 1109 13.14 34.65 -13.34
N GLU C 1110 12.88 34.20 -14.57
CA GLU C 1110 11.68 34.59 -15.30
C GLU C 1110 10.46 33.91 -14.70
N ASN C 1111 9.31 34.16 -15.33
CA ASN C 1111 8.06 33.54 -14.89
C ASN C 1111 7.88 32.18 -15.56
N ILE C 1112 7.01 31.37 -14.96
CA ILE C 1112 6.74 30.02 -15.49
C ILE C 1112 6.00 30.14 -16.80
N PRO C 1113 6.48 29.50 -17.88
CA PRO C 1113 5.81 29.64 -19.18
C PRO C 1113 4.48 28.91 -19.25
N GLU C 1114 3.84 28.97 -20.42
CA GLU C 1114 2.52 28.34 -20.61
C GLU C 1114 2.70 26.87 -20.96
N PRO C 1115 1.95 25.97 -20.32
CA PRO C 1115 2.10 24.54 -20.62
C PRO C 1115 1.68 24.21 -22.04
N GLY C 1116 2.40 23.26 -22.63
CA GLY C 1116 2.13 22.80 -23.98
C GLY C 1116 1.23 21.58 -24.02
N ILE C 1117 1.49 20.73 -25.00
CA ILE C 1117 0.68 19.53 -25.23
C ILE C 1117 1.45 18.32 -24.70
N PRO C 1118 0.82 17.45 -23.92
CA PRO C 1118 1.53 16.27 -23.40
C PRO C 1118 1.95 15.33 -24.52
N GLU C 1119 3.20 14.86 -24.46
CA GLU C 1119 3.68 13.90 -25.43
C GLU C 1119 2.94 12.57 -25.32
N SER C 1120 2.45 12.24 -24.11
CA SER C 1120 1.71 11.01 -23.92
C SER C 1120 0.41 11.01 -24.73
N PHE C 1121 -0.23 12.18 -24.86
CA PHE C 1121 -1.43 12.28 -25.67
C PHE C 1121 -1.12 12.12 -27.15
N LYS C 1122 0.07 12.57 -27.59
CA LYS C 1122 0.48 12.32 -28.96
C LYS C 1122 0.63 10.83 -29.23
N VAL C 1123 1.14 10.08 -28.24
CA VAL C 1123 1.31 8.65 -28.40
C VAL C 1123 -0.05 7.95 -28.48
N LEU C 1124 -1.00 8.40 -27.67
CA LEU C 1124 -2.34 7.81 -27.71
C LEU C 1124 -2.95 7.93 -29.10
N LEU C 1125 -2.83 9.11 -29.72
CA LEU C 1125 -3.36 9.30 -31.06
C LEU C 1125 -2.65 8.41 -32.07
N LYS C 1126 -1.32 8.35 -32.00
CA LYS C 1126 -0.56 7.50 -32.92
C LYS C 1126 -0.84 6.02 -32.69
N GLU C 1127 -1.33 5.64 -31.51
CA GLU C 1127 -1.74 4.26 -31.27
C GLU C 1127 -3.14 3.99 -31.78
N LEU C 1128 -4.05 4.95 -31.62
CA LEU C 1128 -5.38 4.80 -32.20
C LEU C 1128 -5.31 4.74 -33.73
N GLN C 1129 -4.33 5.40 -34.33
CA GLN C 1129 -4.14 5.29 -35.78
C GLN C 1129 -3.74 3.87 -36.18
N SER C 1130 -2.88 3.23 -35.39
CA SER C 1130 -2.44 1.87 -35.69
C SER C 1130 -3.57 0.86 -35.53
N LEU C 1131 -4.68 1.23 -34.90
CA LEU C 1131 -5.85 0.37 -34.77
C LEU C 1131 -6.92 0.70 -35.81
N CYS C 1132 -6.54 1.31 -36.93
CA CYS C 1132 -7.45 1.65 -38.02
C CYS C 1132 -8.57 2.59 -37.55
N LEU C 1133 -8.18 3.62 -36.80
CA LEU C 1133 -9.09 4.65 -36.34
C LEU C 1133 -8.57 6.01 -36.80
N ASN C 1134 -9.38 6.73 -37.58
CA ASN C 1134 -8.96 8.01 -38.14
C ASN C 1134 -9.32 9.11 -37.14
N VAL C 1135 -8.37 9.42 -36.27
CA VAL C 1135 -8.53 10.45 -35.25
C VAL C 1135 -7.87 11.74 -35.71
N GLU C 1136 -8.58 12.85 -35.58
CA GLU C 1136 -8.09 14.16 -35.99
C GLU C 1136 -8.56 15.22 -35.01
N VAL C 1137 -7.71 16.22 -34.77
CA VAL C 1137 -8.03 17.34 -33.91
C VAL C 1137 -8.47 18.51 -34.78
N LEU C 1138 -9.64 19.05 -34.48
CA LEU C 1138 -10.22 20.15 -35.24
C LEU C 1138 -10.18 21.43 -34.43
N SER C 1139 -9.97 22.56 -35.11
CA SER C 1139 -9.98 23.86 -34.48
C SER C 1139 -11.42 24.36 -34.33
N SER C 1140 -11.58 25.61 -33.93
CA SER C 1140 -12.91 26.18 -33.79
C SER C 1140 -13.61 26.30 -35.14
N ASP C 1141 -12.85 26.61 -36.21
CA ASP C 1141 -13.44 26.71 -37.54
C ASP C 1141 -13.75 25.33 -38.11
N GLY C 1142 -12.97 24.32 -37.75
CA GLY C 1142 -13.21 22.96 -38.19
C GLY C 1142 -12.07 22.33 -38.97
N ALA C 1143 -11.01 23.07 -39.26
CA ALA C 1143 -9.90 22.53 -40.03
C ALA C 1143 -9.01 21.65 -39.14
N ALA C 1144 -8.62 20.50 -39.68
CA ALA C 1144 -7.74 19.61 -38.95
C ALA C 1144 -6.35 20.21 -38.84
N ILE C 1145 -5.76 20.11 -37.65
CA ILE C 1145 -4.44 20.63 -37.37
C ILE C 1145 -3.50 19.48 -37.06
N GLU C 1146 -2.30 19.52 -37.64
CA GLU C 1146 -1.31 18.49 -37.41
C GLU C 1146 -0.47 18.83 -36.19
N LEU C 1147 0.39 17.89 -35.80
CA LEU C 1147 1.27 18.03 -34.65
C LEU C 1147 2.71 17.85 -35.13
N ARG C 1148 3.31 18.95 -35.62
CA ARG C 1148 4.64 19.02 -36.18
C ARG C 1148 5.00 17.81 -37.05
N GLU C 1149 4.02 17.28 -37.78
CA GLU C 1149 4.23 16.13 -38.65
C GLU C 1149 3.28 16.19 -39.82
N GLY C 1150 3.57 15.39 -40.83
CA GLY C 1150 2.76 15.29 -42.03
C GLY C 1150 2.45 13.84 -42.36
N GLU C 1151 2.23 13.59 -43.65
CA GLU C 1151 1.90 12.25 -44.11
C GLU C 1151 2.18 12.16 -45.61
N ASP C 1152 2.92 11.14 -46.02
CA ASP C 1152 3.21 10.89 -47.42
C ASP C 1152 2.76 9.47 -47.78
N GLU C 1153 2.75 9.20 -49.08
CA GLU C 1153 2.33 7.89 -49.57
C GLU C 1153 3.39 7.27 -50.47
N ASP D 3 2.37 25.65 -31.17
CA ASP D 3 1.33 24.64 -30.99
C ASP D 3 0.49 24.97 -29.76
N VAL D 4 -0.51 25.83 -29.96
CA VAL D 4 -1.38 26.29 -28.87
C VAL D 4 -2.26 25.14 -28.40
N ASN D 5 -2.92 25.31 -27.25
CA ASN D 5 -3.67 24.24 -26.62
C ASN D 5 -5.18 24.48 -26.66
N PHE D 6 -5.66 25.30 -27.59
CA PHE D 6 -7.10 25.51 -27.76
C PHE D 6 -7.50 25.05 -29.16
N PHE D 7 -8.05 23.85 -29.24
CA PHE D 7 -8.70 23.35 -30.44
C PHE D 7 -9.95 22.60 -30.00
N ASP D 8 -11.09 22.93 -30.61
CA ASP D 8 -12.38 22.54 -30.07
C ASP D 8 -12.62 21.03 -30.13
N GLU D 9 -12.80 20.48 -31.33
CA GLU D 9 -13.28 19.12 -31.48
C GLU D 9 -12.16 18.14 -31.77
N LEU D 10 -12.36 16.89 -31.33
CA LEU D 10 -11.49 15.77 -31.63
C LEU D 10 -12.33 14.71 -32.33
N ARG D 11 -12.14 14.56 -33.64
CA ARG D 11 -12.97 13.69 -34.46
C ARG D 11 -12.36 12.30 -34.59
N ILE D 12 -13.20 11.27 -34.49
CA ILE D 12 -12.79 9.89 -34.72
C ILE D 12 -13.68 9.30 -35.81
N GLY D 13 -13.10 8.39 -36.59
CA GLY D 13 -13.85 7.74 -37.66
C GLY D 13 -13.11 6.53 -38.17
N LEU D 14 -13.80 5.78 -39.02
CA LEU D 14 -13.22 4.59 -39.62
C LEU D 14 -12.08 4.98 -40.56
N ALA D 15 -10.99 4.24 -40.49
CA ALA D 15 -9.81 4.50 -41.32
C ALA D 15 -9.92 3.67 -42.60
N THR D 16 -10.10 4.36 -43.72
CA THR D 16 -10.13 3.69 -45.01
C THR D 16 -8.80 3.01 -45.29
N ALA D 17 -8.85 1.91 -46.03
CA ALA D 17 -7.61 1.26 -46.47
C ALA D 17 -6.76 2.21 -47.30
N GLU D 18 -7.39 3.21 -47.94
CA GLU D 18 -6.65 4.25 -48.62
C GLU D 18 -6.05 5.27 -47.65
N ASP D 19 -6.71 5.48 -46.51
CA ASP D 19 -6.13 6.34 -45.47
C ASP D 19 -4.88 5.70 -44.88
N ILE D 20 -4.88 4.37 -44.76
CA ILE D 20 -3.71 3.67 -44.22
C ILE D 20 -2.50 3.88 -45.13
N ARG D 21 -2.73 3.90 -46.44
CA ARG D 21 -1.64 4.17 -47.37
C ARG D 21 -1.25 5.64 -47.35
N GLN D 22 -2.20 6.54 -47.11
CA GLN D 22 -1.88 7.96 -47.01
C GLN D 22 -0.98 8.25 -45.83
N TRP D 23 -1.13 7.50 -44.74
CA TRP D 23 -0.26 7.67 -43.57
C TRP D 23 1.11 7.04 -43.81
N SER D 24 1.13 5.89 -44.50
CA SER D 24 2.33 5.05 -44.51
C SER D 24 3.44 5.67 -45.35
N TYR D 25 4.64 5.72 -44.79
CA TYR D 25 5.84 6.15 -45.49
C TYR D 25 6.51 5.02 -46.25
N GLY D 26 5.79 3.93 -46.51
CA GLY D 26 6.33 2.79 -47.21
C GLY D 26 5.77 1.49 -46.64
N GLU D 27 5.89 0.43 -47.44
CA GLU D 27 5.38 -0.88 -47.04
C GLU D 27 6.48 -1.69 -46.35
N VAL D 28 6.08 -2.42 -45.31
CA VAL D 28 6.98 -3.30 -44.59
C VAL D 28 6.92 -4.67 -45.26
N LYS D 29 7.86 -4.92 -46.17
CA LYS D 29 7.85 -6.15 -46.96
C LYS D 29 8.46 -7.31 -46.18
N LYS D 30 9.74 -7.21 -45.84
CA LYS D 30 10.43 -8.30 -45.19
C LYS D 30 10.01 -8.41 -43.73
N PRO D 31 10.07 -9.62 -43.14
CA PRO D 31 9.74 -9.79 -41.73
C PRO D 31 10.91 -9.58 -40.77
N GLU D 32 12.11 -9.34 -41.29
CA GLU D 32 13.27 -9.17 -40.42
C GLU D 32 13.16 -7.88 -39.61
N THR D 33 13.96 -7.81 -38.56
CA THR D 33 14.01 -6.62 -37.71
C THR D 33 15.30 -5.83 -37.97
N ILE D 34 16.40 -6.28 -37.38
CA ILE D 34 17.69 -5.64 -37.50
C ILE D 34 18.75 -6.70 -37.82
N ASN D 35 20.00 -6.26 -37.89
CA ASN D 35 21.15 -7.17 -37.99
C ASN D 35 21.79 -7.28 -36.62
N TYR D 36 21.99 -8.52 -36.17
CA TYR D 36 22.42 -8.78 -34.80
C TYR D 36 23.92 -8.67 -34.62
N ARG D 37 24.60 -7.89 -35.48
CA ARG D 37 26.00 -7.55 -35.28
C ARG D 37 26.19 -6.03 -35.39
N THR D 38 25.84 -5.48 -36.55
CA THR D 38 25.98 -4.05 -36.80
C THR D 38 24.89 -3.21 -36.14
N LEU D 39 23.87 -3.85 -35.58
CA LEU D 39 22.70 -3.19 -34.99
C LEU D 39 21.97 -2.32 -36.02
N LYS D 40 22.32 -2.41 -37.29
CA LYS D 40 21.64 -1.65 -38.33
C LYS D 40 20.38 -2.38 -38.75
N PRO D 41 19.24 -1.70 -38.85
CA PRO D 41 18.01 -2.38 -39.27
C PRO D 41 18.06 -2.76 -40.74
N GLU D 42 17.55 -3.94 -41.04
CA GLU D 42 17.51 -4.42 -42.42
C GLU D 42 16.51 -3.63 -43.25
N LYS D 43 16.82 -3.47 -44.53
CA LYS D 43 15.98 -2.68 -45.42
C LYS D 43 14.62 -3.34 -45.59
N ASP D 44 13.57 -2.52 -45.60
CA ASP D 44 12.18 -2.95 -45.77
C ASP D 44 11.69 -3.83 -44.62
N GLY D 45 12.43 -3.84 -43.50
CA GLY D 45 12.04 -4.59 -42.33
C GLY D 45 11.13 -3.79 -41.42
N LEU D 46 10.86 -4.37 -40.25
CA LEU D 46 10.00 -3.72 -39.27
C LEU D 46 10.64 -2.50 -38.64
N PHE D 47 11.92 -2.23 -38.90
CA PHE D 47 12.61 -1.06 -38.38
C PHE D 47 13.33 -0.33 -39.50
N CYS D 48 12.85 -0.45 -40.74
CA CYS D 48 13.54 0.11 -41.89
C CYS D 48 13.66 1.63 -41.76
N GLU D 49 14.89 2.13 -41.96
CA GLU D 49 15.13 3.57 -41.85
C GLU D 49 14.58 4.32 -43.07
N LYS D 50 14.51 3.66 -44.22
CA LYS D 50 13.87 4.28 -45.38
C LYS D 50 12.40 4.58 -45.11
N ILE D 51 11.75 3.76 -44.30
CA ILE D 51 10.33 3.91 -44.01
C ILE D 51 10.12 4.80 -42.80
N PHE D 52 10.64 4.37 -41.64
CA PHE D 52 10.31 5.00 -40.37
C PHE D 52 11.20 6.19 -40.03
N GLY D 53 12.51 6.08 -40.25
CA GLY D 53 13.41 7.17 -39.96
C GLY D 53 14.78 6.70 -39.51
N PRO D 54 15.72 7.64 -39.45
CA PRO D 54 17.11 7.26 -39.13
C PRO D 54 17.25 6.86 -37.67
N THR D 55 18.11 5.87 -37.42
CA THR D 55 18.41 5.46 -36.05
C THR D 55 19.00 6.62 -35.26
N ARG D 56 20.04 7.24 -35.79
CA ARG D 56 20.69 8.39 -35.18
C ARG D 56 20.35 9.65 -35.97
N ASP D 57 20.50 10.79 -35.30
CA ASP D 57 20.15 12.06 -35.93
C ASP D 57 21.09 12.38 -37.09
N TRP D 58 20.51 12.69 -38.24
CA TRP D 58 21.24 13.08 -39.44
C TRP D 58 22.18 11.99 -39.94
N GLU D 59 21.98 10.75 -39.53
CA GLU D 59 22.79 9.62 -39.97
C GLU D 59 21.94 8.67 -40.81
N CYS D 60 22.37 8.43 -42.04
CA CYS D 60 21.65 7.56 -42.95
C CYS D 60 22.09 6.11 -42.75
N TYR D 61 21.52 5.21 -43.56
CA TYR D 61 21.83 3.79 -43.43
C TYR D 61 23.16 3.45 -44.11
N CYS D 62 23.34 3.87 -45.36
CA CYS D 62 24.55 3.54 -46.10
C CYS D 62 25.77 4.30 -45.59
N GLY D 63 25.60 5.28 -44.72
CA GLY D 63 26.73 5.99 -44.15
C GLY D 63 27.30 7.10 -44.99
N LYS D 64 26.64 7.46 -46.09
CA LYS D 64 27.17 8.52 -46.96
C LYS D 64 26.91 9.90 -46.36
N TYR D 65 25.76 10.09 -45.73
CA TYR D 65 25.37 11.37 -45.15
C TYR D 65 25.30 11.24 -43.64
N LYS D 66 26.31 11.80 -42.96
CA LYS D 66 26.39 11.73 -41.51
C LYS D 66 26.47 13.10 -40.85
N ARG D 67 26.48 14.18 -41.63
CA ARG D 67 26.63 15.52 -41.10
C ARG D 67 25.32 16.29 -41.20
N VAL D 68 25.25 17.39 -40.47
CA VAL D 68 24.01 18.18 -40.40
C VAL D 68 23.82 19.07 -41.62
N ARG D 69 24.89 19.35 -42.38
CA ARG D 69 24.78 20.28 -43.50
C ARG D 69 23.85 19.75 -44.59
N PHE D 70 23.74 18.41 -44.71
CA PHE D 70 22.83 17.81 -45.69
C PHE D 70 21.46 17.59 -45.06
N LYS D 71 20.81 18.69 -44.68
CA LYS D 71 19.53 18.61 -43.99
C LYS D 71 18.39 18.48 -45.00
N GLY D 72 17.64 17.39 -44.90
CA GLY D 72 16.49 17.17 -45.76
C GLY D 72 16.77 16.43 -47.04
N ILE D 73 17.92 15.78 -47.17
CA ILE D 73 18.29 15.10 -48.40
C ILE D 73 17.80 13.65 -48.35
N ILE D 74 17.12 13.22 -49.40
CA ILE D 74 16.72 11.82 -49.55
C ILE D 74 17.90 11.09 -50.19
N CYS D 75 18.56 10.24 -49.41
CA CYS D 75 19.71 9.51 -49.92
C CYS D 75 19.31 8.61 -51.07
N GLU D 76 20.12 8.59 -52.13
CA GLU D 76 19.78 7.83 -53.33
C GLU D 76 20.12 6.35 -53.19
N ARG D 77 21.12 6.02 -52.37
CA ARG D 77 21.60 4.65 -52.29
C ARG D 77 20.85 3.80 -51.26
N CYS D 78 20.37 4.42 -50.18
CA CYS D 78 19.62 3.70 -49.15
C CYS D 78 18.21 4.22 -48.95
N GLY D 79 17.84 5.36 -49.55
CA GLY D 79 16.48 5.84 -49.50
C GLY D 79 16.04 6.40 -48.17
N VAL D 80 16.97 6.75 -47.29
CA VAL D 80 16.64 7.26 -45.96
C VAL D 80 16.71 8.77 -45.96
N GLU D 81 15.74 9.41 -45.30
CA GLU D 81 15.77 10.84 -45.08
C GLU D 81 16.74 11.15 -43.94
N VAL D 82 17.12 12.42 -43.82
CA VAL D 82 18.08 12.83 -42.80
C VAL D 82 17.49 13.90 -41.89
N THR D 83 16.65 13.48 -40.95
CA THR D 83 16.20 14.33 -39.85
C THR D 83 16.53 13.63 -38.54
N ARG D 84 16.06 14.20 -37.43
CA ARG D 84 16.32 13.60 -36.13
C ARG D 84 15.52 12.30 -35.98
N ALA D 85 15.95 11.48 -35.04
CA ALA D 85 15.27 10.22 -34.75
C ALA D 85 13.91 10.42 -34.09
N LYS D 86 13.48 11.67 -33.90
CA LYS D 86 12.16 11.93 -33.34
C LYS D 86 11.06 11.45 -34.28
N VAL D 87 11.33 11.37 -35.58
CA VAL D 87 10.33 10.92 -36.53
C VAL D 87 10.02 9.44 -36.38
N ARG D 88 10.93 8.66 -35.79
CA ARG D 88 10.66 7.25 -35.53
C ARG D 88 9.61 7.04 -34.45
N ARG D 89 9.02 8.10 -33.91
CA ARG D 89 7.91 8.01 -32.97
C ARG D 89 6.58 8.38 -33.61
N GLU D 90 6.58 8.83 -34.87
CA GLU D 90 5.36 9.32 -35.50
C GLU D 90 5.17 8.89 -36.94
N ARG D 91 6.18 8.35 -37.62
CA ARG D 91 6.03 7.93 -39.01
C ARG D 91 5.44 6.53 -39.06
N MET D 92 4.29 6.39 -39.71
CA MET D 92 3.57 5.13 -39.77
C MET D 92 4.02 4.29 -40.97
N GLY D 93 3.96 2.97 -40.80
CA GLY D 93 4.13 2.04 -41.87
C GLY D 93 2.82 1.33 -42.18
N HIS D 94 2.89 0.38 -43.11
CA HIS D 94 1.71 -0.39 -43.46
C HIS D 94 2.13 -1.67 -44.17
N ILE D 95 1.28 -2.68 -44.05
CA ILE D 95 1.43 -3.96 -44.74
C ILE D 95 0.30 -4.08 -45.75
N GLU D 96 0.66 -4.27 -47.02
CA GLU D 96 -0.33 -4.47 -48.07
C GLU D 96 -0.70 -5.95 -48.13
N LEU D 97 -1.98 -6.26 -47.89
CA LEU D 97 -2.44 -7.63 -47.79
C LEU D 97 -2.76 -8.20 -49.16
N ALA D 98 -2.39 -9.46 -49.37
CA ALA D 98 -2.71 -10.17 -50.61
C ALA D 98 -4.16 -10.64 -50.66
N ALA D 99 -4.87 -10.63 -49.53
CA ALA D 99 -6.27 -10.99 -49.46
C ALA D 99 -6.93 -10.11 -48.42
N PRO D 100 -8.11 -9.57 -48.71
CA PRO D 100 -8.78 -8.70 -47.73
C PRO D 100 -9.03 -9.42 -46.42
N VAL D 101 -9.10 -8.62 -45.34
CA VAL D 101 -9.24 -9.14 -43.99
C VAL D 101 -10.22 -8.24 -43.23
N THR D 102 -10.82 -8.82 -42.20
CA THR D 102 -11.82 -8.11 -41.40
C THR D 102 -11.22 -7.65 -40.08
N HIS D 103 -11.67 -6.48 -39.63
CA HIS D 103 -11.27 -5.96 -38.32
C HIS D 103 -12.02 -6.72 -37.24
N ILE D 104 -11.29 -7.41 -36.36
CA ILE D 104 -11.92 -8.26 -35.36
C ILE D 104 -12.80 -7.47 -34.40
N TRP D 105 -12.57 -6.17 -34.27
CA TRP D 105 -13.40 -5.35 -33.39
C TRP D 105 -14.86 -5.33 -33.82
N TYR D 106 -15.12 -5.43 -35.13
CA TYR D 106 -16.47 -5.34 -35.66
C TYR D 106 -17.09 -6.69 -35.98
N PHE D 107 -16.31 -7.77 -35.96
CA PHE D 107 -16.84 -9.11 -36.15
C PHE D 107 -17.09 -9.82 -34.83
N LYS D 108 -16.04 -9.96 -34.00
CA LYS D 108 -16.15 -10.69 -32.74
C LYS D 108 -16.61 -9.81 -31.59
N GLY D 109 -16.36 -8.50 -31.65
CA GLY D 109 -16.83 -7.59 -30.63
C GLY D 109 -18.33 -7.56 -30.54
N VAL D 110 -18.87 -7.78 -29.34
CA VAL D 110 -20.32 -7.87 -29.15
C VAL D 110 -20.90 -6.48 -28.94
N PRO D 111 -22.00 -6.13 -29.61
CA PRO D 111 -22.66 -6.98 -30.61
C PRO D 111 -21.95 -6.92 -31.96
N SER D 112 -21.98 -8.02 -32.72
CA SER D 112 -21.31 -8.09 -34.00
C SER D 112 -21.81 -7.01 -34.94
N ARG D 113 -20.98 -6.00 -35.21
CA ARG D 113 -21.40 -4.88 -36.05
C ARG D 113 -21.68 -5.34 -37.48
N LEU D 114 -20.89 -6.29 -37.99
CA LEU D 114 -21.14 -6.81 -39.33
C LEU D 114 -22.44 -7.61 -39.37
N GLY D 115 -22.70 -8.40 -38.33
CA GLY D 115 -23.93 -9.17 -38.29
C GLY D 115 -25.17 -8.31 -38.24
N TYR D 116 -25.06 -7.12 -37.65
CA TYR D 116 -26.19 -6.19 -37.64
C TYR D 116 -26.40 -5.50 -38.98
N LEU D 117 -25.33 -5.31 -39.74
CA LEU D 117 -25.45 -4.62 -41.02
C LEU D 117 -26.01 -5.53 -42.11
N LEU D 118 -25.50 -6.76 -42.19
CA LEU D 118 -25.89 -7.70 -43.24
C LEU D 118 -26.98 -8.66 -42.78
N ASP D 119 -27.51 -8.47 -41.57
CA ASP D 119 -28.56 -9.34 -41.02
C ASP D 119 -28.12 -10.80 -40.98
N LEU D 120 -26.83 -11.03 -40.80
CA LEU D 120 -26.29 -12.38 -40.73
C LEU D 120 -26.05 -12.76 -39.27
N ALA D 121 -26.26 -14.04 -38.96
CA ALA D 121 -26.05 -14.52 -37.60
C ALA D 121 -24.56 -14.47 -37.25
N PRO D 122 -24.24 -14.32 -35.96
CA PRO D 122 -22.81 -14.28 -35.59
C PRO D 122 -22.05 -15.55 -35.94
N LYS D 123 -22.62 -16.73 -35.64
CA LYS D 123 -21.90 -17.97 -35.92
C LYS D 123 -21.82 -18.22 -37.43
N ASP D 124 -22.89 -17.89 -38.16
CA ASP D 124 -22.81 -17.97 -39.62
C ASP D 124 -21.71 -17.07 -40.16
N LEU D 125 -21.57 -15.87 -39.59
CA LEU D 125 -20.48 -14.99 -39.98
C LEU D 125 -19.13 -15.60 -39.58
N GLU D 126 -19.09 -16.32 -38.45
CA GLU D 126 -17.87 -16.98 -38.03
C GLU D 126 -17.50 -18.10 -39.01
N LYS D 127 -18.50 -18.82 -39.53
CA LYS D 127 -18.23 -19.87 -40.50
C LYS D 127 -17.78 -19.31 -41.84
N ILE D 128 -18.16 -18.06 -42.15
CA ILE D 128 -17.82 -17.48 -43.44
C ILE D 128 -16.37 -16.99 -43.45
N ILE D 129 -16.01 -16.16 -42.45
CA ILE D 129 -14.72 -15.48 -42.47
C ILE D 129 -13.58 -16.47 -42.42
N TYR D 130 -13.72 -17.51 -41.58
CA TYR D 130 -12.63 -18.46 -41.33
C TYR D 130 -12.74 -19.70 -42.19
N PHE D 131 -13.37 -19.59 -43.36
CA PHE D 131 -13.34 -20.61 -44.41
C PHE D 131 -13.92 -21.93 -43.92
N ALA D 132 -15.14 -21.87 -43.40
CA ALA D 132 -15.88 -23.07 -43.04
C ALA D 132 -17.16 -23.25 -43.84
N ALA D 133 -17.60 -22.24 -44.59
CA ALA D 133 -18.80 -22.33 -45.40
C ALA D 133 -18.77 -21.25 -46.46
N TYR D 134 -19.14 -21.61 -47.68
CA TYR D 134 -19.30 -20.62 -48.73
C TYR D 134 -20.55 -19.79 -48.49
N VAL D 135 -20.59 -18.62 -49.13
CA VAL D 135 -21.73 -17.72 -49.05
C VAL D 135 -22.05 -17.23 -50.46
N ILE D 136 -23.34 -17.16 -50.78
CA ILE D 136 -23.79 -16.75 -52.11
C ILE D 136 -23.75 -15.24 -52.19
N THR D 137 -22.93 -14.72 -53.11
CA THR D 137 -22.82 -13.28 -53.30
C THR D 137 -23.85 -12.75 -54.29
N SER D 138 -24.16 -13.52 -55.34
CA SER D 138 -25.12 -13.10 -56.35
C SER D 138 -25.65 -14.33 -57.07
N VAL D 139 -26.85 -14.20 -57.61
CA VAL D 139 -27.48 -15.27 -58.37
C VAL D 139 -28.34 -14.66 -59.48
N ASP D 140 -28.08 -15.05 -60.72
CA ASP D 140 -28.84 -14.56 -61.86
C ASP D 140 -30.21 -15.22 -61.85
N GLU D 141 -31.17 -14.61 -61.16
CA GLU D 141 -32.47 -15.24 -60.96
C GLU D 141 -33.28 -15.29 -62.25
N GLU D 142 -33.08 -14.34 -63.16
CA GLU D 142 -33.83 -14.36 -64.41
C GLU D 142 -33.30 -15.44 -65.35
N MET D 143 -31.97 -15.58 -65.43
CA MET D 143 -31.39 -16.65 -66.25
C MET D 143 -31.79 -18.02 -65.72
N ARG D 144 -31.88 -18.17 -64.40
CA ARG D 144 -32.35 -19.43 -63.82
C ARG D 144 -33.78 -19.71 -64.21
N HIS D 145 -34.62 -18.67 -64.30
CA HIS D 145 -36.01 -18.87 -64.69
C HIS D 145 -36.12 -19.25 -66.16
N ASN D 146 -35.33 -18.61 -67.02
CA ASN D 146 -35.38 -18.89 -68.45
C ASN D 146 -34.75 -20.23 -68.82
N GLU D 147 -34.09 -20.90 -67.89
CA GLU D 147 -33.48 -22.20 -68.14
C GLU D 147 -33.93 -23.25 -67.12
N LEU D 148 -34.95 -22.96 -66.32
CA LEU D 148 -35.34 -23.88 -65.26
C LEU D 148 -35.95 -25.15 -65.82
N SER D 149 -36.73 -25.05 -66.89
CA SER D 149 -37.35 -26.23 -67.46
C SER D 149 -36.32 -27.20 -68.01
N THR D 150 -35.28 -26.69 -68.67
CA THR D 150 -34.27 -27.56 -69.25
C THR D 150 -33.43 -28.23 -68.16
N LEU D 151 -33.02 -27.46 -67.15
CA LEU D 151 -32.22 -28.04 -66.07
C LEU D 151 -33.04 -29.02 -65.23
N GLU D 152 -34.36 -28.83 -65.17
CA GLU D 152 -35.21 -29.74 -64.42
C GLU D 152 -35.28 -31.11 -65.10
N ALA D 153 -35.51 -31.12 -66.42
CA ALA D 153 -35.57 -32.38 -67.14
C ALA D 153 -34.22 -33.09 -67.13
N GLU D 154 -33.12 -32.33 -67.23
CA GLU D 154 -31.80 -32.94 -67.14
C GLU D 154 -31.57 -33.55 -65.77
N MET D 155 -32.04 -32.89 -64.72
CA MET D 155 -31.93 -33.45 -63.37
C MET D 155 -32.85 -34.66 -63.22
N ALA D 156 -34.03 -34.62 -63.82
CA ALA D 156 -34.94 -35.77 -63.75
C ALA D 156 -34.38 -36.96 -64.52
N VAL D 157 -33.74 -36.71 -65.66
CA VAL D 157 -33.13 -37.80 -66.43
C VAL D 157 -31.98 -38.42 -65.65
N GLU D 158 -31.18 -37.58 -64.99
CA GLU D 158 -30.05 -38.09 -64.20
C GLU D 158 -30.55 -38.95 -63.04
N ARG D 159 -31.64 -38.53 -62.38
CA ARG D 159 -32.19 -39.32 -61.28
C ARG D 159 -32.77 -40.63 -61.79
N LYS D 160 -33.38 -40.62 -62.97
CA LYS D 160 -33.93 -41.85 -63.54
C LYS D 160 -32.83 -42.85 -63.88
N ALA D 161 -31.75 -42.37 -64.50
CA ALA D 161 -30.64 -43.27 -64.85
C ALA D 161 -29.99 -43.85 -63.61
N VAL D 162 -30.00 -43.11 -62.50
CA VAL D 162 -29.45 -43.64 -61.25
C VAL D 162 -30.37 -44.72 -60.69
N GLU D 163 -31.68 -44.50 -60.75
CA GLU D 163 -32.62 -45.52 -60.29
C GLU D 163 -32.57 -46.76 -61.17
N ASP D 164 -32.42 -46.59 -62.47
CA ASP D 164 -32.32 -47.74 -63.37
C ASP D 164 -31.07 -48.55 -63.08
N GLN D 165 -29.95 -47.88 -62.79
CA GLN D 165 -28.71 -48.59 -62.47
C GLN D 165 -28.82 -49.29 -61.13
N ARG D 166 -29.55 -48.71 -60.17
CA ARG D 166 -29.74 -49.36 -58.88
C ARG D 166 -30.54 -50.65 -59.04
N ASP D 167 -31.71 -50.55 -59.68
CA ASP D 167 -32.58 -51.72 -59.82
C ASP D 167 -31.92 -52.81 -60.65
N GLY D 168 -31.12 -52.43 -61.65
CA GLY D 168 -30.41 -53.43 -62.42
C GLY D 168 -29.35 -54.15 -61.61
N GLU D 169 -28.60 -53.40 -60.80
CA GLU D 169 -27.58 -54.02 -59.95
C GLU D 169 -28.21 -54.89 -58.87
N LEU D 170 -29.36 -54.44 -58.33
CA LEU D 170 -30.04 -55.23 -57.31
C LEU D 170 -30.58 -56.53 -57.88
N GLU D 171 -31.05 -56.51 -59.13
CA GLU D 171 -31.58 -57.72 -59.76
C GLU D 171 -30.47 -58.73 -59.99
N ALA D 172 -29.34 -58.30 -60.56
CA ALA D 172 -28.24 -59.21 -60.81
C ALA D 172 -27.71 -59.83 -59.51
N ARG D 173 -27.75 -59.07 -58.42
CA ARG D 173 -27.31 -59.61 -57.13
C ARG D 173 -28.32 -60.58 -56.56
N ALA D 174 -29.61 -60.24 -56.64
CA ALA D 174 -30.64 -61.12 -56.11
C ALA D 174 -30.71 -62.43 -56.87
N GLN D 175 -30.46 -62.40 -58.19
CA GLN D 175 -30.47 -63.63 -58.98
C GLN D 175 -29.22 -64.46 -58.72
N LYS D 176 -28.07 -63.80 -58.50
CA LYS D 176 -26.87 -64.53 -58.11
C LYS D 176 -27.03 -65.16 -56.74
N LEU D 177 -27.77 -64.51 -55.84
CA LEU D 177 -28.03 -65.08 -54.53
C LEU D 177 -28.92 -66.32 -54.64
N GLU D 178 -30.00 -66.23 -55.41
CA GLU D 178 -30.90 -67.36 -55.56
C GLU D 178 -30.23 -68.52 -56.30
N ALA D 179 -29.28 -68.21 -57.20
CA ALA D 179 -28.55 -69.26 -57.90
C ALA D 179 -27.52 -69.92 -57.01
N ASP D 180 -26.87 -69.13 -56.13
CA ASP D 180 -25.89 -69.71 -55.22
C ASP D 180 -26.57 -70.58 -54.17
N LEU D 181 -27.77 -70.19 -53.72
CA LEU D 181 -28.50 -71.02 -52.76
C LEU D 181 -28.93 -72.33 -53.39
N ALA D 182 -29.35 -72.30 -54.66
CA ALA D 182 -29.70 -73.54 -55.35
C ALA D 182 -28.47 -74.40 -55.62
N GLU D 183 -27.32 -73.78 -55.79
CA GLU D 183 -26.09 -74.54 -56.00
C GLU D 183 -25.59 -75.17 -54.71
N LEU D 184 -25.68 -74.43 -53.60
CA LEU D 184 -25.34 -74.99 -52.30
C LEU D 184 -26.41 -75.94 -51.77
N GLU D 185 -27.59 -75.98 -52.40
CA GLU D 185 -28.57 -77.01 -52.11
C GLU D 185 -28.33 -78.27 -52.91
N ALA D 186 -27.85 -78.15 -54.14
CA ALA D 186 -27.42 -79.33 -54.89
C ALA D 186 -26.19 -79.97 -54.26
N GLU D 187 -25.32 -79.16 -53.67
CA GLU D 187 -24.18 -79.68 -52.92
C GLU D 187 -24.61 -80.33 -51.61
N GLY D 188 -25.84 -80.09 -51.16
CA GLY D 188 -26.36 -80.74 -49.98
C GLY D 188 -25.92 -80.14 -48.66
N ALA D 189 -25.42 -78.90 -48.67
CA ALA D 189 -25.01 -78.26 -47.43
C ALA D 189 -26.19 -78.06 -46.50
N LYS D 190 -25.92 -78.05 -45.20
CA LYS D 190 -26.98 -77.89 -44.21
C LYS D 190 -27.69 -76.56 -44.40
N ALA D 191 -29.00 -76.56 -44.16
CA ALA D 191 -29.82 -75.37 -44.39
C ALA D 191 -29.37 -74.18 -43.56
N ASP D 192 -28.71 -74.41 -42.43
CA ASP D 192 -28.20 -73.30 -41.62
C ASP D 192 -27.08 -72.57 -42.35
N ALA D 193 -26.24 -73.31 -43.07
CA ALA D 193 -25.21 -72.67 -43.88
C ALA D 193 -25.82 -71.87 -45.02
N ARG D 194 -26.95 -72.33 -45.56
CA ARG D 194 -27.66 -71.56 -46.58
C ARG D 194 -28.19 -70.25 -45.98
N ARG D 195 -28.67 -70.30 -44.74
CA ARG D 195 -29.14 -69.09 -44.07
C ARG D 195 -28.02 -68.08 -43.88
N LYS D 196 -26.78 -68.56 -43.77
CA LYS D 196 -25.64 -67.64 -43.70
C LYS D 196 -25.41 -66.96 -45.04
N VAL D 197 -25.48 -67.72 -46.14
CA VAL D 197 -25.35 -67.12 -47.45
C VAL D 197 -26.57 -66.25 -47.77
N ARG D 198 -27.74 -66.62 -47.25
CA ARG D 198 -28.93 -65.80 -47.45
C ARG D 198 -28.78 -64.45 -46.76
N ASP D 199 -28.40 -64.46 -45.47
CA ASP D 199 -28.22 -63.21 -44.75
C ASP D 199 -27.09 -62.38 -45.33
N GLY D 200 -26.08 -63.03 -45.91
CA GLY D 200 -25.02 -62.28 -46.57
C GLY D 200 -25.51 -61.60 -47.84
N GLY D 201 -26.38 -62.27 -48.58
CA GLY D 201 -26.95 -61.65 -49.77
C GLY D 201 -27.89 -60.51 -49.45
N GLU D 202 -28.74 -60.69 -48.42
CA GLU D 202 -29.60 -59.59 -47.99
C GLU D 202 -28.79 -58.41 -47.47
N ARG D 203 -27.63 -58.68 -46.86
CA ARG D 203 -26.77 -57.60 -46.40
C ARG D 203 -26.14 -56.86 -47.57
N GLU D 204 -25.75 -57.58 -48.62
CA GLU D 204 -25.16 -56.94 -49.79
C GLU D 204 -26.21 -56.13 -50.55
N MET D 205 -27.42 -56.67 -50.69
CA MET D 205 -28.48 -55.93 -51.38
C MET D 205 -28.86 -54.67 -50.62
N ARG D 206 -28.86 -54.74 -49.29
CA ARG D 206 -29.14 -53.55 -48.49
C ARG D 206 -28.08 -52.48 -48.71
N GLN D 207 -26.81 -52.89 -48.83
CA GLN D 207 -25.74 -51.94 -49.08
C GLN D 207 -25.89 -51.28 -50.45
N ILE D 208 -26.25 -52.06 -51.47
CA ILE D 208 -26.41 -51.51 -52.81
C ILE D 208 -27.55 -50.51 -52.85
N ARG D 209 -28.68 -50.85 -52.21
CA ARG D 209 -29.82 -49.93 -52.20
C ARG D 209 -29.49 -48.65 -51.45
N ASP D 210 -28.72 -48.76 -50.37
CA ASP D 210 -28.35 -47.56 -49.61
C ASP D 210 -27.34 -46.71 -50.38
N ARG D 211 -26.36 -47.34 -51.03
CA ARG D 211 -25.40 -46.58 -51.84
C ARG D 211 -26.10 -45.80 -52.94
N ALA D 212 -27.23 -46.29 -53.44
CA ALA D 212 -27.96 -45.58 -54.47
C ALA D 212 -28.85 -44.49 -53.87
N GLN D 213 -29.44 -44.76 -52.70
CA GLN D 213 -30.30 -43.76 -52.06
C GLN D 213 -29.50 -42.53 -51.64
N ARG D 214 -28.25 -42.71 -51.21
CA ARG D 214 -27.41 -41.57 -50.87
C ARG D 214 -27.11 -40.71 -52.09
N GLU D 215 -26.98 -41.34 -53.26
CA GLU D 215 -26.79 -40.58 -54.49
C GLU D 215 -28.06 -39.84 -54.89
N LEU D 216 -29.23 -40.47 -54.69
CA LEU D 216 -30.49 -39.80 -54.98
C LEU D 216 -30.71 -38.62 -54.05
N ASP D 217 -30.35 -38.76 -52.77
CA ASP D 217 -30.56 -37.67 -51.83
C ASP D 217 -29.62 -36.50 -52.09
N ARG D 218 -28.41 -36.77 -52.58
CA ARG D 218 -27.53 -35.69 -52.99
C ARG D 218 -28.13 -34.90 -54.14
N LEU D 219 -28.60 -35.60 -55.18
CA LEU D 219 -29.22 -34.93 -56.31
C LEU D 219 -30.50 -34.21 -55.91
N GLU D 220 -31.16 -34.63 -54.83
CA GLU D 220 -32.32 -33.91 -54.34
C GLU D 220 -31.92 -32.63 -53.62
N ASP D 221 -30.82 -32.68 -52.84
CA ASP D 221 -30.34 -31.47 -52.20
C ASP D 221 -29.70 -30.51 -53.19
N ILE D 222 -29.00 -31.05 -54.19
CA ILE D 222 -28.40 -30.19 -55.22
C ILE D 222 -29.47 -29.43 -55.98
N TRP D 223 -30.58 -30.11 -56.30
CA TRP D 223 -31.66 -29.44 -57.02
C TRP D 223 -32.42 -28.50 -56.09
N SER D 224 -32.63 -28.90 -54.84
CA SER D 224 -33.34 -28.03 -53.90
C SER D 224 -32.55 -26.77 -53.60
N THR D 225 -31.22 -26.88 -53.51
CA THR D 225 -30.40 -25.72 -53.20
C THR D 225 -30.36 -24.73 -54.36
N PHE D 226 -30.17 -25.24 -55.58
CA PHE D 226 -30.13 -24.36 -56.74
C PHE D 226 -31.48 -23.71 -57.02
N THR D 227 -32.58 -24.42 -56.75
CA THR D 227 -33.89 -23.85 -56.94
C THR D 227 -34.12 -22.67 -55.98
N LYS D 228 -33.74 -22.84 -54.72
CA LYS D 228 -33.92 -21.79 -53.71
C LYS D 228 -32.59 -21.15 -53.36
N LEU D 229 -31.92 -20.56 -54.35
CA LEU D 229 -30.61 -19.93 -54.15
C LEU D 229 -30.78 -18.43 -54.24
N ALA D 230 -30.46 -17.74 -53.16
CA ALA D 230 -30.51 -16.29 -53.05
C ALA D 230 -29.22 -15.80 -52.41
N PRO D 231 -28.88 -14.52 -52.58
CA PRO D 231 -27.68 -14.00 -51.92
C PRO D 231 -27.77 -14.12 -50.41
N LYS D 232 -26.60 -14.05 -49.77
CA LYS D 232 -26.42 -14.16 -48.32
C LYS D 232 -26.76 -15.53 -47.77
N GLN D 233 -26.98 -16.52 -48.64
CA GLN D 233 -27.19 -17.90 -48.18
C GLN D 233 -25.84 -18.57 -47.94
N LEU D 234 -25.82 -19.46 -46.95
CA LEU D 234 -24.61 -20.18 -46.59
C LEU D 234 -24.71 -21.65 -47.01
N ILE D 235 -23.57 -22.21 -47.38
CA ILE D 235 -23.47 -23.60 -47.82
C ILE D 235 -22.33 -24.21 -47.01
N VAL D 236 -22.67 -24.94 -45.94
CA VAL D 236 -21.65 -25.48 -45.06
C VAL D 236 -20.96 -26.69 -45.69
N ASP D 237 -21.68 -27.44 -46.54
CA ASP D 237 -21.10 -28.60 -47.20
C ASP D 237 -20.24 -28.14 -48.37
N GLU D 238 -18.96 -28.48 -48.35
CA GLU D 238 -18.06 -28.05 -49.41
C GLU D 238 -18.29 -28.85 -50.70
N ASN D 239 -18.64 -30.12 -50.56
CA ASN D 239 -18.91 -30.93 -51.75
C ASN D 239 -20.20 -30.50 -52.43
N LEU D 240 -21.20 -30.07 -51.64
CA LEU D 240 -22.43 -29.55 -52.23
C LEU D 240 -22.15 -28.31 -53.07
N TYR D 241 -21.36 -27.38 -52.53
CA TYR D 241 -21.02 -26.18 -53.29
C TYR D 241 -20.19 -26.52 -54.52
N ARG D 242 -19.32 -27.53 -54.40
CA ARG D 242 -18.52 -27.94 -55.55
C ARG D 242 -19.40 -28.50 -56.67
N GLU D 243 -20.45 -29.24 -56.30
CA GLU D 243 -21.40 -29.72 -57.30
C GLU D 243 -22.19 -28.56 -57.89
N LEU D 244 -22.56 -27.58 -57.07
CA LEU D 244 -23.32 -26.44 -57.56
C LEU D 244 -22.54 -25.65 -58.61
N VAL D 245 -21.23 -25.48 -58.40
CA VAL D 245 -20.43 -24.75 -59.38
C VAL D 245 -20.19 -25.62 -60.61
N ASP D 246 -20.02 -26.93 -60.41
CA ASP D 246 -19.78 -27.83 -61.55
C ASP D 246 -20.98 -27.91 -62.47
N ARG D 247 -22.19 -27.68 -61.93
CA ARG D 247 -23.42 -27.77 -62.72
C ARG D 247 -23.94 -26.39 -63.13
N TYR D 248 -24.30 -25.57 -62.16
CA TYR D 248 -24.99 -24.32 -62.40
C TYR D 248 -24.11 -23.10 -62.07
N GLY D 249 -22.80 -23.23 -62.30
CA GLY D 249 -21.88 -22.13 -62.06
C GLY D 249 -22.14 -20.91 -62.90
N GLU D 250 -22.74 -21.06 -64.09
CA GLU D 250 -23.08 -19.94 -64.94
C GLU D 250 -24.13 -19.02 -64.34
N TYR D 251 -24.84 -19.46 -63.30
CA TYR D 251 -26.02 -18.76 -62.81
C TYR D 251 -25.79 -17.99 -61.51
N PHE D 252 -24.86 -18.41 -60.66
CA PHE D 252 -24.63 -17.77 -59.37
C PHE D 252 -23.15 -17.51 -59.18
N THR D 253 -22.85 -16.71 -58.15
CA THR D 253 -21.48 -16.39 -57.78
C THR D 253 -21.36 -16.46 -56.26
N GLY D 254 -20.48 -17.34 -55.77
CA GLY D 254 -20.25 -17.46 -54.35
C GLY D 254 -18.77 -17.35 -54.03
N ALA D 255 -18.47 -17.21 -52.74
CA ALA D 255 -17.10 -17.04 -52.29
C ALA D 255 -17.01 -17.41 -50.81
N MET D 256 -15.79 -17.44 -50.31
CA MET D 256 -15.49 -17.76 -48.92
C MET D 256 -14.66 -16.64 -48.31
N GLY D 257 -14.44 -16.77 -47.00
CA GLY D 257 -13.52 -15.88 -46.30
C GLY D 257 -14.01 -14.44 -46.18
N ALA D 258 -13.04 -13.55 -46.02
CA ALA D 258 -13.34 -12.14 -45.81
C ALA D 258 -13.65 -11.41 -47.12
N GLU D 259 -13.01 -11.79 -48.22
CA GLU D 259 -13.27 -11.16 -49.50
C GLU D 259 -14.73 -11.30 -49.90
N SER D 260 -15.38 -12.39 -49.48
CA SER D 260 -16.80 -12.55 -49.75
C SER D 260 -17.62 -11.48 -49.04
N ILE D 261 -17.33 -11.25 -47.75
CA ILE D 261 -18.04 -10.21 -47.00
C ILE D 261 -17.77 -8.84 -47.60
N GLN D 262 -16.54 -8.62 -48.07
CA GLN D 262 -16.23 -7.39 -48.79
C GLN D 262 -17.13 -7.22 -50.00
N LYS D 263 -17.50 -8.32 -50.66
CA LYS D 263 -18.40 -8.24 -51.80
C LYS D 263 -19.84 -8.05 -51.36
N LEU D 264 -20.24 -8.63 -50.23
CA LEU D 264 -21.60 -8.44 -49.73
C LEU D 264 -21.83 -7.00 -49.29
N ILE D 265 -20.83 -6.39 -48.65
CA ILE D 265 -20.95 -4.98 -48.27
C ILE D 265 -21.03 -4.10 -49.51
N GLU D 266 -20.29 -4.47 -50.55
CA GLU D 266 -20.36 -3.71 -51.81
C GLU D 266 -21.73 -3.89 -52.45
N ASN D 267 -22.22 -5.13 -52.52
CA ASN D 267 -23.57 -5.40 -53.03
C ASN D 267 -24.60 -5.28 -51.90
N PHE D 268 -24.70 -4.06 -51.37
CA PHE D 268 -25.58 -3.77 -50.26
C PHE D 268 -26.16 -2.37 -50.43
N ASP D 269 -27.48 -2.27 -50.36
CA ASP D 269 -28.17 -0.98 -50.46
C ASP D 269 -28.36 -0.43 -49.06
N ILE D 270 -27.61 0.61 -48.72
CA ILE D 270 -27.68 1.19 -47.37
C ILE D 270 -29.04 1.82 -47.14
N ASP D 271 -29.49 2.65 -48.09
CA ASP D 271 -30.74 3.38 -47.89
C ASP D 271 -31.95 2.46 -47.91
N ALA D 272 -31.93 1.44 -48.77
CA ALA D 272 -33.06 0.52 -48.85
C ALA D 272 -33.18 -0.32 -47.58
N GLU D 273 -32.07 -0.90 -47.13
CA GLU D 273 -32.09 -1.68 -45.90
C GLU D 273 -32.42 -0.82 -44.69
N ALA D 274 -32.06 0.46 -44.73
CA ALA D 274 -32.42 1.37 -43.64
C ALA D 274 -33.92 1.62 -43.61
N GLU D 275 -34.51 1.91 -44.77
CA GLU D 275 -35.95 2.14 -44.83
C GLU D 275 -36.73 0.85 -44.61
N SER D 276 -36.18 -0.30 -45.00
CA SER D 276 -36.83 -1.57 -44.73
C SER D 276 -36.92 -1.82 -43.23
N LEU D 277 -35.87 -1.48 -42.50
CA LEU D 277 -35.92 -1.57 -41.04
C LEU D 277 -36.91 -0.56 -40.47
N ARG D 278 -36.99 0.62 -41.08
CA ARG D 278 -37.95 1.63 -40.61
C ARG D 278 -39.38 1.16 -40.78
N ASP D 279 -39.69 0.54 -41.92
CA ASP D 279 -41.04 0.01 -42.15
C ASP D 279 -41.40 -1.03 -41.08
N VAL D 280 -40.45 -1.89 -40.72
CA VAL D 280 -40.67 -2.84 -39.64
C VAL D 280 -40.80 -2.10 -38.30
N ILE D 281 -40.08 -1.00 -38.14
CA ILE D 281 -40.09 -0.29 -36.87
C ILE D 281 -41.38 0.50 -36.67
N ARG D 282 -41.91 1.10 -37.74
CA ARG D 282 -43.11 1.91 -37.61
C ARG D 282 -44.28 1.10 -37.07
N ASN D 283 -44.46 -0.12 -37.58
CA ASN D 283 -45.53 -1.01 -37.13
C ASN D 283 -44.95 -2.41 -37.00
N GLY D 284 -44.74 -2.86 -35.77
CA GLY D 284 -44.14 -4.17 -35.55
C GLY D 284 -44.37 -4.65 -34.14
N LYS D 285 -44.17 -5.96 -33.96
CA LYS D 285 -44.31 -6.61 -32.66
C LYS D 285 -43.01 -6.46 -31.89
N GLY D 286 -43.11 -6.01 -30.63
CA GLY D 286 -41.92 -5.72 -29.83
C GLY D 286 -40.96 -6.89 -29.74
N GLN D 287 -41.47 -8.12 -29.76
CA GLN D 287 -40.59 -9.29 -29.75
C GLN D 287 -39.64 -9.28 -30.93
N LYS D 288 -40.14 -8.92 -32.12
CA LYS D 288 -39.33 -8.88 -33.34
C LYS D 288 -39.00 -7.46 -33.77
N LYS D 289 -39.46 -6.44 -33.03
CA LYS D 289 -39.17 -5.05 -33.35
C LYS D 289 -37.91 -4.55 -32.67
N LEU D 290 -37.68 -4.94 -31.41
CA LEU D 290 -36.47 -4.53 -30.72
C LEU D 290 -35.22 -4.99 -31.47
N ARG D 291 -35.27 -6.19 -32.05
CA ARG D 291 -34.16 -6.68 -32.83
C ARG D 291 -33.96 -5.90 -34.13
N ALA D 292 -35.01 -5.25 -34.62
CA ALA D 292 -34.90 -4.37 -35.78
C ALA D 292 -34.51 -2.96 -35.39
N LEU D 293 -34.83 -2.54 -34.16
CA LEU D 293 -34.41 -1.22 -33.69
C LEU D 293 -32.90 -1.12 -33.61
N LYS D 294 -32.26 -2.10 -32.95
CA LYS D 294 -30.81 -2.06 -32.80
C LYS D 294 -30.09 -2.21 -34.13
N ARG D 295 -30.71 -2.90 -35.10
CA ARG D 295 -30.13 -2.97 -36.43
C ARG D 295 -30.12 -1.61 -37.10
N LEU D 296 -31.21 -0.85 -36.98
CA LEU D 296 -31.25 0.51 -37.53
C LEU D 296 -30.19 1.39 -36.88
N LYS D 297 -29.92 1.17 -35.60
CA LYS D 297 -28.88 1.95 -34.91
C LYS D 297 -27.53 1.82 -35.61
N VAL D 298 -27.24 0.61 -36.11
CA VAL D 298 -25.98 0.41 -36.81
C VAL D 298 -26.06 0.93 -38.25
N VAL D 299 -27.18 0.65 -38.93
CA VAL D 299 -27.27 1.00 -40.35
C VAL D 299 -27.41 2.51 -40.54
N ALA D 300 -28.21 3.16 -39.69
CA ALA D 300 -28.44 4.59 -39.85
C ALA D 300 -27.15 5.40 -39.69
N ALA D 301 -26.22 4.92 -38.86
CA ALA D 301 -24.96 5.62 -38.68
C ALA D 301 -24.15 5.63 -39.97
N PHE D 302 -24.10 4.49 -40.67
CA PHE D 302 -23.39 4.45 -41.95
C PHE D 302 -24.11 5.25 -43.02
N GLN D 303 -25.44 5.37 -42.92
CA GLN D 303 -26.20 6.11 -43.92
C GLN D 303 -25.97 7.62 -43.79
N GLN D 304 -26.15 8.15 -42.58
CA GLN D 304 -26.08 9.60 -42.41
C GLN D 304 -24.64 10.12 -42.52
N SER D 305 -23.69 9.40 -41.93
CA SER D 305 -22.35 9.97 -41.75
C SER D 305 -21.66 10.22 -43.09
N GLY D 306 -21.87 9.33 -44.05
CA GLY D 306 -21.19 9.42 -45.32
C GLY D 306 -19.91 8.63 -45.43
N ASN D 307 -19.54 7.86 -44.40
CA ASN D 307 -18.42 6.94 -44.46
C ASN D 307 -18.93 5.56 -44.82
N SER D 308 -18.25 4.90 -45.75
CA SER D 308 -18.71 3.60 -46.21
C SER D 308 -18.45 2.53 -45.15
N PRO D 309 -19.34 1.53 -45.01
CA PRO D 309 -19.05 0.42 -44.10
C PRO D 309 -17.91 -0.47 -44.57
N MET D 310 -17.39 -0.24 -45.79
CA MET D 310 -16.32 -1.07 -46.32
C MET D 310 -15.05 -1.00 -45.48
N GLY D 311 -14.90 0.04 -44.66
CA GLY D 311 -13.74 0.15 -43.80
C GLY D 311 -13.60 -0.97 -42.79
N MET D 312 -14.70 -1.67 -42.50
CA MET D 312 -14.63 -2.81 -41.59
C MET D 312 -13.83 -3.97 -42.16
N VAL D 313 -13.65 -4.00 -43.48
CA VAL D 313 -12.80 -4.98 -44.15
C VAL D 313 -11.55 -4.25 -44.64
N LEU D 314 -10.38 -4.78 -44.26
CA LEU D 314 -9.12 -4.10 -44.51
C LEU D 314 -8.38 -4.72 -45.69
N ASP D 315 -7.86 -3.86 -46.56
CA ASP D 315 -6.90 -4.27 -47.58
C ASP D 315 -5.46 -3.98 -47.18
N ALA D 316 -5.25 -3.06 -46.24
CA ALA D 316 -3.94 -2.73 -45.72
C ALA D 316 -4.06 -2.46 -44.22
N VAL D 317 -3.07 -2.90 -43.46
CA VAL D 317 -3.04 -2.73 -42.01
C VAL D 317 -1.90 -1.77 -41.67
N PRO D 318 -2.11 -0.78 -40.81
CA PRO D 318 -1.05 0.16 -40.48
C PRO D 318 -0.08 -0.41 -39.45
N VAL D 319 1.17 0.04 -39.54
CA VAL D 319 2.23 -0.37 -38.63
C VAL D 319 2.57 0.81 -37.74
N ILE D 320 2.47 0.60 -36.43
CA ILE D 320 2.77 1.66 -35.46
C ILE D 320 4.26 1.99 -35.52
N PRO D 321 4.66 3.25 -35.36
CA PRO D 321 6.09 3.61 -35.44
C PRO D 321 6.93 2.77 -34.48
N PRO D 322 8.22 2.58 -34.79
CA PRO D 322 9.02 1.62 -34.02
C PRO D 322 9.28 2.02 -32.59
N GLU D 323 9.40 3.31 -32.29
CA GLU D 323 9.70 3.73 -30.92
C GLU D 323 8.56 3.41 -29.96
N LEU D 324 7.34 3.23 -30.46
CA LEU D 324 6.25 2.78 -29.62
C LEU D 324 6.22 1.27 -29.46
N ARG D 325 7.08 0.55 -30.18
CA ARG D 325 7.26 -0.89 -30.02
C ARG D 325 8.75 -1.20 -30.00
N PRO D 326 9.49 -0.59 -29.06
CA PRO D 326 10.96 -0.60 -29.18
C PRO D 326 11.56 -1.96 -28.88
N MET D 327 12.72 -2.20 -29.49
CA MET D 327 13.50 -3.41 -29.27
C MET D 327 14.80 -2.99 -28.59
N VAL D 328 14.98 -3.43 -27.34
CA VAL D 328 16.11 -3.02 -26.52
C VAL D 328 17.13 -4.14 -26.48
N GLN D 329 18.39 -3.77 -26.27
CA GLN D 329 19.46 -4.74 -26.11
C GLN D 329 19.66 -5.04 -24.64
N LEU D 330 20.05 -6.27 -24.35
CA LEU D 330 20.21 -6.75 -22.98
C LEU D 330 21.68 -6.83 -22.60
N ASP D 331 21.95 -6.72 -21.30
CA ASP D 331 23.32 -6.76 -20.80
C ASP D 331 23.97 -8.13 -20.97
N GLY D 332 23.21 -9.16 -21.34
CA GLY D 332 23.76 -10.46 -21.65
C GLY D 332 24.12 -10.67 -23.09
N GLY D 333 23.99 -9.63 -23.93
CA GLY D 333 24.32 -9.70 -25.34
C GLY D 333 23.11 -9.90 -26.25
N ARG D 334 22.07 -10.55 -25.74
CA ARG D 334 20.88 -10.84 -26.54
C ARG D 334 19.96 -9.63 -26.56
N PHE D 335 18.76 -9.80 -27.09
CA PHE D 335 17.84 -8.69 -27.32
C PHE D 335 16.47 -9.01 -26.72
N ALA D 336 15.58 -8.02 -26.79
CA ALA D 336 14.22 -8.15 -26.27
C ALA D 336 13.34 -7.13 -26.99
N THR D 337 12.29 -7.61 -27.65
CA THR D 337 11.42 -6.75 -28.44
C THR D 337 9.98 -6.83 -27.91
N SER D 338 9.19 -5.80 -28.25
CA SER D 338 7.80 -5.76 -27.83
C SER D 338 7.01 -6.86 -28.52
N ASP D 339 5.93 -7.29 -27.86
CA ASP D 339 5.11 -8.37 -28.43
C ASP D 339 4.43 -7.92 -29.71
N LEU D 340 4.24 -6.60 -29.89
CA LEU D 340 3.66 -6.10 -31.12
C LEU D 340 4.53 -6.45 -32.32
N ASN D 341 5.84 -6.51 -32.12
CA ASN D 341 6.75 -6.87 -33.22
C ASN D 341 6.55 -8.33 -33.65
N ASP D 342 6.34 -9.23 -32.69
CA ASP D 342 6.08 -10.62 -33.05
C ASP D 342 4.73 -10.79 -33.72
N LEU D 343 3.76 -9.93 -33.39
CA LEU D 343 2.47 -9.99 -34.06
C LEU D 343 2.55 -9.43 -35.48
N TYR D 344 3.22 -8.28 -35.64
CA TYR D 344 3.47 -7.77 -36.98
C TYR D 344 4.30 -8.74 -37.80
N ARG D 345 5.28 -9.39 -37.17
CA ARG D 345 6.13 -10.33 -37.89
C ARG D 345 5.34 -11.55 -38.34
N ARG D 346 4.38 -12.01 -37.54
CA ARG D 346 3.59 -13.16 -37.94
C ARG D 346 2.61 -12.81 -39.06
N VAL D 347 2.08 -11.58 -39.06
CA VAL D 347 1.25 -11.14 -40.18
C VAL D 347 2.08 -11.04 -41.45
N ILE D 348 3.30 -10.50 -41.34
CA ILE D 348 4.17 -10.39 -42.51
C ILE D 348 4.55 -11.76 -43.04
N ASN D 349 4.86 -12.70 -42.13
CA ASN D 349 5.29 -14.03 -42.55
C ASN D 349 4.18 -14.74 -43.32
N ARG D 350 2.95 -14.68 -42.81
CA ARG D 350 1.84 -15.39 -43.45
C ARG D 350 1.34 -14.66 -44.69
N ASN D 351 1.46 -13.34 -44.74
CA ASN D 351 1.05 -12.61 -45.94
C ASN D 351 2.00 -12.85 -47.09
N ASN D 352 3.30 -12.99 -46.81
CA ASN D 352 4.26 -13.29 -47.88
C ASN D 352 4.13 -14.73 -48.36
N ARG D 353 3.77 -15.66 -47.47
CA ARG D 353 3.53 -17.03 -47.90
C ARG D 353 2.29 -17.11 -48.76
N LEU D 354 1.27 -16.32 -48.45
CA LEU D 354 0.07 -16.27 -49.29
C LEU D 354 0.41 -15.73 -50.68
N LYS D 355 1.31 -14.74 -50.74
CA LYS D 355 1.74 -14.22 -52.04
C LYS D 355 2.48 -15.28 -52.85
N ARG D 356 3.19 -16.18 -52.17
CA ARG D 356 3.83 -17.29 -52.87
C ARG D 356 2.80 -18.26 -53.43
N LEU D 357 1.80 -18.61 -52.62
CA LEU D 357 0.78 -19.56 -53.06
C LEU D 357 -0.03 -18.99 -54.21
N ILE D 358 -0.31 -17.69 -54.19
CA ILE D 358 -1.04 -17.07 -55.29
C ILE D 358 -0.22 -17.11 -56.57
N ASP D 359 1.10 -16.88 -56.45
CA ASP D 359 1.95 -16.91 -57.64
C ASP D 359 2.10 -18.33 -58.19
N LEU D 360 2.25 -19.32 -57.31
CA LEU D 360 2.48 -20.69 -57.75
C LEU D 360 1.21 -21.38 -58.25
N GLY D 361 0.05 -20.77 -58.09
CA GLY D 361 -1.19 -21.45 -58.42
C GLY D 361 -1.43 -22.68 -57.57
N ALA D 362 -1.03 -22.64 -56.30
CA ALA D 362 -1.18 -23.77 -55.40
C ALA D 362 -2.65 -24.16 -55.27
N PRO D 363 -2.94 -25.38 -54.84
CA PRO D 363 -4.34 -25.81 -54.69
C PRO D 363 -5.12 -24.87 -53.80
N GLU D 364 -6.42 -24.72 -54.12
CA GLU D 364 -7.29 -23.82 -53.38
C GLU D 364 -7.37 -24.19 -51.90
N ILE D 365 -7.09 -25.45 -51.55
CA ILE D 365 -7.13 -25.84 -50.15
C ILE D 365 -5.97 -25.22 -49.37
N ILE D 366 -4.81 -25.05 -50.00
CA ILE D 366 -3.69 -24.44 -49.31
C ILE D 366 -3.86 -22.93 -49.25
N VAL D 367 -4.34 -22.32 -50.33
CA VAL D 367 -4.53 -20.86 -50.35
C VAL D 367 -5.60 -20.45 -49.35
N ASN D 368 -6.72 -21.19 -49.30
CA ASN D 368 -7.79 -20.85 -48.37
C ASN D 368 -7.37 -21.08 -46.93
N ASN D 369 -6.70 -22.19 -46.65
CA ASN D 369 -6.21 -22.43 -45.30
C ASN D 369 -5.11 -21.45 -44.92
N GLU D 370 -4.42 -20.86 -45.90
CA GLU D 370 -3.45 -19.81 -45.62
C GLU D 370 -4.16 -18.48 -45.34
N LYS D 371 -5.18 -18.15 -46.13
CA LYS D 371 -5.94 -16.93 -45.91
C LYS D 371 -6.60 -16.92 -44.55
N ARG D 372 -7.01 -18.10 -44.05
CA ARG D 372 -7.59 -18.18 -42.71
C ARG D 372 -6.57 -17.79 -41.65
N MET D 373 -5.33 -18.23 -41.80
CA MET D 373 -4.30 -17.90 -40.82
C MET D 373 -3.94 -16.43 -40.85
N LEU D 374 -3.99 -15.79 -42.02
CA LEU D 374 -3.76 -14.36 -42.10
C LEU D 374 -4.86 -13.58 -41.38
N GLN D 375 -6.09 -14.09 -41.42
CA GLN D 375 -7.17 -13.47 -40.67
C GLN D 375 -6.91 -13.58 -39.17
N GLU D 376 -6.52 -14.76 -38.71
CA GLU D 376 -6.22 -14.95 -37.29
C GLU D 376 -5.02 -14.13 -36.85
N SER D 377 -4.07 -13.87 -37.75
CA SER D 377 -2.90 -13.09 -37.40
C SER D 377 -3.24 -11.62 -37.21
N VAL D 378 -3.98 -11.04 -38.15
CA VAL D 378 -4.42 -9.65 -37.99
C VAL D 378 -5.36 -9.53 -36.79
N ASP D 379 -6.19 -10.56 -36.56
CA ASP D 379 -7.02 -10.58 -35.36
C ASP D 379 -6.17 -10.63 -34.10
N ALA D 380 -5.02 -11.28 -34.16
CA ALA D 380 -4.12 -11.29 -33.00
C ALA D 380 -3.40 -9.96 -32.85
N LEU D 381 -3.04 -9.33 -33.97
CA LEU D 381 -2.36 -8.04 -33.90
C LEU D 381 -3.25 -6.97 -33.30
N PHE D 382 -4.54 -6.98 -33.63
CA PHE D 382 -5.44 -5.94 -33.15
C PHE D 382 -5.99 -6.26 -31.76
N ASP D 383 -6.38 -7.53 -31.54
CA ASP D 383 -6.92 -7.92 -30.24
C ASP D 383 -6.71 -9.42 -30.03
N ASN D 384 -5.49 -9.80 -29.67
CA ASN D 384 -5.18 -11.21 -29.45
C ASN D 384 -5.94 -11.74 -28.24
N GLY D 385 -6.57 -12.90 -28.41
CA GLY D 385 -7.36 -13.52 -27.37
C GLY D 385 -8.84 -13.22 -27.43
N ARG D 386 -9.26 -12.28 -28.29
CA ARG D 386 -10.68 -11.96 -28.40
C ARG D 386 -11.47 -13.16 -28.92
N ARG D 387 -10.97 -13.82 -29.96
CA ARG D 387 -11.60 -15.01 -30.51
C ARG D 387 -10.72 -16.22 -30.23
N GLY D 388 -11.27 -17.21 -29.54
CA GLY D 388 -10.53 -18.42 -29.27
C GLY D 388 -9.40 -18.22 -28.27
N ARG D 389 -8.41 -19.10 -28.37
CA ARG D 389 -7.27 -19.08 -27.48
C ARG D 389 -6.20 -18.12 -28.00
N PRO D 390 -5.60 -17.32 -27.11
CA PRO D 390 -4.66 -16.29 -27.55
C PRO D 390 -3.36 -16.90 -28.04
N VAL D 391 -2.64 -16.11 -28.84
CA VAL D 391 -1.31 -16.51 -29.33
C VAL D 391 -0.34 -16.43 -28.16
N THR D 392 0.09 -17.59 -27.67
CA THR D 392 1.02 -17.63 -26.55
C THR D 392 2.44 -17.38 -27.03
N GLY D 393 3.18 -16.59 -26.27
CA GLY D 393 4.59 -16.41 -26.50
C GLY D 393 5.39 -17.49 -25.82
N PRO D 394 6.69 -17.26 -25.61
CA PRO D 394 7.49 -18.22 -24.85
C PRO D 394 7.05 -18.26 -23.39
N GLY D 395 6.70 -19.45 -22.93
CA GLY D 395 6.24 -19.63 -21.57
C GLY D 395 4.74 -19.53 -21.38
N ASN D 396 3.95 -19.78 -22.42
CA ASN D 396 2.49 -19.75 -22.36
C ASN D 396 1.97 -18.39 -21.88
N ARG D 397 2.70 -17.33 -22.20
CA ARG D 397 2.23 -15.99 -21.84
C ARG D 397 1.48 -15.38 -23.03
N PRO D 398 0.29 -14.83 -22.82
CA PRO D 398 -0.45 -14.23 -23.93
C PRO D 398 0.23 -12.95 -24.40
N LEU D 399 0.40 -12.82 -25.71
CA LEU D 399 1.03 -11.64 -26.27
C LEU D 399 0.09 -10.44 -26.16
N LYS D 400 0.67 -9.27 -25.91
CA LYS D 400 -0.10 -8.04 -25.76
C LYS D 400 -0.38 -7.45 -27.12
N SER D 401 -1.66 -7.29 -27.46
CA SER D 401 -2.07 -6.75 -28.74
C SER D 401 -2.06 -5.23 -28.70
N LEU D 402 -2.42 -4.61 -29.83
CA LEU D 402 -2.50 -3.15 -29.89
C LEU D 402 -3.59 -2.63 -28.95
N SER D 403 -4.73 -3.33 -28.89
CA SER D 403 -5.82 -2.90 -28.01
C SER D 403 -5.48 -3.09 -26.55
N ASP D 404 -4.54 -3.98 -26.22
CA ASP D 404 -4.11 -4.15 -24.84
C ASP D 404 -3.39 -2.92 -24.31
N LEU D 405 -2.90 -2.05 -25.19
CA LEU D 405 -2.25 -0.81 -24.76
C LEU D 405 -3.24 0.21 -24.23
N LEU D 406 -4.54 -0.03 -24.36
CA LEU D 406 -5.55 0.92 -23.94
C LEU D 406 -6.52 0.38 -22.90
N LYS D 407 -6.41 -0.90 -22.53
CA LYS D 407 -7.41 -1.56 -21.69
C LYS D 407 -7.05 -1.45 -20.22
N GLY D 408 -8.05 -1.11 -19.39
CA GLY D 408 -7.98 -1.27 -17.96
C GLY D 408 -6.96 -0.39 -17.25
N LYS D 409 -6.59 -0.85 -16.05
CA LYS D 409 -5.72 -0.07 -15.18
C LYS D 409 -4.32 0.10 -15.78
N GLN D 410 -3.85 -0.90 -16.51
CA GLN D 410 -2.53 -0.83 -17.13
C GLN D 410 -2.57 -0.18 -18.52
N GLY D 411 -3.75 0.17 -19.01
CA GLY D 411 -3.87 0.77 -20.33
C GLY D 411 -3.34 2.19 -20.37
N ARG D 412 -3.31 2.74 -21.59
CA ARG D 412 -2.74 4.07 -21.79
C ARG D 412 -3.55 5.14 -21.08
N PHE D 413 -4.87 4.98 -21.05
CA PHE D 413 -5.73 6.02 -20.48
C PHE D 413 -5.52 6.16 -18.98
N ARG D 414 -5.67 5.07 -18.24
CA ARG D 414 -5.62 5.16 -16.78
C ARG D 414 -4.19 5.26 -16.26
N GLN D 415 -3.23 4.62 -16.93
CA GLN D 415 -1.87 4.59 -16.41
C GLN D 415 -1.07 5.83 -16.77
N ASN D 416 -1.33 6.43 -17.95
CA ASN D 416 -0.48 7.51 -18.43
C ASN D 416 -1.23 8.79 -18.80
N LEU D 417 -2.55 8.84 -18.64
CA LEU D 417 -3.31 10.04 -18.98
C LEU D 417 -4.12 10.57 -17.82
N LEU D 418 -4.86 9.71 -17.11
CA LEU D 418 -5.60 10.18 -15.94
C LEU D 418 -4.65 10.45 -14.77
N GLY D 419 -3.54 9.72 -14.69
CA GLY D 419 -2.53 9.95 -13.68
C GLY D 419 -1.14 9.83 -14.24
N LYS D 420 -0.23 10.72 -13.84
CA LYS D 420 1.13 10.73 -14.35
C LYS D 420 2.12 10.85 -13.21
N ARG D 421 3.36 10.46 -13.47
CA ARG D 421 4.46 10.78 -12.58
C ARG D 421 4.96 12.18 -12.86
N VAL D 422 5.36 12.89 -11.81
CA VAL D 422 5.63 14.32 -11.91
C VAL D 422 7.02 14.63 -11.39
N ASP D 423 7.65 15.63 -12.01
CA ASP D 423 8.89 16.18 -11.49
C ASP D 423 8.61 17.05 -10.27
N TYR D 424 9.69 17.47 -9.61
CA TYR D 424 9.61 18.33 -8.42
C TYR D 424 8.68 17.72 -7.38
N SER D 425 9.06 16.52 -6.92
CA SER D 425 8.26 15.79 -5.96
C SER D 425 9.17 14.85 -5.17
N GLY D 426 8.67 14.42 -4.01
CA GLY D 426 9.42 13.52 -3.15
C GLY D 426 8.48 12.77 -2.22
N ARG D 427 9.07 11.94 -1.37
CA ARG D 427 8.31 11.13 -0.44
C ARG D 427 9.22 10.71 0.72
N SER D 428 8.66 10.67 1.93
CA SER D 428 9.39 10.22 3.09
C SER D 428 8.40 9.81 4.18
N VAL D 429 8.95 9.26 5.26
CA VAL D 429 8.13 8.87 6.40
C VAL D 429 7.63 10.12 7.12
N ILE D 430 6.42 10.03 7.68
CA ILE D 430 5.81 11.15 8.40
C ILE D 430 6.01 10.97 9.88
N VAL D 431 6.21 12.08 10.59
CA VAL D 431 6.45 12.10 12.02
C VAL D 431 5.64 13.24 12.62
N VAL D 432 5.02 13.00 13.78
CA VAL D 432 4.17 14.01 14.39
C VAL D 432 5.04 15.16 14.91
N GLY D 433 4.54 16.39 14.74
CA GLY D 433 5.23 17.56 15.20
C GLY D 433 4.30 18.50 15.94
N PRO D 434 4.31 18.41 17.27
CA PRO D 434 3.36 19.22 18.05
C PRO D 434 3.64 20.70 18.00
N GLN D 435 4.92 21.08 17.95
CA GLN D 435 5.29 22.49 17.97
C GLN D 435 4.87 23.23 16.70
N LEU D 436 4.63 22.50 15.61
CA LEU D 436 4.26 23.14 14.35
C LEU D 436 2.90 23.82 14.47
N LYS D 437 2.76 24.93 13.77
CA LYS D 437 1.46 25.56 13.65
C LYS D 437 0.64 24.86 12.58
N LEU D 438 -0.67 25.13 12.57
CA LEU D 438 -1.57 24.39 11.69
C LEU D 438 -1.25 24.61 10.22
N HIS D 439 -0.68 25.76 9.87
CA HIS D 439 -0.32 26.08 8.49
C HIS D 439 1.10 25.66 8.14
N GLN D 440 1.78 24.94 9.02
CA GLN D 440 3.19 24.63 8.85
C GLN D 440 3.41 23.12 8.80
N CYS D 441 4.53 22.73 8.17
CA CYS D 441 4.97 21.36 8.17
C CYS D 441 6.50 21.34 8.13
N GLY D 442 7.08 20.30 8.74
CA GLY D 442 8.52 20.15 8.79
C GLY D 442 8.99 19.11 7.81
N LEU D 443 9.78 19.55 6.84
CA LEU D 443 10.37 18.62 5.87
C LEU D 443 11.89 18.65 5.99
N PRO D 444 12.55 17.53 5.70
CA PRO D 444 14.01 17.46 5.87
C PRO D 444 14.74 18.46 4.99
N LYS D 445 15.92 18.87 5.45
CA LYS D 445 16.74 19.80 4.68
C LYS D 445 17.21 19.17 3.37
N LEU D 446 17.57 17.88 3.41
CA LEU D 446 18.05 17.22 2.21
C LEU D 446 16.96 17.09 1.15
N MET D 447 15.71 16.95 1.58
CA MET D 447 14.60 16.93 0.62
C MET D 447 14.41 18.30 -0.03
N ALA D 448 14.46 19.37 0.76
CA ALA D 448 14.22 20.70 0.23
C ALA D 448 15.30 21.13 -0.75
N LEU D 449 16.55 20.71 -0.53
CA LEU D 449 17.64 21.11 -1.42
C LEU D 449 17.43 20.58 -2.82
N GLU D 450 17.09 19.29 -2.94
CA GLU D 450 16.82 18.72 -4.25
C GLU D 450 15.48 19.20 -4.81
N LEU D 451 14.49 19.41 -3.95
CA LEU D 451 13.19 19.90 -4.42
C LEU D 451 13.31 21.33 -4.95
N PHE D 452 14.08 22.18 -4.28
CA PHE D 452 14.30 23.54 -4.70
C PHE D 452 15.64 23.72 -5.41
N LYS D 453 16.14 22.66 -6.05
CA LYS D 453 17.48 22.71 -6.64
C LYS D 453 17.66 23.85 -7.64
N PRO D 454 16.81 24.02 -8.66
CA PRO D 454 17.06 25.12 -9.60
C PRO D 454 16.92 26.50 -8.96
N PHE D 455 16.04 26.64 -7.98
CA PHE D 455 15.94 27.91 -7.26
C PHE D 455 17.17 28.17 -6.42
N VAL D 456 17.72 27.13 -5.79
CA VAL D 456 18.95 27.29 -5.02
C VAL D 456 20.11 27.67 -5.93
N MET D 457 20.19 27.02 -7.11
CA MET D 457 21.24 27.38 -8.06
C MET D 457 21.09 28.83 -8.53
N LYS D 458 19.86 29.32 -8.62
CA LYS D 458 19.65 30.71 -9.02
C LYS D 458 20.18 31.68 -7.96
N ARG D 459 19.90 31.40 -6.69
CA ARG D 459 20.36 32.30 -5.63
C ARG D 459 21.84 32.13 -5.33
N LEU D 460 22.39 30.94 -5.57
CA LEU D 460 23.83 30.75 -5.41
C LEU D 460 24.61 31.58 -6.42
N VAL D 461 24.04 31.82 -7.60
CA VAL D 461 24.72 32.64 -8.59
C VAL D 461 24.39 34.12 -8.44
N ASP D 462 23.31 34.47 -7.74
CA ASP D 462 23.00 35.87 -7.49
C ASP D 462 23.89 36.44 -6.38
N LEU D 463 23.93 35.78 -5.23
CA LEU D 463 24.78 36.21 -4.12
C LEU D 463 26.26 35.98 -4.37
N ASN D 464 26.64 35.52 -5.56
CA ASN D 464 28.04 35.30 -5.95
C ASN D 464 28.73 34.28 -5.06
N HIS D 465 27.98 33.31 -4.55
CA HIS D 465 28.60 32.12 -3.98
C HIS D 465 29.12 31.20 -5.07
N ALA D 466 28.60 31.32 -6.29
CA ALA D 466 29.04 30.55 -7.44
C ALA D 466 29.27 31.50 -8.60
N GLN D 467 30.29 31.21 -9.41
CA GLN D 467 30.60 32.06 -10.56
C GLN D 467 29.48 32.01 -11.60
N ASN D 468 29.19 30.83 -12.12
CA ASN D 468 28.14 30.64 -13.12
C ASN D 468 27.11 29.64 -12.61
N ILE D 469 26.03 29.51 -13.38
CA ILE D 469 24.99 28.55 -13.05
C ILE D 469 25.48 27.12 -13.17
N LYS D 470 26.51 26.89 -14.00
CA LYS D 470 27.07 25.54 -14.14
C LYS D 470 27.74 25.08 -12.85
N SER D 471 28.64 25.91 -12.30
CA SER D 471 29.27 25.59 -11.03
C SER D 471 28.27 25.62 -9.89
N ALA D 472 27.22 26.42 -10.01
CA ALA D 472 26.17 26.43 -8.99
C ALA D 472 25.49 25.08 -8.90
N LYS D 473 25.33 24.39 -10.04
CA LYS D 473 24.77 23.05 -10.02
C LYS D 473 25.71 22.08 -9.33
N ARG D 474 27.01 22.17 -9.62
CA ARG D 474 27.97 21.31 -8.96
C ARG D 474 28.03 21.58 -7.46
N MET D 475 27.73 22.82 -7.05
CA MET D 475 27.72 23.15 -5.63
C MET D 475 26.55 22.51 -4.91
N VAL D 476 25.38 22.46 -5.56
CA VAL D 476 24.22 21.83 -4.94
C VAL D 476 24.39 20.31 -4.92
N GLU D 477 24.96 19.75 -5.99
CA GLU D 477 25.19 18.30 -6.03
C GLU D 477 26.20 17.88 -4.98
N ARG D 478 27.21 18.70 -4.74
CA ARG D 478 28.23 18.42 -3.73
C ARG D 478 27.82 18.89 -2.35
N GLN D 479 26.74 19.66 -2.23
CA GLN D 479 26.22 20.14 -0.95
C GLN D 479 27.26 20.98 -0.21
N ARG D 480 27.70 22.03 -0.88
CA ARG D 480 28.61 22.98 -0.26
C ARG D 480 27.90 23.72 0.87
N PRO D 481 28.61 24.04 1.96
CA PRO D 481 27.94 24.57 3.16
C PRO D 481 27.18 25.86 2.94
N GLN D 482 27.43 26.57 1.84
CA GLN D 482 26.70 27.82 1.59
C GLN D 482 25.24 27.59 1.24
N VAL D 483 24.89 26.41 0.74
CA VAL D 483 23.53 26.18 0.24
C VAL D 483 22.53 26.14 1.39
N TRP D 484 22.96 25.73 2.59
CA TRP D 484 22.03 25.64 3.71
C TRP D 484 21.59 27.01 4.19
N ASP D 485 22.48 28.00 4.10
CA ASP D 485 22.07 29.38 4.39
C ASP D 485 21.22 29.96 3.26
N VAL D 486 21.49 29.54 2.02
CA VAL D 486 20.73 30.04 0.87
C VAL D 486 19.37 29.37 0.79
N LEU D 487 19.31 28.06 1.05
CA LEU D 487 18.05 27.33 0.95
C LEU D 487 16.99 27.91 1.88
N GLU D 488 17.40 28.42 3.04
CA GLU D 488 16.45 29.02 3.97
C GLU D 488 15.77 30.24 3.35
N GLU D 489 16.51 31.00 2.55
CA GLU D 489 15.92 32.14 1.86
C GLU D 489 14.96 31.71 0.77
N VAL D 490 15.17 30.52 0.19
CA VAL D 490 14.41 30.12 -0.98
C VAL D 490 13.01 29.65 -0.60
N ILE D 491 12.90 28.83 0.45
CA ILE D 491 11.64 28.17 0.76
C ILE D 491 10.73 29.12 1.54
N ALA D 492 11.15 30.37 1.69
CA ALA D 492 10.43 31.33 2.50
C ALA D 492 9.04 31.59 1.92
N GLU D 493 8.01 31.22 2.67
CA GLU D 493 6.62 31.43 2.30
C GLU D 493 6.27 30.83 0.94
N HIS D 494 6.99 29.78 0.55
CA HIS D 494 6.69 29.07 -0.69
C HIS D 494 5.97 27.78 -0.33
N PRO D 495 4.65 27.69 -0.49
CA PRO D 495 3.92 26.53 0.02
C PRO D 495 4.24 25.26 -0.73
N VAL D 496 4.02 24.13 -0.06
CA VAL D 496 4.20 22.80 -0.63
C VAL D 496 2.93 22.01 -0.38
N LEU D 497 2.77 20.93 -1.14
CA LEU D 497 1.60 20.07 -1.07
C LEU D 497 1.98 18.74 -0.43
N LEU D 498 1.24 18.34 0.59
CA LEU D 498 1.42 17.04 1.24
C LEU D 498 0.26 16.12 0.87
N ASN D 499 0.58 14.86 0.62
CA ASN D 499 -0.41 13.90 0.14
C ASN D 499 -0.15 12.53 0.76
N ARG D 500 -1.22 11.89 1.23
CA ARG D 500 -1.15 10.52 1.72
C ARG D 500 -2.18 9.68 0.99
N ALA D 501 -1.73 8.68 0.25
CA ALA D 501 -2.65 7.75 -0.39
C ALA D 501 -3.17 6.75 0.63
N PRO D 502 -4.43 6.30 0.47
CA PRO D 502 -5.37 6.64 -0.61
C PRO D 502 -5.99 8.03 -0.47
N THR D 503 -6.01 8.78 -1.57
CA THR D 503 -6.61 10.11 -1.60
C THR D 503 -8.11 9.94 -1.71
N LEU D 504 -8.77 9.79 -0.56
CA LEU D 504 -10.20 9.52 -0.55
C LEU D 504 -11.02 10.77 -0.83
N HIS D 505 -10.76 11.85 -0.09
CA HIS D 505 -11.43 13.13 -0.30
C HIS D 505 -10.39 14.20 -0.63
N ARG D 506 -10.87 15.42 -0.86
CA ARG D 506 -9.96 16.48 -1.29
C ARG D 506 -8.99 16.91 -0.20
N LEU D 507 -9.33 16.68 1.07
CA LEU D 507 -8.40 16.98 2.16
C LEU D 507 -7.27 15.96 2.27
N GLY D 508 -7.28 14.92 1.42
CA GLY D 508 -6.14 14.03 1.31
C GLY D 508 -4.90 14.69 0.74
N ILE D 509 -5.04 15.87 0.17
CA ILE D 509 -3.93 16.70 -0.26
C ILE D 509 -4.14 18.10 0.32
N GLN D 510 -3.18 18.58 1.10
CA GLN D 510 -3.29 19.89 1.72
C GLN D 510 -1.97 20.64 1.58
N ALA D 511 -2.06 21.96 1.59
CA ALA D 511 -0.88 22.82 1.46
C ALA D 511 -0.38 23.24 2.83
N PHE D 512 0.94 23.40 2.93
CA PHE D 512 1.57 23.77 4.19
C PHE D 512 2.71 24.74 3.92
N GLU D 513 3.15 25.43 4.97
CA GLU D 513 4.35 26.25 4.89
C GLU D 513 5.55 25.41 5.29
N PRO D 514 6.54 25.25 4.42
CA PRO D 514 7.67 24.37 4.76
C PRO D 514 8.60 25.02 5.78
N MET D 515 9.11 24.20 6.68
CA MET D 515 10.05 24.63 7.71
C MET D 515 11.22 23.67 7.71
N LEU D 516 12.42 24.18 7.41
CA LEU D 516 13.61 23.34 7.35
C LEU D 516 13.90 22.69 8.70
N VAL D 517 13.76 21.37 8.76
CA VAL D 517 14.04 20.61 9.98
C VAL D 517 15.15 19.61 9.67
N GLU D 518 15.96 19.31 10.69
CA GLU D 518 16.96 18.28 10.56
C GLU D 518 16.31 16.90 10.50
N GLY D 519 17.12 15.87 10.37
CA GLY D 519 16.60 14.53 10.23
C GLY D 519 16.15 14.26 8.81
N LYS D 520 15.52 13.10 8.64
CA LYS D 520 15.10 12.63 7.32
C LYS D 520 13.62 12.30 7.25
N ALA D 521 12.84 12.66 8.27
CA ALA D 521 11.41 12.41 8.27
C ALA D 521 10.64 13.70 8.07
N ILE D 522 9.40 13.54 7.58
CA ILE D 522 8.49 14.67 7.39
C ILE D 522 7.72 14.89 8.69
N GLN D 523 7.68 16.13 9.16
CA GLN D 523 6.97 16.48 10.39
C GLN D 523 5.59 17.00 10.04
N LEU D 524 4.56 16.29 10.48
CA LEU D 524 3.18 16.59 10.18
C LEU D 524 2.47 17.15 11.41
N HIS D 525 1.52 18.05 11.16
CA HIS D 525 0.76 18.64 12.26
C HIS D 525 -0.22 17.61 12.83
N PRO D 526 -0.40 17.57 14.15
CA PRO D 526 -1.29 16.56 14.74
C PRO D 526 -2.76 16.74 14.41
N LEU D 527 -3.18 17.93 13.99
CA LEU D 527 -4.60 18.17 13.75
C LEU D 527 -5.05 17.70 12.37
N VAL D 528 -4.16 17.76 11.37
CA VAL D 528 -4.48 17.25 10.04
C VAL D 528 -4.38 15.74 9.95
N CYS D 529 -4.10 15.06 11.06
CA CYS D 529 -4.04 13.60 11.04
C CYS D 529 -5.39 12.97 10.73
N GLU D 530 -6.49 13.62 11.14
CA GLU D 530 -7.82 13.07 10.86
C GLU D 530 -8.15 13.14 9.38
N ALA D 531 -7.77 14.24 8.72
CA ALA D 531 -8.09 14.41 7.31
C ALA D 531 -7.35 13.39 6.44
N PHE D 532 -6.06 13.18 6.71
CA PHE D 532 -5.28 12.22 5.95
C PHE D 532 -5.54 10.77 6.37
N ASN D 533 -6.25 10.55 7.47
CA ASN D 533 -6.39 9.22 8.07
C ASN D 533 -5.01 8.60 8.31
N ALA D 534 -4.09 9.44 8.79
CA ALA D 534 -2.68 9.08 8.89
C ALA D 534 -2.33 8.80 10.34
N ASP D 535 -2.01 7.55 10.64
CA ASP D 535 -1.34 7.20 11.88
C ASP D 535 0.17 7.17 11.65
N PHE D 536 0.92 7.09 12.75
CA PHE D 536 2.37 7.14 12.64
C PHE D 536 2.99 5.78 12.96
N ASP D 537 2.68 4.77 12.15
CA ASP D 537 3.23 3.43 12.30
C ASP D 537 3.95 3.01 11.03
N GLY D 538 4.68 3.94 10.42
CA GLY D 538 5.42 3.67 9.20
C GLY D 538 4.84 4.27 7.93
N ASP D 539 3.92 5.22 8.04
CA ASP D 539 3.30 5.81 6.86
C ASP D 539 4.29 6.69 6.10
N GLN D 540 4.00 6.88 4.82
CA GLN D 540 4.77 7.77 3.96
C GLN D 540 3.82 8.75 3.29
N MET D 541 4.32 9.97 3.06
CA MET D 541 3.57 10.99 2.34
C MET D 541 4.40 11.54 1.20
N ALA D 542 3.71 12.02 0.18
CA ALA D 542 4.35 12.63 -0.98
C ALA D 542 4.29 14.15 -0.88
N VAL D 543 5.34 14.81 -1.37
CA VAL D 543 5.46 16.26 -1.37
C VAL D 543 5.52 16.72 -2.82
N HIS D 544 4.75 17.74 -3.15
CA HIS D 544 4.72 18.31 -4.49
C HIS D 544 4.91 19.82 -4.41
N LEU D 545 5.80 20.35 -5.23
CA LEU D 545 6.14 21.77 -5.19
C LEU D 545 5.45 22.50 -6.33
N PRO D 546 4.50 23.39 -6.04
CA PRO D 546 3.92 24.21 -7.10
C PRO D 546 4.92 25.25 -7.58
N LEU D 547 5.06 25.36 -8.90
CA LEU D 547 6.06 26.24 -9.49
C LEU D 547 5.47 27.58 -9.93
N SER D 548 4.42 27.55 -10.75
CA SER D 548 3.86 28.78 -11.30
C SER D 548 3.22 29.62 -10.20
N ALA D 549 3.04 30.91 -10.50
CA ALA D 549 2.44 31.82 -9.54
C ALA D 549 0.99 31.43 -9.25
N GLU D 550 0.26 30.98 -10.27
CA GLU D 550 -1.11 30.54 -10.06
C GLU D 550 -1.17 29.31 -9.17
N ALA D 551 -0.22 28.39 -9.33
CA ALA D 551 -0.22 27.16 -8.55
C ALA D 551 0.08 27.45 -7.08
N GLN D 552 1.02 28.36 -6.81
CA GLN D 552 1.31 28.74 -5.43
C GLN D 552 0.11 29.45 -4.81
N ALA D 553 -0.59 30.27 -5.60
CA ALA D 553 -1.76 30.97 -5.08
C ALA D 553 -2.89 29.99 -4.77
N GLU D 554 -3.07 28.96 -5.60
CA GLU D 554 -4.08 27.95 -5.32
C GLU D 554 -3.76 27.17 -4.06
N ALA D 555 -2.48 26.94 -3.78
CA ALA D 555 -2.09 26.30 -2.53
C ALA D 555 -2.22 27.23 -1.34
N ARG D 556 -1.95 28.53 -1.55
CA ARG D 556 -2.00 29.48 -0.44
C ARG D 556 -3.42 29.77 0.01
N ILE D 557 -4.38 29.74 -0.92
CA ILE D 557 -5.74 30.18 -0.65
C ILE D 557 -6.71 28.99 -0.63
N LEU D 558 -6.66 28.14 -1.65
CA LEU D 558 -7.63 27.07 -1.79
C LEU D 558 -7.25 25.81 -1.03
N MET D 559 -5.95 25.50 -0.93
CA MET D 559 -5.50 24.22 -0.42
C MET D 559 -4.79 24.31 0.93
N LEU D 560 -4.68 25.50 1.51
CA LEU D 560 -3.99 25.64 2.78
C LEU D 560 -4.74 24.91 3.88
N SER D 561 -3.99 24.24 4.75
CA SER D 561 -4.60 23.41 5.79
C SER D 561 -5.41 24.25 6.77
N SER D 562 -4.99 25.49 7.03
CA SER D 562 -5.70 26.34 7.98
C SER D 562 -7.01 26.87 7.40
N ASN D 563 -7.16 26.88 6.08
CA ASN D 563 -8.38 27.34 5.43
C ASN D 563 -9.35 26.21 5.15
N ASN D 564 -9.08 25.00 5.66
CA ASN D 564 -9.92 23.82 5.46
C ASN D 564 -10.03 23.07 6.78
N ILE D 565 -10.68 23.70 7.76
CA ILE D 565 -10.87 23.07 9.06
C ILE D 565 -12.10 22.16 9.07
N LEU D 566 -13.15 22.51 8.33
CA LEU D 566 -14.38 21.74 8.33
C LEU D 566 -14.33 20.66 7.25
N SER D 567 -15.09 19.60 7.48
CA SER D 567 -15.24 18.55 6.48
C SER D 567 -16.19 19.01 5.38
N PRO D 568 -15.78 18.99 4.11
CA PRO D 568 -16.70 19.38 3.03
C PRO D 568 -17.89 18.46 2.90
N ALA D 569 -17.87 17.29 3.53
CA ALA D 569 -18.97 16.33 3.41
C ALA D 569 -20.07 16.57 4.43
N SER D 570 -19.73 17.06 5.61
CA SER D 570 -20.69 17.21 6.69
C SER D 570 -20.72 18.60 7.33
N GLY D 571 -19.68 19.42 7.16
CA GLY D 571 -19.64 20.73 7.77
C GLY D 571 -19.12 20.76 9.20
N ARG D 572 -18.95 19.59 9.83
CA ARG D 572 -18.39 19.55 11.17
C ARG D 572 -16.85 19.55 11.10
N PRO D 573 -16.20 20.09 12.13
CA PRO D 573 -14.74 20.26 12.05
C PRO D 573 -14.01 18.92 12.01
N LEU D 574 -12.79 18.98 11.47
CA LEU D 574 -11.87 17.85 11.46
C LEU D 574 -10.58 18.14 12.19
N ALA D 575 -10.00 19.34 11.99
CA ALA D 575 -8.81 19.76 12.71
C ALA D 575 -9.24 20.23 14.10
N MET D 576 -9.47 19.25 14.98
CA MET D 576 -9.90 19.49 16.34
C MET D 576 -9.15 18.52 17.24
N PRO D 577 -9.11 18.79 18.55
CA PRO D 577 -8.55 17.81 19.49
C PRO D 577 -9.21 16.45 19.34
N ARG D 578 -8.39 15.42 19.16
CA ARG D 578 -8.93 14.13 18.77
C ARG D 578 -8.50 12.97 19.66
N LEU D 579 -7.23 12.94 20.09
CA LEU D 579 -6.76 11.82 20.90
C LEU D 579 -6.19 12.27 22.24
N ASP D 580 -4.89 12.57 22.28
CA ASP D 580 -4.29 13.04 23.52
C ASP D 580 -4.84 14.41 23.90
N MET D 581 -5.16 15.24 22.91
CA MET D 581 -5.57 16.62 23.19
C MET D 581 -6.91 16.67 23.91
N VAL D 582 -7.87 15.84 23.49
CA VAL D 582 -9.18 15.88 24.14
C VAL D 582 -9.09 15.36 25.57
N THR D 583 -8.25 14.36 25.80
CA THR D 583 -8.04 13.88 27.17
C THR D 583 -7.39 14.95 28.05
N GLY D 584 -6.41 15.67 27.49
CA GLY D 584 -5.76 16.72 28.27
C GLY D 584 -6.71 17.84 28.66
N LEU D 585 -7.56 18.27 27.73
CA LEU D 585 -8.55 19.29 28.05
C LEU D 585 -9.63 18.75 28.98
N TYR D 586 -10.04 17.49 28.77
CA TYR D 586 -10.98 16.85 29.68
C TYR D 586 -10.45 16.76 31.10
N TYR D 587 -9.12 16.81 31.28
CA TYR D 587 -8.54 16.71 32.61
C TYR D 587 -8.79 17.97 33.42
N LEU D 588 -8.25 19.11 32.97
CA LEU D 588 -8.33 20.33 33.78
C LEU D 588 -9.76 20.85 33.92
N THR D 589 -10.65 20.53 32.98
CA THR D 589 -12.05 20.97 33.06
C THR D 589 -12.92 19.97 33.81
N THR D 590 -12.37 19.28 34.79
CA THR D 590 -13.11 18.33 35.61
C THR D 590 -13.31 18.92 37.01
N GLU D 591 -14.54 18.88 37.49
CA GLU D 591 -14.86 19.35 38.83
C GLU D 591 -14.70 18.19 39.81
N VAL D 592 -13.81 18.34 40.77
CA VAL D 592 -13.49 17.31 41.76
C VAL D 592 -13.96 17.79 43.12
N PRO D 593 -14.79 17.02 43.84
CA PRO D 593 -15.30 17.48 45.14
C PRO D 593 -14.21 17.65 46.18
N GLY D 594 -13.71 16.54 46.72
CA GLY D 594 -12.75 16.59 47.81
C GLY D 594 -11.37 17.08 47.44
N ASP D 595 -11.24 17.67 46.24
CA ASP D 595 -9.94 18.15 45.79
C ASP D 595 -9.43 19.26 46.70
N THR D 596 -8.11 19.30 46.88
CA THR D 596 -7.50 20.24 47.80
C THR D 596 -7.66 21.68 47.30
N GLY D 597 -7.77 22.60 48.26
CA GLY D 597 -8.01 24.00 47.93
C GLY D 597 -9.42 24.33 47.54
N GLU D 598 -10.38 23.44 47.80
CA GLU D 598 -11.76 23.67 47.40
C GLU D 598 -12.39 24.77 48.23
N TYR D 599 -13.55 25.23 47.77
CA TYR D 599 -14.30 26.26 48.48
C TYR D 599 -15.01 25.69 49.69
N GLN D 600 -14.98 26.44 50.80
CA GLN D 600 -15.66 26.06 52.02
C GLN D 600 -16.53 27.22 52.48
N PRO D 601 -17.80 26.98 52.81
CA PRO D 601 -18.66 28.07 53.28
C PRO D 601 -18.21 28.59 54.64
N ALA D 602 -18.46 29.87 54.87
CA ALA D 602 -18.07 30.51 56.11
C ALA D 602 -18.82 29.88 57.29
N SER D 603 -18.08 29.32 58.23
CA SER D 603 -18.67 28.67 59.40
C SER D 603 -17.74 28.86 60.58
N GLY D 604 -18.32 29.18 61.74
CA GLY D 604 -17.52 29.40 62.92
C GLY D 604 -16.74 30.70 62.86
N ASP D 605 -15.53 30.67 63.42
CA ASP D 605 -14.67 31.84 63.44
C ASP D 605 -13.97 32.09 62.11
N HIS D 606 -13.81 31.06 61.29
CA HIS D 606 -13.14 31.34 60.03
C HIS D 606 -14.15 31.73 58.95
N PRO D 607 -13.81 32.69 58.10
CA PRO D 607 -14.74 33.09 57.03
C PRO D 607 -14.80 32.08 55.90
N GLU D 608 -15.09 32.54 54.69
CA GLU D 608 -15.14 31.67 53.53
C GLU D 608 -13.74 31.27 53.09
N THR D 609 -13.52 29.97 52.93
CA THR D 609 -12.25 29.44 52.49
C THR D 609 -12.33 29.05 51.02
N GLY D 610 -11.36 29.51 50.23
CA GLY D 610 -11.29 29.12 48.84
C GLY D 610 -11.92 30.10 47.88
N VAL D 611 -11.66 31.39 48.05
CA VAL D 611 -12.11 32.43 47.13
C VAL D 611 -10.91 33.32 46.84
N TYR D 612 -10.50 33.36 45.58
CA TYR D 612 -9.27 34.04 45.17
C TYR D 612 -9.60 35.31 44.39
N SER D 613 -8.81 36.35 44.64
CA SER D 613 -9.10 37.66 44.04
C SER D 613 -8.81 37.67 42.55
N SER D 614 -7.76 36.98 42.12
CA SER D 614 -7.36 36.95 40.73
C SER D 614 -7.04 35.54 40.29
N PRO D 615 -7.25 35.21 39.01
CA PRO D 615 -6.76 33.91 38.52
C PRO D 615 -5.26 33.76 38.68
N ALA D 616 -4.50 34.87 38.67
CA ALA D 616 -3.08 34.80 38.96
C ALA D 616 -2.82 34.38 40.40
N GLU D 617 -3.71 34.75 41.32
CA GLU D 617 -3.58 34.30 42.70
C GLU D 617 -3.87 32.80 42.81
N ALA D 618 -4.90 32.33 42.10
CA ALA D 618 -5.18 30.90 42.08
C ALA D 618 -4.04 30.11 41.48
N ILE D 619 -3.32 30.70 40.52
CA ILE D 619 -2.14 30.06 39.96
C ILE D 619 -1.04 29.96 41.00
N MET D 620 -0.80 31.06 41.73
CA MET D 620 0.20 31.03 42.80
C MET D 620 -0.20 30.06 43.91
N ALA D 621 -1.50 29.92 44.17
CA ALA D 621 -1.95 28.97 45.18
C ALA D 621 -1.66 27.54 44.75
N ALA D 622 -1.97 27.21 43.49
CA ALA D 622 -1.67 25.88 42.97
C ALA D 622 -0.17 25.65 42.84
N ASP D 623 0.62 26.71 42.70
CA ASP D 623 2.06 26.54 42.59
C ASP D 623 2.65 26.12 43.93
N ARG D 624 2.27 26.80 45.02
CA ARG D 624 2.76 26.42 46.34
C ARG D 624 2.26 25.03 46.73
N GLY D 625 1.02 24.71 46.37
CA GLY D 625 0.48 23.39 46.65
C GLY D 625 -0.78 23.42 47.48
N VAL D 626 -1.40 24.59 47.59
CA VAL D 626 -2.63 24.74 48.38
C VAL D 626 -3.86 24.42 47.53
N LEU D 627 -3.91 24.94 46.31
CA LEU D 627 -5.05 24.78 45.44
C LEU D 627 -4.79 23.72 44.39
N SER D 628 -5.83 22.99 44.01
CA SER D 628 -5.79 22.06 42.89
C SER D 628 -6.43 22.70 41.68
N VAL D 629 -5.88 22.41 40.49
CA VAL D 629 -6.38 22.98 39.25
C VAL D 629 -7.78 22.50 38.91
N ARG D 630 -8.26 21.43 39.57
CA ARG D 630 -9.56 20.85 39.29
C ARG D 630 -10.52 20.97 40.47
N ALA D 631 -10.28 21.91 41.38
CA ALA D 631 -11.11 22.10 42.56
C ALA D 631 -12.09 23.24 42.34
N LYS D 632 -13.31 23.07 42.84
CA LYS D 632 -14.33 24.10 42.72
C LYS D 632 -14.04 25.25 43.67
N ILE D 633 -13.86 26.45 43.13
CA ILE D 633 -13.56 27.65 43.90
C ILE D 633 -14.36 28.81 43.32
N LYS D 634 -14.22 29.98 43.95
CA LYS D 634 -14.82 31.22 43.47
C LYS D 634 -13.71 32.18 43.12
N VAL D 635 -13.71 32.65 41.87
CA VAL D 635 -12.64 33.50 41.35
C VAL D 635 -13.24 34.75 40.72
N ARG D 636 -12.64 35.90 41.02
CA ARG D 636 -13.02 37.16 40.38
C ARG D 636 -12.30 37.24 39.03
N LEU D 637 -13.07 37.23 37.95
CA LEU D 637 -12.54 37.27 36.60
C LEU D 637 -12.69 38.66 36.02
N THR D 638 -11.69 39.08 35.23
CA THR D 638 -11.68 40.42 34.66
C THR D 638 -11.44 40.46 33.16
N GLN D 639 -11.11 39.33 32.52
CA GLN D 639 -10.83 39.32 31.09
C GLN D 639 -11.58 38.21 30.36
N LEU D 640 -12.70 37.76 30.91
CA LEU D 640 -13.53 36.73 30.27
C LEU D 640 -14.98 37.18 30.31
N ARG D 641 -15.63 37.17 29.16
CA ARG D 641 -17.04 37.53 29.11
C ARG D 641 -17.86 36.48 29.87
N PRO D 642 -18.71 36.89 30.80
CA PRO D 642 -19.53 35.92 31.54
C PRO D 642 -20.53 35.25 30.61
N PRO D 643 -21.17 34.16 31.05
CA PRO D 643 -22.21 33.54 30.21
C PRO D 643 -23.30 34.54 29.87
N VAL D 644 -23.88 34.36 28.68
CA VAL D 644 -24.97 35.23 28.24
C VAL D 644 -26.14 35.17 29.22
N GLU D 645 -26.25 34.10 30.00
CA GLU D 645 -27.24 34.03 31.06
C GLU D 645 -26.97 35.09 32.12
N ILE D 646 -25.75 35.09 32.66
CA ILE D 646 -25.42 35.97 33.78
C ILE D 646 -24.88 37.33 33.34
N GLU D 647 -24.39 37.44 32.09
CA GLU D 647 -24.02 38.76 31.58
C GLU D 647 -25.24 39.68 31.52
N ALA D 648 -26.42 39.13 31.31
CA ALA D 648 -27.63 39.95 31.23
C ALA D 648 -27.98 40.54 32.59
N GLU D 649 -27.86 39.76 33.66
CA GLU D 649 -28.23 40.25 34.98
C GLU D 649 -27.20 41.20 35.56
N LEU D 650 -25.93 41.05 35.19
CA LEU D 650 -24.90 41.96 35.68
C LEU D 650 -24.92 43.26 34.88
N PHE D 651 -24.79 43.16 33.56
CA PHE D 651 -24.81 44.34 32.70
C PHE D 651 -26.09 44.35 31.87
N GLY D 652 -26.14 43.54 30.82
CA GLY D 652 -27.34 43.43 30.00
C GLY D 652 -27.58 44.60 29.08
N HIS D 653 -27.72 45.80 29.66
CA HIS D 653 -27.92 47.00 28.86
C HIS D 653 -26.74 47.23 27.91
N SER D 654 -25.53 47.00 28.40
CA SER D 654 -24.32 47.08 27.60
C SER D 654 -23.54 45.78 27.75
N GLY D 655 -22.87 45.37 26.69
CA GLY D 655 -22.06 44.17 26.75
C GLY D 655 -20.95 44.30 27.78
N TRP D 656 -20.56 43.16 28.35
CA TRP D 656 -19.45 43.13 29.29
C TRP D 656 -18.22 43.74 28.65
N GLN D 657 -17.43 44.45 29.45
CA GLN D 657 -16.27 45.12 28.89
C GLN D 657 -14.98 44.51 29.41
N PRO D 658 -13.96 44.35 28.56
CA PRO D 658 -12.65 43.89 29.04
C PRO D 658 -12.10 44.79 30.13
N GLY D 659 -12.16 44.31 31.37
CA GLY D 659 -11.77 45.09 32.52
C GLY D 659 -12.80 45.01 33.62
N ASP D 660 -14.06 44.81 33.25
CA ASP D 660 -15.12 44.63 34.23
C ASP D 660 -14.96 43.28 34.93
N ALA D 661 -15.33 43.24 36.20
CA ALA D 661 -15.13 42.08 37.05
C ALA D 661 -16.45 41.36 37.30
N TRP D 662 -16.32 40.08 37.65
CA TRP D 662 -17.45 39.23 38.00
C TRP D 662 -16.94 37.96 38.65
N MET D 663 -17.79 37.35 39.47
CA MET D 663 -17.44 36.14 40.19
C MET D 663 -17.93 34.89 39.44
N ALA D 664 -17.22 33.79 39.63
CA ALA D 664 -17.55 32.54 38.96
C ALA D 664 -17.25 31.37 39.88
N GLU D 665 -18.04 30.31 39.75
CA GLU D 665 -17.87 29.10 40.55
C GLU D 665 -17.37 27.97 39.65
N THR D 666 -16.15 28.11 39.17
CA THR D 666 -15.53 27.14 38.29
C THR D 666 -14.32 26.51 38.99
N THR D 667 -13.47 25.85 38.21
CA THR D 667 -12.17 25.41 38.65
C THR D 667 -11.11 26.26 37.96
N LEU D 668 -9.89 26.23 38.52
CA LEU D 668 -8.80 26.99 37.92
C LEU D 668 -8.51 26.51 36.50
N GLY D 669 -8.63 25.21 36.27
CA GLY D 669 -8.40 24.67 34.94
C GLY D 669 -9.45 25.12 33.94
N ARG D 670 -10.72 25.18 34.38
CA ARG D 670 -11.78 25.67 33.51
C ARG D 670 -11.56 27.13 33.11
N VAL D 671 -10.98 27.92 34.00
CA VAL D 671 -10.61 29.29 33.65
C VAL D 671 -9.48 29.29 32.63
N MET D 672 -8.47 28.47 32.85
CA MET D 672 -7.36 28.35 31.90
C MET D 672 -7.86 27.87 30.54
N PHE D 673 -8.87 27.02 30.52
CA PHE D 673 -9.44 26.55 29.25
C PHE D 673 -10.13 27.69 28.52
N ASN D 674 -10.94 28.48 29.23
CA ASN D 674 -11.66 29.58 28.60
C ASN D 674 -10.74 30.67 28.10
N GLU D 675 -9.52 30.77 28.64
CA GLU D 675 -8.56 31.75 28.15
C GLU D 675 -8.11 31.43 26.73
N LEU D 676 -8.15 30.15 26.35
CA LEU D 676 -7.67 29.75 25.03
C LEU D 676 -8.57 30.29 23.93
N LEU D 677 -9.88 30.05 24.04
CA LEU D 677 -10.82 30.58 23.06
C LEU D 677 -10.77 32.12 23.09
N PRO D 678 -11.10 32.76 21.97
CA PRO D 678 -10.85 34.20 21.84
C PRO D 678 -11.64 35.03 22.85
N LEU D 679 -11.15 36.25 23.08
CA LEU D 679 -11.81 37.18 23.98
C LEU D 679 -13.19 37.55 23.44
N GLY D 680 -14.14 37.72 24.35
CA GLY D 680 -15.50 38.01 23.97
C GLY D 680 -16.37 36.78 23.77
N TYR D 681 -15.81 35.59 23.88
CA TYR D 681 -16.63 34.39 23.77
C TYR D 681 -17.27 34.08 25.11
N PRO D 682 -18.56 33.73 25.13
CA PRO D 682 -19.24 33.44 26.39
C PRO D 682 -18.57 32.32 27.17
N PHE D 683 -18.37 32.55 28.46
CA PHE D 683 -17.76 31.56 29.33
C PHE D 683 -18.60 30.29 29.36
N VAL D 684 -17.93 29.14 29.30
CA VAL D 684 -18.58 27.84 29.38
C VAL D 684 -18.00 27.10 30.58
N ASN D 685 -18.87 26.80 31.55
CA ASN D 685 -18.47 26.12 32.78
C ASN D 685 -18.72 24.62 32.72
N LYS D 686 -18.76 24.05 31.52
CA LYS D 686 -19.05 22.63 31.37
C LYS D 686 -17.78 21.80 31.56
N GLN D 687 -17.96 20.48 31.53
CA GLN D 687 -16.85 19.54 31.46
C GLN D 687 -16.56 19.25 29.99
N MET D 688 -15.31 19.48 29.57
CA MET D 688 -14.97 19.47 28.15
C MET D 688 -14.86 18.04 27.65
N HIS D 689 -15.99 17.48 27.25
CA HIS D 689 -16.00 16.26 26.46
C HIS D 689 -15.69 16.60 25.00
N LYS D 690 -15.41 15.57 24.19
CA LYS D 690 -15.14 15.79 22.78
C LYS D 690 -16.34 16.42 22.09
N LYS D 691 -17.55 15.98 22.44
CA LYS D 691 -18.75 16.58 21.86
C LYS D 691 -18.85 18.05 22.23
N VAL D 692 -18.46 18.41 23.45
CA VAL D 692 -18.50 19.81 23.86
C VAL D 692 -17.49 20.64 23.06
N GLN D 693 -16.28 20.11 22.88
CA GLN D 693 -15.26 20.82 22.12
C GLN D 693 -15.67 20.97 20.66
N ALA D 694 -16.24 19.92 20.07
CA ALA D 694 -16.68 20.00 18.68
C ALA D 694 -17.80 21.01 18.52
N ALA D 695 -18.69 21.11 19.52
CA ALA D 695 -19.77 22.09 19.45
C ALA D 695 -19.22 23.51 19.55
N ILE D 696 -18.19 23.73 20.35
CA ILE D 696 -17.60 25.05 20.47
C ILE D 696 -16.93 25.45 19.16
N ILE D 697 -16.12 24.54 18.59
CA ILE D 697 -15.39 24.85 17.38
C ILE D 697 -16.35 25.05 16.20
N ASN D 698 -17.45 24.29 16.18
CA ASN D 698 -18.44 24.49 15.12
C ASN D 698 -19.09 25.87 15.24
N ASP D 699 -19.40 26.29 16.47
CA ASP D 699 -19.92 27.63 16.68
C ASP D 699 -18.88 28.70 16.37
N LEU D 700 -17.59 28.39 16.62
CA LEU D 700 -16.53 29.33 16.26
C LEU D 700 -16.39 29.45 14.76
N ALA D 701 -16.58 28.35 14.03
CA ALA D 701 -16.47 28.40 12.58
C ALA D 701 -17.65 29.12 11.95
N GLU D 702 -18.83 29.05 12.58
CA GLU D 702 -20.00 29.73 12.05
C GLU D 702 -19.94 31.24 12.31
N ARG D 703 -19.55 31.64 13.51
CA ARG D 703 -19.56 33.05 13.89
C ARG D 703 -18.20 33.71 13.67
N TYR D 704 -17.16 33.22 14.35
CA TYR D 704 -15.85 33.85 14.29
C TYR D 704 -15.15 33.52 12.97
N PRO D 705 -14.22 34.38 12.52
CA PRO D 705 -13.60 34.18 11.21
C PRO D 705 -12.65 32.99 11.15
N MET D 706 -12.07 32.76 9.98
CA MET D 706 -11.25 31.56 9.77
C MET D 706 -9.95 31.62 10.57
N ILE D 707 -9.20 32.71 10.45
CA ILE D 707 -7.88 32.79 11.09
C ILE D 707 -8.00 32.68 12.59
N VAL D 708 -9.12 33.12 13.17
CA VAL D 708 -9.33 32.97 14.60
C VAL D 708 -9.54 31.51 14.95
N VAL D 709 -10.31 30.78 14.14
CA VAL D 709 -10.54 29.37 14.40
C VAL D 709 -9.24 28.58 14.30
N ALA D 710 -8.40 28.92 13.31
CA ALA D 710 -7.14 28.19 13.13
C ALA D 710 -6.19 28.45 14.28
N GLN D 711 -6.10 29.69 14.75
CA GLN D 711 -5.22 30.01 15.87
C GLN D 711 -5.79 29.56 17.19
N THR D 712 -7.11 29.50 17.32
CA THR D 712 -7.71 29.01 18.56
C THR D 712 -7.47 27.52 18.73
N VAL D 713 -7.59 26.74 17.64
CA VAL D 713 -7.39 25.30 17.74
C VAL D 713 -5.91 24.96 17.90
N ASP D 714 -5.02 25.84 17.46
CA ASP D 714 -3.59 25.66 17.75
C ASP D 714 -3.34 25.81 19.24
N LYS D 715 -4.02 26.76 19.89
CA LYS D 715 -3.92 26.90 21.34
C LYS D 715 -4.47 25.66 22.04
N LEU D 716 -5.60 25.13 21.56
CA LEU D 716 -6.17 23.93 22.15
C LEU D 716 -5.24 22.73 21.96
N LYS D 717 -4.51 22.68 20.85
CA LYS D 717 -3.56 21.60 20.61
C LYS D 717 -2.44 21.65 21.63
N ASP D 718 -1.80 22.81 21.78
CA ASP D 718 -0.69 22.94 22.72
C ASP D 718 -1.14 22.69 24.16
N ALA D 719 -2.30 23.22 24.52
CA ALA D 719 -2.79 23.05 25.89
C ALA D 719 -3.21 21.62 26.16
N GLY D 720 -3.81 20.95 25.16
CA GLY D 720 -4.23 19.58 25.34
C GLY D 720 -3.06 18.64 25.57
N PHE D 721 -1.99 18.80 24.77
CA PHE D 721 -0.81 17.96 24.93
C PHE D 721 -0.12 18.21 26.27
N TYR D 722 -0.14 19.44 26.74
CA TYR D 722 0.52 19.76 28.02
C TYR D 722 -0.16 19.03 29.17
N TRP D 723 -1.49 19.11 29.25
CA TRP D 723 -2.21 18.52 30.36
C TRP D 723 -2.48 17.02 30.17
N ALA D 724 -2.45 16.53 28.93
CA ALA D 724 -2.45 15.09 28.73
C ALA D 724 -1.17 14.45 29.25
N THR D 725 -0.07 15.18 29.18
CA THR D 725 1.19 14.70 29.74
C THR D 725 1.09 14.56 31.26
N ARG D 726 0.35 15.47 31.90
CA ARG D 726 0.25 15.51 33.36
C ARG D 726 -1.11 15.04 33.87
N SER D 727 -1.83 14.27 33.07
CA SER D 727 -3.12 13.73 33.48
C SER D 727 -3.01 12.34 34.08
N GLY D 728 -1.81 11.78 34.19
CA GLY D 728 -1.62 10.48 34.79
C GLY D 728 -2.26 9.34 34.04
N VAL D 729 -2.59 9.54 32.76
CA VAL D 729 -3.21 8.48 31.98
C VAL D 729 -2.19 7.39 31.70
N THR D 730 -2.44 6.20 32.25
CA THR D 730 -1.50 5.10 32.15
C THR D 730 -2.26 3.78 32.18
N VAL D 731 -1.72 2.78 31.49
CA VAL D 731 -2.29 1.43 31.47
C VAL D 731 -1.35 0.52 32.25
N SER D 732 -1.89 -0.14 33.27
CA SER D 732 -1.18 -1.17 34.02
C SER D 732 -2.13 -2.36 34.22
N MET D 733 -1.55 -3.48 34.64
CA MET D 733 -2.38 -4.65 34.94
C MET D 733 -3.31 -4.37 36.11
N ALA D 734 -2.91 -3.50 37.03
CA ALA D 734 -3.77 -3.14 38.14
C ALA D 734 -4.97 -2.31 37.69
N ASP D 735 -4.79 -1.48 36.66
CA ASP D 735 -5.90 -0.67 36.16
C ASP D 735 -6.90 -1.48 35.36
N VAL D 736 -6.56 -2.70 34.96
CA VAL D 736 -7.48 -3.59 34.25
C VAL D 736 -8.28 -4.32 35.33
N LEU D 737 -9.39 -3.70 35.74
CA LEU D 737 -10.22 -4.27 36.80
C LEU D 737 -11.16 -5.33 36.22
N VAL D 738 -11.21 -6.48 36.88
CA VAL D 738 -12.02 -7.61 36.42
C VAL D 738 -13.39 -7.51 37.07
N PRO D 739 -14.46 -8.01 36.43
CA PRO D 739 -15.80 -7.94 37.03
C PRO D 739 -15.84 -8.66 38.36
N PRO D 740 -16.48 -8.07 39.38
CA PRO D 740 -16.52 -8.74 40.69
C PRO D 740 -17.37 -10.00 40.69
N ARG D 741 -18.51 -9.98 39.98
CA ARG D 741 -19.39 -11.14 39.89
C ARG D 741 -19.14 -11.96 38.63
N LYS D 742 -17.89 -12.00 38.18
CA LYS D 742 -17.57 -12.71 36.93
C LYS D 742 -17.92 -14.19 37.04
N LYS D 743 -17.61 -14.83 38.16
CA LYS D 743 -17.91 -16.24 38.31
C LYS D 743 -19.41 -16.48 38.47
N GLU D 744 -20.09 -15.61 39.21
CA GLU D 744 -21.52 -15.79 39.43
C GLU D 744 -22.33 -15.62 38.15
N ILE D 745 -21.90 -14.69 37.29
CA ILE D 745 -22.65 -14.42 36.07
C ILE D 745 -22.50 -15.58 35.07
N LEU D 746 -21.27 -16.03 34.85
CA LEU D 746 -21.03 -17.10 33.89
C LEU D 746 -21.64 -18.42 34.36
N ASP D 747 -21.66 -18.67 35.67
CA ASP D 747 -22.26 -19.90 36.17
C ASP D 747 -23.78 -19.91 36.00
N HIS D 748 -24.41 -18.73 36.07
CA HIS D 748 -25.85 -18.66 35.84
C HIS D 748 -26.20 -18.95 34.40
N TYR D 749 -25.37 -18.49 33.47
CA TYR D 749 -25.61 -18.74 32.05
C TYR D 749 -25.02 -20.06 31.57
N GLU D 750 -24.04 -20.61 32.28
CA GLU D 750 -23.68 -22.01 32.05
C GLU D 750 -24.79 -22.94 32.53
N GLU D 751 -25.53 -22.52 33.55
CA GLU D 751 -26.71 -23.27 33.98
C GLU D 751 -27.79 -23.28 32.91
N ARG D 752 -28.11 -22.10 32.36
CA ARG D 752 -29.11 -22.03 31.30
C ARG D 752 -28.62 -22.70 30.02
N ALA D 753 -27.32 -22.71 29.77
CA ALA D 753 -26.79 -23.41 28.60
C ALA D 753 -26.84 -24.91 28.80
N ASP D 754 -26.62 -25.38 30.04
CA ASP D 754 -26.74 -26.80 30.31
C ASP D 754 -28.18 -27.28 30.26
N LYS D 755 -29.13 -26.38 30.54
CA LYS D 755 -30.55 -26.74 30.46
C LYS D 755 -31.03 -26.76 29.01
N VAL D 756 -30.52 -25.86 28.17
CA VAL D 756 -30.85 -25.92 26.75
C VAL D 756 -30.14 -27.09 26.08
N GLU D 757 -28.94 -27.44 26.56
CA GLU D 757 -28.28 -28.65 26.07
C GLU D 757 -29.03 -29.90 26.50
N LYS D 758 -29.62 -29.90 27.69
CA LYS D 758 -30.45 -31.03 28.10
C LYS D 758 -31.80 -31.01 27.40
N GLN D 759 -32.30 -29.83 27.02
CA GLN D 759 -33.49 -29.76 26.19
C GLN D 759 -33.21 -30.16 24.75
N PHE D 760 -31.93 -30.27 24.37
CA PHE D 760 -31.54 -30.81 23.07
C PHE D 760 -31.21 -32.29 23.13
N GLN D 761 -30.93 -32.83 24.31
CA GLN D 761 -30.65 -34.26 24.44
C GLN D 761 -31.92 -35.10 24.27
N ARG D 762 -33.05 -34.59 24.75
CA ARG D 762 -34.32 -35.28 24.60
C ARG D 762 -34.99 -35.01 23.25
N GLY D 763 -34.37 -34.21 22.38
CA GLY D 763 -34.92 -33.94 21.07
C GLY D 763 -36.04 -32.93 21.04
N ALA D 764 -36.27 -32.20 22.14
CA ALA D 764 -37.34 -31.21 22.17
C ALA D 764 -36.98 -29.93 21.39
N LEU D 765 -35.70 -29.73 21.08
CA LEU D 765 -35.25 -28.57 20.33
C LEU D 765 -34.56 -29.02 19.06
N ASN D 766 -34.90 -28.38 17.94
CA ASN D 766 -34.22 -28.66 16.69
C ASN D 766 -32.76 -28.21 16.76
N HIS D 767 -31.90 -28.90 16.00
CA HIS D 767 -30.49 -28.55 15.99
C HIS D 767 -30.25 -27.13 15.49
N ASP D 768 -31.06 -26.67 14.54
CA ASP D 768 -30.94 -25.30 14.06
C ASP D 768 -31.42 -24.29 15.10
N GLU D 769 -32.29 -24.71 16.02
CA GLU D 769 -32.80 -23.83 17.06
C GLU D 769 -31.94 -23.81 18.31
N ARG D 770 -31.19 -24.88 18.57
CA ARG D 770 -30.31 -24.91 19.74
C ARG D 770 -29.23 -23.84 19.65
N ASN D 771 -28.66 -23.65 18.46
CA ASN D 771 -27.64 -22.62 18.29
C ASN D 771 -28.21 -21.24 18.52
N GLU D 772 -29.41 -20.97 17.98
CA GLU D 772 -30.04 -19.67 18.20
C GLU D 772 -30.43 -19.48 19.66
N ALA D 773 -30.78 -20.56 20.36
CA ALA D 773 -31.10 -20.44 21.78
C ALA D 773 -29.86 -20.12 22.60
N LEU D 774 -28.74 -20.81 22.33
CA LEU D 774 -27.51 -20.55 23.06
C LEU D 774 -26.93 -19.18 22.70
N VAL D 775 -27.15 -18.72 21.46
CA VAL D 775 -26.64 -17.41 21.06
C VAL D 775 -27.29 -16.31 21.90
N GLU D 776 -28.61 -16.38 22.07
CA GLU D 776 -29.31 -15.39 22.89
C GLU D 776 -28.97 -15.52 24.37
N ILE D 777 -28.52 -16.69 24.81
CA ILE D 777 -28.09 -16.84 26.20
C ILE D 777 -26.75 -16.16 26.43
N TRP D 778 -25.81 -16.33 25.51
CA TRP D 778 -24.49 -15.72 25.67
C TRP D 778 -24.48 -14.26 25.27
N LYS D 779 -25.39 -13.84 24.37
CA LYS D 779 -25.55 -12.41 24.11
C LYS D 779 -26.07 -11.70 25.34
N GLU D 780 -27.02 -12.32 26.06
CA GLU D 780 -27.49 -11.76 27.31
C GLU D 780 -26.43 -11.86 28.40
N ALA D 781 -25.53 -12.84 28.30
CA ALA D 781 -24.47 -12.99 29.30
C ALA D 781 -23.41 -11.91 29.14
N THR D 782 -23.00 -11.62 27.90
CA THR D 782 -22.02 -10.57 27.66
C THR D 782 -22.56 -9.19 27.99
N ASP D 783 -23.88 -9.01 27.97
CA ASP D 783 -24.45 -7.73 28.39
C ASP D 783 -24.41 -7.59 29.91
N GLU D 784 -24.59 -8.68 30.64
CA GLU D 784 -24.52 -8.63 32.10
C GLU D 784 -23.09 -8.48 32.60
N VAL D 785 -22.11 -9.01 31.85
CA VAL D 785 -20.72 -8.81 32.23
C VAL D 785 -20.28 -7.38 31.93
N GLY D 786 -20.76 -6.83 30.81
CA GLY D 786 -20.44 -5.44 30.48
C GLY D 786 -21.03 -4.46 31.47
N GLN D 787 -22.26 -4.73 31.92
CA GLN D 787 -22.86 -3.89 32.95
C GLN D 787 -22.17 -4.05 34.29
N ALA D 788 -21.67 -5.25 34.57
CA ALA D 788 -20.90 -5.47 35.80
C ALA D 788 -19.55 -4.76 35.78
N LEU D 789 -19.10 -4.33 34.60
CA LEU D 789 -17.85 -3.58 34.49
C LEU D 789 -18.06 -2.07 34.55
N ARG D 790 -19.17 -1.57 34.02
CA ARG D 790 -19.41 -0.12 34.02
C ARG D 790 -19.51 0.42 35.43
N GLU D 791 -20.22 -0.29 36.32
CA GLU D 791 -20.42 0.20 37.68
C GLU D 791 -19.23 -0.09 38.57
N HIS D 792 -18.51 -1.18 38.33
CA HIS D 792 -17.36 -1.51 39.17
C HIS D 792 -16.18 -0.59 38.89
N TYR D 793 -15.98 -0.23 37.63
CA TYR D 793 -14.88 0.64 37.25
C TYR D 793 -15.10 2.05 37.76
N PRO D 794 -14.20 2.62 38.55
CA PRO D 794 -14.32 4.04 38.93
C PRO D 794 -14.05 4.93 37.72
N ASP D 795 -14.32 6.22 37.90
CA ASP D 795 -14.05 7.22 36.88
C ASP D 795 -12.64 7.77 36.94
N ASP D 796 -11.88 7.46 37.99
CA ASP D 796 -10.47 7.82 38.04
C ASP D 796 -9.59 6.84 37.27
N ASN D 797 -10.07 5.62 37.07
CA ASN D 797 -9.29 4.61 36.35
C ASN D 797 -9.00 5.11 34.93
N PRO D 798 -7.73 5.12 34.51
CA PRO D 798 -7.41 5.72 33.20
C PRO D 798 -8.04 5.02 32.01
N ILE D 799 -8.29 3.71 32.10
CA ILE D 799 -8.93 3.01 30.99
C ILE D 799 -10.35 3.53 30.77
N ILE D 800 -11.04 3.90 31.84
CA ILE D 800 -12.38 4.47 31.70
C ILE D 800 -12.30 5.94 31.28
N THR D 801 -11.31 6.68 31.80
CA THR D 801 -11.15 8.08 31.42
C THR D 801 -10.86 8.22 29.92
N ILE D 802 -10.16 7.25 29.34
CA ILE D 802 -9.84 7.32 27.91
C ILE D 802 -11.11 7.16 27.08
N VAL D 803 -11.93 6.16 27.41
CA VAL D 803 -13.12 5.88 26.60
C VAL D 803 -14.22 6.91 26.86
N ASP D 804 -14.40 7.32 28.11
CA ASP D 804 -15.50 8.19 28.48
C ASP D 804 -15.24 9.66 28.15
N SER D 805 -14.03 10.02 27.74
CA SER D 805 -13.72 11.40 27.36
C SER D 805 -13.78 11.61 25.85
N GLY D 806 -14.09 10.58 25.07
CA GLY D 806 -14.11 10.70 23.64
C GLY D 806 -12.76 10.57 22.97
N ALA D 807 -11.72 10.20 23.72
CA ALA D 807 -10.38 10.05 23.14
C ALA D 807 -10.38 8.95 22.10
N THR D 808 -10.36 7.69 22.53
CA THR D 808 -10.34 6.57 21.62
C THR D 808 -10.82 5.32 22.33
N GLY D 809 -11.30 4.36 21.54
CA GLY D 809 -11.73 3.08 22.07
C GLY D 809 -13.18 3.07 22.48
N ASN D 810 -13.77 1.87 22.42
CA ASN D 810 -15.12 1.63 22.90
C ASN D 810 -15.07 1.03 24.30
N PHE D 811 -16.25 0.90 24.91
CA PHE D 811 -16.35 0.10 26.13
C PHE D 811 -16.45 -1.38 25.81
N THR D 812 -16.92 -1.74 24.61
CA THR D 812 -16.88 -3.13 24.17
C THR D 812 -15.45 -3.63 24.10
N GLN D 813 -14.49 -2.74 23.85
CA GLN D 813 -13.08 -3.12 23.91
C GLN D 813 -12.64 -3.36 25.35
N THR D 814 -13.08 -2.50 26.27
CA THR D 814 -12.77 -2.69 27.69
C THR D 814 -13.42 -3.96 28.23
N ARG D 815 -14.61 -4.30 27.74
CA ARG D 815 -15.26 -5.54 28.15
C ARG D 815 -14.47 -6.76 27.67
N THR D 816 -14.05 -6.75 26.40
CA THR D 816 -13.17 -7.81 25.91
C THR D 816 -11.82 -7.77 26.63
N LEU D 817 -11.42 -6.59 27.10
CA LEU D 817 -10.12 -6.45 27.76
C LEU D 817 -10.12 -7.10 29.13
N ALA D 818 -11.20 -6.91 29.91
CA ALA D 818 -11.26 -7.35 31.29
C ALA D 818 -12.35 -8.37 31.57
N GLY D 819 -13.49 -8.30 30.89
CA GLY D 819 -14.59 -9.21 31.15
C GLY D 819 -14.50 -10.51 30.38
N MET D 820 -14.97 -10.51 29.14
CA MET D 820 -14.94 -11.71 28.31
C MET D 820 -15.01 -11.30 26.84
N LYS D 821 -14.39 -12.12 25.99
CA LYS D 821 -14.46 -11.87 24.55
C LYS D 821 -15.87 -12.05 24.02
N GLY D 822 -16.55 -13.10 24.47
CA GLY D 822 -17.90 -13.38 24.02
C GLY D 822 -17.95 -14.35 22.87
N LEU D 823 -19.09 -14.33 22.19
CA LEU D 823 -19.31 -15.20 21.03
C LEU D 823 -18.41 -14.79 19.88
N VAL D 824 -17.59 -15.72 19.39
CA VAL D 824 -16.72 -15.49 18.25
C VAL D 824 -17.33 -16.16 17.03
N THR D 825 -17.01 -15.63 15.86
CA THR D 825 -17.56 -16.11 14.60
C THR D 825 -16.59 -17.02 13.88
N ASN D 826 -17.10 -18.12 13.35
CA ASN D 826 -16.35 -19.02 12.48
C ASN D 826 -16.42 -18.53 11.05
N PRO D 827 -15.60 -19.06 10.14
CA PRO D 827 -15.61 -18.56 8.75
C PRO D 827 -16.96 -18.68 8.05
N LYS D 828 -17.94 -19.36 8.65
CA LYS D 828 -19.27 -19.41 8.07
C LYS D 828 -19.97 -18.06 8.20
N GLY D 829 -20.09 -17.55 9.43
CA GLY D 829 -20.74 -16.27 9.66
C GLY D 829 -21.51 -16.23 10.96
N GLU D 830 -22.21 -17.32 11.27
CA GLU D 830 -22.98 -17.40 12.50
C GLU D 830 -22.06 -17.54 13.71
N PHE D 831 -22.58 -17.17 14.87
CA PHE D 831 -21.79 -17.23 16.09
C PHE D 831 -21.67 -18.68 16.57
N ILE D 832 -20.50 -19.01 17.11
CA ILE D 832 -20.23 -20.35 17.62
C ILE D 832 -21.11 -20.61 18.85
N PRO D 833 -21.72 -21.79 18.98
CA PRO D 833 -22.55 -22.05 20.18
C PRO D 833 -21.80 -22.03 21.50
N ARG D 834 -20.47 -21.89 21.47
CA ARG D 834 -19.67 -21.81 22.69
C ARG D 834 -18.86 -20.52 22.67
N PRO D 835 -18.98 -19.66 23.67
CA PRO D 835 -18.26 -18.39 23.67
C PRO D 835 -16.87 -18.52 24.27
N VAL D 836 -16.06 -17.48 24.04
CA VAL D 836 -14.75 -17.34 24.66
C VAL D 836 -14.97 -16.72 26.03
N LYS D 837 -15.06 -17.56 27.07
CA LYS D 837 -15.35 -17.05 28.41
C LYS D 837 -14.20 -16.26 29.00
N SER D 838 -12.96 -16.66 28.69
CA SER D 838 -11.81 -15.98 29.24
C SER D 838 -11.64 -14.60 28.62
N SER D 839 -11.08 -13.68 29.40
CA SER D 839 -10.70 -12.36 28.91
C SER D 839 -9.23 -12.35 28.55
N PHE D 840 -8.84 -11.35 27.76
CA PHE D 840 -7.43 -11.20 27.40
C PHE D 840 -6.58 -10.85 28.61
N ARG D 841 -7.17 -10.27 29.66
CA ARG D 841 -6.46 -10.12 30.92
C ARG D 841 -6.25 -11.46 31.60
N GLU D 842 -7.25 -12.33 31.53
CA GLU D 842 -7.12 -13.67 32.13
C GLU D 842 -6.22 -14.56 31.30
N GLY D 843 -6.46 -14.61 29.99
CA GLY D 843 -5.68 -15.46 29.11
C GLY D 843 -6.50 -16.55 28.45
N LEU D 844 -6.68 -16.46 27.14
CA LEU D 844 -7.45 -17.46 26.41
C LEU D 844 -6.75 -18.80 26.43
N THR D 845 -7.55 -19.87 26.30
CA THR D 845 -7.00 -21.20 26.19
C THR D 845 -6.54 -21.47 24.75
N VAL D 846 -5.97 -22.66 24.53
CA VAL D 846 -5.47 -22.99 23.20
C VAL D 846 -6.63 -23.07 22.21
N LEU D 847 -7.69 -23.79 22.58
CA LEU D 847 -8.83 -23.94 21.68
C LEU D 847 -9.61 -22.63 21.56
N GLU D 848 -9.70 -21.86 22.64
CA GLU D 848 -10.35 -20.56 22.57
C GLU D 848 -9.63 -19.64 21.60
N TYR D 849 -8.29 -19.65 21.63
CA TYR D 849 -7.52 -18.83 20.71
C TYR D 849 -7.70 -19.31 19.28
N PHE D 850 -7.73 -20.63 19.07
CA PHE D 850 -7.82 -21.18 17.72
C PHE D 850 -9.15 -20.80 17.07
N ILE D 851 -10.25 -20.92 17.82
CA ILE D 851 -11.56 -20.55 17.27
C ILE D 851 -11.69 -19.04 17.11
N ASN D 852 -10.90 -18.26 17.84
CA ASN D 852 -10.94 -16.81 17.69
C ASN D 852 -10.27 -16.38 16.38
N THR D 853 -9.20 -17.06 15.98
CA THR D 853 -8.50 -16.71 14.76
C THR D 853 -9.34 -16.90 13.51
N HIS D 854 -10.37 -17.74 13.57
CA HIS D 854 -11.23 -17.96 12.41
C HIS D 854 -11.88 -16.65 11.97
N GLY D 855 -12.55 -15.96 12.88
CA GLY D 855 -13.16 -14.69 12.54
C GLY D 855 -12.16 -13.58 12.35
N ALA D 856 -11.02 -13.66 13.03
CA ALA D 856 -10.01 -12.61 12.91
C ALA D 856 -9.38 -12.60 11.53
N ARG D 857 -9.09 -13.78 10.98
CA ARG D 857 -8.46 -13.85 9.67
C ARG D 857 -9.43 -13.46 8.57
N LYS D 858 -10.64 -14.02 8.58
CA LYS D 858 -11.63 -13.65 7.57
C LYS D 858 -12.09 -12.21 7.73
N GLY D 859 -11.97 -11.64 8.92
CA GLY D 859 -12.22 -10.22 9.08
C GLY D 859 -11.20 -9.36 8.34
N LEU D 860 -9.93 -9.76 8.38
CA LEU D 860 -8.92 -9.07 7.59
C LEU D 860 -9.02 -9.42 6.12
N ALA D 861 -9.48 -10.63 5.81
CA ALA D 861 -9.49 -11.09 4.42
C ALA D 861 -10.49 -10.33 3.57
N ASP D 862 -11.73 -10.19 4.06
CA ASP D 862 -12.77 -9.54 3.28
C ASP D 862 -12.61 -8.03 3.24
N THR D 863 -11.81 -7.46 4.13
CA THR D 863 -11.61 -6.01 4.13
C THR D 863 -10.94 -5.53 2.85
N ALA D 864 -10.10 -6.37 2.25
CA ALA D 864 -9.46 -6.00 0.99
C ALA D 864 -10.45 -6.03 -0.16
N LEU D 865 -11.36 -7.00 -0.17
CA LEU D 865 -12.37 -7.07 -1.22
C LEU D 865 -13.42 -5.97 -1.05
N ARG D 866 -13.79 -5.67 0.20
CA ARG D 866 -14.78 -4.63 0.44
C ARG D 866 -14.24 -3.24 0.09
N THR D 867 -12.93 -3.01 0.29
CA THR D 867 -12.34 -1.76 -0.13
C THR D 867 -12.20 -1.68 -1.65
N ALA D 868 -12.04 -2.83 -2.31
CA ALA D 868 -11.96 -2.83 -3.77
C ALA D 868 -13.29 -2.44 -4.39
N ASP D 869 -14.38 -3.04 -3.93
CA ASP D 869 -15.70 -2.65 -4.42
C ASP D 869 -16.07 -1.23 -4.00
N SER D 870 -15.54 -0.77 -2.86
CA SER D 870 -15.78 0.60 -2.43
C SER D 870 -15.11 1.59 -3.38
N GLY D 871 -13.81 1.41 -3.63
CA GLY D 871 -13.12 2.29 -4.56
C GLY D 871 -13.64 2.17 -5.98
N TYR D 872 -14.18 1.01 -6.34
CA TYR D 872 -14.79 0.85 -7.65
C TYR D 872 -16.08 1.65 -7.76
N LEU D 873 -16.93 1.56 -6.73
CA LEU D 873 -18.13 2.39 -6.69
C LEU D 873 -17.76 3.87 -6.61
N THR D 874 -16.64 4.20 -5.96
CA THR D 874 -16.24 5.59 -5.85
C THR D 874 -15.90 6.18 -7.22
N ARG D 875 -15.08 5.46 -8.00
CA ARG D 875 -14.70 5.98 -9.31
C ARG D 875 -15.86 5.94 -10.30
N ARG D 876 -16.86 5.08 -10.08
CA ARG D 876 -18.08 5.17 -10.87
C ARG D 876 -18.86 6.44 -10.54
N LEU D 877 -18.92 6.80 -9.26
CA LEU D 877 -19.59 8.03 -8.86
C LEU D 877 -18.83 9.26 -9.31
N VAL D 878 -17.51 9.15 -9.49
CA VAL D 878 -16.71 10.28 -9.95
C VAL D 878 -17.03 10.59 -11.40
N ASP D 879 -17.02 9.57 -12.25
CA ASP D 879 -17.22 9.78 -13.68
C ASP D 879 -18.65 10.20 -14.00
N VAL D 880 -19.62 9.78 -13.19
CA VAL D 880 -21.01 10.11 -13.46
C VAL D 880 -21.34 11.55 -13.08
N SER D 881 -20.53 12.19 -12.23
CA SER D 881 -20.79 13.55 -11.79
C SER D 881 -19.56 14.43 -11.89
N GLN D 882 -18.63 14.10 -12.78
CA GLN D 882 -17.38 14.86 -12.87
C GLN D 882 -17.60 16.25 -13.45
N ASP D 883 -18.59 16.41 -14.34
CA ASP D 883 -18.80 17.67 -15.03
C ASP D 883 -19.92 18.51 -14.43
N VAL D 884 -20.35 18.20 -13.20
CA VAL D 884 -21.40 18.97 -12.54
C VAL D 884 -20.74 20.13 -11.81
N ILE D 885 -20.90 21.33 -12.35
CA ILE D 885 -20.27 22.53 -11.81
C ILE D 885 -21.36 23.55 -11.49
N VAL D 886 -21.06 24.43 -10.53
CA VAL D 886 -21.93 25.56 -10.22
C VAL D 886 -21.64 26.66 -11.23
N ARG D 887 -22.55 26.85 -12.18
CA ARG D 887 -22.37 27.83 -13.24
C ARG D 887 -23.25 29.06 -13.12
N GLU D 888 -24.31 28.99 -12.32
CA GLU D 888 -25.25 30.09 -12.19
C GLU D 888 -25.41 30.45 -10.72
N HIS D 889 -25.75 31.72 -10.47
CA HIS D 889 -25.99 32.16 -9.10
C HIS D 889 -27.35 31.69 -8.61
N ASP D 890 -28.40 31.94 -9.40
CA ASP D 890 -29.75 31.56 -9.01
C ASP D 890 -30.55 31.26 -10.28
N CYS D 891 -31.08 30.04 -10.38
CA CYS D 891 -31.92 29.67 -11.51
C CYS D 891 -33.34 30.18 -11.38
N GLN D 892 -33.70 30.75 -10.22
CA GLN D 892 -34.93 31.49 -9.94
C GLN D 892 -36.16 30.61 -9.82
N THR D 893 -36.04 29.29 -9.96
CA THR D 893 -37.22 28.42 -9.86
C THR D 893 -37.69 28.37 -8.42
N GLU D 894 -38.96 28.74 -8.18
CA GLU D 894 -39.53 28.62 -6.86
C GLU D 894 -39.75 27.16 -6.44
N ARG D 895 -39.53 26.22 -7.34
CA ARG D 895 -39.67 24.81 -6.98
C ARG D 895 -38.66 24.43 -5.91
N GLY D 896 -39.08 23.50 -5.05
CA GLY D 896 -38.23 22.98 -3.99
C GLY D 896 -38.73 21.64 -3.52
N ILE D 897 -38.64 21.37 -2.22
CA ILE D 897 -39.17 20.13 -1.67
C ILE D 897 -39.44 20.34 -0.19
N VAL D 898 -40.39 19.60 0.34
CA VAL D 898 -40.77 19.71 1.75
C VAL D 898 -39.84 18.84 2.58
N VAL D 899 -39.30 19.42 3.65
CA VAL D 899 -38.39 18.72 4.55
C VAL D 899 -39.07 18.60 5.92
N GLU D 900 -39.04 17.40 6.49
CA GLU D 900 -39.61 17.17 7.82
C GLU D 900 -38.73 17.83 8.87
N LEU D 901 -39.03 19.09 9.22
CA LEU D 901 -38.23 19.80 10.20
C LEU D 901 -38.35 19.16 11.58
N ALA D 902 -39.55 18.77 11.97
CA ALA D 902 -39.76 18.15 13.27
C ALA D 902 -40.99 17.27 13.20
N GLU D 903 -41.06 16.31 14.12
CA GLU D 903 -42.18 15.37 14.20
C GLU D 903 -43.09 15.77 15.36
N ARG D 904 -44.39 15.84 15.08
CA ARG D 904 -45.35 16.27 16.09
C ARG D 904 -45.62 15.14 17.09
N ALA D 905 -45.73 15.51 18.37
CA ALA D 905 -46.00 14.52 19.39
C ALA D 905 -47.50 14.45 19.67
N PRO D 906 -48.02 13.26 20.02
CA PRO D 906 -49.48 13.14 20.23
C PRO D 906 -49.99 13.97 21.39
N ASP D 907 -49.24 14.03 22.50
CA ASP D 907 -49.68 14.83 23.64
C ASP D 907 -49.58 16.32 23.34
N GLY D 908 -48.54 16.73 22.63
CA GLY D 908 -48.38 18.13 22.27
C GLY D 908 -46.91 18.46 22.11
N THR D 909 -46.64 19.75 21.98
CA THR D 909 -45.29 20.31 21.81
C THR D 909 -44.69 19.70 20.54
N LEU D 910 -43.39 19.42 20.51
CA LEU D 910 -42.75 18.94 19.29
C LEU D 910 -41.54 18.09 19.65
N ILE D 911 -41.15 17.22 18.72
CA ILE D 911 -39.97 16.38 18.84
C ILE D 911 -39.07 16.66 17.63
N ARG D 912 -37.79 16.88 17.89
CA ARG D 912 -36.86 17.18 16.82
C ARG D 912 -36.67 15.94 15.93
N ASP D 913 -36.78 16.15 14.62
CA ASP D 913 -36.62 15.05 13.68
C ASP D 913 -35.16 14.63 13.61
N PRO D 914 -34.87 13.34 13.49
CA PRO D 914 -33.47 12.90 13.39
C PRO D 914 -32.80 13.31 12.08
N TYR D 915 -33.57 13.65 11.04
CA TYR D 915 -33.02 13.97 9.73
C TYR D 915 -32.74 15.46 9.54
N ILE D 916 -32.71 16.25 10.63
CA ILE D 916 -32.48 17.68 10.48
C ILE D 916 -31.05 17.96 10.03
N GLU D 917 -30.09 17.27 10.64
CA GLU D 917 -28.68 17.54 10.33
C GLU D 917 -28.37 17.31 8.86
N THR D 918 -28.85 16.19 8.30
CA THR D 918 -28.49 15.80 6.95
C THR D 918 -29.43 16.34 5.88
N SER D 919 -30.66 16.70 6.24
CA SER D 919 -31.66 17.12 5.26
C SER D 919 -32.13 18.55 5.42
N ALA D 920 -31.99 19.16 6.61
CA ALA D 920 -32.53 20.49 6.87
C ALA D 920 -31.46 21.55 7.04
N TYR D 921 -30.40 21.28 7.80
CA TYR D 921 -29.36 22.27 7.99
C TYR D 921 -28.61 22.53 6.69
N ALA D 922 -28.00 23.72 6.62
CA ALA D 922 -27.22 24.19 5.48
C ALA D 922 -28.05 24.36 4.21
N ARG D 923 -29.37 24.25 4.31
CA ARG D 923 -30.25 24.44 3.17
C ARG D 923 -30.57 25.92 2.98
N THR D 924 -31.26 26.22 1.88
CA THR D 924 -31.77 27.56 1.61
C THR D 924 -33.25 27.46 1.27
N LEU D 925 -34.01 28.48 1.64
CA LEU D 925 -35.45 28.44 1.50
C LEU D 925 -35.90 28.83 0.09
N GLY D 926 -37.03 28.26 -0.32
CA GLY D 926 -37.66 28.62 -1.57
C GLY D 926 -39.09 29.06 -1.34
N THR D 927 -39.49 29.14 -0.08
CA THR D 927 -40.83 29.55 0.31
C THR D 927 -40.78 30.06 1.75
N ASP D 928 -41.38 31.22 1.99
CA ASP D 928 -41.36 31.81 3.32
C ASP D 928 -42.05 30.89 4.32
N ALA D 929 -41.39 30.67 5.45
CA ALA D 929 -41.95 29.86 6.53
C ALA D 929 -43.03 30.65 7.25
N VAL D 930 -44.25 30.13 7.26
CA VAL D 930 -45.39 30.81 7.87
C VAL D 930 -45.88 29.96 9.03
N ASP D 931 -45.96 30.56 10.21
CA ASP D 931 -46.52 29.91 11.39
C ASP D 931 -48.03 30.16 11.41
N GLU D 932 -48.66 29.99 12.58
CA GLU D 932 -50.10 30.26 12.67
C GLU D 932 -50.39 31.75 12.52
N ALA D 933 -49.46 32.60 12.95
CA ALA D 933 -49.60 34.03 12.74
C ALA D 933 -49.24 34.40 11.31
N GLY D 934 -49.61 35.62 10.92
CA GLY D 934 -49.33 36.08 9.57
C GLY D 934 -47.87 36.42 9.33
N ASN D 935 -47.08 36.55 10.39
CA ASN D 935 -45.68 36.92 10.24
C ASN D 935 -44.86 35.73 9.76
N VAL D 936 -43.90 36.01 8.88
CA VAL D 936 -42.95 35.00 8.41
C VAL D 936 -41.70 35.07 9.26
N ILE D 937 -41.19 33.91 9.67
CA ILE D 937 -40.05 33.88 10.58
C ILE D 937 -38.75 34.06 9.82
N VAL D 938 -38.59 33.36 8.69
CA VAL D 938 -37.38 33.42 7.89
C VAL D 938 -37.78 33.63 6.43
N GLU D 939 -37.12 34.58 5.78
CA GLU D 939 -37.42 34.91 4.39
C GLU D 939 -36.97 33.80 3.44
N ARG D 940 -37.45 33.87 2.21
CA ARG D 940 -37.03 32.93 1.18
C ARG D 940 -35.63 33.27 0.69
N GLY D 941 -34.80 32.25 0.53
CA GLY D 941 -33.43 32.46 0.10
C GLY D 941 -32.46 32.78 1.21
N GLN D 942 -32.73 32.32 2.43
CA GLN D 942 -31.87 32.56 3.57
C GLN D 942 -31.22 31.25 4.01
N ASP D 943 -29.91 31.26 4.17
CA ASP D 943 -29.18 30.05 4.54
C ASP D 943 -29.57 29.62 5.95
N LEU D 944 -30.08 28.40 6.08
CA LEU D 944 -30.53 27.88 7.37
C LEU D 944 -29.38 27.67 8.33
N GLY D 945 -29.07 28.69 9.13
CA GLY D 945 -28.06 28.58 10.14
C GLY D 945 -28.57 27.82 11.36
N ASP D 946 -27.71 27.79 12.39
CA ASP D 946 -28.10 27.09 13.62
C ASP D 946 -29.21 27.81 14.38
N PRO D 947 -29.14 29.13 14.63
CA PRO D 947 -30.26 29.77 15.32
C PRO D 947 -31.50 29.88 14.47
N GLU D 948 -31.36 29.99 13.15
CA GLU D 948 -32.50 30.13 12.26
C GLU D 948 -33.33 28.85 12.15
N ILE D 949 -32.80 27.71 12.62
CA ILE D 949 -33.61 26.50 12.73
C ILE D 949 -34.42 26.52 14.02
N ASP D 950 -33.82 26.98 15.12
CA ASP D 950 -34.55 27.15 16.36
C ASP D 950 -35.61 28.25 16.25
N ALA D 951 -35.45 29.19 15.32
CA ALA D 951 -36.47 30.20 15.11
C ALA D 951 -37.75 29.58 14.56
N LEU D 952 -37.63 28.64 13.62
CA LEU D 952 -38.79 27.91 13.15
C LEU D 952 -39.24 26.84 14.12
N LEU D 953 -38.30 26.30 14.91
CA LEU D 953 -38.66 25.30 15.91
C LEU D 953 -39.54 25.92 16.99
N ALA D 954 -39.14 27.08 17.50
CA ALA D 954 -39.92 27.78 18.52
C ALA D 954 -41.14 28.49 17.94
N ALA D 955 -41.33 28.47 16.63
CA ALA D 955 -42.48 29.10 16.01
C ALA D 955 -43.64 28.15 15.78
N GLY D 956 -43.46 26.86 16.03
CA GLY D 956 -44.50 25.87 15.86
C GLY D 956 -44.55 25.22 14.50
N ILE D 957 -43.99 25.86 13.47
CA ILE D 957 -44.00 25.28 12.13
C ILE D 957 -43.03 24.11 12.08
N THR D 958 -43.46 23.00 11.49
CA THR D 958 -42.67 21.77 11.47
C THR D 958 -42.29 21.33 10.05
N GLN D 959 -42.58 22.14 9.04
CA GLN D 959 -42.26 21.79 7.65
C GLN D 959 -41.81 23.04 6.91
N VAL D 960 -40.73 22.88 6.12
CA VAL D 960 -40.19 23.97 5.32
C VAL D 960 -40.03 23.48 3.89
N LYS D 961 -40.16 24.42 2.95
CA LYS D 961 -39.93 24.15 1.53
C LYS D 961 -38.60 24.81 1.16
N VAL D 962 -37.61 23.99 0.80
CA VAL D 962 -36.25 24.46 0.60
C VAL D 962 -35.85 24.25 -0.85
N ARG D 963 -34.97 25.12 -1.33
CA ARG D 963 -34.39 24.96 -2.66
C ARG D 963 -33.49 23.74 -2.69
N SER D 964 -33.59 22.96 -3.76
CA SER D 964 -32.82 21.73 -3.89
C SER D 964 -32.12 21.70 -5.24
N VAL D 965 -30.98 21.00 -5.28
CA VAL D 965 -30.28 20.79 -6.53
C VAL D 965 -31.08 19.90 -7.47
N LEU D 966 -32.03 19.13 -6.93
CA LEU D 966 -32.91 18.31 -7.78
C LEU D 966 -33.79 19.19 -8.65
N THR D 967 -34.41 20.21 -8.06
CA THR D 967 -35.36 21.05 -8.77
C THR D 967 -34.68 22.18 -9.55
N CYS D 968 -33.37 22.36 -9.40
CA CYS D 968 -32.64 23.41 -10.11
C CYS D 968 -32.77 23.24 -11.61
N ALA D 969 -33.47 24.16 -12.27
CA ALA D 969 -33.67 24.10 -13.72
C ALA D 969 -32.56 24.91 -14.38
N THR D 970 -31.44 24.26 -14.64
CA THR D 970 -30.33 24.86 -15.36
C THR D 970 -29.92 23.94 -16.50
N SER D 971 -29.35 24.53 -17.55
CA SER D 971 -29.11 23.79 -18.79
C SER D 971 -28.15 22.63 -18.57
N THR D 972 -27.01 22.90 -17.93
CA THR D 972 -25.99 21.87 -17.70
C THR D 972 -25.68 21.73 -16.21
N GLY D 973 -25.05 22.72 -15.59
CA GLY D 973 -24.70 22.65 -14.19
C GLY D 973 -25.90 22.93 -13.29
N VAL D 974 -25.59 23.37 -12.08
CA VAL D 974 -26.60 23.69 -11.08
C VAL D 974 -26.31 25.10 -10.54
N CYS D 975 -27.37 25.79 -10.12
CA CYS D 975 -27.20 27.12 -9.59
C CYS D 975 -26.77 27.05 -8.12
N ALA D 976 -26.13 28.12 -7.65
CA ALA D 976 -25.61 28.15 -6.29
C ALA D 976 -26.73 28.25 -5.26
N THR D 977 -27.81 28.97 -5.58
CA THR D 977 -28.89 29.14 -4.62
C THR D 977 -29.60 27.83 -4.30
N CYS D 978 -29.70 26.92 -5.27
CA CYS D 978 -30.32 25.63 -5.01
C CYS D 978 -29.37 24.67 -4.31
N TYR D 979 -28.06 24.86 -4.48
CA TYR D 979 -27.09 24.03 -3.80
C TYR D 979 -27.15 24.29 -2.30
N GLY D 980 -26.78 25.51 -1.89
CA GLY D 980 -26.87 25.92 -0.49
C GLY D 980 -25.52 26.27 0.07
N ARG D 981 -25.30 25.92 1.33
CA ARG D 981 -24.09 26.27 2.04
C ARG D 981 -23.00 25.23 1.76
N SER D 982 -21.84 25.70 1.29
CA SER D 982 -20.69 24.83 1.14
C SER D 982 -20.23 24.38 2.52
N MET D 983 -20.25 23.08 2.76
CA MET D 983 -20.00 22.56 4.10
C MET D 983 -18.60 22.91 4.59
N ALA D 984 -17.62 22.95 3.68
CA ALA D 984 -16.26 23.29 4.07
C ALA D 984 -16.12 24.79 4.30
N THR D 985 -16.66 25.61 3.39
CA THR D 985 -16.52 27.05 3.50
C THR D 985 -17.47 27.66 4.52
N GLY D 986 -18.52 26.94 4.91
CA GLY D 986 -19.50 27.48 5.84
C GLY D 986 -20.34 28.60 5.29
N LYS D 987 -20.22 28.91 3.99
CA LYS D 987 -21.02 29.96 3.37
C LYS D 987 -21.61 29.45 2.06
N LEU D 988 -22.22 30.34 1.29
CA LEU D 988 -22.78 29.95 0.01
C LEU D 988 -21.68 29.46 -0.92
N VAL D 989 -22.00 28.40 -1.68
CA VAL D 989 -21.02 27.84 -2.61
C VAL D 989 -20.66 28.86 -3.68
N ASP D 990 -19.37 28.98 -3.97
CA ASP D 990 -18.92 29.88 -5.01
C ASP D 990 -19.25 29.33 -6.39
N ILE D 991 -19.38 30.22 -7.36
CA ILE D 991 -19.64 29.81 -8.73
C ILE D 991 -18.37 29.21 -9.33
N GLY D 992 -18.47 28.00 -9.87
CA GLY D 992 -17.35 27.32 -10.47
C GLY D 992 -16.80 26.17 -9.66
N GLU D 993 -17.28 25.96 -8.44
CA GLU D 993 -16.79 24.87 -7.60
C GLU D 993 -17.36 23.54 -8.10
N ALA D 994 -16.48 22.60 -8.41
CA ALA D 994 -16.88 21.28 -8.92
C ALA D 994 -17.56 20.51 -7.80
N VAL D 995 -18.83 20.84 -7.55
CA VAL D 995 -19.58 20.21 -6.49
C VAL D 995 -19.86 18.73 -6.79
N GLY D 996 -19.79 18.33 -8.05
CA GLY D 996 -20.05 16.93 -8.39
C GLY D 996 -18.96 16.01 -7.88
N ILE D 997 -17.69 16.39 -8.10
CA ILE D 997 -16.59 15.58 -7.62
C ILE D 997 -16.53 15.60 -6.10
N VAL D 998 -16.81 16.76 -5.49
CA VAL D 998 -16.86 16.85 -4.04
C VAL D 998 -17.95 15.93 -3.49
N ALA D 999 -19.10 15.88 -4.16
CA ALA D 999 -20.17 14.99 -3.72
C ALA D 999 -19.77 13.53 -3.88
N ALA D 1000 -19.12 13.19 -4.99
CA ALA D 1000 -18.71 11.80 -5.20
C ALA D 1000 -17.70 11.35 -4.17
N GLN D 1001 -16.73 12.21 -3.84
CA GLN D 1001 -15.76 11.87 -2.80
C GLN D 1001 -16.43 11.75 -1.45
N SER D 1002 -17.42 12.61 -1.17
CA SER D 1002 -18.08 12.58 0.12
C SER D 1002 -18.83 11.27 0.34
N ILE D 1003 -19.32 10.65 -0.72
CA ILE D 1003 -20.05 9.39 -0.57
C ILE D 1003 -19.08 8.21 -0.57
N GLY D 1004 -18.05 8.27 -1.41
CA GLY D 1004 -17.09 7.20 -1.55
C GLY D 1004 -16.07 7.08 -0.45
N GLU D 1005 -15.89 8.12 0.37
CA GLU D 1005 -14.91 8.05 1.44
C GLU D 1005 -15.36 7.12 2.58
N PRO D 1006 -16.59 7.19 3.08
CA PRO D 1006 -17.00 6.28 4.16
C PRO D 1006 -17.37 4.88 3.69
N GLY D 1007 -17.35 4.61 2.38
CA GLY D 1007 -17.72 3.30 1.87
C GLY D 1007 -16.84 2.16 2.34
N THR D 1008 -15.78 2.46 3.10
CA THR D 1008 -14.89 1.43 3.60
C THR D 1008 -15.54 0.56 4.68
N GLN D 1009 -16.57 1.07 5.35
CA GLN D 1009 -17.17 0.41 6.52
C GLN D 1009 -18.66 0.22 6.28
N LEU D 1010 -19.05 -1.00 5.87
CA LEU D 1010 -20.45 -1.32 5.64
C LEU D 1010 -20.67 -2.80 5.92
N THR D 1011 -21.91 -3.25 5.75
CA THR D 1011 -22.28 -4.64 5.99
C THR D 1011 -22.74 -5.32 4.70
N GLY D 1026 -29.31 -4.41 4.62
CA GLY D 1026 -28.67 -3.36 3.83
C GLY D 1026 -27.20 -3.62 3.58
N GLY D 1027 -26.38 -2.59 3.78
CA GLY D 1027 -24.95 -2.71 3.60
C GLY D 1027 -24.49 -2.12 2.28
N LEU D 1028 -23.24 -2.45 1.95
CA LEU D 1028 -22.65 -1.94 0.71
C LEU D 1028 -23.35 -2.44 -0.54
N PRO D 1029 -23.70 -3.72 -0.67
CA PRO D 1029 -24.45 -4.14 -1.88
C PRO D 1029 -25.79 -3.43 -2.03
N ARG D 1030 -26.42 -3.03 -0.92
CA ARG D 1030 -27.64 -2.25 -1.02
C ARG D 1030 -27.37 -0.88 -1.63
N VAL D 1031 -26.23 -0.28 -1.30
CA VAL D 1031 -25.88 1.02 -1.89
C VAL D 1031 -25.65 0.87 -3.39
N GLN D 1032 -25.03 -0.24 -3.81
CA GLN D 1032 -24.85 -0.49 -5.24
C GLN D 1032 -26.17 -0.82 -5.91
N GLU D 1033 -27.11 -1.45 -5.20
CA GLU D 1033 -28.42 -1.71 -5.76
C GLU D 1033 -29.17 -0.42 -6.06
N LEU D 1034 -28.87 0.65 -5.32
CA LEU D 1034 -29.59 1.90 -5.46
C LEU D 1034 -28.98 2.80 -6.53
N PHE D 1035 -27.65 2.95 -6.51
CA PHE D 1035 -26.99 3.84 -7.46
C PHE D 1035 -26.99 3.30 -8.87
N GLU D 1036 -27.13 1.99 -9.06
CA GLU D 1036 -27.14 1.39 -10.38
C GLU D 1036 -28.54 1.14 -10.91
N ALA D 1037 -29.57 1.55 -10.17
CA ALA D 1037 -30.97 1.41 -10.60
C ALA D 1037 -31.32 -0.03 -10.92
N ARG D 1038 -30.89 -0.94 -10.04
CA ARG D 1038 -31.18 -2.36 -10.24
C ARG D 1038 -32.58 -2.69 -9.75
N VAL D 1039 -33.14 -3.77 -10.30
CA VAL D 1039 -34.36 -4.36 -9.78
C VAL D 1039 -33.97 -5.07 -8.48
N PRO D 1040 -34.34 -4.54 -7.32
CA PRO D 1040 -33.66 -4.92 -6.08
C PRO D 1040 -33.97 -6.35 -5.65
N ARG D 1041 -33.21 -6.79 -4.64
CA ARG D 1041 -33.44 -8.11 -4.05
C ARG D 1041 -34.76 -8.14 -3.29
N GLY D 1042 -35.09 -7.06 -2.58
CA GLY D 1042 -36.34 -7.02 -1.85
C GLY D 1042 -37.55 -7.14 -2.77
N LYS D 1043 -37.54 -6.37 -3.86
CA LYS D 1043 -38.61 -6.42 -4.86
C LYS D 1043 -39.98 -6.19 -4.23
N ALA D 1044 -40.05 -5.21 -3.34
CA ALA D 1044 -41.29 -4.96 -2.62
C ALA D 1044 -42.35 -4.40 -3.57
N PRO D 1045 -43.61 -4.79 -3.40
CA PRO D 1045 -44.68 -4.25 -4.24
C PRO D 1045 -45.06 -2.83 -3.82
N ILE D 1046 -45.88 -2.20 -4.67
CA ILE D 1046 -46.32 -0.83 -4.45
C ILE D 1046 -47.77 -0.69 -4.87
N ALA D 1047 -48.42 0.35 -4.36
CA ALA D 1047 -49.81 0.65 -4.69
C ALA D 1047 -49.82 1.57 -5.90
N ASP D 1048 -50.24 1.03 -7.05
CA ASP D 1048 -50.25 1.84 -8.28
C ASP D 1048 -51.38 2.86 -8.27
N VAL D 1049 -52.50 2.56 -7.61
CA VAL D 1049 -53.64 3.46 -7.55
C VAL D 1049 -54.15 3.50 -6.11
N THR D 1050 -54.46 4.71 -5.63
CA THR D 1050 -55.02 4.86 -4.29
C THR D 1050 -56.46 4.39 -4.26
N GLY D 1051 -56.83 3.72 -3.17
CA GLY D 1051 -58.18 3.21 -3.03
C GLY D 1051 -58.38 2.34 -1.81
N ARG D 1052 -59.12 1.25 -1.98
CA ARG D 1052 -59.44 0.33 -0.89
C ARG D 1052 -58.67 -0.97 -1.06
N VAL D 1053 -58.18 -1.51 0.04
CA VAL D 1053 -57.38 -2.73 0.01
C VAL D 1053 -58.29 -3.94 0.00
N ARG D 1054 -57.97 -4.90 -0.86
CA ARG D 1054 -58.71 -6.16 -0.99
C ARG D 1054 -57.74 -7.30 -0.72
N LEU D 1055 -57.58 -7.66 0.54
CA LEU D 1055 -56.63 -8.69 0.97
C LEU D 1055 -57.25 -10.06 0.75
N GLU D 1056 -56.72 -10.81 -0.21
CA GLU D 1056 -57.17 -12.18 -0.47
C GLU D 1056 -56.05 -13.16 -0.15
N ASP D 1057 -55.66 -13.24 1.12
CA ASP D 1057 -54.52 -14.05 1.50
C ASP D 1057 -54.92 -15.50 1.73
N GLY D 1058 -54.00 -16.40 1.41
CA GLY D 1058 -54.12 -17.82 1.71
C GLY D 1058 -52.82 -18.34 2.29
N GLU D 1059 -52.57 -19.62 2.08
CA GLU D 1059 -51.30 -20.23 2.45
C GLU D 1059 -50.51 -20.75 1.27
N ARG D 1060 -51.19 -21.16 0.18
CA ARG D 1060 -50.47 -21.56 -1.03
C ARG D 1060 -49.75 -20.38 -1.66
N PHE D 1061 -50.29 -19.17 -1.52
CA PHE D 1061 -49.77 -17.98 -2.18
C PHE D 1061 -50.47 -16.77 -1.56
N TYR D 1062 -50.15 -15.59 -2.09
CA TYR D 1062 -50.75 -14.34 -1.63
C TYR D 1062 -51.18 -13.53 -2.84
N LYS D 1063 -52.44 -13.11 -2.86
CA LYS D 1063 -52.94 -12.22 -3.90
C LYS D 1063 -53.73 -11.10 -3.26
N ILE D 1064 -53.51 -9.87 -3.73
CA ILE D 1064 -54.13 -8.68 -3.17
C ILE D 1064 -54.59 -7.79 -4.31
N THR D 1065 -55.82 -7.32 -4.23
CA THR D 1065 -56.40 -6.40 -5.20
C THR D 1065 -56.66 -5.05 -4.53
N ILE D 1066 -56.89 -4.03 -5.35
CA ILE D 1066 -57.21 -2.69 -4.86
C ILE D 1066 -58.33 -2.13 -5.72
N VAL D 1067 -59.46 -1.81 -5.09
CA VAL D 1067 -60.55 -1.12 -5.77
C VAL D 1067 -60.17 0.35 -5.89
N PRO D 1068 -60.10 0.90 -7.11
CA PRO D 1068 -59.71 2.30 -7.25
C PRO D 1068 -60.72 3.23 -6.58
N ASP D 1069 -60.20 4.20 -5.84
CA ASP D 1069 -61.05 5.15 -5.14
C ASP D 1069 -61.85 6.04 -6.07
N ASP D 1070 -61.50 6.09 -7.35
CA ASP D 1070 -62.21 6.91 -8.33
C ASP D 1070 -62.14 6.22 -9.68
N GLY D 1071 -63.28 5.71 -10.16
CA GLY D 1071 -63.31 5.08 -11.47
C GLY D 1071 -62.40 3.87 -11.53
N GLY D 1072 -61.81 3.66 -12.69
CA GLY D 1072 -60.87 2.57 -12.90
C GLY D 1072 -61.48 1.19 -12.69
N GLU D 1073 -60.59 0.20 -12.65
CA GLU D 1073 -60.97 -1.18 -12.43
C GLU D 1073 -59.97 -1.84 -11.49
N GLU D 1074 -60.34 -3.00 -10.98
CA GLU D 1074 -59.53 -3.71 -9.99
C GLU D 1074 -58.19 -4.10 -10.60
N VAL D 1075 -57.13 -3.92 -9.81
CA VAL D 1075 -55.76 -4.22 -10.22
C VAL D 1075 -55.27 -5.39 -9.37
N VAL D 1076 -54.99 -6.53 -10.01
CA VAL D 1076 -54.68 -7.77 -9.32
C VAL D 1076 -53.16 -7.98 -9.30
N TYR D 1077 -52.65 -8.42 -8.16
CA TYR D 1077 -51.24 -8.75 -7.98
C TYR D 1077 -51.12 -10.21 -7.56
N ASP D 1078 -49.88 -10.70 -7.59
CA ASP D 1078 -49.55 -12.07 -7.20
C ASP D 1078 -48.20 -12.06 -6.49
N LYS D 1079 -48.19 -12.36 -5.20
CA LYS D 1079 -46.99 -12.31 -4.40
C LYS D 1079 -46.82 -13.58 -3.58
N ILE D 1080 -45.56 -13.91 -3.27
CA ILE D 1080 -45.25 -15.09 -2.48
C ILE D 1080 -45.52 -14.81 -1.02
N SER D 1081 -45.97 -15.84 -0.29
CA SER D 1081 -46.32 -15.69 1.12
C SER D 1081 -45.10 -15.50 2.02
N LYS D 1082 -43.88 -15.56 1.46
CA LYS D 1082 -42.69 -15.44 2.29
C LYS D 1082 -42.43 -14.02 2.77
N ARG D 1083 -43.08 -13.03 2.19
CA ARG D 1083 -42.92 -11.65 2.64
C ARG D 1083 -43.99 -11.31 3.68
N GLN D 1084 -43.90 -10.10 4.22
CA GLN D 1084 -44.86 -9.60 5.21
C GLN D 1084 -45.15 -8.14 4.91
N ARG D 1085 -46.37 -7.72 5.23
CA ARG D 1085 -46.83 -6.39 4.90
C ARG D 1085 -46.22 -5.34 5.83
N LEU D 1086 -45.85 -4.20 5.25
CA LEU D 1086 -45.35 -3.09 6.04
C LEU D 1086 -46.48 -2.44 6.84
N ARG D 1087 -46.20 -2.13 8.09
CA ARG D 1087 -47.16 -1.41 8.94
C ARG D 1087 -47.32 0.00 8.38
N VAL D 1088 -48.37 0.22 7.59
CA VAL D 1088 -48.59 1.47 6.88
C VAL D 1088 -49.33 2.44 7.79
N PHE D 1089 -48.87 3.69 7.80
CA PHE D 1089 -49.56 4.76 8.51
C PHE D 1089 -50.95 4.96 7.90
N LYS D 1090 -51.91 4.15 8.35
CA LYS D 1090 -53.27 4.22 7.84
C LYS D 1090 -53.89 5.57 8.19
N HIS D 1091 -54.99 5.90 7.49
CA HIS D 1091 -55.72 7.13 7.75
C HIS D 1091 -56.17 7.25 9.20
N GLU D 1092 -56.25 6.13 9.92
CA GLU D 1092 -56.59 6.12 11.34
C GLU D 1092 -55.58 6.86 12.20
N ASP D 1093 -54.47 7.33 11.62
CA ASP D 1093 -53.34 7.96 12.31
C ASP D 1093 -52.56 6.98 13.18
N GLY D 1094 -52.83 5.69 13.06
CA GLY D 1094 -52.04 4.67 13.74
C GLY D 1094 -51.00 4.08 12.81
N SER D 1095 -49.72 4.37 13.06
CA SER D 1095 -48.66 3.98 12.14
C SER D 1095 -48.47 2.47 12.09
N GLU D 1096 -48.85 1.74 13.14
CA GLU D 1096 -48.66 0.30 13.20
C GLU D 1096 -49.85 -0.49 12.66
N ARG D 1097 -50.54 0.05 11.65
CA ARG D 1097 -51.70 -0.62 11.05
C ARG D 1097 -51.20 -1.61 10.02
N VAL D 1098 -51.10 -2.89 10.41
CA VAL D 1098 -50.74 -3.93 9.46
C VAL D 1098 -51.79 -3.99 8.37
N LEU D 1099 -51.33 -3.95 7.11
CA LEU D 1099 -52.22 -3.83 5.97
C LEU D 1099 -53.20 -4.99 5.85
N SER D 1100 -54.41 -4.81 6.40
CA SER D 1100 -55.51 -5.71 6.18
C SER D 1100 -56.50 -5.08 5.20
N ASP D 1101 -57.39 -5.90 4.67
CA ASP D 1101 -58.40 -5.40 3.73
C ASP D 1101 -59.28 -4.35 4.41
N GLY D 1102 -59.58 -3.29 3.67
CA GLY D 1102 -60.35 -2.18 4.19
C GLY D 1102 -59.53 -0.96 4.52
N ASP D 1103 -58.20 -1.07 4.55
CA ASP D 1103 -57.35 0.09 4.78
C ASP D 1103 -57.38 1.03 3.58
N HIS D 1104 -57.15 2.31 3.85
CA HIS D 1104 -57.14 3.35 2.83
C HIS D 1104 -55.69 3.74 2.56
N VAL D 1105 -55.08 3.06 1.59
CA VAL D 1105 -53.70 3.33 1.18
C VAL D 1105 -53.71 4.38 0.08
N GLU D 1106 -52.65 5.19 0.04
CA GLU D 1106 -52.52 6.22 -0.96
C GLU D 1106 -51.76 5.69 -2.18
N VAL D 1107 -51.67 6.53 -3.22
CA VAL D 1107 -50.98 6.14 -4.43
C VAL D 1107 -49.48 6.12 -4.18
N GLY D 1108 -48.81 5.08 -4.67
CA GLY D 1108 -47.39 4.92 -4.46
C GLY D 1108 -47.03 4.59 -3.02
N GLN D 1109 -47.86 3.79 -2.35
CA GLN D 1109 -47.63 3.40 -0.97
C GLN D 1109 -47.01 2.01 -0.93
N GLN D 1110 -45.97 1.85 -0.12
CA GLN D 1110 -45.32 0.55 0.03
C GLN D 1110 -46.26 -0.46 0.65
N LEU D 1111 -46.38 -1.63 0.02
CA LEU D 1111 -47.28 -2.67 0.50
C LEU D 1111 -46.59 -3.58 1.50
N MET D 1112 -45.73 -4.45 1.02
CA MET D 1112 -44.97 -5.36 1.87
C MET D 1112 -43.56 -4.80 2.12
N GLU D 1113 -42.93 -5.33 3.17
CA GLU D 1113 -41.61 -4.86 3.56
C GLU D 1113 -40.57 -5.21 2.50
N GLY D 1114 -39.43 -4.53 2.58
CA GLY D 1114 -38.34 -4.75 1.65
C GLY D 1114 -37.89 -3.48 0.96
N SER D 1115 -37.62 -3.57 -0.34
CA SER D 1115 -37.15 -2.43 -1.13
C SER D 1115 -37.97 -2.37 -2.41
N ALA D 1116 -38.78 -1.33 -2.54
CA ALA D 1116 -39.59 -1.16 -3.74
C ALA D 1116 -38.70 -0.87 -4.94
N ASP D 1117 -39.07 -1.41 -6.10
CA ASP D 1117 -38.33 -1.23 -7.34
C ASP D 1117 -38.33 0.24 -7.73
N PRO D 1118 -37.17 0.91 -7.70
CA PRO D 1118 -37.14 2.33 -8.09
C PRO D 1118 -37.56 2.57 -9.52
N HIS D 1119 -37.38 1.59 -10.40
CA HIS D 1119 -37.91 1.71 -11.76
C HIS D 1119 -39.43 1.87 -11.74
N GLU D 1120 -40.12 1.09 -10.90
CA GLU D 1120 -41.56 1.20 -10.80
C GLU D 1120 -42.03 2.40 -9.99
N VAL D 1121 -41.18 2.90 -9.08
CA VAL D 1121 -41.55 4.10 -8.33
C VAL D 1121 -41.64 5.30 -9.26
N LEU D 1122 -40.80 5.34 -10.29
CA LEU D 1122 -40.84 6.45 -11.25
C LEU D 1122 -42.15 6.45 -12.04
N ARG D 1123 -42.58 5.28 -12.51
CA ARG D 1123 -43.78 5.18 -13.32
C ARG D 1123 -45.05 5.12 -12.49
N VAL D 1124 -45.01 5.71 -11.28
CA VAL D 1124 -46.18 5.75 -10.41
C VAL D 1124 -46.33 7.15 -9.84
N GLN D 1125 -45.32 7.62 -9.10
CA GLN D 1125 -45.40 8.89 -8.42
C GLN D 1125 -44.72 10.03 -9.16
N GLY D 1126 -43.78 9.74 -10.05
CA GLY D 1126 -43.12 10.76 -10.83
C GLY D 1126 -41.64 10.88 -10.51
N PRO D 1127 -40.91 11.61 -11.35
CA PRO D 1127 -39.47 11.78 -11.11
C PRO D 1127 -39.16 12.51 -9.82
N ARG D 1128 -40.01 13.43 -9.39
CA ARG D 1128 -39.74 14.18 -8.17
C ARG D 1128 -39.72 13.27 -6.95
N GLU D 1129 -40.62 12.30 -6.89
CA GLU D 1129 -40.73 11.46 -5.71
C GLU D 1129 -39.71 10.32 -5.70
N VAL D 1130 -39.41 9.75 -6.88
CA VAL D 1130 -38.44 8.67 -6.94
C VAL D 1130 -37.05 9.20 -6.58
N GLN D 1131 -36.77 10.47 -6.85
CA GLN D 1131 -35.51 11.05 -6.42
C GLN D 1131 -35.45 11.14 -4.90
N ILE D 1132 -36.56 11.51 -4.26
CA ILE D 1132 -36.60 11.55 -2.80
C ILE D 1132 -36.45 10.15 -2.22
N HIS D 1133 -37.06 9.16 -2.88
CA HIS D 1133 -36.93 7.78 -2.41
C HIS D 1133 -35.48 7.32 -2.43
N LEU D 1134 -34.77 7.60 -3.53
CA LEU D 1134 -33.38 7.19 -3.63
C LEU D 1134 -32.50 7.94 -2.63
N VAL D 1135 -32.82 9.20 -2.34
CA VAL D 1135 -31.98 10.00 -1.45
C VAL D 1135 -31.99 9.43 -0.04
N ARG D 1136 -33.18 9.33 0.56
CA ARG D 1136 -33.27 8.86 1.94
C ARG D 1136 -33.16 7.36 2.08
N GLU D 1137 -33.23 6.60 0.98
CA GLU D 1137 -32.93 5.18 1.06
C GLU D 1137 -31.42 4.94 1.15
N VAL D 1138 -30.65 5.69 0.35
CA VAL D 1138 -29.20 5.67 0.50
C VAL D 1138 -28.81 6.22 1.87
N GLN D 1139 -29.49 7.28 2.31
CA GLN D 1139 -29.16 7.89 3.60
C GLN D 1139 -29.44 6.95 4.75
N GLU D 1140 -30.44 6.06 4.62
CA GLU D 1140 -30.71 5.09 5.67
C GLU D 1140 -29.56 4.12 5.85
N VAL D 1141 -28.89 3.74 4.76
CA VAL D 1141 -27.79 2.79 4.84
C VAL D 1141 -26.58 3.44 5.50
N TYR D 1142 -26.33 4.71 5.21
CA TYR D 1142 -25.19 5.40 5.82
C TYR D 1142 -25.50 5.87 7.24
N ARG D 1143 -26.77 6.23 7.51
CA ARG D 1143 -27.14 6.59 8.89
C ARG D 1143 -27.05 5.38 9.80
N ALA D 1144 -27.35 4.18 9.28
CA ALA D 1144 -27.38 2.97 10.09
C ALA D 1144 -25.96 2.46 10.30
N GLN D 1145 -24.98 3.32 10.06
CA GLN D 1145 -23.59 2.97 10.31
C GLN D 1145 -22.81 4.03 11.07
N GLY D 1146 -23.41 5.16 11.41
CA GLY D 1146 -22.69 6.21 12.10
C GLY D 1146 -22.02 7.21 11.20
N VAL D 1147 -22.48 7.35 9.95
CA VAL D 1147 -21.91 8.27 8.99
C VAL D 1147 -22.98 9.29 8.61
N SER D 1148 -22.64 10.57 8.76
CA SER D 1148 -23.57 11.67 8.49
C SER D 1148 -23.14 12.36 7.20
N ILE D 1149 -23.82 12.03 6.10
CA ILE D 1149 -23.63 12.70 4.82
C ILE D 1149 -24.87 13.56 4.55
N HIS D 1150 -24.65 14.82 4.21
CA HIS D 1150 -25.76 15.69 3.90
C HIS D 1150 -26.48 15.21 2.64
N ASP D 1151 -27.80 15.31 2.64
CA ASP D 1151 -28.58 14.88 1.49
C ASP D 1151 -28.21 15.64 0.22
N LYS D 1152 -27.56 16.80 0.36
CA LYS D 1152 -27.15 17.60 -0.79
C LYS D 1152 -26.31 16.77 -1.76
N HIS D 1153 -25.33 16.04 -1.23
CA HIS D 1153 -24.41 15.29 -2.10
C HIS D 1153 -25.11 14.12 -2.78
N ILE D 1154 -25.97 13.41 -2.06
CA ILE D 1154 -26.72 12.32 -2.68
C ILE D 1154 -27.63 12.86 -3.78
N GLU D 1155 -28.20 14.04 -3.57
CA GLU D 1155 -29.08 14.63 -4.58
C GLU D 1155 -28.32 15.01 -5.84
N VAL D 1156 -27.05 15.38 -5.72
CA VAL D 1156 -26.25 15.70 -6.91
C VAL D 1156 -26.13 14.50 -7.83
N ILE D 1157 -26.07 13.29 -7.25
CA ILE D 1157 -25.95 12.08 -8.06
C ILE D 1157 -27.29 11.74 -8.70
N VAL D 1158 -28.38 11.84 -7.94
CA VAL D 1158 -29.69 11.46 -8.46
C VAL D 1158 -30.13 12.41 -9.57
N ARG D 1159 -29.67 13.67 -9.53
CA ARG D 1159 -29.97 14.60 -10.61
C ARG D 1159 -29.37 14.13 -11.93
N GLN D 1160 -28.25 13.42 -11.88
CA GLN D 1160 -27.62 12.92 -13.09
C GLN D 1160 -28.22 11.60 -13.56
N MET D 1161 -28.98 10.92 -12.72
CA MET D 1161 -29.61 9.67 -13.12
C MET D 1161 -30.90 9.89 -13.90
N LEU D 1162 -31.55 11.05 -13.73
CA LEU D 1162 -32.82 11.34 -14.38
C LEU D 1162 -32.71 12.45 -15.42
N ARG D 1163 -31.50 12.73 -15.90
CA ARG D 1163 -31.34 13.77 -16.91
C ARG D 1163 -31.77 13.31 -18.31
N ARG D 1164 -31.92 12.01 -18.52
CA ARG D 1164 -32.27 11.47 -19.82
C ARG D 1164 -33.68 10.89 -19.83
N VAL D 1165 -34.33 11.00 -20.98
CA VAL D 1165 -35.64 10.42 -21.23
C VAL D 1165 -35.56 9.61 -22.51
N THR D 1166 -36.45 8.63 -22.63
CA THR D 1166 -36.52 7.80 -23.82
C THR D 1166 -37.56 8.34 -24.79
N ILE D 1167 -37.51 7.84 -26.02
CA ILE D 1167 -38.39 8.28 -27.09
C ILE D 1167 -39.43 7.18 -27.34
N ILE D 1168 -40.70 7.55 -27.22
CA ILE D 1168 -41.80 6.63 -27.53
C ILE D 1168 -42.21 6.76 -28.99
N ASP D 1169 -42.51 7.97 -29.43
CA ASP D 1169 -42.87 8.25 -30.82
C ASP D 1169 -41.91 9.29 -31.37
N SER D 1170 -41.39 9.04 -32.57
CA SER D 1170 -40.45 9.97 -33.18
C SER D 1170 -41.13 11.24 -33.68
N GLY D 1171 -42.39 11.15 -34.10
CA GLY D 1171 -43.09 12.26 -34.69
C GLY D 1171 -42.45 12.77 -35.98
N SER D 1172 -41.99 14.01 -35.98
CA SER D 1172 -41.30 14.58 -37.12
C SER D 1172 -39.81 14.82 -36.87
N THR D 1173 -39.29 14.40 -35.72
CA THR D 1173 -37.89 14.59 -35.38
C THR D 1173 -37.05 13.43 -35.89
N GLU D 1174 -35.74 13.60 -35.82
CA GLU D 1174 -34.79 12.55 -36.19
C GLU D 1174 -34.41 11.66 -35.01
N PHE D 1175 -35.07 11.84 -33.86
CA PHE D 1175 -34.77 11.02 -32.68
C PHE D 1175 -35.23 9.59 -32.91
N LEU D 1176 -34.29 8.67 -32.84
CA LEU D 1176 -34.62 7.25 -33.01
C LEU D 1176 -35.47 6.79 -31.83
N PRO D 1177 -36.65 6.23 -32.06
CA PRO D 1177 -37.50 5.81 -30.94
C PRO D 1177 -36.84 4.70 -30.13
N GLY D 1178 -36.90 4.83 -28.81
CA GLY D 1178 -36.25 3.92 -27.90
C GLY D 1178 -34.90 4.40 -27.41
N SER D 1179 -34.31 5.38 -28.07
CA SER D 1179 -33.01 5.90 -27.67
C SER D 1179 -33.15 6.80 -26.43
N LEU D 1180 -32.13 6.75 -25.58
CA LEU D 1180 -32.09 7.55 -24.35
C LEU D 1180 -31.38 8.85 -24.65
N ILE D 1181 -32.12 9.96 -24.61
CA ILE D 1181 -31.61 11.27 -24.97
C ILE D 1181 -31.76 12.21 -23.79
N ASP D 1182 -30.84 13.16 -23.67
CA ASP D 1182 -30.87 14.12 -22.57
C ASP D 1182 -32.14 14.97 -22.65
N ARG D 1183 -32.69 15.28 -21.48
CA ARG D 1183 -33.94 16.03 -21.37
C ARG D 1183 -33.75 17.53 -21.66
N ALA D 1184 -32.60 17.93 -22.20
CA ALA D 1184 -32.40 19.28 -22.70
C ALA D 1184 -32.37 19.35 -24.22
N GLU D 1185 -31.71 18.40 -24.87
CA GLU D 1185 -31.79 18.30 -26.33
C GLU D 1185 -33.19 17.85 -26.77
N PHE D 1186 -33.87 17.07 -25.94
CA PHE D 1186 -35.20 16.59 -26.28
C PHE D 1186 -36.20 17.74 -26.36
N GLU D 1187 -36.19 18.61 -25.36
CA GLU D 1187 -37.10 19.76 -25.36
C GLU D 1187 -36.64 20.87 -26.28
N ALA D 1188 -35.37 20.87 -26.69
CA ALA D 1188 -34.89 21.85 -27.65
C ALA D 1188 -35.25 21.46 -29.09
N GLU D 1189 -35.35 20.16 -29.36
CA GLU D 1189 -35.78 19.73 -30.69
C GLU D 1189 -37.30 19.80 -30.84
N ASN D 1190 -38.04 19.40 -29.80
CA ASN D 1190 -39.49 19.55 -29.82
C ASN D 1190 -39.90 21.02 -29.80
N ARG D 1191 -39.00 21.92 -29.40
CA ARG D 1191 -39.31 23.34 -29.43
C ARG D 1191 -39.29 23.88 -30.87
N ARG D 1192 -38.42 23.34 -31.71
CA ARG D 1192 -38.36 23.78 -33.10
C ARG D 1192 -39.44 23.09 -33.94
N VAL D 1193 -39.73 21.82 -33.65
CA VAL D 1193 -40.69 21.08 -34.46
C VAL D 1193 -42.11 21.54 -34.15
N VAL D 1194 -42.38 21.93 -32.90
CA VAL D 1194 -43.69 22.50 -32.57
C VAL D 1194 -43.94 23.76 -33.38
N ALA D 1195 -42.91 24.57 -33.57
CA ALA D 1195 -42.99 25.80 -34.35
C ALA D 1195 -42.74 25.59 -35.84
N GLU D 1196 -42.36 24.38 -36.25
CA GLU D 1196 -42.13 24.09 -37.66
C GLU D 1196 -43.36 23.54 -38.36
N GLY D 1197 -44.30 22.95 -37.62
CA GLY D 1197 -45.50 22.36 -38.19
C GLY D 1197 -45.57 20.84 -37.98
N GLY D 1198 -44.43 20.17 -37.95
CA GLY D 1198 -44.40 18.74 -37.73
C GLY D 1198 -44.79 18.37 -36.32
N GLU D 1199 -44.87 17.06 -36.09
CA GLU D 1199 -45.26 16.55 -34.78
C GLU D 1199 -44.05 16.45 -33.86
N PRO D 1200 -44.12 16.99 -32.64
CA PRO D 1200 -43.01 16.84 -31.70
C PRO D 1200 -42.90 15.41 -31.21
N ALA D 1201 -41.68 15.01 -30.88
CA ALA D 1201 -41.43 13.65 -30.43
C ALA D 1201 -41.99 13.42 -29.03
N ALA D 1202 -42.43 12.19 -28.78
CA ALA D 1202 -42.95 11.83 -27.46
C ALA D 1202 -41.81 11.62 -26.48
N GLY D 1203 -42.16 11.66 -25.20
CA GLY D 1203 -41.16 11.54 -24.15
C GLY D 1203 -41.65 10.66 -23.02
N ARG D 1204 -40.69 10.22 -22.20
CA ARG D 1204 -40.94 9.39 -21.04
C ARG D 1204 -39.70 9.37 -20.15
N PRO D 1205 -39.80 9.79 -18.89
CA PRO D 1205 -38.62 9.80 -18.02
C PRO D 1205 -38.10 8.39 -17.78
N VAL D 1206 -36.78 8.27 -17.70
CA VAL D 1206 -36.10 6.99 -17.58
C VAL D 1206 -35.04 7.08 -16.49
N LEU D 1207 -35.04 6.10 -15.58
CA LEU D 1207 -34.02 5.99 -14.55
C LEU D 1207 -32.86 5.15 -15.07
N MET D 1208 -31.65 5.69 -14.95
CA MET D 1208 -30.45 5.03 -15.44
C MET D 1208 -29.48 4.79 -14.30
N GLY D 1209 -28.77 3.66 -14.37
CA GLY D 1209 -27.67 3.44 -13.46
C GLY D 1209 -26.50 4.38 -13.75
N ILE D 1210 -25.67 4.59 -12.73
CA ILE D 1210 -24.56 5.53 -12.87
C ILE D 1210 -23.59 5.05 -13.95
N THR D 1211 -23.41 3.73 -14.07
CA THR D 1211 -22.53 3.20 -15.09
C THR D 1211 -23.10 3.42 -16.49
N LYS D 1212 -24.42 3.25 -16.64
CA LYS D 1212 -25.04 3.43 -17.94
C LYS D 1212 -25.08 4.90 -18.34
N ALA D 1213 -25.38 5.79 -17.40
CA ALA D 1213 -25.39 7.21 -17.70
C ALA D 1213 -23.99 7.74 -17.98
N SER D 1214 -22.97 7.16 -17.34
CA SER D 1214 -21.60 7.58 -17.58
C SER D 1214 -21.14 7.19 -18.98
N LEU D 1215 -21.41 5.95 -19.38
CA LEU D 1215 -21.05 5.51 -20.72
C LEU D 1215 -21.87 6.23 -21.79
N ALA D 1216 -23.07 6.70 -21.43
CA ALA D 1216 -23.93 7.43 -22.36
C ALA D 1216 -23.55 8.90 -22.49
N THR D 1217 -22.47 9.34 -21.83
CA THR D 1217 -22.07 10.73 -21.93
C THR D 1217 -21.63 11.05 -23.36
N ASP D 1218 -21.74 12.33 -23.72
CA ASP D 1218 -21.51 12.74 -25.09
C ASP D 1218 -20.04 12.74 -25.49
N SER D 1219 -19.13 12.62 -24.53
CA SER D 1219 -17.70 12.62 -24.81
C SER D 1219 -17.22 11.18 -24.92
N TRP D 1220 -16.80 10.77 -26.11
CA TRP D 1220 -16.25 9.43 -26.29
C TRP D 1220 -14.87 9.30 -25.67
N LEU D 1221 -14.17 10.42 -25.44
CA LEU D 1221 -12.87 10.38 -24.78
C LEU D 1221 -13.04 10.22 -23.27
N SER D 1222 -14.05 10.87 -22.69
CA SER D 1222 -14.36 10.67 -21.28
C SER D 1222 -14.90 9.28 -20.99
N ALA D 1223 -15.53 8.63 -21.98
CA ALA D 1223 -16.07 7.29 -21.82
C ALA D 1223 -15.02 6.20 -22.04
N ALA D 1224 -14.16 6.36 -23.05
CA ALA D 1224 -13.16 5.35 -23.33
C ALA D 1224 -12.15 5.19 -22.19
N SER D 1225 -12.02 6.19 -21.32
CA SER D 1225 -11.14 6.13 -20.18
C SER D 1225 -11.84 5.63 -18.92
N PHE D 1226 -13.13 5.31 -19.00
CA PHE D 1226 -13.88 4.83 -17.85
C PHE D 1226 -13.97 3.31 -17.85
N GLN D 1227 -14.84 2.75 -18.69
CA GLN D 1227 -15.00 1.31 -18.80
C GLN D 1227 -15.25 0.94 -20.26
N GLU D 1228 -14.99 -0.33 -20.57
CA GLU D 1228 -15.28 -0.92 -21.88
C GLU D 1228 -14.65 -0.08 -23.00
N THR D 1229 -13.31 -0.05 -22.98
CA THR D 1229 -12.58 0.81 -23.91
C THR D 1229 -12.85 0.43 -25.36
N THR D 1230 -12.77 -0.86 -25.68
CA THR D 1230 -13.00 -1.29 -27.06
C THR D 1230 -14.44 -1.10 -27.47
N ARG D 1231 -15.38 -1.37 -26.56
CA ARG D 1231 -16.80 -1.21 -26.89
C ARG D 1231 -17.15 0.23 -27.18
N VAL D 1232 -16.46 1.18 -26.54
CA VAL D 1232 -16.73 2.59 -26.77
C VAL D 1232 -16.05 3.07 -28.05
N LEU D 1233 -14.82 2.61 -28.28
CA LEU D 1233 -14.08 3.05 -29.47
C LEU D 1233 -14.69 2.50 -30.75
N THR D 1234 -15.30 1.31 -30.70
CA THR D 1234 -15.95 0.77 -31.90
C THR D 1234 -17.16 1.61 -32.28
N ASP D 1235 -18.07 1.83 -31.34
CA ASP D 1235 -19.24 2.65 -31.62
C ASP D 1235 -18.89 4.10 -31.88
N ALA D 1236 -17.72 4.56 -31.42
CA ALA D 1236 -17.32 5.94 -31.70
C ALA D 1236 -16.91 6.11 -33.16
N ALA D 1237 -16.13 5.16 -33.70
CA ALA D 1237 -15.70 5.24 -35.09
C ALA D 1237 -16.83 4.91 -36.06
N ILE D 1238 -17.78 4.08 -35.64
CA ILE D 1238 -18.91 3.75 -36.51
C ILE D 1238 -19.85 4.96 -36.63
N ASN D 1239 -20.29 5.50 -35.50
CA ASN D 1239 -21.12 6.70 -35.51
C ASN D 1239 -20.33 7.94 -35.93
N CYS D 1240 -19.01 7.84 -36.02
CA CYS D 1240 -18.15 8.95 -36.43
C CYS D 1240 -18.37 10.16 -35.51
N ARG D 1241 -18.40 9.91 -34.21
CA ARG D 1241 -18.67 10.96 -33.25
C ARG D 1241 -17.47 11.89 -33.12
N SER D 1242 -17.75 13.18 -33.02
CA SER D 1242 -16.74 14.20 -32.76
C SER D 1242 -16.94 14.74 -31.34
N ASP D 1243 -15.86 14.78 -30.57
CA ASP D 1243 -15.90 15.14 -29.16
C ASP D 1243 -15.50 16.60 -28.99
N LYS D 1244 -16.43 17.40 -28.47
CA LYS D 1244 -16.13 18.78 -28.08
C LYS D 1244 -15.35 18.74 -26.77
N LEU D 1245 -14.06 19.08 -26.84
CA LEU D 1245 -13.19 18.98 -25.67
C LEU D 1245 -13.53 20.04 -24.63
N ASN D 1246 -14.70 19.88 -23.99
CA ASN D 1246 -15.17 20.80 -22.95
C ASN D 1246 -15.67 19.95 -21.77
N GLY D 1247 -14.73 19.48 -20.96
CA GLY D 1247 -15.06 18.67 -19.80
C GLY D 1247 -13.82 18.43 -18.96
N LEU D 1248 -14.07 18.11 -17.69
CA LEU D 1248 -12.97 17.93 -16.75
C LEU D 1248 -12.04 16.81 -17.20
N LYS D 1249 -12.61 15.63 -17.47
CA LYS D 1249 -11.77 14.48 -17.84
C LYS D 1249 -11.05 14.71 -19.15
N GLU D 1250 -11.68 15.40 -20.10
CA GLU D 1250 -11.06 15.62 -21.40
C GLU D 1250 -9.89 16.60 -21.29
N ASN D 1251 -10.12 17.76 -20.66
CA ASN D 1251 -9.05 18.75 -20.53
C ASN D 1251 -7.91 18.23 -19.68
N VAL D 1252 -8.18 17.32 -18.74
CA VAL D 1252 -7.12 16.69 -17.98
C VAL D 1252 -6.22 15.87 -18.90
N ILE D 1253 -6.80 15.18 -19.87
CA ILE D 1253 -6.02 14.34 -20.77
C ILE D 1253 -5.18 15.21 -21.72
N ILE D 1254 -5.83 16.19 -22.37
CA ILE D 1254 -5.13 17.00 -23.36
C ILE D 1254 -4.28 18.10 -22.75
N GLY D 1255 -4.45 18.38 -21.46
CA GLY D 1255 -3.62 19.38 -20.79
C GLY D 1255 -4.19 20.77 -20.72
N LYS D 1256 -5.48 20.95 -20.98
CA LYS D 1256 -6.09 22.26 -20.84
C LYS D 1256 -6.51 22.50 -19.39
N LEU D 1257 -6.75 23.77 -19.07
CA LEU D 1257 -7.32 24.11 -17.78
C LEU D 1257 -8.73 23.52 -17.66
N ILE D 1258 -9.00 22.87 -16.55
CA ILE D 1258 -10.32 22.23 -16.37
C ILE D 1258 -11.38 23.31 -16.28
N PRO D 1259 -12.53 23.15 -16.93
CA PRO D 1259 -13.58 24.17 -16.84
C PRO D 1259 -14.29 24.16 -15.49
N ALA D 1260 -13.53 24.38 -14.42
CA ALA D 1260 -14.08 24.38 -13.07
C ALA D 1260 -13.12 25.14 -12.16
N GLY D 1261 -13.68 25.78 -11.14
CA GLY D 1261 -12.85 26.53 -10.20
C GLY D 1261 -12.20 27.70 -10.89
N THR D 1262 -10.87 27.79 -10.78
CA THR D 1262 -10.12 28.88 -11.40
C THR D 1262 -9.98 28.72 -12.92
N GLY D 1263 -10.63 27.72 -13.51
CA GLY D 1263 -10.48 27.46 -14.93
C GLY D 1263 -11.62 28.01 -15.76
N ILE D 1264 -12.73 28.39 -15.13
CA ILE D 1264 -13.86 28.92 -15.88
C ILE D 1264 -13.52 30.29 -16.43
N ASN D 1265 -14.21 30.67 -17.50
CA ASN D 1265 -13.88 31.92 -18.19
C ASN D 1265 -14.15 33.14 -17.34
N ARG D 1266 -14.97 33.02 -16.28
CA ARG D 1266 -15.25 34.17 -15.44
C ARG D 1266 -14.01 34.59 -14.65
N TYR D 1267 -13.29 33.64 -14.07
CA TYR D 1267 -12.09 33.95 -13.30
C TYR D 1267 -10.81 33.90 -14.13
N ARG D 1268 -10.82 33.20 -15.27
CA ARG D 1268 -9.60 33.02 -16.04
C ARG D 1268 -9.19 34.31 -16.72
N ASN D 1269 -10.02 34.80 -17.64
CA ASN D 1269 -9.72 36.04 -18.38
C ASN D 1269 -10.04 37.23 -17.48
N ILE D 1270 -9.05 37.64 -16.70
CA ILE D 1270 -9.20 38.75 -15.77
C ILE D 1270 -7.98 39.65 -15.88
N ALA D 1271 -8.21 40.96 -16.01
CA ALA D 1271 -7.14 41.94 -16.09
C ALA D 1271 -7.00 42.66 -14.75
N VAL D 1272 -5.75 42.79 -14.29
CA VAL D 1272 -5.45 43.47 -13.03
C VAL D 1272 -4.60 44.69 -13.36
N GLN D 1273 -4.97 45.84 -12.81
CA GLN D 1273 -4.25 47.09 -13.01
C GLN D 1273 -4.17 47.83 -11.68
N PRO D 1274 -3.04 48.46 -11.39
CA PRO D 1274 -2.95 49.26 -10.16
C PRO D 1274 -3.82 50.51 -10.27
N THR D 1275 -4.44 50.87 -9.16
CA THR D 1275 -5.19 52.13 -9.12
C THR D 1275 -4.24 53.30 -9.39
N GLU D 1276 -4.81 54.38 -9.92
CA GLU D 1276 -3.97 55.50 -10.36
C GLU D 1276 -3.17 56.12 -9.22
N GLU D 1277 -3.62 55.94 -7.98
CA GLU D 1277 -2.82 56.36 -6.83
C GLU D 1277 -1.57 55.50 -6.75
N ALA D 1278 -0.41 56.14 -6.94
CA ALA D 1278 0.88 55.44 -6.94
C ALA D 1278 1.87 56.20 -6.09
N ARG D 1279 2.90 55.47 -5.65
CA ARG D 1279 3.95 56.07 -4.84
C ARG D 1279 4.85 56.96 -5.70
N ALA D 1280 5.67 57.76 -5.02
CA ALA D 1280 6.53 58.70 -5.75
C ALA D 1280 7.55 57.98 -6.61
N ALA D 1281 8.14 56.90 -6.10
CA ALA D 1281 9.12 56.14 -6.85
C ALA D 1281 8.54 54.81 -7.31
N GLY E 28 -8.82 42.02 16.01
CA GLY E 28 -9.62 41.12 16.84
C GLY E 28 -9.08 39.69 16.76
N TYR E 29 -7.77 39.56 16.52
CA TYR E 29 -7.14 38.26 16.36
C TYR E 29 -5.66 38.41 16.65
N ASP E 30 -5.00 37.26 16.86
CA ASP E 30 -3.56 37.26 17.07
C ASP E 30 -2.84 37.59 15.77
N THR E 31 -1.61 38.09 15.92
CA THR E 31 -0.83 38.53 14.77
C THR E 31 -0.60 37.36 13.82
N PRO E 32 -0.95 37.48 12.54
CA PRO E 32 -0.74 36.37 11.60
C PRO E 32 0.75 36.13 11.38
N LEU E 33 1.16 34.87 11.54
CA LEU E 33 2.56 34.48 11.46
C LEU E 33 2.80 33.68 10.19
N GLY E 34 3.87 34.01 9.47
CA GLY E 34 4.26 33.22 8.32
C GLY E 34 3.34 33.41 7.13
N ILE E 35 2.91 32.29 6.55
CA ILE E 35 2.13 32.31 5.31
C ILE E 35 0.68 32.74 5.53
N THR E 36 0.22 32.81 6.78
CA THR E 36 -1.14 33.25 7.07
C THR E 36 -1.30 34.76 6.99
N ASN E 37 -0.24 35.51 6.71
CA ASN E 37 -0.29 36.95 6.58
C ASN E 37 -0.13 37.35 5.13
N PRO E 38 -1.02 38.19 4.58
CA PRO E 38 -2.20 38.80 5.23
C PRO E 38 -3.28 37.78 5.56
N PRO E 39 -4.12 38.08 6.55
CA PRO E 39 -5.16 37.13 6.96
C PRO E 39 -6.06 36.74 5.80
N ILE E 40 -6.37 35.45 5.73
CA ILE E 40 -7.20 34.94 4.64
C ILE E 40 -8.64 35.45 4.74
N ASP E 41 -9.04 35.96 5.91
CA ASP E 41 -10.40 36.45 6.07
C ASP E 41 -10.58 37.83 5.46
N GLU E 42 -9.62 38.73 5.67
CA GLU E 42 -9.73 40.08 5.11
C GLU E 42 -9.48 40.08 3.61
N LEU E 43 -8.70 39.11 3.11
CA LEU E 43 -8.45 39.05 1.67
C LEU E 43 -9.69 38.63 0.89
N LEU E 44 -10.56 37.82 1.51
CA LEU E 44 -11.79 37.39 0.85
C LEU E 44 -12.85 38.49 0.84
N ASP E 45 -12.54 39.69 1.33
CA ASP E 45 -13.49 40.80 1.30
C ASP E 45 -13.35 41.65 0.04
N ARG E 46 -12.13 41.91 -0.41
CA ARG E 46 -11.90 42.65 -1.64
C ARG E 46 -12.10 41.81 -2.89
N VAL E 47 -12.65 40.60 -2.75
CA VAL E 47 -12.79 39.67 -3.87
C VAL E 47 -14.15 38.99 -3.78
N SER E 48 -14.60 38.48 -4.93
CA SER E 48 -15.93 37.87 -5.00
C SER E 48 -15.95 36.43 -4.51
N SER E 49 -14.85 35.70 -4.66
CA SER E 49 -14.82 34.30 -4.25
C SER E 49 -13.37 33.89 -4.00
N LYS E 50 -13.21 32.67 -3.48
CA LYS E 50 -11.87 32.12 -3.28
C LYS E 50 -11.12 32.01 -4.59
N TYR E 51 -11.81 31.58 -5.65
CA TYR E 51 -11.14 31.33 -6.92
C TYR E 51 -10.72 32.63 -7.61
N ALA E 52 -11.43 33.72 -7.36
CA ALA E 52 -11.08 34.98 -8.01
C ALA E 52 -9.85 35.62 -7.38
N LEU E 53 -9.64 35.42 -6.08
CA LEU E 53 -8.45 35.96 -5.43
C LEU E 53 -7.18 35.29 -5.95
N VAL E 54 -7.28 34.03 -6.40
CA VAL E 54 -6.11 33.32 -6.91
C VAL E 54 -5.60 34.01 -8.17
N ILE E 55 -6.50 34.33 -9.09
CA ILE E 55 -6.08 34.95 -10.36
C ILE E 55 -5.62 36.38 -10.12
N TYR E 56 -6.27 37.09 -9.20
CA TYR E 56 -5.86 38.46 -8.89
C TYR E 56 -4.42 38.50 -8.39
N ALA E 57 -4.09 37.61 -7.45
CA ALA E 57 -2.77 37.64 -6.85
C ALA E 57 -1.71 37.11 -7.80
N ALA E 58 -2.05 36.10 -8.59
CA ALA E 58 -1.06 35.47 -9.46
C ALA E 58 -0.66 36.41 -10.60
N LYS E 59 -1.63 37.04 -11.25
CA LYS E 59 -1.31 37.92 -12.37
C LYS E 59 -0.58 39.17 -11.92
N ARG E 60 -0.87 39.66 -10.71
CA ARG E 60 -0.11 40.78 -10.17
C ARG E 60 1.29 40.35 -9.75
N ALA E 61 1.41 39.13 -9.22
CA ALA E 61 2.73 38.60 -8.88
C ALA E 61 3.61 38.45 -10.11
N ARG E 62 3.00 38.11 -11.26
CA ARG E 62 3.75 38.07 -12.50
C ARG E 62 4.15 39.47 -12.97
N GLN E 63 3.32 40.47 -12.67
CA GLN E 63 3.70 41.85 -12.99
C GLN E 63 4.89 42.30 -12.15
N ILE E 64 4.87 42.00 -10.86
CA ILE E 64 5.99 42.38 -10.00
C ILE E 64 7.26 41.65 -10.41
N ASN E 65 7.13 40.37 -10.77
CA ASN E 65 8.30 39.59 -11.16
C ASN E 65 8.90 40.11 -12.47
N ASP E 66 8.05 40.53 -13.40
CA ASP E 66 8.56 41.11 -14.65
C ASP E 66 9.16 42.49 -14.43
N TYR E 67 8.76 43.20 -13.38
CA TYR E 67 9.40 44.48 -13.06
C TYR E 67 10.81 44.26 -12.53
N TYR E 68 10.98 43.27 -11.63
CA TYR E 68 12.29 42.99 -11.08
C TYR E 68 13.26 42.41 -12.11
N ASN E 69 12.74 41.80 -13.18
CA ASN E 69 13.58 41.22 -14.22
C ASN E 69 13.71 42.12 -15.44
N GLN E 70 12.89 43.18 -15.54
CA GLN E 70 13.02 44.16 -16.62
C GLN E 70 13.32 45.56 -16.09
N LEU E 71 13.83 45.65 -14.86
CA LEU E 71 14.22 46.93 -14.29
C LEU E 71 15.54 47.42 -14.88
N GLY E 72 16.47 46.49 -15.14
CA GLY E 72 17.75 46.87 -15.68
C GLY E 72 17.79 47.03 -17.19
N GLU E 73 16.84 46.43 -17.90
CA GLU E 73 16.82 46.50 -19.37
C GLU E 73 15.41 46.80 -19.85
N GLY E 74 15.32 47.59 -20.92
CA GLY E 74 14.06 47.84 -21.59
C GLY E 74 13.19 48.90 -20.98
N ILE E 75 12.41 49.59 -21.81
CA ILE E 75 11.40 50.53 -21.35
C ILE E 75 10.07 49.80 -21.30
N LEU E 76 8.98 50.54 -21.01
CA LEU E 76 7.65 49.96 -20.88
C LEU E 76 7.63 48.84 -19.83
N GLU E 77 8.54 48.91 -18.86
CA GLU E 77 8.58 47.91 -17.81
C GLU E 77 7.31 47.98 -16.96
N TYR E 78 6.89 46.83 -16.45
CA TYR E 78 5.64 46.74 -15.72
C TYR E 78 5.68 47.58 -14.45
N VAL E 79 4.50 47.91 -13.94
CA VAL E 79 4.39 48.78 -12.77
C VAL E 79 5.02 48.08 -11.57
N GLY E 80 5.90 48.82 -10.87
CA GLY E 80 6.64 48.25 -9.78
C GLY E 80 5.74 47.95 -8.58
N PRO E 81 6.36 47.44 -7.51
CA PRO E 81 5.58 47.11 -6.32
C PRO E 81 4.98 48.36 -5.68
N LEU E 82 3.67 48.30 -5.42
CA LEU E 82 2.96 49.46 -4.90
C LEU E 82 3.27 49.71 -3.43
N VAL E 83 3.36 48.65 -2.63
CA VAL E 83 3.68 48.78 -1.22
C VAL E 83 5.20 48.66 -1.05
N GLU E 84 5.69 48.94 0.15
CA GLU E 84 7.10 48.77 0.43
C GLU E 84 7.41 47.29 0.64
N PRO E 85 8.28 46.69 -0.17
CA PRO E 85 8.57 45.26 0.01
C PRO E 85 9.62 45.01 1.07
N GLY E 86 9.54 43.84 1.68
CA GLY E 86 10.56 43.38 2.59
C GLY E 86 11.77 42.84 1.84
N LEU E 87 12.87 42.68 2.57
CA LEU E 87 14.09 42.17 1.98
C LEU E 87 13.91 40.72 1.55
N GLN E 88 14.11 40.45 0.26
CA GLN E 88 13.99 39.11 -0.31
C GLN E 88 12.58 38.55 -0.10
N GLU E 89 11.57 39.39 -0.31
CA GLU E 89 10.18 38.97 -0.19
C GLU E 89 9.68 38.42 -1.52
N LYS E 90 8.95 37.32 -1.44
CA LYS E 90 8.42 36.70 -2.65
C LYS E 90 7.36 37.61 -3.28
N PRO E 91 7.34 37.71 -4.61
CA PRO E 91 6.33 38.58 -5.25
C PRO E 91 4.89 38.17 -4.96
N LEU E 92 4.66 36.90 -4.64
CA LEU E 92 3.31 36.47 -4.25
C LEU E 92 2.89 37.13 -2.94
N SER E 93 3.83 37.29 -2.01
CA SER E 93 3.50 37.93 -0.74
C SER E 93 3.33 39.43 -0.91
N ILE E 94 4.12 40.04 -1.80
CA ILE E 94 3.97 41.47 -2.06
C ILE E 94 2.63 41.75 -2.71
N ALA E 95 2.27 40.94 -3.72
CA ALA E 95 0.99 41.12 -4.39
C ALA E 95 -0.18 40.85 -3.46
N LEU E 96 -0.02 39.91 -2.53
CA LEU E 96 -1.10 39.59 -1.60
C LEU E 96 -1.29 40.69 -0.57
N ARG E 97 -0.22 41.44 -0.25
CA ARG E 97 -0.35 42.55 0.68
C ARG E 97 -1.02 43.75 0.05
N GLU E 98 -0.63 44.10 -1.18
CA GLU E 98 -1.26 45.25 -1.85
C GLU E 98 -2.70 44.95 -2.25
N ILE E 99 -3.06 43.67 -2.43
CA ILE E 99 -4.46 43.32 -2.54
C ILE E 99 -5.19 43.59 -1.23
N HIS E 100 -4.52 43.29 -0.11
CA HIS E 100 -5.10 43.58 1.20
C HIS E 100 -5.16 45.09 1.47
N ALA E 101 -4.28 45.86 0.85
CA ALA E 101 -4.21 47.30 1.08
C ALA E 101 -5.05 48.11 0.11
N ASP E 102 -5.86 47.45 -0.72
CA ASP E 102 -6.79 48.12 -1.63
C ASP E 102 -6.05 49.06 -2.59
N LEU E 103 -4.96 48.57 -3.18
CA LEU E 103 -4.20 49.32 -4.16
C LEU E 103 -4.34 48.80 -5.57
N LEU E 104 -5.20 47.80 -5.80
CA LEU E 104 -5.35 47.20 -7.11
C LEU E 104 -6.83 47.18 -7.51
N GLU E 105 -7.06 46.95 -8.81
CA GLU E 105 -8.41 46.84 -9.33
C GLU E 105 -8.62 45.45 -9.92
N HIS E 106 -9.64 45.28 -10.76
CA HIS E 106 -9.93 43.98 -11.35
C HIS E 106 -10.85 44.19 -12.55
N THR E 107 -11.06 43.11 -13.30
CA THR E 107 -11.92 43.13 -14.48
C THR E 107 -12.38 41.70 -14.74
N GLU E 108 -13.63 41.41 -14.39
CA GLU E 108 -14.19 40.08 -14.61
C GLU E 108 -14.95 40.00 -15.93
N VAL F 4 -7.88 -32.67 -69.65
CA VAL F 4 -8.95 -31.69 -69.66
C VAL F 4 -9.03 -30.96 -68.32
N SER F 5 -10.19 -30.36 -68.05
CA SER F 5 -10.35 -29.62 -66.80
C SER F 5 -10.47 -30.55 -65.60
N GLY F 6 -11.05 -31.74 -65.80
CA GLY F 6 -11.17 -32.70 -64.72
C GLY F 6 -9.83 -33.25 -64.25
N ALA F 7 -8.84 -33.30 -65.15
CA ALA F 7 -7.51 -33.75 -64.76
C ALA F 7 -6.81 -32.77 -63.84
N ALA F 8 -7.04 -31.47 -64.05
CA ALA F 8 -6.48 -30.47 -63.15
C ALA F 8 -7.24 -30.40 -61.83
N ALA F 9 -8.52 -30.75 -61.83
CA ALA F 9 -9.31 -30.74 -60.61
C ALA F 9 -9.03 -31.97 -59.75
N ALA F 10 -8.58 -33.07 -60.36
CA ALA F 10 -8.24 -34.25 -59.59
C ALA F 10 -7.01 -34.02 -58.72
N GLU F 11 -6.11 -33.14 -59.16
CA GLU F 11 -4.93 -32.82 -58.36
C GLU F 11 -5.32 -32.01 -57.12
N ALA F 12 -6.35 -31.17 -57.23
CA ALA F 12 -6.82 -30.41 -56.07
C ALA F 12 -7.58 -31.30 -55.10
N ALA F 13 -8.34 -32.28 -55.60
CA ALA F 13 -9.01 -33.22 -54.72
C ALA F 13 -8.01 -34.15 -54.05
N LEU F 14 -6.86 -34.39 -54.69
CA LEU F 14 -5.82 -35.20 -54.07
C LEU F 14 -5.15 -34.47 -52.92
N MET F 15 -4.91 -33.16 -53.09
CA MET F 15 -4.33 -32.37 -52.01
C MET F 15 -5.29 -32.23 -50.85
N ARG F 16 -6.58 -32.00 -51.14
CA ARG F 16 -7.58 -31.94 -50.07
C ARG F 16 -7.71 -33.27 -49.35
N ALA F 17 -7.33 -34.38 -49.99
CA ALA F 17 -7.40 -35.68 -49.33
C ALA F 17 -6.30 -35.82 -48.28
N LEU F 18 -5.05 -35.52 -48.65
CA LEU F 18 -3.95 -35.61 -47.69
C LEU F 18 -4.07 -34.55 -46.59
N TYR F 19 -4.76 -33.44 -46.87
CA TYR F 19 -5.12 -32.50 -45.81
C TYR F 19 -5.99 -33.19 -44.77
N ASP F 20 -7.05 -33.86 -45.21
CA ASP F 20 -8.02 -34.45 -44.29
C ASP F 20 -7.44 -35.63 -43.51
N GLU F 21 -6.32 -36.20 -43.95
CA GLU F 21 -5.74 -37.36 -43.28
C GLU F 21 -4.45 -37.06 -42.53
N HIS F 22 -3.75 -35.98 -42.86
CA HIS F 22 -2.41 -35.77 -42.30
C HIS F 22 -2.26 -34.41 -41.62
N ALA F 23 -3.04 -33.41 -42.03
CA ALA F 23 -2.81 -32.05 -41.55
C ALA F 23 -3.06 -31.94 -40.05
N ALA F 24 -4.15 -32.54 -39.57
CA ALA F 24 -4.47 -32.43 -38.15
C ALA F 24 -3.45 -33.16 -37.28
N VAL F 25 -2.89 -34.26 -37.77
CA VAL F 25 -1.89 -34.99 -37.00
C VAL F 25 -0.54 -34.29 -37.09
N LEU F 26 -0.22 -33.73 -38.26
CA LEU F 26 1.04 -33.01 -38.41
C LEU F 26 1.07 -31.73 -37.58
N TRP F 27 -0.08 -31.11 -37.37
CA TRP F 27 -0.14 -29.92 -36.52
C TRP F 27 0.21 -30.26 -35.08
N ARG F 28 -0.28 -31.41 -34.59
CA ARG F 28 0.07 -31.86 -33.25
C ARG F 28 1.57 -32.09 -33.12
N TYR F 29 2.18 -32.69 -34.15
CA TYR F 29 3.60 -32.99 -34.10
C TYR F 29 4.43 -31.72 -34.01
N ALA F 30 4.12 -30.72 -34.84
CA ALA F 30 4.83 -29.45 -34.77
C ALA F 30 4.54 -28.70 -33.49
N LEU F 31 3.35 -28.92 -32.90
CA LEU F 31 3.02 -28.26 -31.64
C LEU F 31 3.88 -28.78 -30.50
N ARG F 32 4.21 -30.08 -30.51
CA ARG F 32 5.08 -30.62 -29.48
C ARG F 32 6.51 -30.15 -29.65
N LEU F 33 6.94 -29.91 -30.88
CA LEU F 33 8.33 -29.52 -31.13
C LEU F 33 8.57 -28.04 -30.88
N THR F 34 7.59 -27.18 -31.14
CA THR F 34 7.74 -25.74 -30.95
C THR F 34 7.05 -25.24 -29.68
N GLY F 35 5.84 -25.71 -29.41
CA GLY F 35 5.06 -25.21 -28.29
C GLY F 35 4.18 -24.02 -28.64
N ASP F 36 4.30 -23.47 -29.84
CA ASP F 36 3.51 -22.32 -30.27
C ASP F 36 2.56 -22.78 -31.37
N ALA F 37 1.25 -22.72 -31.09
CA ALA F 37 0.26 -23.19 -32.06
C ALA F 37 0.29 -22.38 -33.34
N ALA F 38 0.49 -21.07 -33.23
CA ALA F 38 0.58 -20.23 -34.42
C ALA F 38 1.79 -20.58 -35.26
N GLN F 39 2.86 -21.08 -34.64
CA GLN F 39 4.01 -21.55 -35.39
C GLN F 39 3.75 -22.92 -36.00
N ALA F 40 2.99 -23.78 -35.31
CA ALA F 40 2.67 -25.09 -35.85
C ALA F 40 1.85 -24.99 -37.12
N GLU F 41 0.91 -24.03 -37.17
CA GLU F 41 0.15 -23.81 -38.39
C GLU F 41 1.06 -23.40 -39.54
N ASP F 42 2.09 -22.60 -39.24
CA ASP F 42 3.04 -22.20 -40.27
C ASP F 42 3.84 -23.40 -40.78
N VAL F 43 4.20 -24.32 -39.89
CA VAL F 43 4.94 -25.51 -40.31
C VAL F 43 4.05 -26.43 -41.13
N VAL F 44 2.77 -26.51 -40.79
CA VAL F 44 1.85 -27.38 -41.53
C VAL F 44 1.69 -26.89 -42.96
N GLN F 45 1.48 -25.59 -43.14
CA GLN F 45 1.29 -25.05 -44.48
C GLN F 45 2.55 -25.20 -45.33
N GLU F 46 3.73 -25.06 -44.72
CA GLU F 46 4.96 -25.21 -45.49
C GLU F 46 5.22 -26.67 -45.82
N THR F 47 4.87 -27.58 -44.91
CA THR F 47 5.11 -29.01 -45.17
C THR F 47 4.20 -29.51 -46.28
N LEU F 48 2.90 -29.18 -46.20
CA LEU F 48 1.98 -29.60 -47.25
C LEU F 48 2.23 -28.87 -48.56
N LEU F 49 2.83 -27.68 -48.52
CA LEU F 49 3.22 -27.01 -49.76
C LEU F 49 4.34 -27.76 -50.46
N ARG F 50 5.31 -28.28 -49.69
CA ARG F 50 6.36 -29.10 -50.29
C ARG F 50 5.84 -30.46 -50.73
N ALA F 51 4.75 -30.95 -50.13
CA ALA F 51 4.12 -32.17 -50.62
C ALA F 51 3.49 -31.94 -51.98
N TRP F 52 2.89 -30.76 -52.20
CA TRP F 52 2.33 -30.44 -53.51
C TRP F 52 3.44 -30.25 -54.55
N GLN F 53 4.63 -29.86 -54.12
CA GLN F 53 5.75 -29.65 -55.02
C GLN F 53 6.58 -30.91 -55.26
N HIS F 54 6.35 -31.97 -54.49
CA HIS F 54 7.07 -33.24 -54.65
C HIS F 54 6.08 -34.33 -55.04
N PRO F 55 5.91 -34.59 -56.34
CA PRO F 55 5.02 -35.69 -56.75
C PRO F 55 5.57 -37.07 -56.39
N GLU F 56 6.85 -37.18 -56.07
CA GLU F 56 7.42 -38.47 -55.68
C GLU F 56 6.86 -38.95 -54.34
N VAL F 57 6.52 -38.02 -53.45
CA VAL F 57 5.97 -38.42 -52.16
C VAL F 57 4.48 -38.73 -52.27
N ILE F 58 3.78 -38.08 -53.23
CA ILE F 58 2.36 -38.35 -53.44
C ILE F 58 2.12 -39.49 -54.42
N GLY F 59 3.17 -40.06 -55.00
CA GLY F 59 3.03 -41.12 -55.97
C GLY F 59 2.68 -42.46 -55.36
N ASP F 60 3.58 -42.99 -54.53
CA ASP F 60 3.38 -44.32 -53.94
C ASP F 60 2.48 -44.19 -52.71
N THR F 61 1.26 -44.71 -52.82
CA THR F 61 0.38 -44.81 -51.66
C THR F 61 0.76 -46.00 -50.80
N ALA F 62 1.39 -47.02 -51.39
CA ALA F 62 1.86 -48.18 -50.63
C ALA F 62 3.05 -47.85 -49.74
N ARG F 63 3.59 -46.63 -49.83
CA ARG F 63 4.67 -46.18 -48.98
C ARG F 63 4.16 -45.08 -48.06
N PRO F 64 4.48 -45.13 -46.76
CA PRO F 64 3.92 -44.13 -45.83
C PRO F 64 4.39 -42.71 -46.12
N ALA F 65 3.47 -41.86 -46.57
CA ALA F 65 3.78 -40.46 -46.79
C ALA F 65 3.73 -39.64 -45.52
N ARG F 66 3.06 -40.13 -44.48
CA ARG F 66 3.01 -39.41 -43.21
C ARG F 66 4.40 -39.28 -42.60
N ALA F 67 5.24 -40.31 -42.75
CA ALA F 67 6.58 -40.26 -42.19
C ALA F 67 7.44 -39.20 -42.88
N TRP F 68 7.30 -39.06 -44.19
CA TRP F 68 8.04 -38.01 -44.91
C TRP F 68 7.60 -36.62 -44.47
N LEU F 69 6.34 -36.48 -44.04
CA LEU F 69 5.85 -35.19 -43.58
C LEU F 69 6.44 -34.83 -42.22
N PHE F 70 6.46 -35.79 -41.30
CA PHE F 70 7.05 -35.54 -39.98
C PHE F 70 8.54 -35.20 -40.08
N THR F 71 9.24 -35.78 -41.05
CA THR F 71 10.66 -35.51 -41.21
C THR F 71 10.90 -34.15 -41.84
N VAL F 72 10.07 -33.76 -42.81
CA VAL F 72 10.17 -32.42 -43.38
C VAL F 72 9.85 -31.36 -42.33
N ALA F 73 8.83 -31.61 -41.51
CA ALA F 73 8.50 -30.69 -40.44
C ALA F 73 9.62 -30.62 -39.39
N ARG F 74 10.26 -31.76 -39.12
CA ARG F 74 11.36 -31.77 -38.15
C ARG F 74 12.55 -30.95 -38.66
N ASN F 75 12.90 -31.11 -39.93
CA ASN F 75 14.00 -30.34 -40.51
C ASN F 75 13.62 -28.89 -40.82
N MET F 76 12.35 -28.53 -40.66
CA MET F 76 11.96 -27.12 -40.69
C MET F 76 12.08 -26.49 -39.31
N ILE F 77 11.66 -27.21 -38.28
CA ILE F 77 11.71 -26.67 -36.92
C ILE F 77 13.14 -26.60 -36.44
N ILE F 78 14.04 -27.40 -37.01
CA ILE F 78 15.43 -27.36 -36.58
C ILE F 78 16.18 -26.24 -37.30
N ASP F 79 15.69 -25.82 -38.47
CA ASP F 79 16.32 -24.70 -39.16
C ASP F 79 15.90 -23.37 -38.55
N GLU F 80 14.63 -23.26 -38.15
CA GLU F 80 14.17 -22.07 -37.42
C GLU F 80 14.98 -21.86 -36.14
N ARG F 81 15.45 -22.94 -35.55
CA ARG F 81 16.22 -22.91 -34.31
C ARG F 81 17.64 -22.40 -34.46
N ARG F 82 18.04 -21.73 -35.53
CA ARG F 82 19.42 -21.28 -35.63
C ARG F 82 19.53 -19.78 -35.35
N SER F 83 20.36 -19.07 -36.11
CA SER F 83 20.90 -17.78 -35.70
C SER F 83 19.82 -16.74 -35.41
N ALA F 84 18.84 -16.58 -36.31
CA ALA F 84 17.85 -15.52 -36.11
C ALA F 84 17.09 -15.69 -34.80
N ARG F 85 16.70 -16.92 -34.46
CA ARG F 85 16.08 -17.16 -33.17
C ARG F 85 17.08 -17.00 -32.03
N PHE F 86 18.36 -17.33 -32.29
CA PHE F 86 19.35 -17.43 -31.22
C PHE F 86 19.45 -16.13 -30.41
N ARG F 87 19.59 -15.00 -31.08
CA ARG F 87 19.80 -13.74 -30.37
C ARG F 87 18.49 -13.16 -29.84
N ASN F 88 17.46 -13.10 -30.69
CA ASN F 88 16.31 -12.24 -30.41
C ASN F 88 15.32 -12.90 -29.44
N VAL F 89 15.04 -14.20 -29.62
CA VAL F 89 13.88 -14.89 -29.06
C VAL F 89 13.79 -14.77 -27.54
N VAL F 90 14.80 -14.18 -26.91
CA VAL F 90 14.97 -14.35 -25.46
C VAL F 90 13.95 -13.51 -24.68
N GLY F 91 13.85 -12.23 -24.99
CA GLY F 91 13.05 -11.34 -24.16
C GLY F 91 11.93 -10.61 -24.88
N SER F 92 10.95 -10.20 -24.09
CA SER F 92 9.87 -9.33 -24.55
C SER F 92 9.74 -8.17 -23.58
N THR F 93 9.67 -6.96 -24.12
CA THR F 93 9.54 -5.77 -23.27
C THR F 93 8.24 -5.80 -22.46
N ASP F 94 7.15 -6.28 -23.09
CA ASP F 94 5.91 -6.45 -22.35
C ASP F 94 6.10 -7.39 -21.16
N GLN F 95 6.92 -8.42 -21.33
CA GLN F 95 7.20 -9.34 -20.24
C GLN F 95 7.96 -8.64 -19.12
N SER F 96 7.65 -9.02 -17.88
CA SER F 96 8.31 -8.43 -16.72
C SER F 96 9.77 -8.88 -16.65
N GLY F 97 10.56 -8.16 -15.84
CA GLY F 97 11.96 -8.46 -15.66
C GLY F 97 12.89 -7.79 -16.65
N THR F 98 12.37 -6.98 -17.56
CA THR F 98 13.18 -6.25 -18.53
C THR F 98 13.18 -4.77 -18.20
N PRO F 99 14.35 -4.15 -18.04
CA PRO F 99 14.37 -2.72 -17.69
C PRO F 99 13.88 -1.86 -18.84
N GLU F 100 13.04 -0.89 -18.50
CA GLU F 100 12.53 0.04 -19.50
C GLU F 100 13.61 1.04 -19.90
N GLN F 101 13.58 1.43 -21.17
CA GLN F 101 14.52 2.44 -21.66
C GLN F 101 14.24 3.80 -21.03
N SER F 102 15.32 4.46 -20.61
CA SER F 102 15.24 5.80 -20.03
C SER F 102 16.08 6.77 -20.83
N THR F 103 15.72 8.05 -20.76
CA THR F 103 16.51 9.11 -21.34
C THR F 103 16.86 10.13 -20.27
N PRO F 104 18.13 10.49 -20.13
CA PRO F 104 18.51 11.44 -19.07
C PRO F 104 17.91 12.81 -19.30
N ASP F 105 17.94 13.62 -18.25
CA ASP F 105 17.42 14.97 -18.33
C ASP F 105 18.38 15.87 -19.10
N GLU F 106 17.82 16.95 -19.65
CA GLU F 106 18.58 17.91 -20.45
C GLU F 106 19.09 19.09 -19.62
N VAL F 107 19.33 18.89 -18.32
CA VAL F 107 19.72 19.99 -17.46
C VAL F 107 21.10 20.52 -17.85
N ASN F 108 22.09 19.62 -17.95
CA ASN F 108 23.44 20.04 -18.31
C ASN F 108 23.46 20.68 -19.69
N ALA F 109 22.68 20.13 -20.63
CA ALA F 109 22.65 20.70 -21.99
C ALA F 109 21.96 22.05 -22.00
N ALA F 110 20.90 22.21 -21.19
CA ALA F 110 20.19 23.49 -21.16
C ALA F 110 21.05 24.58 -20.53
N LEU F 111 21.81 24.24 -19.49
CA LEU F 111 22.68 25.24 -18.87
C LEU F 111 23.82 25.63 -19.80
N ASP F 112 24.42 24.66 -20.50
CA ASP F 112 25.44 24.98 -21.48
C ASP F 112 24.88 25.85 -22.59
N ARG F 113 23.67 25.52 -23.07
CA ARG F 113 23.04 26.31 -24.12
C ARG F 113 22.79 27.74 -23.65
N LEU F 114 22.41 27.92 -22.38
CA LEU F 114 22.20 29.26 -21.86
C LEU F 114 23.51 30.05 -21.79
N LEU F 115 24.58 29.41 -21.33
CA LEU F 115 25.87 30.10 -21.25
C LEU F 115 26.42 30.39 -22.63
N ILE F 116 26.21 29.48 -23.59
CA ILE F 116 26.65 29.73 -24.96
C ILE F 116 25.88 30.89 -25.55
N ALA F 117 24.59 30.99 -25.24
CA ALA F 117 23.78 32.10 -25.75
C ALA F 117 24.19 33.44 -25.15
N ASP F 118 24.64 33.44 -23.89
CA ASP F 118 25.09 34.69 -23.28
C ASP F 118 26.42 35.14 -23.89
N ALA F 119 27.37 34.22 -24.03
CA ALA F 119 28.65 34.58 -24.64
C ALA F 119 28.49 34.90 -26.12
N LEU F 120 27.44 34.36 -26.76
CA LEU F 120 27.18 34.68 -28.16
C LEU F 120 26.67 36.12 -28.32
N ALA F 121 25.90 36.61 -27.34
CA ALA F 121 25.37 37.97 -27.44
C ALA F 121 26.48 39.01 -27.34
N GLN F 122 27.59 38.68 -26.69
CA GLN F 122 28.71 39.59 -26.54
C GLN F 122 29.71 39.50 -27.68
N LEU F 123 29.29 39.00 -28.84
CA LEU F 123 30.15 38.89 -30.00
C LEU F 123 29.66 39.82 -31.10
N SER F 124 30.59 40.24 -31.97
CA SER F 124 30.23 41.07 -33.11
C SER F 124 29.30 40.30 -34.04
N ALA F 125 28.47 41.05 -34.78
CA ALA F 125 27.50 40.42 -35.68
C ALA F 125 28.19 39.54 -36.71
N GLU F 126 29.41 39.90 -37.12
CA GLU F 126 30.14 39.06 -38.06
C GLU F 126 30.57 37.75 -37.41
N HIS F 127 31.21 37.84 -36.25
CA HIS F 127 31.67 36.63 -35.57
C HIS F 127 30.51 35.74 -35.14
N ARG F 128 29.42 36.35 -34.66
CA ARG F 128 28.28 35.56 -34.22
C ARG F 128 27.59 34.88 -35.40
N ALA F 129 27.50 35.56 -36.54
CA ALA F 129 26.89 34.99 -37.74
C ALA F 129 27.83 34.06 -38.49
N VAL F 130 29.03 33.80 -37.96
CA VAL F 130 29.95 32.84 -38.54
C VAL F 130 30.02 31.57 -37.70
N ILE F 131 30.03 31.71 -36.37
CA ILE F 131 29.98 30.52 -35.52
C ILE F 131 28.60 29.87 -35.57
N GLN F 132 27.56 30.67 -35.79
CA GLN F 132 26.21 30.10 -35.94
C GLN F 132 25.99 29.47 -37.31
N ARG F 133 26.92 29.66 -38.25
CA ARG F 133 26.85 29.02 -39.54
C ARG F 133 27.87 27.89 -39.70
N SER F 134 28.78 27.72 -38.74
CA SER F 134 29.76 26.65 -38.78
C SER F 134 29.44 25.52 -37.81
N TYR F 135 28.93 25.85 -36.62
CA TYR F 135 28.59 24.85 -35.62
C TYR F 135 27.10 24.63 -35.45
N TYR F 136 26.28 25.67 -35.61
CA TYR F 136 24.84 25.50 -35.51
C TYR F 136 24.22 24.99 -36.81
N ARG F 137 24.78 25.38 -37.95
CA ARG F 137 24.31 24.90 -39.25
C ARG F 137 25.23 23.85 -39.86
N GLY F 138 26.45 23.69 -39.33
CA GLY F 138 27.32 22.62 -39.76
C GLY F 138 27.83 22.72 -41.18
N TRP F 139 27.86 23.92 -41.75
CA TRP F 139 28.34 24.08 -43.12
C TRP F 139 29.86 23.94 -43.15
N SER F 140 30.40 23.89 -44.38
CA SER F 140 31.84 23.85 -44.57
C SER F 140 32.41 25.26 -44.58
N THR F 141 33.74 25.34 -44.62
CA THR F 141 34.40 26.64 -44.64
C THR F 141 34.07 27.41 -45.92
N ALA F 142 34.05 26.73 -47.06
CA ALA F 142 33.75 27.39 -48.32
C ALA F 142 32.26 27.70 -48.44
N GLN F 143 31.40 26.93 -47.76
CA GLN F 143 29.97 27.20 -47.81
C GLN F 143 29.64 28.52 -47.14
N ILE F 144 30.22 28.77 -45.96
CA ILE F 144 30.02 30.05 -45.28
C ILE F 144 30.66 31.18 -46.08
N ALA F 145 31.80 30.91 -46.73
CA ALA F 145 32.44 31.91 -47.55
C ALA F 145 31.57 32.29 -48.75
N THR F 146 30.88 31.29 -49.32
CA THR F 146 30.00 31.57 -50.44
C THR F 146 28.76 32.34 -50.00
N ASP F 147 28.22 32.00 -48.83
CA ASP F 147 27.00 32.66 -48.36
C ASP F 147 27.27 34.12 -48.00
N LEU F 148 28.24 34.36 -47.13
CA LEU F 148 28.50 35.71 -46.64
C LEU F 148 29.21 36.60 -47.67
N GLY F 149 29.55 36.06 -48.82
CA GLY F 149 30.24 36.87 -49.83
C GLY F 149 31.61 37.36 -49.38
N ILE F 150 32.32 36.56 -48.59
CA ILE F 150 33.64 36.94 -48.10
C ILE F 150 34.66 35.89 -48.52
N ALA F 151 35.92 36.11 -48.17
CA ALA F 151 36.99 35.23 -48.61
C ALA F 151 37.03 33.94 -47.79
N GLU F 152 37.76 32.96 -48.31
CA GLU F 152 37.91 31.69 -47.61
C GLU F 152 38.65 31.87 -46.29
N GLY F 153 39.83 32.50 -46.33
CA GLY F 153 40.59 32.77 -45.12
C GLY F 153 39.89 33.73 -44.18
N THR F 154 38.98 34.56 -44.70
CA THR F 154 38.21 35.45 -43.83
C THR F 154 37.32 34.64 -42.89
N VAL F 155 36.71 33.56 -43.39
CA VAL F 155 35.90 32.70 -42.53
C VAL F 155 36.78 31.94 -41.56
N LYS F 156 37.98 31.54 -42.00
CA LYS F 156 38.90 30.84 -41.11
C LYS F 156 39.36 31.75 -39.96
N SER F 157 39.63 33.01 -40.26
CA SER F 157 40.11 33.93 -39.24
C SER F 157 38.99 34.35 -38.29
N ARG F 158 37.79 34.61 -38.81
CA ARG F 158 36.67 34.96 -37.94
C ARG F 158 36.34 33.84 -36.97
N LEU F 159 36.30 32.60 -37.48
CA LEU F 159 36.09 31.46 -36.60
C LEU F 159 37.21 31.32 -35.59
N HIS F 160 38.46 31.57 -36.02
CA HIS F 160 39.59 31.39 -35.13
C HIS F 160 39.56 32.37 -33.96
N TYR F 161 39.12 33.61 -34.22
CA TYR F 161 39.05 34.58 -33.13
C TYR F 161 37.79 34.41 -32.29
N ALA F 162 36.63 34.28 -32.95
CA ALA F 162 35.38 34.19 -32.22
C ALA F 162 35.38 33.04 -31.23
N VAL F 163 36.05 31.94 -31.56
CA VAL F 163 36.19 30.82 -30.63
C VAL F 163 36.94 31.27 -29.39
N ARG F 164 38.07 31.95 -29.58
CA ARG F 164 38.85 32.44 -28.44
C ARG F 164 38.10 33.55 -27.71
N ALA F 165 37.29 34.33 -28.41
CA ALA F 165 36.47 35.34 -27.75
C ALA F 165 35.43 34.71 -26.84
N LEU F 166 34.88 33.57 -27.27
CA LEU F 166 33.95 32.85 -26.41
C LEU F 166 34.67 32.22 -25.22
N ARG F 167 35.88 31.72 -25.44
CA ARG F 167 36.67 31.18 -24.33
C ARG F 167 37.01 32.27 -23.33
N LEU F 168 37.23 33.50 -23.80
CA LEU F 168 37.46 34.62 -22.89
C LEU F 168 36.25 34.88 -22.02
N THR F 169 35.07 34.98 -22.63
CA THR F 169 33.85 35.26 -21.89
C THR F 169 33.50 34.12 -20.93
N LEU F 170 33.74 32.88 -21.36
CA LEU F 170 33.41 31.74 -20.49
C LEU F 170 34.38 31.65 -19.31
N GLN F 171 35.68 31.81 -19.56
CA GLN F 171 36.64 31.77 -18.47
C GLN F 171 36.49 32.98 -17.55
N GLU F 172 35.97 34.10 -18.08
CA GLU F 172 35.67 35.25 -17.22
C GLU F 172 34.46 35.00 -16.34
N LEU F 173 33.60 34.04 -16.69
CA LEU F 173 32.44 33.70 -15.90
C LEU F 173 32.62 32.40 -15.11
N GLY F 174 33.80 31.78 -15.18
CA GLY F 174 34.07 30.60 -14.39
C GLY F 174 33.63 29.29 -15.01
N VAL F 175 33.56 29.20 -16.34
CA VAL F 175 33.16 27.95 -16.98
C VAL F 175 34.32 26.97 -16.92
N THR F 176 34.03 25.74 -16.49
CA THR F 176 35.06 24.74 -16.31
C THR F 176 35.64 24.31 -17.65
N ARG F 177 36.97 24.21 -17.69
CA ARG F 177 37.69 23.82 -18.90
C ARG F 177 37.31 22.41 -19.34
ZN ZN J . -31.23 25.94 -9.18
ZN ZN K . 22.56 6.89 -47.19
#